data_6Z3R
#
_entry.id   6Z3R
#
_cell.length_a   1.00
_cell.length_b   1.00
_cell.length_c   1.00
_cell.angle_alpha   90.00
_cell.angle_beta   90.00
_cell.angle_gamma   90.00
#
_symmetry.space_group_name_H-M   'P 1'
#
loop_
_entity.id
_entity.type
_entity.pdbx_description
1 polymer 'Serine/threonine-protein kinase SMG1,Serine/threonine-protein kinase SMG1,SMG1,Serine/threonine-protein kinase SMG1,Serine/threonine-protein kinase SMG1,Serine/threonine-protein kinase SMG1'
2 polymer 'Protein SMG8'
3 polymer 'Protein SMG9'
4 polymer 'Regulator of nonsense transcripts 1'
5 non-polymer 'PHOSPHOAMINOPHOSPHONIC ACID-ADENYLATE ESTER'
6 non-polymer 'INOSITOL HEXAKISPHOSPHATE'
7 non-polymer "ADENOSINE-5'-TRIPHOSPHATE"
8 non-polymer 'MAGNESIUM ION'
#
loop_
_entity_poly.entity_id
_entity_poly.type
_entity_poly.pdbx_seq_one_letter_code
_entity_poly.pdbx_strand_id
1 'polypeptide(L)'
;(UNK)(UNK)(UNK)(UNK)(UNK)(UNK)(UNK)(UNK)(UNK)(UNK)(UNK)(UNK)(UNK)(UNK)(UNK)(UNK)
(UNK)(UNK)(UNK)(UNK)(UNK)(UNK)(UNK)(UNK)(UNK)(UNK)(UNK)(UNK)(UNK)(UNK)(UNK)(UNK)
(UNK)(UNK)(UNK)(UNK)(UNK)(UNK)(UNK)(UNK)(UNK)(UNK)(UNK)(UNK)(UNK)(UNK)(UNK)(UNK)
(UNK)(UNK)(UNK)(UNK)(UNK)(UNK)(UNK)(UNK)(UNK)(UNK)(UNK)(UNK)(UNK)(UNK)(UNK)(UNK)
(UNK)(UNK)(UNK)(UNK)(UNK)ALETVGEKKAFSSVMQLVMTSLQSILENVDTPELLCKCVKCILLVARCYPHIFST
NFRDTVDILVGWHIDHTQKPSLTQQVSGWLQSLEPFWVADLAFSTTLLGQFLEDMEAYAEDLSHVASGESVDEDVPPPSV
SLPKLAALLRVFSTVVRSIGERFSPIRGPPITEAYVTDVLYRVMRCVTAANQVFFSEAVLTAANECVGVLLGSLDPSMTI
HCDMVITYGLDQLENCQTCGTDYIISVLNLLTLIVEQINTKLPSSFVEKLFIPSSKLLFLRYHKEKEVVAVAHAVYQAVL
SLKNIPVLETAYKLILGEMTCALNNLLHSLQLPEACSEIKHEAFKNHVFNVDNAKFVVIFDLSALTTIGNAKNSLIGMWA
LSPTVFALLSKNLMIVHSDLAVHFPAIQYAVLYTLYSHCTRHDHFISSSLSSSSPSLFDGAVISTVTTATKKHFSIILNL
LGILLKKDNLNQDTRKLLMTWALEAAVLMRKSETYAPLFSLPSFHKFCKGLLANTLVEDVNICLQACSSLHALSSSLPDD
LLQRCVDVCRVQLVHSGTRIRQAFGKLLKSIPLDVVLSNNKHTEIQEISLALRSHMSKAPSNTFHPQDFSDVISFILYGN
SHRTGKDNWLERLFYSCQRLDKRDQSTIPRNLLKTDAVLWQWAIWEAAQFTVLSKLRTPLGRAQDTFQTIEGIIRSLAAH
TLNPDQDVSQWTTADNDEGHGNNQLRLVLLLQYLENLEKLMYNAYEGCANALTSPPKVIRTFFYTNRQTCQDWLTRIRLS
IMRVGLLAGQPAVTVRHGFDLLTEMKTTSLSQGNELEVTIMMVVEALCELHCPEAIQGIAVWSSSIVGKNLLWINSVAQQ
AEGRFEKASVEYQEHLCAMTGVDCCISSFDKSVLTLANAGRNSASPKHSLNGESRKTVLSKPTDSSPEVINYLGNKACEC
YISIADWAAVQEWQNSIHDLKKSTSSTSLNLKADFNYIKSLSSFESGKFVECTEQLELLPGENINLLAGGSKEKIDMKKL
LPNMLSPDPRELQKSIEVQLLRSSVCLATALNPIEQDQKWQSITENVVKYLKQTSRIAIGPLRLSTLTVSQSLPVLSTLQ
LYCSSALENTVSNRLSTEDCLIPLFSEALRSCKQHDVRPWMQALRYTMYQNQLLEKIKEQTVPIRSHLMELGLTAAKFAR
KRGNVSLATRLLAQCSEVQLGKTTTAQDLVQHFKKLSTQGQVDEKWGPELDIEKTKLLYTAGQSTHAMEMLSSCAISFCK
SVKAEYAVAKSILTLAKWIQAEWKEISGQLKQVYRAQHQQNFTGLSTLSKNILTLIELPSVNTMEEEYPRIESESTVHIG
VGEPDFILGQLYHLSSVQAPEVAKSWAALASWAYRWGRKVVDNAS(UNK)(UNK)(UNK)(UNK)(UNK)(UNK)(UNK)
(UNK)(UNK)(UNK)(UNK)(UNK)(UNK)(UNK)(UNK)(UNK)(UNK)(UNK)(UNK)(UNK)(UNK)(UNK)(UNK)
(UNK)(UNK)(UNK)(UNK)(UNK)(UNK)(UNK)(UNK)(UNK)(UNK)(UNK)(UNK)(UNK)(UNK)(UNK)(UNK)
(UNK)(UNK)(UNK)EGVIKVWRKVVDRIFSLYKLSCSAYFTFLKLNAGQIPLDEDDPRLHLSHRVEQSTDDMIVMATLR
LLRLLVKHAGELRQYLEHGLETTPTAPWRGIIPQLFSRLNHPEVYVRQSICNLLCRVAQDSPHLILYPAIVGTISLSSES
QASGNKFSTAIPTLLGNIQGEELLVSECEGGSPPASQDSNKDEPKSGLNEDQAMMQDCYSKIVDKLSSANPTMVLQVQML
VAELRRVTVLWDELWLGVLLQQHMYVLRRIQQLEDEVKRVQNNNTLRKEEKIAIMREKHTALMKPIVFALEHVRSITAAP
AETPHEKWFQDNYGDAIENALEKLK(UNK)(UNK)(UNK)(UNK)(UNK)(UNK)(UNK)(UNK)(UNK)(UNK)(UNK)
(UNK)(UNK)(UNK)(UNK)(UNK)YILRLEEISPWLAAMTNTEIALPGEVSARDTVTIHSVGGTITILPTKTKPKKLLF
LGSDGKSYPYLFKGLEDLHLDERIMQFLSIVNTMFATINRQETPRFHARHYSVTPLGTRSGLIQWVDGATPLFGLYKRWQ
QREAALQAQKAQDSYQTPQNPGIVPRPSELYYSKIGPALKTVGLSLDVSRRDWPLHVMKAVLEELMEATPPNLLAKELWS
SCTTPDEWWRVTQSYARSTAVMSMVGYIIGLGDRHLDNVLIDMTTGEVVHIDYNVCFEKGKSLRVPEKVPFRMTQNIETA
LGVTGVEGVFRLSCEQVLHIMRRGRETLLTLLEAFVYDPLVDWTAGGEAGFAGAVYGGGGQQAESKQSKREMEREITRSL
FSSRVAEIKVNWFKNRDEMLVVLPKLDGSLDEYLSLQEQLTDVEKLQGKLLEEIEFLEGAEGVDHPSHTLQHRYSEHTQL
QTQQRAVQEAIQVKLNEFEQWITHYQAAFNNLEATQLASLLQEISTQMDLGPPSYVPATAFLQNAGQAHLISQCEQLEGE
VGALLQQRRSVLRGCLEQLHHYATVALQYPKAIFQKHRIEQWKTWMEELICNTTVERCQELYRKYEMQYAPQPPPTVCQF
ITATEMTLQRYAADINSRLIRQVERLKQEAVTVPVCEDQLKEIERCIKVFLHENGEEGSLSLASVIISALCTLTRRNLMM
EGAASSAGEQLVDLTSRDGAWFLEELCSMSGNVTCLVQLLKQCHLVPQDLDIPNPMEASETVHLANGVYTSLQELNSNFR
QIIFPEALRCLMKGEYTLESMLHELDGLIEQTTDGVPLQTLVESLQAYLRNAAMGLEEETHAHYIDVARLLHAQYGELIQ
PRNGSVDETPKMSAGQMLLVAFDGMFAQVETAFSLLVEKLNKMEIPIAWRKIDIIREARSTQVNFFDDDNHRQVLEEIFF
LKRLQTIKEFFRLCGTFSKTLSGSSSLEDQNTVNGPVQIVNVKTLFRNSCFSEDQMAKPIKAFTADFVRQLLIGLPNQAL
GLTLCSFISALGVDIIAQVEAKDFGAESKVSVDDLCKKAVEHNIQIGKFSQLVMNRATVLASSYDTAWKKHDLVRRLETS
ISSCKTSLQRVQLHIAMFQWQHEDLLINRPQAMSVTPPPRSAILTSMKKKLHTLSQIETSIATVQEKLAALESSIEQRLK
WAGGANPALAPVLQDFEATIAERRNLVLKESQRASQVTFLCSNIIHFESLRTRTAEALNLDAALFELIKRCQQMCSFASQ
FNSSVSELELRLLQRVDTGLEHPIGSSEWLLSAHKQLTQDMSTQRAIQTEKEQQIETVCETIQNLVDNIKTVLTGHNRQL
GDVKHLLKAMAKDEEAALADGEDVPYENSVRQFLGEYKSWQDNIQTVLFTLVQAMGQVRSQEHVEMLQEITPTLKELKTQ
SQSIYNNLVSFASPLVTDATNECSSPTSSATYQPSFAAAVRSNTGQKTQPDVMSQNARKLIQKNLATSADTPPSTVPGTG
KSVACSPKKAVRDPKTGKAVQERNSYAVSVWKRVKAKLEGRDVDPNRRMSVAEQVDYVIKEATNLDNLAQLYEGWTAWV
;
A
2 'polypeptide(L)'
;MAGPVSLRDLLMGASAWMGSESPGGSPTEGGGSAAGGPEPPWREDEICVVGIFGKTALRLNSEKFSLVNTVCDRQVFPLF
RHQDPGDPGPGIRTEAGAVGEAGGAEDPGAAAGGSVRGSGAVAEGNRTEAGSQDYSLLQAYYSQESKVLYLLLTSICDNS
QLLRACRALQSGEAGGGLSLPHAEAHEFWKHQEKLQCLSLLYLFSVCHILLLVHPTCSFDITYDRVFRALDGLRQKVLPL
LKTAIKDCPVGKDWKLNCRPCPPRLLFLFQLNGALKVEPPRNQDPAHPDKPKKHSPKRRLQHALEDQIYRIFRKSRVLTN
QSINCLFTVPANQAFVYIVPGSQEEDPVGMLLDQLRSHCTVKDPESLLVPAPLSGPRRYQVMRQHSRQQLSFHIDSSSSS
SSGQLVDFTLREFLWQHVELVLSKKGFDDSVGRNPQPSHFELPTYQKWISAASKLYEVAIDGKEEDLGSPTGELTSKILS
SIKVLEGFLDIDTKFSENRCQKALPMAHSAYQSNLPHNYTMTVHKNQLAQALRVYSQHARGPAFHKYAMQLHEDCYKFWS
NGHQLCEERSLTDQHCVHKFHSLPKSGEKPEADRNPPVLYHNSRARSTGACNCGRKQAPRDDPFDIKAANYDFYQLLEEK
CCGKLDHINFPVFEPSTPDPAPAKNESSPAPPDSDADKLKEKEPQTQGESTSLSLALSLGQSTDSLGTYPADPQAGGDNP
EVHGQVEVKTEKRPNFVDRQASTVEYLPGMLHSNCPKGLLPKFSSWSLVKLGPAKSYNFHTGLDQQGFIPGTNYLMPWDI
VIRTRAEDEGDLDTNSWPAPNKAIPGKRSAVVMGRGRRRDDIARAFVGFEYEDSRGRRFMCSGPDKVMKVMGSGPKESAL
KALNSDMPLYILSSSQGRGLKPHYAQLMRLFVVVPDAPLQIILMPQVQPGPPPCPVFYPEKQEITLPPDGLWVLRFPYAY
VTERGPCFPPKENVQLMSYKVLRGVLKAVTQ
;
B
3 'polypeptide(L)'
;MSESGHSQPGLYGIERRRRWKEPGSGGPQNLSGPGGRERDYIAPWERERRDASEETSTSVMQKTPIILSKPPAERSKQPP
PPTAPAAPPAPAPLEKPIVLMKPREEGKGPVAVTGASTPEGTAPPPPAAPAPPKGEKEGQRPTQPVYQIQNRGMGTAAPA
AMDPVVGQAKLLPPERMKHSIKLVDDQMNWCDSAIEYLLDQTDVLVVGVLGLQGTGKSMVMSLLSANTPEEDQRTYVFRA
QSAEMKERGGNQTSGIDFFITQERIVFLDTQPILSPSILDHLINNDRKLPPEYNLPHTYVEMQSLQIAAFLFTVCHVVIV
VQDWFTDLSLYRFLQTAEMVKPSTPSPSHESSSSSGSDEGTEYYPHLVFLQNKARREDFCPRKLRQMHLMIDQLMAHSHL
RYKGTLSMLQCNVFPGLPPDFLDSEVNLFLVPFMDSEAESENPPRAGPGSSPLFSLLPGYRGHPSFQSLVSKLRSQVMSM
ARPQLSHTILTEKNWFHYAARIWDGVRKSSALAEYSRLLA
;
C
4 'polypeptide(L)' QPELSQDSYLG E
#
loop_
_chem_comp.id
_chem_comp.type
_chem_comp.name
_chem_comp.formula
ANP non-polymer 'PHOSPHOAMINOPHOSPHONIC ACID-ADENYLATE ESTER' 'C10 H17 N6 O12 P3'
ATP non-polymer ADENOSINE-5'-TRIPHOSPHATE 'C10 H16 N5 O13 P3'
IHP non-polymer 'INOSITOL HEXAKISPHOSPHATE' 'C6 H18 O24 P6'
MG non-polymer 'MAGNESIUM ION' 'Mg 2'
#
# COMPACT_ATOMS: atom_id res chain seq x y z
N UNK A 1 -91.61 -4.50 21.54
CA UNK A 1 -92.01 -5.82 21.07
C UNK A 1 -90.91 -6.44 20.21
N UNK A 2 -90.58 -5.76 19.11
CA UNK A 2 -89.54 -6.24 18.20
C UNK A 2 -88.30 -6.69 18.96
N UNK A 3 -87.84 -5.87 19.91
CA UNK A 3 -86.65 -6.22 20.68
C UNK A 3 -86.86 -7.53 21.43
N UNK A 4 -87.90 -7.60 22.27
CA UNK A 4 -88.17 -8.82 23.02
C UNK A 4 -88.54 -9.97 22.09
N UNK A 5 -89.20 -9.68 20.96
CA UNK A 5 -89.58 -10.73 20.04
C UNK A 5 -88.34 -11.38 19.42
N UNK A 6 -87.31 -10.59 19.15
CA UNK A 6 -86.08 -11.12 18.55
C UNK A 6 -85.11 -11.65 19.59
N UNK A 7 -85.25 -11.24 20.86
CA UNK A 7 -84.35 -11.73 21.89
C UNK A 7 -84.36 -13.24 21.99
N UNK A 8 -85.51 -13.86 21.71
CA UNK A 8 -85.59 -15.32 21.78
C UNK A 8 -84.69 -15.96 20.74
N UNK A 9 -84.72 -15.46 19.51
CA UNK A 9 -83.87 -16.03 18.45
C UNK A 9 -82.40 -15.76 18.74
N UNK A 10 -82.04 -14.50 18.94
CA UNK A 10 -80.66 -14.12 19.21
C UNK A 10 -80.32 -14.34 20.68
N UNK A 11 -73.51 -14.89 13.35
CA UNK A 11 -73.56 -13.49 13.76
C UNK A 11 -75.01 -13.01 13.86
N UNK A 12 -75.92 -13.75 13.23
CA UNK A 12 -77.33 -13.38 13.26
C UNK A 12 -77.85 -13.25 14.69
N UNK A 13 -77.19 -13.90 15.65
CA UNK A 13 -77.59 -13.84 17.06
C UNK A 13 -77.16 -12.55 17.75
N UNK A 14 -76.77 -11.53 17.01
CA UNK A 14 -76.35 -10.25 17.58
C UNK A 14 -77.19 -9.07 17.11
N UNK A 15 -77.69 -9.12 15.87
CA UNK A 15 -78.51 -8.04 15.30
C UNK A 15 -79.51 -7.45 16.28
N UNK A 16 -80.17 -8.28 17.08
CA UNK A 16 -81.14 -7.78 18.04
C UNK A 16 -80.51 -6.75 18.98
N UNK A 17 -79.54 -7.19 19.77
CA UNK A 17 -78.88 -6.27 20.70
C UNK A 17 -78.18 -5.14 19.94
N UNK A 18 -77.70 -5.41 18.73
CA UNK A 18 -77.02 -4.38 17.95
C UNK A 18 -77.96 -3.21 17.70
N UNK A 19 -79.14 -3.49 17.17
CA UNK A 19 -80.12 -2.45 16.88
C UNK A 19 -80.84 -1.98 18.14
N UNK A 20 -80.69 -2.68 19.26
CA UNK A 20 -81.35 -2.26 20.49
C UNK A 20 -81.05 -0.80 20.82
N UNK A 21 -79.85 -0.33 20.48
CA UNK A 21 -79.50 1.06 20.77
C UNK A 21 -80.44 2.00 20.04
N UNK A 22 -80.77 1.69 18.79
CA UNK A 22 -81.65 2.52 17.99
C UNK A 22 -83.12 2.25 18.29
N UNK A 23 -83.42 1.11 18.91
CA UNK A 23 -84.80 0.75 19.24
C UNK A 23 -85.56 1.93 19.82
N UNK A 24 -85.06 2.48 20.93
CA UNK A 24 -85.71 3.62 21.57
C UNK A 24 -84.81 4.85 21.51
N UNK A 25 -86.27 -7.88 30.20
CA UNK A 25 -85.77 -9.18 29.79
C UNK A 25 -84.40 -9.46 30.39
N UNK A 26 -84.31 -9.32 31.72
CA UNK A 26 -83.04 -9.56 32.40
C UNK A 26 -82.71 -11.05 32.47
N UNK A 27 -83.73 -11.90 32.58
CA UNK A 27 -83.48 -13.33 32.64
C UNK A 27 -82.66 -13.80 31.46
N UNK A 28 -82.95 -13.27 30.27
CA UNK A 28 -82.19 -13.66 29.08
C UNK A 28 -80.74 -13.21 29.19
N UNK A 29 -80.53 -11.91 29.37
CA UNK A 29 -79.18 -11.37 29.48
C UNK A 29 -78.39 -11.98 30.63
N UNK A 30 -79.05 -12.69 31.55
CA UNK A 30 -78.34 -13.30 32.68
C UNK A 30 -78.22 -14.81 32.60
N UNK A 31 -79.01 -15.49 31.78
CA UNK A 31 -78.94 -16.94 31.65
C UNK A 31 -78.48 -17.44 30.29
N UNK A 32 -78.67 -16.66 29.22
CA UNK A 32 -78.24 -17.10 27.90
C UNK A 32 -76.80 -17.59 27.90
N UNK A 33 -75.96 -17.03 28.79
CA UNK A 33 -74.57 -17.41 28.89
C UNK A 33 -74.33 -18.53 29.89
N UNK A 34 -75.40 -19.13 30.43
CA UNK A 34 -75.24 -20.21 31.40
C UNK A 34 -74.42 -21.36 30.82
N UNK A 35 -74.51 -21.59 29.52
CA UNK A 35 -73.77 -22.67 28.88
C UNK A 35 -72.27 -22.47 29.04
N UNK A 36 -73.45 -22.46 24.45
CA UNK A 36 -72.12 -23.04 24.53
C UNK A 36 -71.09 -21.96 24.85
N UNK A 37 -69.81 -22.35 24.85
CA UNK A 37 -68.75 -21.39 25.14
C UNK A 37 -68.74 -20.26 24.12
N UNK A 38 -68.51 -20.59 22.84
CA UNK A 38 -68.49 -19.57 21.80
C UNK A 38 -69.81 -18.82 21.72
N UNK A 39 -70.91 -19.44 22.16
CA UNK A 39 -72.22 -18.80 22.12
C UNK A 39 -72.45 -17.94 23.36
N UNK A 40 -72.12 -18.49 24.54
CA UNK A 40 -72.30 -17.74 25.77
C UNK A 40 -71.44 -16.49 25.77
N UNK A 41 -70.23 -16.58 25.20
CA UNK A 41 -69.34 -15.42 25.15
C UNK A 41 -70.00 -14.29 24.36
N UNK A 42 -70.50 -14.61 23.17
CA UNK A 42 -71.16 -13.59 22.35
C UNK A 42 -72.40 -13.06 23.05
N UNK A 43 -73.14 -13.95 23.73
CA UNK A 43 -74.34 -13.51 24.43
C UNK A 43 -73.99 -12.47 25.49
N UNK A 44 -72.95 -12.74 26.27
CA UNK A 44 -72.54 -11.79 27.30
C UNK A 44 -72.03 -10.50 26.67
N UNK A 45 -71.26 -10.62 25.59
CA UNK A 45 -70.72 -9.43 24.93
C UNK A 45 -71.86 -8.53 24.48
N UNK A 46 -72.91 -9.12 23.91
CA UNK A 46 -74.05 -8.32 23.46
C UNK A 46 -74.81 -7.74 24.64
N UNK A 47 -75.04 -8.56 25.68
CA UNK A 47 -75.75 -8.08 26.87
C UNK A 47 -75.01 -6.95 27.55
N UNK A 48 -73.71 -6.81 27.28
CA UNK A 48 -72.92 -5.74 27.90
C UNK A 48 -73.42 -4.36 27.48
N UNK A 49 -74.36 -4.31 26.54
CA UNK A 49 -74.92 -3.05 26.06
C UNK A 49 -76.29 -2.74 26.65
N UNK A 50 -76.90 -3.69 27.37
CA UNK A 50 -78.21 -3.44 27.96
C UNK A 50 -78.18 -2.23 28.87
N UNK A 51 -77.17 -2.12 29.72
CA UNK A 51 -77.02 -1.01 30.64
C UNK A 51 -76.39 0.21 29.98
N UNK A 52 -76.35 0.25 28.65
CA UNK A 52 -75.77 1.38 27.91
C UNK A 52 -76.66 1.88 26.79
N UNK A 53 -77.71 1.17 26.42
CA UNK A 53 -78.61 1.59 25.36
C UNK A 53 -79.84 2.29 25.94
N UNK A 54 -80.25 4.19 33.92
CA UNK A 54 -80.23 4.03 35.36
C UNK A 54 -81.08 2.83 35.78
N UNK A 55 -81.95 2.38 34.88
CA UNK A 55 -82.80 1.24 35.18
C UNK A 55 -82.09 -0.08 34.92
N UNK A 56 -81.31 -0.16 33.84
CA UNK A 56 -80.60 -1.39 33.53
C UNK A 56 -79.35 -1.57 34.38
N UNK A 57 -78.78 -0.49 34.92
CA UNK A 57 -77.59 -0.61 35.74
C UNK A 57 -77.87 -1.53 36.93
N UNK A 58 -78.98 -1.27 37.64
CA UNK A 58 -79.32 -2.09 38.79
C UNK A 58 -79.62 -3.52 38.34
N UNK A 59 -80.18 -3.68 37.15
CA UNK A 59 -80.50 -5.02 36.65
C UNK A 59 -79.21 -5.82 36.49
N UNK A 60 -78.22 -5.25 35.82
CA UNK A 60 -76.96 -5.98 35.63
C UNK A 60 -76.26 -6.20 36.97
N UNK A 61 -76.31 -5.21 37.86
CA UNK A 61 -75.67 -5.36 39.15
C UNK A 61 -76.28 -6.55 39.91
N UNK A 62 -77.61 -6.62 39.94
CA UNK A 62 -78.27 -7.71 40.62
C UNK A 62 -77.99 -9.03 39.92
N UNK A 63 -77.88 -9.00 38.60
CA UNK A 63 -77.60 -10.23 37.86
C UNK A 63 -76.26 -10.80 38.31
N UNK A 64 -75.24 -9.95 38.41
CA UNK A 64 -73.93 -10.41 38.84
C UNK A 64 -73.96 -10.85 40.29
N UNK A 65 -74.57 -10.03 41.16
CA UNK A 65 -74.65 -10.38 42.58
C UNK A 65 -75.40 -11.68 42.81
N UNK A 66 -76.31 -12.06 41.91
CA UNK A 66 -77.07 -13.29 42.05
C UNK A 66 -76.28 -14.48 41.49
N UNK A 67 -75.82 -14.36 40.25
CA UNK A 67 -75.05 -15.45 39.64
C UNK A 67 -73.86 -15.81 40.52
N UNK A 68 -73.24 -14.81 41.14
CA UNK A 68 -72.09 -15.07 42.00
C UNK A 68 -72.47 -15.85 43.25
N UNK A 69 -73.74 -15.81 43.64
CA UNK A 69 -74.21 -16.52 44.82
C UNK A 69 -74.78 -17.89 44.44
N ALA A 70 -67.24 -20.43 38.44
CA ALA A 70 -68.39 -19.60 38.12
C ALA A 70 -68.00 -18.50 37.14
N LEU A 71 -68.57 -18.56 35.94
CA LEU A 71 -68.30 -17.57 34.90
C LEU A 71 -69.44 -16.59 34.67
N GLU A 72 -70.66 -16.94 35.10
CA GLU A 72 -71.78 -16.02 34.91
C GLU A 72 -71.55 -14.72 35.65
N THR A 73 -71.11 -14.81 36.91
CA THR A 73 -70.87 -13.60 37.70
C THR A 73 -69.79 -12.74 37.04
N VAL A 74 -68.71 -13.37 36.57
CA VAL A 74 -67.64 -12.61 35.94
C VAL A 74 -68.15 -11.92 34.67
N GLY A 75 -68.91 -12.64 33.86
CA GLY A 75 -69.44 -12.04 32.64
C GLY A 75 -70.38 -10.89 32.95
N GLU A 76 -71.20 -11.04 34.00
CA GLU A 76 -72.12 -9.97 34.36
C GLU A 76 -71.36 -8.74 34.85
N LYS A 77 -70.31 -8.96 35.65
CA LYS A 77 -69.54 -7.82 36.15
C LYS A 77 -68.86 -7.11 34.98
N LYS A 78 -68.30 -7.89 34.05
CA LYS A 78 -67.63 -7.27 32.90
C LYS A 78 -68.63 -6.50 32.07
N ALA A 79 -69.85 -7.05 31.93
CA ALA A 79 -70.88 -6.38 31.15
C ALA A 79 -71.25 -5.05 31.79
N PHE A 80 -71.44 -5.06 33.11
CA PHE A 80 -71.79 -3.82 33.81
C PHE A 80 -70.66 -2.80 33.66
N SER A 81 -69.42 -3.27 33.74
CA SER A 81 -68.27 -2.36 33.62
C SER A 81 -68.26 -1.73 32.24
N SER A 82 -68.40 -2.55 31.19
CA SER A 82 -68.40 -2.02 29.83
C SER A 82 -69.54 -1.04 29.63
N VAL A 83 -70.71 -1.34 30.19
CA VAL A 83 -71.85 -0.44 30.05
C VAL A 83 -71.56 0.90 30.71
N MET A 84 -71.14 0.88 31.97
CA MET A 84 -70.83 2.11 32.66
C MET A 84 -69.71 2.88 31.98
N GLN A 85 -68.82 2.16 31.28
CA GLN A 85 -67.72 2.80 30.58
C GLN A 85 -68.14 3.40 29.25
N LEU A 86 -69.23 2.88 28.67
CA LEU A 86 -69.71 3.40 27.39
C LEU A 86 -69.85 4.91 27.40
N VAL A 87 -70.06 5.50 28.57
CA VAL A 87 -70.21 6.95 28.69
C VAL A 87 -68.99 7.67 28.11
N MET A 88 -77.10 6.74 36.24
CA MET A 88 -75.68 6.66 35.89
C MET A 88 -74.92 7.85 36.47
N THR A 89 -75.41 9.06 36.17
CA THR A 89 -74.75 10.26 36.67
C THR A 89 -74.94 10.41 38.18
N SER A 90 -76.11 10.02 38.69
CA SER A 90 -76.40 10.11 40.11
C SER A 90 -76.31 8.78 40.84
N LEU A 91 -76.57 7.66 40.14
CA LEU A 91 -76.51 6.34 40.75
C LEU A 91 -75.08 5.86 40.97
N GLN A 92 -74.08 6.72 40.72
CA GLN A 92 -72.69 6.34 40.91
C GLN A 92 -72.44 5.89 42.33
N SER A 93 -73.10 6.51 43.31
CA SER A 93 -72.91 6.13 44.70
C SER A 93 -73.29 4.67 44.92
N ILE A 94 -74.48 4.29 44.46
CA ILE A 94 -74.92 2.90 44.62
C ILE A 94 -74.03 1.95 43.85
N LEU A 95 -73.64 2.33 42.62
CA LEU A 95 -72.78 1.48 41.82
C LEU A 95 -71.47 1.21 42.53
N GLU A 96 -70.83 2.26 43.05
CA GLU A 96 -69.57 2.11 43.75
C GLU A 96 -69.76 1.30 45.03
N ASN A 97 -70.84 1.53 45.75
CA ASN A 97 -71.07 0.78 46.99
C ASN A 97 -71.19 -0.72 46.69
N VAL A 98 -71.93 -1.05 45.64
CA VAL A 98 -72.10 -2.46 45.28
C VAL A 98 -70.78 -3.06 44.84
N ASP A 99 -70.04 -2.36 43.97
CA ASP A 99 -68.76 -2.88 43.49
C ASP A 99 -67.81 -3.10 44.65
N THR A 100 -67.82 -2.20 45.64
CA THR A 100 -66.92 -2.33 46.79
C THR A 100 -67.34 -3.51 47.66
N PRO A 101 -68.61 -3.55 48.06
CA PRO A 101 -69.08 -4.64 48.91
C PRO A 101 -68.91 -6.00 48.23
N GLU A 102 -68.93 -6.04 46.90
CA GLU A 102 -68.77 -7.31 46.21
C GLU A 102 -67.36 -7.86 46.42
N LEU A 103 -66.34 -7.05 46.15
CA LEU A 103 -64.96 -7.46 46.32
C LEU A 103 -64.53 -7.47 47.78
N LEU A 104 -65.36 -6.96 48.69
CA LEU A 104 -65.00 -6.95 50.10
C LEU A 104 -64.60 -8.34 50.60
N CYS A 105 -65.04 -9.41 49.95
CA CYS A 105 -64.73 -10.77 50.33
C CYS A 105 -63.89 -11.49 49.28
N LYS A 106 -64.33 -11.45 48.02
CA LYS A 106 -63.60 -12.10 46.94
C LYS A 106 -62.42 -11.25 46.49
N CYS A 107 -61.84 -14.68 43.09
CA CYS A 107 -61.37 -13.51 43.80
C CYS A 107 -60.48 -12.66 42.92
N VAL A 108 -59.46 -13.29 42.33
CA VAL A 108 -58.53 -12.57 41.46
C VAL A 108 -59.29 -11.80 40.39
N LYS A 109 -60.05 -12.51 39.55
CA LYS A 109 -60.81 -11.83 38.50
C LYS A 109 -61.82 -10.87 39.09
N CYS A 110 -62.39 -11.21 40.26
CA CYS A 110 -63.37 -10.33 40.89
C CYS A 110 -62.76 -8.97 41.14
N ILE A 111 -61.63 -8.93 41.86
CA ILE A 111 -60.97 -7.67 42.14
C ILE A 111 -60.47 -7.02 40.86
N LEU A 112 -60.03 -7.82 39.89
CA LEU A 112 -59.55 -7.26 38.64
C LEU A 112 -60.62 -6.43 37.97
N LEU A 113 -61.81 -7.01 37.80
CA LEU A 113 -62.91 -6.29 37.17
C LEU A 113 -63.36 -5.13 38.04
N VAL A 114 -63.45 -5.35 39.36
CA VAL A 114 -63.88 -4.28 40.26
C VAL A 114 -62.99 -3.06 40.11
N ALA A 115 -61.68 -3.28 40.00
CA ALA A 115 -60.75 -2.17 39.85
C ALA A 115 -60.87 -1.56 38.45
N ARG A 116 -60.96 -2.40 37.43
CA ARG A 116 -61.09 -1.88 36.07
C ARG A 116 -62.30 -0.97 35.96
N CYS A 117 -63.33 -1.21 36.76
CA CYS A 117 -64.54 -0.40 36.73
C CYS A 117 -64.42 0.83 37.63
N TYR A 118 -64.01 0.65 38.88
CA TYR A 118 -63.88 1.76 39.81
C TYR A 118 -62.80 2.74 39.38
N PRO A 119 -61.91 2.35 38.46
CA PRO A 119 -60.86 3.26 38.02
C PRO A 119 -61.44 4.53 37.41
N HIS A 120 -62.61 4.43 36.78
CA HIS A 120 -63.23 5.60 36.17
C HIS A 120 -63.48 6.71 37.18
N ILE A 121 -63.50 6.39 38.47
CA ILE A 121 -63.72 7.38 39.51
C ILE A 121 -62.77 8.56 39.37
N PHE A 122 -61.78 5.58 50.44
CA PHE A 122 -60.56 4.90 50.04
C PHE A 122 -59.62 4.69 51.23
N SER A 123 -59.87 5.43 52.31
CA SER A 123 -59.03 5.32 53.50
C SER A 123 -58.99 3.89 54.03
N THR A 124 -60.00 3.08 53.72
CA THR A 124 -60.05 1.69 54.17
C THR A 124 -60.07 0.69 53.03
N ASN A 125 -60.53 1.07 51.84
CA ASN A 125 -60.57 0.15 50.71
C ASN A 125 -59.16 -0.32 50.35
N PHE A 126 -58.17 0.56 50.49
CA PHE A 126 -56.80 0.19 50.15
C PHE A 126 -56.31 -0.96 51.01
N ARG A 127 -56.81 -1.07 52.24
CA ARG A 127 -56.38 -2.15 53.13
C ARG A 127 -56.77 -3.50 52.58
N ASP A 128 -57.93 -3.59 51.93
CA ASP A 128 -58.37 -4.86 51.36
C ASP A 128 -57.37 -5.38 50.34
N THR A 129 -56.70 -4.49 49.62
CA THR A 129 -55.72 -4.88 48.62
C THR A 129 -54.35 -5.07 49.25
N VAL A 130 -54.02 -4.25 50.25
CA VAL A 130 -52.72 -4.36 50.90
C VAL A 130 -52.63 -5.70 51.63
N ASP A 131 -53.77 -6.22 52.10
CA ASP A 131 -53.76 -7.50 52.78
C ASP A 131 -53.48 -8.64 51.81
N ILE A 132 -54.04 -8.55 50.60
CA ILE A 132 -53.81 -9.61 49.61
C ILE A 132 -52.44 -9.48 48.96
N LEU A 133 -51.85 -8.29 48.96
CA LEU A 133 -50.55 -8.08 48.36
C LEU A 133 -49.42 -8.73 49.16
N VAL A 134 -49.73 -9.38 50.27
CA VAL A 134 -48.71 -10.02 51.11
C VAL A 134 -48.68 -11.53 50.88
N GLY A 135 -49.18 -12.01 49.74
CA GLY A 135 -49.19 -13.43 49.45
C GLY A 135 -47.81 -14.04 49.48
N SER A 145 -47.23 -14.29 41.30
CA SER A 145 -46.46 -13.44 40.40
C SER A 145 -47.25 -12.21 40.00
N LEU A 146 -48.54 -12.19 40.34
CA LEU A 146 -49.41 -11.08 40.02
C LEU A 146 -49.16 -9.84 40.87
N THR A 147 -48.14 -9.86 41.74
CA THR A 147 -47.87 -8.70 42.58
C THR A 147 -47.69 -7.44 41.76
N GLN A 148 -47.19 -7.57 40.52
CA GLN A 148 -46.99 -6.40 39.67
C GLN A 148 -48.31 -5.76 39.29
N GLN A 149 -49.32 -6.57 38.95
CA GLN A 149 -50.61 -6.01 38.57
C GLN A 149 -51.24 -5.25 39.73
N VAL A 150 -51.26 -5.86 40.92
CA VAL A 150 -51.85 -5.19 42.08
C VAL A 150 -51.04 -3.95 42.42
N SER A 151 -49.72 -4.01 42.25
CA SER A 151 -48.88 -2.85 42.55
C SER A 151 -49.23 -1.71 41.62
N GLY A 152 -49.38 -1.99 40.33
CA GLY A 152 -49.73 -0.95 39.39
C GLY A 152 -51.09 -0.37 39.71
N TRP A 153 -52.03 -1.24 40.10
CA TRP A 153 -53.37 -0.76 40.43
C TRP A 153 -53.30 0.19 41.62
N LEU A 154 -52.53 -0.19 42.64
CA LEU A 154 -52.39 0.66 43.82
C LEU A 154 -51.76 1.99 43.44
N GLN A 155 -50.75 1.96 42.59
CA GLN A 155 -50.10 3.20 42.16
C GLN A 155 -51.08 4.08 41.42
N SER A 156 -51.97 3.48 40.64
CA SER A 156 -52.95 4.24 39.89
C SER A 156 -54.11 4.71 40.76
N LEU A 157 -54.25 4.16 41.97
CA LEU A 157 -55.34 4.58 42.85
C LEU A 157 -55.19 6.03 43.28
N GLU A 158 -53.96 6.54 43.34
CA GLU A 158 -53.71 7.92 43.75
C GLU A 158 -52.72 8.59 42.80
N ALA A 166 -50.40 11.63 56.20
CA ALA A 166 -51.84 11.47 56.38
C ALA A 166 -52.17 10.03 56.81
N PHE A 167 -52.64 9.21 55.86
CA PHE A 167 -52.99 7.83 56.18
C PHE A 167 -51.74 6.95 56.22
N SER A 168 -51.01 6.89 55.11
CA SER A 168 -49.80 6.08 55.06
C SER A 168 -48.80 6.53 56.13
N THR A 169 -48.72 7.83 56.37
CA THR A 169 -47.79 8.33 57.38
C THR A 169 -47.97 7.62 58.71
N THR A 170 -49.22 7.35 59.09
CA THR A 170 -49.53 6.67 60.34
C THR A 170 -49.64 5.16 60.18
N LEU A 171 -49.77 4.66 58.94
CA LEU A 171 -49.89 3.23 58.72
C LEU A 171 -48.53 2.56 58.68
N LEU A 172 -47.53 3.21 58.06
CA LEU A 172 -46.19 2.62 57.97
C LEU A 172 -45.66 2.24 59.34
N GLY A 173 -46.14 2.89 60.40
CA GLY A 173 -45.67 2.55 61.72
C GLY A 173 -45.96 1.10 62.06
N GLN A 174 -47.13 0.61 61.64
CA GLN A 174 -47.49 -0.76 61.91
C GLN A 174 -46.54 -1.72 61.20
N PHE A 175 -46.17 -1.39 59.96
CA PHE A 175 -45.26 -2.26 59.22
C PHE A 175 -43.90 -2.28 59.89
N LEU A 176 -43.41 -1.11 60.32
CA LEU A 176 -42.10 -1.07 60.98
C LEU A 176 -42.15 -1.89 62.27
N GLU A 177 -43.24 -1.78 63.02
CA GLU A 177 -43.37 -2.53 64.26
C GLU A 177 -43.39 -4.02 63.97
N ASP A 178 -44.14 -4.43 62.94
CA ASP A 178 -44.21 -5.85 62.58
C ASP A 178 -42.84 -6.35 62.19
N MET A 179 -42.07 -5.54 61.49
CA MET A 179 -40.73 -5.93 61.07
C MET A 179 -39.86 -6.16 62.29
N GLU A 180 -39.78 -5.15 63.16
CA GLU A 180 -38.96 -5.28 64.37
C GLU A 180 -39.42 -6.47 65.21
N ALA A 181 -40.72 -6.77 65.21
CA ALA A 181 -41.23 -7.89 65.99
C ALA A 181 -40.76 -9.21 65.39
N TYR A 182 -40.93 -9.37 64.07
CA TYR A 182 -40.51 -10.60 63.43
C TYR A 182 -39.02 -10.81 63.60
N ALA A 183 -38.27 -9.71 63.73
CA ALA A 183 -36.83 -9.82 63.90
C ALA A 183 -36.48 -10.24 65.33
N GLU A 184 -37.07 -9.56 66.32
CA GLU A 184 -36.80 -9.91 67.71
C GLU A 184 -37.27 -11.32 68.04
N ASP A 185 -38.29 -11.81 67.34
CA ASP A 185 -38.79 -13.15 67.61
C ASP A 185 -37.83 -14.23 67.11
N LEU A 186 -36.97 -13.88 66.14
CA LEU A 186 -36.01 -14.85 65.62
C LEU A 186 -35.14 -15.43 66.72
N SER A 187 -34.44 -14.56 67.45
CA SER A 187 -33.58 -15.00 68.54
C SER A 187 -34.39 -15.70 69.62
N SER A 203 -37.77 -21.42 61.24
CA SER A 203 -37.61 -20.07 60.71
C SER A 203 -38.36 -19.92 59.39
N VAL A 204 -39.60 -19.48 59.46
CA VAL A 204 -40.43 -19.29 58.27
C VAL A 204 -40.98 -17.88 58.24
N SER A 205 -40.36 -16.98 59.01
CA SER A 205 -40.80 -15.59 59.07
C SER A 205 -40.15 -14.73 58.00
N LEU A 206 -39.36 -15.33 57.10
CA LEU A 206 -38.71 -14.56 56.06
C LEU A 206 -39.68 -14.15 54.95
N PRO A 207 -40.53 -15.04 54.43
CA PRO A 207 -41.46 -14.61 53.35
C PRO A 207 -42.33 -13.44 53.76
N LYS A 208 -42.88 -13.46 54.98
CA LYS A 208 -43.73 -12.36 55.41
C LYS A 208 -42.94 -11.07 55.46
N LEU A 209 -41.70 -11.13 55.97
CA LEU A 209 -40.87 -9.93 56.05
C LEU A 209 -40.60 -9.38 54.66
N ALA A 210 -40.24 -10.25 53.73
CA ALA A 210 -39.96 -9.83 52.36
C ALA A 210 -41.19 -9.16 51.75
N ALA A 211 -42.35 -9.83 51.82
CA ALA A 211 -43.57 -9.26 51.27
C ALA A 211 -43.87 -7.92 51.93
N LEU A 212 -43.59 -7.80 53.22
CA LEU A 212 -43.85 -6.55 53.93
C LEU A 212 -42.99 -5.43 53.34
N LEU A 213 -41.71 -5.72 53.12
CA LEU A 213 -40.82 -4.71 52.55
C LEU A 213 -41.27 -4.34 51.15
N ARG A 214 -41.75 -5.33 50.39
CA ARG A 214 -42.21 -5.06 49.03
C ARG A 214 -43.39 -4.11 49.04
N VAL A 215 -44.39 -4.40 49.88
CA VAL A 215 -45.56 -3.51 49.94
C VAL A 215 -45.13 -2.15 50.43
N PHE A 216 -44.15 -2.10 51.33
CA PHE A 216 -43.67 -0.83 51.85
C PHE A 216 -43.12 0.03 50.71
N SER A 217 -42.23 -0.57 49.91
CA SER A 217 -41.65 0.17 48.80
C SER A 217 -42.73 0.57 47.80
N THR A 218 -43.71 -0.32 47.60
CA THR A 218 -44.80 -0.02 46.68
C THR A 218 -45.58 1.21 47.12
N VAL A 219 -45.94 1.26 48.41
CA VAL A 219 -46.70 2.41 48.90
C VAL A 219 -45.85 3.67 48.83
N VAL A 220 -44.55 3.56 49.13
CA VAL A 220 -43.71 4.76 49.07
C VAL A 220 -43.63 5.26 47.65
N ARG A 221 -43.67 4.35 46.67
CA ARG A 221 -43.59 4.73 45.27
C ARG A 221 -44.92 5.26 44.75
N SER A 222 -46.03 4.82 45.35
CA SER A 222 -47.35 5.28 44.92
C SER A 222 -47.47 6.79 44.92
N ILE A 223 -46.68 7.48 45.75
CA ILE A 223 -46.72 8.93 45.82
C ILE A 223 -46.55 9.54 44.44
N ALA A 238 -39.69 16.44 56.28
CA ALA A 238 -38.56 15.61 55.88
C ALA A 238 -37.59 15.43 57.04
N TYR A 239 -38.03 14.68 58.06
CA TYR A 239 -37.19 14.43 59.23
C TYR A 239 -37.16 12.94 59.57
N VAL A 240 -38.21 12.21 59.18
CA VAL A 240 -38.29 10.78 59.46
C VAL A 240 -37.52 9.95 58.46
N THR A 241 -36.94 10.57 57.42
CA THR A 241 -36.20 9.81 56.42
C THR A 241 -35.04 9.05 57.05
N ASP A 242 -34.13 9.78 57.70
CA ASP A 242 -32.98 9.15 58.34
C ASP A 242 -33.38 8.15 59.42
N VAL A 243 -34.38 8.50 60.23
CA VAL A 243 -34.83 7.60 61.30
C VAL A 243 -35.32 6.28 60.70
N LEU A 244 -36.25 6.36 59.75
CA LEU A 244 -36.78 5.16 59.13
C LEU A 244 -35.67 4.36 58.44
N TYR A 245 -34.73 5.05 57.79
CA TYR A 245 -33.65 4.35 57.11
C TYR A 245 -32.82 3.56 58.11
N ARG A 246 -32.47 4.20 59.23
CA ARG A 246 -31.67 3.51 60.23
C ARG A 246 -32.45 2.34 60.82
N VAL A 247 -33.75 2.51 61.02
CA VAL A 247 -34.56 1.43 61.58
C VAL A 247 -34.58 0.24 60.63
N MET A 248 -34.83 0.50 59.35
CA MET A 248 -34.87 -0.57 58.36
C MET A 248 -33.53 -1.26 58.25
N ARG A 249 -32.43 -0.50 58.21
CA ARG A 249 -31.11 -1.10 58.11
C ARG A 249 -30.81 -1.97 59.32
N CYS A 250 -31.16 -1.49 60.51
CA CYS A 250 -30.90 -2.26 61.73
C CYS A 250 -31.72 -3.55 61.74
N VAL A 251 -33.02 -3.45 61.50
CA VAL A 251 -33.86 -4.64 61.49
C VAL A 251 -33.38 -5.64 60.45
N THR A 252 -32.95 -5.16 59.29
CA THR A 252 -32.47 -6.07 58.25
C THR A 252 -31.18 -6.75 58.67
N ALA A 253 -30.19 -5.98 59.11
CA ALA A 253 -28.92 -6.54 59.52
C ALA A 253 -29.08 -7.47 60.72
N ALA A 254 -30.13 -7.30 61.51
CA ALA A 254 -30.32 -8.17 62.67
C ALA A 254 -30.41 -9.63 62.27
N ASN A 255 -31.01 -9.92 61.12
CA ASN A 255 -31.15 -11.28 60.61
C ASN A 255 -29.82 -11.76 60.05
N GLN A 256 -28.89 -12.06 60.96
CA GLN A 256 -27.55 -12.52 60.61
C GLN A 256 -27.38 -14.01 60.94
N VAL A 257 -28.46 -14.78 60.87
CA VAL A 257 -28.44 -16.21 61.15
C VAL A 257 -28.94 -17.03 59.96
N PHE A 258 -30.11 -16.68 59.43
CA PHE A 258 -30.67 -17.40 58.29
C PHE A 258 -30.03 -16.99 56.98
N PHE A 259 -29.65 -15.72 56.83
CA PHE A 259 -29.03 -15.21 55.61
C PHE A 259 -29.96 -15.41 54.41
N SER A 260 -31.10 -14.73 54.47
CA SER A 260 -32.09 -14.79 53.41
C SER A 260 -31.82 -13.68 52.41
N GLU A 261 -31.46 -14.08 51.18
CA GLU A 261 -31.18 -13.08 50.14
C GLU A 261 -32.45 -12.48 49.55
N ALA A 262 -33.53 -13.26 49.49
CA ALA A 262 -34.78 -12.75 48.94
C ALA A 262 -35.24 -11.50 49.70
N VAL A 263 -35.02 -11.47 51.01
CA VAL A 263 -35.43 -10.32 51.79
C VAL A 263 -34.48 -9.16 51.55
N LEU A 264 -33.18 -9.46 51.41
CA LEU A 264 -32.22 -8.39 51.16
C LEU A 264 -32.52 -7.68 49.85
N THR A 265 -33.03 -8.42 48.86
CA THR A 265 -33.34 -7.80 47.58
C THR A 265 -34.36 -6.68 47.78
N ALA A 266 -35.48 -7.01 48.43
CA ALA A 266 -36.51 -6.00 48.67
C ALA A 266 -35.98 -4.91 49.57
N ALA A 267 -35.12 -5.26 50.52
CA ALA A 267 -34.56 -4.26 51.42
C ALA A 267 -33.81 -3.22 50.61
N ASN A 268 -33.00 -3.67 49.66
CA ASN A 268 -32.24 -2.74 48.83
C ASN A 268 -33.18 -1.92 47.96
N GLU A 269 -34.19 -2.57 47.40
CA GLU A 269 -35.14 -1.85 46.55
C GLU A 269 -35.85 -0.76 47.35
N CYS A 270 -36.02 -0.97 48.65
CA CYS A 270 -36.66 0.02 49.51
C CYS A 270 -35.71 1.14 49.87
N VAL A 271 -34.50 0.78 50.30
CA VAL A 271 -33.52 1.79 50.66
C VAL A 271 -33.28 2.71 49.48
N GLY A 272 -33.36 2.19 48.26
CA GLY A 272 -33.13 3.04 47.10
C GLY A 272 -34.09 4.20 47.05
N VAL A 273 -35.39 3.92 47.16
CA VAL A 273 -36.39 5.00 47.12
C VAL A 273 -36.27 5.88 48.35
N LEU A 274 -36.07 5.27 49.53
CA LEU A 274 -35.95 6.07 50.74
C LEU A 274 -34.76 7.01 50.67
N LEU A 275 -33.75 6.65 49.88
CA LEU A 275 -32.56 7.46 49.72
C LEU A 275 -32.70 8.47 48.59
N GLY A 276 -33.55 8.17 47.61
CA GLY A 276 -33.76 9.06 46.50
C GLY A 276 -34.81 10.11 46.75
N SER A 277 -35.60 9.94 47.81
CA SER A 277 -36.63 10.91 48.11
C SER A 277 -36.03 12.28 48.42
N LEU A 278 -34.88 12.30 49.08
CA LEU A 278 -34.20 13.53 49.43
C LEU A 278 -33.25 13.94 48.30
N ASP A 279 -32.41 14.93 48.54
CA ASP A 279 -31.46 15.44 47.57
C ASP A 279 -30.10 15.58 48.22
N PRO A 280 -29.04 15.73 47.43
CA PRO A 280 -27.69 15.87 48.00
C PRO A 280 -27.49 17.20 48.71
N SER A 281 -28.29 17.46 49.74
CA SER A 281 -28.24 18.68 50.51
C SER A 281 -28.39 18.38 52.00
N MET A 282 -27.73 17.34 52.47
CA MET A 282 -27.80 16.94 53.87
C MET A 282 -26.54 16.15 54.21
N THR A 283 -26.49 15.63 55.44
CA THR A 283 -25.35 14.86 55.91
C THR A 283 -25.85 13.61 56.65
N ILE A 284 -26.86 12.95 56.09
CA ILE A 284 -27.44 11.74 56.68
C ILE A 284 -26.32 10.78 57.06
N HIS A 285 -26.52 10.02 58.14
CA HIS A 285 -25.51 9.07 58.59
C HIS A 285 -25.00 8.25 57.42
N CYS A 286 -23.71 8.37 57.16
CA CYS A 286 -23.10 7.64 56.05
C CYS A 286 -22.51 6.31 56.49
N ASP A 287 -21.68 6.31 57.53
CA ASP A 287 -21.05 5.08 58.03
C ASP A 287 -21.96 3.86 58.04
N MET A 288 -23.19 4.01 58.56
CA MET A 288 -24.12 2.89 58.61
C MET A 288 -24.46 2.38 57.21
N VAL A 289 -24.82 3.28 56.30
CA VAL A 289 -25.18 2.87 54.94
C VAL A 289 -23.99 2.24 54.24
N ILE A 290 -22.83 2.89 54.31
CA ILE A 290 -21.63 2.37 53.67
C ILE A 290 -21.33 0.97 54.17
N THR A 291 -21.48 0.74 55.49
CA THR A 291 -21.22 -0.58 56.03
C THR A 291 -22.26 -1.57 55.53
N TYR A 292 -23.52 -1.12 55.45
CA TYR A 292 -24.59 -1.99 54.99
C TYR A 292 -24.31 -2.46 53.56
N GLY A 293 -23.72 -1.59 52.75
CA GLY A 293 -23.41 -1.96 51.37
C GLY A 293 -22.19 -2.85 51.26
N LEU A 294 -21.09 -2.43 51.89
CA LEU A 294 -19.87 -3.22 51.83
C LEU A 294 -20.05 -4.60 52.46
N ASP A 295 -20.90 -4.73 53.49
CA ASP A 295 -21.11 -6.03 54.10
C ASP A 295 -21.63 -7.03 53.08
N GLN A 296 -22.48 -6.56 52.17
CA GLN A 296 -23.03 -7.42 51.15
C GLN A 296 -22.03 -7.65 50.03
N LEU A 297 -21.42 -6.56 49.54
CA LEU A 297 -20.44 -6.70 48.47
C LEU A 297 -19.31 -7.64 48.85
N GLU A 298 -18.95 -7.71 50.13
CA GLU A 298 -17.87 -8.59 50.56
C GLU A 298 -18.30 -10.05 50.61
N ASN A 299 -19.60 -10.33 50.63
CA ASN A 299 -20.10 -11.70 50.68
C ASN A 299 -21.29 -11.88 49.74
N CYS A 300 -21.19 -11.33 48.54
CA CYS A 300 -22.24 -11.42 47.52
C CYS A 300 -21.63 -11.77 46.17
N GLN A 301 -20.79 -12.79 46.14
CA GLN A 301 -20.13 -13.23 44.92
C GLN A 301 -20.87 -14.39 44.25
N THR A 302 -21.05 -15.50 44.96
CA THR A 302 -21.74 -16.67 44.42
C THR A 302 -23.24 -16.60 44.71
N CYS A 303 -23.85 -15.48 44.36
CA CYS A 303 -25.27 -15.22 44.55
C CYS A 303 -26.00 -15.32 43.21
N GLY A 304 -27.28 -14.97 43.23
CA GLY A 304 -28.08 -15.01 42.02
C GLY A 304 -27.98 -13.74 41.20
N THR A 305 -28.36 -13.86 39.92
CA THR A 305 -28.33 -12.74 39.00
C THR A 305 -29.36 -11.67 39.31
N ASP A 306 -30.14 -11.82 40.39
CA ASP A 306 -31.14 -10.84 40.76
C ASP A 306 -30.73 -9.97 41.94
N TYR A 307 -29.97 -10.54 42.87
CA TYR A 307 -29.52 -9.79 44.04
C TYR A 307 -28.33 -8.90 43.70
N ILE A 308 -27.48 -9.35 42.79
CA ILE A 308 -26.31 -8.57 42.41
C ILE A 308 -26.74 -7.24 41.79
N ILE A 309 -27.80 -7.27 40.99
CA ILE A 309 -28.27 -6.03 40.37
C ILE A 309 -28.64 -5.03 41.45
N SER A 310 -29.28 -5.50 42.52
CA SER A 310 -29.67 -4.62 43.61
C SER A 310 -28.44 -4.08 44.33
N VAL A 311 -27.48 -4.96 44.62
CA VAL A 311 -26.26 -4.53 45.31
C VAL A 311 -25.58 -3.42 44.53
N LEU A 312 -25.42 -3.61 43.23
CA LEU A 312 -24.77 -2.60 42.40
C LEU A 312 -25.60 -1.32 42.30
N ASN A 313 -26.92 -1.45 42.12
CA ASN A 313 -27.75 -0.26 42.03
C ASN A 313 -27.62 0.55 43.31
N LEU A 314 -27.49 -0.14 44.45
CA LEU A 314 -27.36 0.54 45.72
C LEU A 314 -26.01 1.25 45.79
N LEU A 315 -24.95 0.56 45.39
CA LEU A 315 -23.63 1.17 45.42
C LEU A 315 -23.60 2.40 44.54
N THR A 316 -24.45 2.43 43.51
CA THR A 316 -24.49 3.59 42.63
C THR A 316 -25.29 4.71 43.26
N LEU A 317 -26.45 4.40 43.82
CA LEU A 317 -27.27 5.42 44.45
C LEU A 317 -26.51 6.10 45.58
N ILE A 318 -25.73 5.32 46.33
CA ILE A 318 -24.95 5.88 47.44
C ILE A 318 -24.02 6.96 46.92
N VAL A 319 -23.14 6.61 45.98
CA VAL A 319 -22.20 7.58 45.42
C VAL A 319 -22.93 8.76 44.81
N GLU A 320 -24.11 8.52 44.22
CA GLU A 320 -24.85 9.63 43.61
C GLU A 320 -25.42 10.56 44.66
N GLN A 321 -25.76 10.04 45.84
CA GLN A 321 -26.32 10.86 46.91
C GLN A 321 -25.23 11.43 47.82
N ILE A 322 -24.27 10.61 48.21
CA ILE A 322 -23.18 11.07 49.09
C ILE A 322 -22.08 11.57 48.16
N ASN A 323 -22.21 12.84 47.77
CA ASN A 323 -21.26 13.50 46.88
C ASN A 323 -20.39 14.45 47.69
N THR A 324 -19.07 14.26 47.60
CA THR A 324 -18.04 15.05 48.29
C THR A 324 -17.90 14.65 49.75
N LYS A 325 -18.70 13.70 50.24
CA LYS A 325 -18.64 13.27 51.63
C LYS A 325 -18.17 11.82 51.76
N LEU A 326 -17.49 11.30 50.75
CA LEU A 326 -17.01 9.94 50.80
C LEU A 326 -15.51 9.91 51.05
N PRO A 327 -15.00 9.08 51.96
CA PRO A 327 -13.57 9.04 52.21
C PRO A 327 -12.84 8.10 51.28
N SER A 328 -11.56 8.42 51.04
CA SER A 328 -10.74 7.59 50.17
C SER A 328 -10.71 6.14 50.60
N SER A 329 -10.95 5.87 51.89
CA SER A 329 -10.95 4.49 52.37
C SER A 329 -11.98 3.64 51.64
N PHE A 330 -13.02 4.27 51.11
CA PHE A 330 -14.06 3.54 50.39
C PHE A 330 -13.55 3.05 49.05
N VAL A 331 -13.07 3.96 48.21
CA VAL A 331 -12.55 3.58 46.90
C VAL A 331 -11.35 2.65 47.06
N GLU A 332 -10.54 2.87 48.10
CA GLU A 332 -9.37 2.02 48.31
C GLU A 332 -9.77 0.55 48.35
N LYS A 333 -10.90 0.23 48.98
CA LYS A 333 -11.36 -1.15 49.09
C LYS A 333 -12.28 -1.52 47.94
N LEU A 334 -12.78 -0.54 47.20
CA LEU A 334 -13.67 -0.81 46.09
C LEU A 334 -12.92 -1.10 44.79
N PHE A 335 -11.70 -0.60 44.64
CA PHE A 335 -10.91 -0.82 43.43
C PHE A 335 -9.58 -1.53 43.65
N ILE A 336 -9.57 -2.62 44.41
CA ILE A 336 -8.33 -3.34 44.66
C ILE A 336 -8.53 -4.79 44.24
N PRO A 337 -7.44 -5.49 43.92
CA PRO A 337 -7.55 -6.90 43.50
C PRO A 337 -8.47 -7.73 44.36
N SER A 338 -8.50 -7.44 45.67
CA SER A 338 -9.35 -8.18 46.58
C SER A 338 -10.81 -7.76 46.50
N SER A 339 -11.11 -6.62 45.88
CA SER A 339 -12.48 -6.16 45.78
C SER A 339 -13.32 -7.20 45.04
N LYS A 340 -14.43 -7.60 45.65
CA LYS A 340 -15.29 -8.59 45.03
C LYS A 340 -16.01 -8.02 43.81
N LEU A 341 -15.88 -6.71 43.56
CA LEU A 341 -16.52 -6.10 42.40
C LEU A 341 -15.86 -6.54 41.12
N LEU A 342 -14.53 -6.44 41.07
CA LEU A 342 -13.80 -6.85 39.88
C LEU A 342 -14.12 -8.28 39.48
N PHE A 343 -14.51 -9.11 40.44
CA PHE A 343 -14.84 -10.50 40.17
C PHE A 343 -16.27 -10.65 39.66
N LEU A 344 -17.02 -9.56 39.56
CA LEU A 344 -18.39 -9.57 39.09
C LEU A 344 -18.51 -9.27 37.61
N ARG A 345 -17.72 -8.32 37.11
CA ARG A 345 -17.76 -7.97 35.70
C ARG A 345 -17.43 -9.15 34.79
N TYR A 346 -16.94 -10.26 35.34
CA TYR A 346 -16.60 -11.44 34.56
C TYR A 346 -17.80 -12.32 34.32
N HIS A 347 -19.01 -11.75 34.44
CA HIS A 347 -20.26 -12.47 34.25
C HIS A 347 -20.59 -12.57 32.76
N LYS A 348 -21.63 -13.34 32.47
CA LYS A 348 -22.09 -13.54 31.10
C LYS A 348 -23.26 -12.63 30.73
N GLU A 349 -24.18 -12.40 31.66
CA GLU A 349 -25.32 -11.54 31.39
C GLU A 349 -24.86 -10.12 31.11
N LYS A 350 -25.43 -9.52 30.05
CA LYS A 350 -25.08 -8.16 29.69
C LYS A 350 -25.67 -7.12 30.63
N GLU A 351 -26.54 -7.53 31.55
CA GLU A 351 -27.16 -6.60 32.49
C GLU A 351 -26.29 -6.36 33.72
N VAL A 352 -25.40 -7.29 34.03
CA VAL A 352 -24.52 -7.14 35.19
C VAL A 352 -23.36 -6.20 34.86
N VAL A 353 -22.72 -6.43 33.72
CA VAL A 353 -21.60 -5.58 33.31
C VAL A 353 -22.04 -4.14 33.19
N ALA A 354 -23.28 -3.90 32.77
CA ALA A 354 -23.76 -2.54 32.63
C ALA A 354 -23.71 -1.80 33.96
N VAL A 355 -24.28 -2.38 35.00
CA VAL A 355 -24.26 -1.74 36.32
C VAL A 355 -22.82 -1.66 36.84
N ALA A 356 -22.03 -2.69 36.57
CA ALA A 356 -20.65 -2.67 37.04
C ALA A 356 -19.94 -1.46 36.45
N HIS A 357 -20.27 -1.12 35.21
CA HIS A 357 -19.66 0.01 34.52
C HIS A 357 -20.26 1.31 35.06
N ALA A 358 -21.54 1.25 35.43
CA ALA A 358 -22.20 2.43 35.96
C ALA A 358 -21.52 2.87 37.24
N VAL A 359 -21.04 1.90 38.02
CA VAL A 359 -20.37 2.23 39.27
C VAL A 359 -19.13 3.07 38.95
N TYR A 360 -18.35 2.62 37.97
CA TYR A 360 -17.15 3.35 37.57
C TYR A 360 -17.51 4.75 37.10
N GLN A 361 -18.52 4.84 36.24
CA GLN A 361 -18.95 6.12 35.72
C GLN A 361 -19.37 7.07 36.84
N ALA A 362 -20.06 6.54 37.83
CA ALA A 362 -20.51 7.37 38.96
C ALA A 362 -19.32 7.86 39.77
N VAL A 363 -18.42 6.96 40.16
CA VAL A 363 -17.28 7.37 40.95
C VAL A 363 -16.38 8.32 40.17
N LEU A 364 -16.41 8.25 38.84
CA LEU A 364 -15.58 9.13 38.02
C LEU A 364 -16.28 10.43 37.67
N SER A 365 -17.58 10.54 37.91
CA SER A 365 -18.35 11.74 37.62
C SER A 365 -18.50 12.61 38.87
N LEU A 366 -17.53 12.55 39.77
CA LEU A 366 -17.54 13.32 41.00
C LEU A 366 -16.98 14.73 40.77
N LYS A 367 -16.98 15.52 41.85
CA LYS A 367 -16.49 16.88 41.82
C LYS A 367 -15.28 17.09 42.72
N ASN A 368 -14.97 16.15 43.60
CA ASN A 368 -13.83 16.25 44.51
C ASN A 368 -12.66 15.53 43.83
N ILE A 369 -11.65 16.30 43.45
CA ILE A 369 -10.47 15.75 42.78
C ILE A 369 -9.55 14.94 43.69
N PRO A 370 -9.39 15.28 44.97
CA PRO A 370 -8.50 14.46 45.81
C PRO A 370 -8.89 12.99 45.83
N VAL A 371 -10.17 12.69 46.10
CA VAL A 371 -10.65 11.31 46.13
C VAL A 371 -10.72 10.68 44.76
N LEU A 372 -10.49 11.46 43.70
CA LEU A 372 -10.53 10.97 42.34
C LEU A 372 -9.18 10.42 41.89
N GLU A 373 -8.10 11.14 42.19
CA GLU A 373 -6.77 10.71 41.79
C GLU A 373 -6.48 9.27 42.23
N THR A 374 -6.94 8.87 43.41
CA THR A 374 -6.69 7.51 43.87
C THR A 374 -7.34 6.48 42.95
N ALA A 375 -8.63 6.65 42.64
CA ALA A 375 -9.31 5.71 41.76
C ALA A 375 -8.65 5.68 40.39
N TYR A 376 -8.36 6.86 39.85
CA TYR A 376 -7.72 6.97 38.55
C TYR A 376 -6.42 6.18 38.51
N LYS A 377 -5.55 6.41 39.50
CA LYS A 377 -4.28 5.71 39.56
C LYS A 377 -4.48 4.21 39.71
N LEU A 378 -5.48 3.79 40.48
CA LEU A 378 -5.71 2.36 40.64
C LEU A 378 -6.10 1.73 39.32
N ILE A 379 -7.00 2.39 38.59
CA ILE A 379 -7.44 1.86 37.30
C ILE A 379 -6.25 1.76 36.35
N LEU A 380 -5.45 2.83 36.29
CA LEU A 380 -4.30 2.80 35.40
C LEU A 380 -3.32 1.71 35.82
N GLY A 381 -3.22 1.46 37.13
CA GLY A 381 -2.32 0.43 37.60
C GLY A 381 -2.76 -0.93 37.11
N GLU A 382 -4.07 -1.18 37.17
CA GLU A 382 -4.58 -2.46 36.70
C GLU A 382 -4.31 -2.61 35.21
N MET A 383 -4.55 -1.54 34.46
CA MET A 383 -4.33 -1.57 33.02
C MET A 383 -2.86 -1.87 32.72
N THR A 384 -1.95 -1.21 33.44
CA THR A 384 -0.53 -1.42 33.23
C THR A 384 -0.14 -2.85 33.55
N CYS A 385 -0.66 -3.39 34.65
CA CYS A 385 -0.33 -4.76 35.00
C CYS A 385 -0.77 -5.71 33.90
N ALA A 386 -1.96 -5.48 33.36
CA ALA A 386 -2.45 -6.34 32.28
C ALA A 386 -1.57 -6.23 31.05
N LEU A 387 -1.20 -5.00 30.69
CA LEU A 387 -0.35 -4.80 29.52
C LEU A 387 0.97 -5.53 29.68
N ASN A 388 1.60 -5.41 30.85
CA ASN A 388 2.87 -6.09 31.07
C ASN A 388 2.68 -7.60 31.03
N ASN A 389 1.55 -8.08 31.57
CA ASN A 389 1.31 -9.52 31.56
C ASN A 389 1.17 -10.00 30.12
N LEU A 390 0.66 -9.14 29.25
CA LEU A 390 0.50 -9.49 27.84
C LEU A 390 1.85 -9.52 27.15
N LEU A 391 2.65 -8.49 27.40
CA LEU A 391 3.98 -8.42 26.79
C LEU A 391 4.82 -9.63 27.16
N HIS A 392 4.94 -9.91 28.46
CA HIS A 392 5.72 -11.06 28.89
C HIS A 392 5.26 -12.33 28.19
N SER A 393 3.99 -12.40 27.82
CA SER A 393 3.47 -13.57 27.14
C SER A 393 4.16 -13.83 25.80
N LEU A 394 4.72 -12.79 25.17
CA LEU A 394 5.40 -12.94 23.89
C LEU A 394 6.90 -12.68 23.98
N GLN A 395 7.48 -12.82 25.18
CA GLN A 395 8.91 -12.62 25.43
C GLN A 395 9.38 -11.21 25.06
N LEU A 396 8.88 -10.24 25.82
CA LEU A 396 9.23 -8.84 25.63
C LEU A 396 9.33 -8.18 26.99
N PRO A 397 10.09 -7.09 27.10
CA PRO A 397 10.23 -6.40 28.39
C PRO A 397 8.97 -5.67 28.83
N GLU A 398 9.06 -4.99 29.97
CA GLU A 398 7.95 -4.23 30.52
C GLU A 398 7.98 -2.80 30.01
N ALA A 399 6.96 -2.04 30.37
CA ALA A 399 6.85 -0.65 29.96
C ALA A 399 5.79 0.03 30.82
N CYS A 400 5.59 1.33 30.59
CA CYS A 400 4.62 2.12 31.32
C CYS A 400 4.93 2.10 32.82
N SER A 401 6.21 2.28 33.15
CA SER A 401 6.65 2.28 34.54
C SER A 401 6.43 3.62 35.23
N GLU A 402 5.63 4.50 34.66
CA GLU A 402 5.35 5.81 35.24
C GLU A 402 3.92 5.93 35.73
N ILE A 403 3.10 4.89 35.58
CA ILE A 403 1.70 4.93 36.01
C ILE A 403 1.39 3.66 36.80
N LYS A 404 2.43 2.93 37.19
CA LYS A 404 2.24 1.71 37.95
C LYS A 404 1.68 2.03 39.33
N HIS A 405 1.34 0.98 40.08
CA HIS A 405 0.79 1.11 41.42
C HIS A 405 1.37 -0.01 42.26
N GLU A 406 1.53 0.25 43.56
CA GLU A 406 2.10 -0.75 44.46
C GLU A 406 1.16 -1.92 44.70
N ALA A 407 -0.15 -1.69 44.69
CA ALA A 407 -1.10 -2.78 44.95
C ALA A 407 -0.95 -3.91 43.95
N PHE A 408 -0.32 -3.65 42.80
CA PHE A 408 -0.11 -4.66 41.77
C PHE A 408 1.37 -4.99 41.61
N LYS A 409 2.10 -5.02 42.72
CA LYS A 409 3.53 -5.33 42.69
C LYS A 409 3.82 -6.62 41.94
N ASN A 410 2.94 -7.60 42.02
CA ASN A 410 3.14 -8.87 41.32
C ASN A 410 1.82 -9.59 41.21
N HIS A 411 1.39 -9.86 39.99
CA HIS A 411 0.13 -10.55 39.73
C HIS A 411 0.31 -11.46 38.52
N VAL A 412 -0.64 -12.37 38.37
CA VAL A 412 -0.62 -13.33 37.26
C VAL A 412 -2.01 -13.40 36.66
N PHE A 413 -2.23 -12.68 35.58
CA PHE A 413 -3.50 -12.64 34.88
C PHE A 413 -3.35 -13.34 33.53
N ASN A 414 -4.33 -14.13 33.17
CA ASN A 414 -4.28 -14.83 31.89
C ASN A 414 -4.36 -13.82 30.75
N VAL A 415 -4.17 -14.31 29.53
CA VAL A 415 -4.23 -13.44 28.37
C VAL A 415 -5.67 -13.02 28.08
N ASP A 416 -6.58 -14.00 28.05
CA ASP A 416 -7.98 -13.70 27.80
C ASP A 416 -8.56 -12.73 28.82
N ASN A 417 -7.97 -12.68 30.02
CA ASN A 417 -8.47 -11.78 31.04
C ASN A 417 -7.94 -10.36 30.85
N ALA A 418 -6.65 -10.23 30.54
CA ALA A 418 -6.07 -8.92 30.33
C ALA A 418 -6.68 -8.26 29.11
N LYS A 419 -6.88 -9.04 28.04
CA LYS A 419 -7.46 -8.51 26.81
C LYS A 419 -8.81 -7.87 27.07
N PHE A 420 -9.47 -8.30 28.15
CA PHE A 420 -10.77 -7.82 28.59
C PHE A 420 -10.67 -6.64 29.53
N VAL A 421 -9.77 -6.74 30.52
CA VAL A 421 -9.57 -5.68 31.50
C VAL A 421 -9.15 -4.37 30.85
N VAL A 422 -8.24 -4.42 29.88
CA VAL A 422 -7.81 -3.18 29.24
C VAL A 422 -8.98 -2.47 28.58
N ILE A 423 -9.74 -3.18 27.76
CA ILE A 423 -10.88 -2.59 27.08
C ILE A 423 -11.89 -2.06 28.08
N PHE A 424 -12.13 -2.81 29.17
CA PHE A 424 -13.08 -2.35 30.17
C PHE A 424 -12.64 -1.03 30.79
N ASP A 425 -11.36 -0.94 31.16
CA ASP A 425 -10.86 0.29 31.76
C ASP A 425 -10.98 1.45 30.79
N LEU A 426 -10.69 1.21 29.51
CA LEU A 426 -10.80 2.30 28.53
C LEU A 426 -12.24 2.77 28.42
N SER A 427 -13.17 1.82 28.30
CA SER A 427 -14.58 2.16 28.20
C SER A 427 -14.98 3.00 29.41
N ALA A 428 -14.41 2.69 30.57
CA ALA A 428 -14.73 3.45 31.77
C ALA A 428 -14.20 4.87 31.65
N LEU A 429 -12.92 5.00 31.29
CA LEU A 429 -12.32 6.32 31.16
C LEU A 429 -13.12 7.19 30.21
N THR A 430 -13.84 6.57 29.27
CA THR A 430 -14.64 7.35 28.34
C THR A 430 -15.56 8.32 29.06
N THR A 431 -15.84 8.08 30.34
CA THR A 431 -16.71 8.97 31.10
C THR A 431 -16.17 10.39 31.09
N ILE A 432 -14.94 10.57 31.57
CA ILE A 432 -14.35 11.90 31.57
C ILE A 432 -13.87 12.25 30.17
N GLY A 433 -13.56 11.23 29.36
CA GLY A 433 -13.11 11.52 28.00
C GLY A 433 -14.17 12.22 27.17
N ASN A 434 -15.44 11.86 27.39
CA ASN A 434 -16.56 12.42 26.66
C ASN A 434 -17.36 13.42 27.51
N ALA A 435 -16.68 14.19 28.36
CA ALA A 435 -17.34 15.16 29.22
C ALA A 435 -17.22 16.56 28.65
N LYS A 436 -18.16 17.42 29.03
CA LYS A 436 -18.21 18.81 28.59
C LYS A 436 -17.61 19.77 29.63
N ASN A 437 -16.62 19.30 30.38
CA ASN A 437 -15.97 20.13 31.39
C ASN A 437 -16.94 20.49 32.52
N TRP A 443 -11.39 19.23 35.33
CA TRP A 443 -10.61 18.04 35.67
C TRP A 443 -9.20 18.12 35.10
N ALA A 444 -8.21 18.25 35.98
CA ALA A 444 -6.81 18.34 35.59
C ALA A 444 -6.00 17.28 36.36
N LEU A 445 -5.97 16.07 35.82
CA LEU A 445 -5.24 14.98 36.45
C LEU A 445 -3.78 15.03 36.01
N SER A 446 -2.95 14.17 36.60
CA SER A 446 -1.55 14.18 36.20
C SER A 446 -1.42 13.74 34.76
N PRO A 447 -1.63 12.47 34.41
CA PRO A 447 -1.52 12.09 33.00
C PRO A 447 -2.86 12.37 32.34
N THR A 448 -2.96 13.41 31.53
CA THR A 448 -4.22 13.71 30.87
C THR A 448 -4.62 12.60 29.93
N VAL A 449 -5.92 12.39 29.79
CA VAL A 449 -6.46 11.36 28.91
C VAL A 449 -5.79 11.49 27.56
N PHE A 450 -5.72 12.72 27.06
CA PHE A 450 -5.08 12.96 25.78
C PHE A 450 -3.64 12.47 25.77
N ALA A 451 -2.85 12.90 26.75
CA ALA A 451 -1.46 12.48 26.85
C ALA A 451 -1.33 11.00 27.19
N LEU A 452 -2.34 10.43 27.86
CA LEU A 452 -2.28 9.03 28.21
C LEU A 452 -2.44 8.15 26.99
N LEU A 453 -3.41 8.47 26.15
CA LEU A 453 -3.68 7.72 24.94
C LEU A 453 -2.78 8.10 23.77
N SER A 454 -2.06 9.23 23.85
CA SER A 454 -1.18 9.65 22.77
C SER A 454 0.31 9.55 23.06
N LYS A 455 0.72 9.50 24.32
CA LYS A 455 2.15 9.41 24.64
C LYS A 455 2.51 8.22 25.51
N ASN A 456 1.68 7.87 26.50
CA ASN A 456 1.99 6.74 27.36
C ASN A 456 1.69 5.41 26.69
N LEU A 457 0.46 5.23 26.22
CA LEU A 457 0.09 3.99 25.56
C LEU A 457 0.49 3.98 24.09
N MET A 458 1.76 4.29 23.83
CA MET A 458 2.30 4.33 22.48
C MET A 458 3.14 3.09 22.18
N ILE A 459 2.85 2.00 22.88
CA ILE A 459 3.58 0.76 22.70
C ILE A 459 2.68 -0.34 22.11
N VAL A 460 1.38 -0.13 22.07
CA VAL A 460 0.45 -1.11 21.53
C VAL A 460 0.51 -1.14 20.01
N HIS A 461 1.32 -0.25 19.42
CA HIS A 461 1.47 -0.18 17.98
C HIS A 461 2.71 -0.90 17.45
N SER A 462 3.64 -1.29 18.32
CA SER A 462 4.84 -1.97 17.85
C SER A 462 4.60 -3.46 17.59
N ASP A 463 4.28 -4.22 18.64
CA ASP A 463 4.04 -5.65 18.50
C ASP A 463 2.66 -6.08 18.97
N LEU A 464 2.09 -5.44 19.98
CA LEU A 464 0.77 -5.82 20.46
C LEU A 464 -0.27 -5.68 19.36
N ALA A 465 -0.02 -4.79 18.39
CA ALA A 465 -0.94 -4.58 17.30
C ALA A 465 -1.05 -5.77 16.35
N VAL A 466 -0.09 -6.69 16.40
CA VAL A 466 -0.13 -7.85 15.51
C VAL A 466 -0.85 -9.01 16.18
N HIS A 467 -0.77 -9.11 17.50
CA HIS A 467 -1.41 -10.18 18.25
C HIS A 467 -2.64 -9.72 19.01
N PHE A 468 -2.75 -8.42 19.30
CA PHE A 468 -3.88 -7.87 20.03
C PHE A 468 -4.23 -6.53 19.41
N PRO A 469 -4.95 -6.53 18.28
CA PRO A 469 -5.32 -5.26 17.63
C PRO A 469 -6.53 -4.59 18.23
N ALA A 470 -7.39 -5.33 18.94
CA ALA A 470 -8.57 -4.71 19.53
C ALA A 470 -8.18 -3.60 20.49
N ILE A 471 -7.04 -3.76 21.16
CA ILE A 471 -6.58 -2.73 22.10
C ILE A 471 -6.27 -1.45 21.34
N GLN A 472 -5.54 -1.59 20.24
CA GLN A 472 -5.17 -0.44 19.42
C GLN A 472 -6.43 0.26 18.91
N TYR A 473 -7.38 -0.54 18.42
CA TYR A 473 -8.63 0.03 17.91
C TYR A 473 -9.37 0.78 18.99
N ALA A 474 -9.48 0.21 20.18
CA ALA A 474 -10.17 0.86 21.27
C ALA A 474 -9.50 2.16 21.67
N VAL A 475 -8.16 2.14 21.78
CA VAL A 475 -7.43 3.34 22.15
C VAL A 475 -7.70 4.46 21.15
N LEU A 476 -7.49 4.16 19.87
CA LEU A 476 -7.72 5.17 18.84
C LEU A 476 -9.18 5.62 18.80
N TYR A 477 -10.12 4.70 19.04
CA TYR A 477 -11.52 5.06 19.01
C TYR A 477 -11.87 6.05 20.12
N THR A 478 -11.51 5.71 21.36
CA THR A 478 -11.82 6.63 22.45
C THR A 478 -11.10 7.95 22.27
N LEU A 479 -9.90 7.94 21.70
CA LEU A 479 -9.18 9.19 21.49
C LEU A 479 -9.92 10.05 20.46
N TYR A 480 -10.30 9.43 19.35
CA TYR A 480 -11.02 10.13 18.30
C TYR A 480 -12.32 10.70 18.86
N SER A 481 -12.97 9.96 19.75
CA SER A 481 -14.21 10.44 20.33
C SER A 481 -13.97 11.62 21.25
N HIS A 482 -12.84 11.63 21.95
CA HIS A 482 -12.54 12.74 22.85
C HIS A 482 -12.11 13.98 22.09
N CYS A 483 -11.53 13.81 20.90
CA CYS A 483 -11.08 14.95 20.10
C CYS A 483 -12.18 15.55 19.23
N THR A 484 -12.99 14.72 18.56
CA THR A 484 -14.05 15.24 17.70
C THR A 484 -15.02 16.15 18.45
N ARG A 485 -15.06 16.10 19.78
CA ARG A 485 -15.96 16.93 20.55
C ARG A 485 -15.48 18.37 20.67
N HIS A 486 -14.18 18.61 20.50
CA HIS A 486 -13.61 19.95 20.58
C HIS A 486 -13.05 20.42 19.24
N ASP A 487 -13.67 20.01 18.14
CA ASP A 487 -13.23 20.39 16.81
C ASP A 487 -11.74 20.11 16.63
N HIS A 488 -11.29 19.03 17.26
CA HIS A 488 -9.90 18.57 17.21
C HIS A 488 -8.91 19.60 17.79
N PHE A 489 -9.38 20.54 18.62
CA PHE A 489 -8.54 21.56 19.24
C PHE A 489 -7.82 22.43 18.21
N ILE A 490 -8.63 23.20 17.47
CA ILE A 490 -8.10 24.09 16.44
C ILE A 490 -7.88 25.47 17.06
N SER A 491 -8.94 26.03 17.63
CA SER A 491 -8.89 27.34 18.26
C SER A 491 -7.61 27.57 19.05
N SER A 492 -7.29 26.63 19.95
CA SER A 492 -6.08 26.76 20.77
C SER A 492 -4.82 26.91 19.92
N SER A 493 -4.88 26.57 18.63
CA SER A 493 -3.72 26.68 17.75
C SER A 493 -3.82 27.94 16.90
N THR A 509 -6.63 29.77 30.18
CA THR A 509 -6.61 28.63 31.09
C THR A 509 -6.45 27.32 30.32
N VAL A 510 -7.57 26.75 29.90
CA VAL A 510 -7.54 25.49 29.16
C VAL A 510 -6.81 25.68 27.84
N THR A 511 -7.04 26.81 27.17
CA THR A 511 -6.39 27.09 25.90
C THR A 511 -4.88 26.95 26.00
N THR A 512 -4.29 27.52 27.04
CA THR A 512 -2.84 27.43 27.21
C THR A 512 -2.39 25.98 27.34
N ALA A 513 -3.28 25.11 27.81
CA ALA A 513 -2.93 23.70 27.97
C ALA A 513 -3.01 22.94 26.65
N THR A 514 -4.00 23.29 25.82
CA THR A 514 -4.20 22.65 24.52
C THR A 514 -3.58 23.45 23.39
N LYS A 515 -2.45 24.11 23.63
CA LYS A 515 -1.79 24.90 22.59
C LYS A 515 -0.96 24.06 21.63
N LYS A 516 -0.76 22.77 21.91
CA LYS A 516 0.02 21.90 21.04
C LYS A 516 -0.62 20.53 20.87
N HIS A 517 -1.95 20.50 20.73
CA HIS A 517 -2.64 19.23 20.57
C HIS A 517 -2.81 18.85 19.10
N PHE A 518 -3.12 19.82 18.25
CA PHE A 518 -3.30 19.57 16.82
C PHE A 518 -2.08 18.91 16.21
N SER A 519 -0.92 19.56 16.33
CA SER A 519 0.32 19.02 15.77
C SER A 519 0.49 17.55 16.13
N ILE A 520 0.15 17.20 17.37
CA ILE A 520 0.29 15.81 17.80
C ILE A 520 -0.65 14.92 17.01
N ILE A 521 -1.88 15.38 16.79
CA ILE A 521 -2.85 14.60 16.03
C ILE A 521 -2.32 14.31 14.64
N LEU A 522 -1.85 15.37 13.97
CA LEU A 522 -1.33 15.22 12.61
C LEU A 522 -0.13 14.27 12.58
N ASN A 523 0.82 14.47 13.49
CA ASN A 523 2.01 13.62 13.52
C ASN A 523 1.63 12.17 13.78
N LEU A 524 0.66 11.94 14.66
CA LEU A 524 0.23 10.58 14.98
C LEU A 524 -0.39 9.91 13.75
N LEU A 525 -1.32 10.61 13.10
CA LEU A 525 -1.95 10.05 11.91
C LEU A 525 -0.92 9.75 10.85
N GLY A 526 0.01 10.68 10.62
CA GLY A 526 1.02 10.47 9.60
C GLY A 526 1.94 9.30 9.90
N ILE A 527 2.30 9.12 11.18
CA ILE A 527 3.18 8.01 11.54
C ILE A 527 2.47 6.68 11.39
N LEU A 528 1.21 6.61 11.80
CA LEU A 528 0.47 5.35 11.69
C LEU A 528 0.08 5.01 10.26
N LEU A 529 -0.17 6.00 9.42
CA LEU A 529 -0.55 5.71 8.04
C LEU A 529 0.61 5.23 7.18
N LYS A 530 1.81 5.80 7.35
CA LYS A 530 2.95 5.38 6.55
C LYS A 530 3.30 3.91 6.80
N LYS A 531 2.78 3.31 7.86
CA LYS A 531 3.09 1.92 8.14
C LYS A 531 2.52 1.00 7.08
N ASP A 532 2.97 -0.26 7.12
CA ASP A 532 2.54 -1.28 6.18
C ASP A 532 2.00 -2.53 6.89
N ASN A 533 1.84 -2.47 8.21
CA ASN A 533 1.33 -3.58 9.00
C ASN A 533 0.03 -3.25 9.71
N LEU A 534 -0.78 -2.36 9.14
CA LEU A 534 -2.04 -1.99 9.76
C LEU A 534 -3.13 -3.00 9.44
N ASN A 535 -4.22 -2.88 10.18
CA ASN A 535 -5.39 -3.74 10.03
C ASN A 535 -6.42 -3.05 9.15
N GLN A 536 -7.34 -3.86 8.61
CA GLN A 536 -8.39 -3.35 7.75
C GLN A 536 -9.40 -2.48 8.48
N ASP A 537 -9.36 -2.45 9.81
CA ASP A 537 -10.29 -1.65 10.60
C ASP A 537 -9.64 -0.35 11.07
N THR A 538 -8.44 -0.45 11.63
CA THR A 538 -7.73 0.73 12.10
C THR A 538 -7.46 1.67 10.94
N ARG A 539 -7.11 1.12 9.78
CA ARG A 539 -6.84 1.96 8.62
C ARG A 539 -8.08 2.75 8.23
N LYS A 540 -9.24 2.09 8.24
CA LYS A 540 -10.49 2.74 7.89
C LYS A 540 -10.78 3.88 8.87
N LEU A 541 -10.61 3.60 10.15
CA LEU A 541 -10.85 4.63 11.17
C LEU A 541 -9.92 5.81 10.99
N LEU A 542 -8.64 5.54 10.75
CA LEU A 542 -7.68 6.63 10.56
C LEU A 542 -8.01 7.46 9.33
N MET A 543 -8.43 6.80 8.24
CA MET A 543 -8.77 7.54 7.04
C MET A 543 -9.98 8.43 7.29
N THR A 544 -10.98 7.92 8.00
CA THR A 544 -12.15 8.75 8.28
C THR A 544 -11.72 9.95 9.09
N TRP A 545 -10.85 9.73 10.08
CA TRP A 545 -10.36 10.80 10.92
C TRP A 545 -9.64 11.86 10.08
N ALA A 546 -8.80 11.41 9.16
CA ALA A 546 -8.05 12.32 8.30
C ALA A 546 -9.00 13.12 7.42
N LEU A 547 -10.01 12.47 6.86
CA LEU A 547 -10.96 13.18 6.01
C LEU A 547 -11.67 14.26 6.80
N GLU A 548 -12.08 13.94 8.03
CA GLU A 548 -12.76 14.92 8.85
C GLU A 548 -11.86 16.12 9.09
N ALA A 549 -10.61 15.88 9.49
CA ALA A 549 -9.69 16.98 9.73
C ALA A 549 -9.47 17.81 8.47
N ALA A 550 -9.30 17.14 7.33
CA ALA A 550 -9.09 17.84 6.07
C ALA A 550 -10.24 18.79 5.78
N VAL A 551 -11.47 18.27 5.82
CA VAL A 551 -12.61 19.13 5.54
C VAL A 551 -12.70 20.24 6.59
N LEU A 552 -12.19 19.99 7.78
CA LEU A 552 -12.25 21.00 8.83
C LEU A 552 -11.29 22.15 8.53
N MET A 553 -10.13 21.86 7.95
CA MET A 553 -9.18 22.93 7.64
C MET A 553 -9.76 23.96 6.69
N ARG A 554 -10.55 23.53 5.72
CA ARG A 554 -11.15 24.43 4.75
C ARG A 554 -12.44 25.07 5.25
N LYS A 555 -12.77 24.93 6.54
CA LYS A 555 -13.99 25.51 7.08
C LYS A 555 -13.88 27.02 7.26
N SER A 556 -12.67 27.56 7.42
CA SER A 556 -12.50 28.99 7.61
C SER A 556 -11.13 29.41 7.12
N GLU A 557 -11.03 30.67 6.71
CA GLU A 557 -9.79 31.23 6.21
C GLU A 557 -8.80 31.56 7.32
N THR A 558 -9.20 31.36 8.59
CA THR A 558 -8.32 31.64 9.71
C THR A 558 -7.34 30.51 9.98
N TYR A 559 -7.58 29.32 9.41
CA TYR A 559 -6.73 28.16 9.59
C TYR A 559 -5.75 27.98 8.43
N ALA A 560 -5.31 29.09 7.85
CA ALA A 560 -4.36 29.10 6.73
C ALA A 560 -2.93 28.81 7.17
N PRO A 561 -2.39 29.53 8.16
CA PRO A 561 -1.01 29.26 8.59
C PRO A 561 -0.75 27.83 9.03
N LEU A 562 -1.77 27.00 9.21
CA LEU A 562 -1.59 25.63 9.63
C LEU A 562 -1.14 24.72 8.50
N PHE A 563 -0.79 25.27 7.34
CA PHE A 563 -0.36 24.49 6.19
C PHE A 563 1.16 24.45 6.05
N SER A 564 1.90 25.05 7.00
CA SER A 564 3.35 25.08 6.96
C SER A 564 4.01 24.06 7.88
N LEU A 565 3.62 24.04 9.16
CA LEU A 565 4.18 23.11 10.14
C LEU A 565 4.38 21.71 9.57
N PRO A 566 5.52 21.08 9.85
CA PRO A 566 5.77 19.72 9.31
C PRO A 566 4.67 18.71 9.57
N SER A 567 3.89 18.88 10.63
CA SER A 567 2.82 17.93 10.90
C SER A 567 1.97 17.75 9.64
N PHE A 568 1.69 18.88 8.96
CA PHE A 568 0.90 18.84 7.75
C PHE A 568 1.62 18.04 6.66
N HIS A 569 2.94 18.17 6.59
CA HIS A 569 3.70 17.44 5.59
C HIS A 569 3.58 15.95 5.81
N LYS A 570 3.80 15.50 7.05
CA LYS A 570 3.71 14.07 7.34
C LYS A 570 2.29 13.59 7.09
N PHE A 571 1.31 14.42 7.40
CA PHE A 571 -0.09 14.07 7.18
C PHE A 571 -0.36 13.81 5.70
N CYS A 572 0.06 14.76 4.86
CA CYS A 572 -0.15 14.60 3.43
C CYS A 572 0.60 13.39 2.91
N LYS A 573 1.80 13.14 3.45
CA LYS A 573 2.56 11.98 3.00
C LYS A 573 1.81 10.71 3.34
N GLY A 574 1.19 10.67 4.52
CA GLY A 574 0.44 9.50 4.91
C GLY A 574 -0.74 9.29 3.98
N LEU A 575 -1.36 10.39 3.56
CA LEU A 575 -2.51 10.28 2.66
C LEU A 575 -2.04 9.73 1.31
N LEU A 576 -0.93 10.26 0.81
CA LEU A 576 -0.39 9.82 -0.48
C LEU A 576 0.05 8.36 -0.42
N ALA A 577 0.40 7.88 0.77
CA ALA A 577 0.84 6.50 0.90
C ALA A 577 -0.35 5.54 1.05
N ASN A 578 -1.40 5.99 1.73
CA ASN A 578 -2.57 5.14 1.91
C ASN A 578 -3.31 4.86 0.62
N THR A 579 -3.03 5.57 -0.46
CA THR A 579 -3.70 5.35 -1.72
C THR A 579 -2.90 4.34 -2.54
N LEU A 580 -3.52 3.83 -3.60
CA LEU A 580 -2.87 2.85 -4.47
C LEU A 580 -2.62 1.56 -3.70
N VAL A 581 -3.67 1.06 -3.05
CA VAL A 581 -3.61 -0.16 -2.27
C VAL A 581 -4.70 -1.10 -2.76
N GLU A 582 -4.73 -2.29 -2.17
CA GLU A 582 -5.71 -3.30 -2.54
C GLU A 582 -7.14 -2.83 -2.25
N ASP A 583 -7.30 -2.02 -1.21
CA ASP A 583 -8.62 -1.51 -0.85
C ASP A 583 -9.04 -0.38 -1.79
N VAL A 584 -10.31 -0.37 -2.17
CA VAL A 584 -10.87 0.64 -3.05
C VAL A 584 -11.39 1.84 -2.28
N ASN A 585 -12.21 1.59 -1.25
CA ASN A 585 -12.76 2.70 -0.46
C ASN A 585 -11.65 3.51 0.18
N ILE A 586 -10.53 2.87 0.52
CA ILE A 586 -9.43 3.61 1.13
C ILE A 586 -8.86 4.60 0.13
N CYS A 587 -8.65 4.14 -1.10
CA CYS A 587 -8.11 5.01 -2.14
C CYS A 587 -9.08 6.15 -2.42
N LEU A 588 -10.38 5.86 -2.43
CA LEU A 588 -11.35 6.91 -2.68
C LEU A 588 -11.35 7.93 -1.55
N GLN A 589 -11.17 7.46 -0.31
CA GLN A 589 -11.14 8.38 0.82
C GLN A 589 -9.94 9.30 0.71
N ALA A 590 -8.78 8.73 0.34
CA ALA A 590 -7.58 9.53 0.20
C ALA A 590 -7.76 10.55 -0.91
N CYS A 591 -8.37 10.13 -2.02
CA CYS A 591 -8.59 11.05 -3.13
C CYS A 591 -9.49 12.19 -2.70
N SER A 592 -10.56 11.86 -1.99
CA SER A 592 -11.48 12.90 -1.53
C SER A 592 -10.77 13.89 -0.64
N SER A 593 -9.94 13.40 0.27
CA SER A 593 -9.22 14.29 1.18
C SER A 593 -8.28 15.21 0.40
N LEU A 594 -7.41 14.63 -0.43
CA LEU A 594 -6.47 15.42 -1.21
C LEU A 594 -7.21 16.43 -2.06
N HIS A 595 -8.25 15.99 -2.77
CA HIS A 595 -9.01 16.90 -3.61
C HIS A 595 -9.57 18.04 -2.77
N ALA A 596 -10.05 17.74 -1.57
CA ALA A 596 -10.58 18.77 -0.71
C ALA A 596 -9.52 19.83 -0.47
N LEU A 597 -8.42 19.43 0.14
CA LEU A 597 -7.34 20.39 0.40
C LEU A 597 -6.29 20.32 -0.70
N SER A 598 -6.74 20.36 -1.96
CA SER A 598 -5.80 20.31 -3.07
C SER A 598 -4.93 21.55 -3.07
N SER A 599 -5.55 22.73 -3.01
CA SER A 599 -4.80 23.96 -3.00
C SER A 599 -4.05 24.04 -1.68
N SER A 600 -3.25 25.09 -1.52
CA SER A 600 -2.45 25.32 -0.32
C SER A 600 -1.32 24.31 -0.19
N LEU A 601 -1.22 23.31 -1.10
CA LEU A 601 -0.20 22.29 -1.08
C LEU A 601 1.02 22.77 -1.87
N PRO A 602 2.22 22.37 -1.48
CA PRO A 602 3.41 22.81 -2.21
C PRO A 602 3.62 22.00 -3.48
N ASP A 603 4.38 22.59 -4.40
CA ASP A 603 4.66 21.94 -5.68
C ASP A 603 5.33 20.59 -5.49
N ASP A 604 5.96 20.34 -4.34
CA ASP A 604 6.62 19.06 -4.12
C ASP A 604 5.63 17.94 -3.87
N LEU A 605 4.40 18.26 -3.45
CA LEU A 605 3.38 17.26 -3.19
C LEU A 605 2.43 17.05 -4.36
N LEU A 606 2.12 18.09 -5.13
CA LEU A 606 1.23 17.93 -6.26
C LEU A 606 1.87 17.08 -7.34
N GLN A 607 3.17 17.29 -7.57
CA GLN A 607 3.88 16.51 -8.57
C GLN A 607 3.80 15.03 -8.26
N ARG A 608 3.84 14.69 -6.97
CA ARG A 608 3.76 13.29 -6.56
C ARG A 608 2.35 12.75 -6.73
N CYS A 609 1.36 13.63 -6.90
CA CYS A 609 -0.02 13.24 -7.08
C CYS A 609 -0.34 13.03 -8.55
N VAL A 610 0.34 13.76 -9.42
CA VAL A 610 0.11 13.62 -10.86
C VAL A 610 0.38 12.19 -11.28
N ASP A 611 1.49 11.61 -10.82
CA ASP A 611 1.82 10.24 -11.18
C ASP A 611 0.77 9.26 -10.67
N VAL A 612 0.31 9.45 -9.44
CA VAL A 612 -0.70 8.57 -8.87
C VAL A 612 -1.95 8.61 -9.74
N CYS A 613 -2.41 9.81 -10.07
CA CYS A 613 -3.61 9.92 -10.89
C CYS A 613 -3.39 9.26 -12.25
N ARG A 614 -2.23 9.52 -12.87
CA ARG A 614 -1.96 8.91 -14.18
C ARG A 614 -2.02 7.40 -14.10
N VAL A 615 -1.54 6.82 -13.02
CA VAL A 615 -1.57 5.37 -12.88
C VAL A 615 -2.99 4.88 -12.67
N GLN A 616 -3.79 5.61 -11.91
CA GLN A 616 -5.16 5.18 -11.67
C GLN A 616 -6.08 5.47 -12.85
N LEU A 617 -5.75 6.42 -13.73
CA LEU A 617 -6.63 6.69 -14.85
C LEU A 617 -6.88 5.42 -15.65
N VAL A 618 -6.00 4.44 -15.54
CA VAL A 618 -6.11 3.16 -16.23
C VAL A 618 -6.25 2.13 -15.12
N HIS A 619 -7.49 1.85 -14.75
CA HIS A 619 -7.82 0.90 -13.71
C HIS A 619 -8.98 0.05 -14.18
N SER A 620 -9.09 -1.16 -13.62
CA SER A 620 -10.16 -2.08 -13.99
C SER A 620 -11.51 -1.72 -13.36
N GLY A 621 -11.64 -0.54 -12.77
CA GLY A 621 -12.86 -0.10 -12.16
C GLY A 621 -13.48 1.09 -12.86
N THR A 622 -14.44 1.70 -12.18
CA THR A 622 -15.15 2.86 -12.69
C THR A 622 -15.14 4.01 -11.71
N ARG A 623 -15.24 3.73 -10.41
CA ARG A 623 -15.25 4.79 -9.40
C ARG A 623 -13.86 5.37 -9.21
N ILE A 624 -12.82 4.56 -9.42
CA ILE A 624 -11.46 5.04 -9.26
C ILE A 624 -11.10 5.99 -10.39
N ARG A 625 -11.35 5.56 -11.62
CA ARG A 625 -11.05 6.38 -12.78
C ARG A 625 -11.74 7.73 -12.74
N GLN A 626 -13.02 7.73 -12.36
CA GLN A 626 -13.78 8.98 -12.29
C GLN A 626 -13.35 9.85 -11.11
N ALA A 627 -12.87 9.26 -10.03
CA ALA A 627 -12.45 10.05 -8.87
C ALA A 627 -11.14 10.77 -9.12
N PHE A 628 -10.10 10.02 -9.48
CA PHE A 628 -8.80 10.63 -9.73
C PHE A 628 -8.84 11.62 -10.89
N GLY A 629 -9.76 11.44 -11.84
CA GLY A 629 -9.84 12.36 -12.95
C GLY A 629 -10.11 13.77 -12.48
N LYS A 630 -11.04 13.91 -11.52
CA LYS A 630 -11.37 15.22 -10.98
C LYS A 630 -10.17 15.82 -10.29
N LEU A 631 -9.48 15.02 -9.47
CA LEU A 631 -8.31 15.53 -8.77
C LEU A 631 -7.29 16.05 -9.77
N LEU A 632 -7.10 15.33 -10.88
CA LEU A 632 -6.15 15.78 -11.89
C LEU A 632 -6.60 17.10 -12.47
N LYS A 633 -7.88 17.19 -12.84
CA LYS A 633 -8.39 18.43 -13.40
C LYS A 633 -8.28 19.59 -12.42
N SER A 634 -8.12 19.30 -11.13
CA SER A 634 -8.00 20.33 -10.12
C SER A 634 -6.57 20.83 -9.94
N ILE A 635 -5.63 20.31 -10.69
CA ILE A 635 -4.23 20.71 -10.61
C ILE A 635 -3.90 21.63 -11.78
N PRO A 636 -3.20 22.74 -11.56
CA PRO A 636 -2.88 23.64 -12.67
C PRO A 636 -2.06 22.97 -13.75
N LEU A 637 -1.87 23.70 -14.85
CA LEU A 637 -1.11 23.19 -15.98
C LEU A 637 0.40 23.31 -15.76
N ASP A 638 0.84 24.30 -14.99
CA ASP A 638 2.27 24.47 -14.74
C ASP A 638 2.91 23.25 -14.07
N VAL A 639 2.10 22.35 -13.53
CA VAL A 639 2.59 21.16 -12.87
C VAL A 639 2.36 19.91 -13.71
N VAL A 640 1.21 19.80 -14.36
CA VAL A 640 0.93 18.63 -15.18
C VAL A 640 1.76 18.59 -16.45
N LEU A 641 2.25 19.73 -16.92
CA LEU A 641 3.05 19.79 -18.14
C LEU A 641 4.54 19.99 -17.88
N SER A 642 4.99 20.02 -16.64
CA SER A 642 6.39 20.20 -16.36
C SER A 642 7.19 19.01 -16.88
N ASN A 643 8.51 19.09 -16.77
CA ASN A 643 9.40 18.04 -17.25
C ASN A 643 9.92 17.15 -16.12
N ASN A 644 9.22 17.14 -14.98
CA ASN A 644 9.59 16.31 -13.80
C ASN A 644 9.34 14.84 -14.14
N LYS A 645 10.14 13.92 -13.57
CA LYS A 645 10.06 12.47 -13.85
C LYS A 645 9.14 11.77 -12.84
N HIS A 646 8.12 11.01 -13.31
CA HIS A 646 7.19 10.25 -12.45
C HIS A 646 7.82 8.90 -12.01
N THR A 647 7.63 8.48 -10.75
CA THR A 647 8.17 7.25 -10.15
C THR A 647 7.29 6.03 -10.43
N GLU A 648 5.99 6.13 -10.18
CA GLU A 648 5.10 5.00 -10.40
C GLU A 648 5.26 4.42 -11.81
N ILE A 649 5.43 5.28 -12.81
CA ILE A 649 5.60 4.77 -14.17
C ILE A 649 6.89 3.95 -14.23
N GLN A 650 7.94 4.43 -13.56
CA GLN A 650 9.19 3.70 -13.56
C GLN A 650 9.00 2.35 -12.90
N GLU A 651 8.14 2.30 -11.88
CA GLU A 651 7.89 1.04 -11.19
C GLU A 651 7.22 0.08 -12.15
N ILE A 652 6.29 0.58 -12.95
CA ILE A 652 5.61 -0.28 -13.91
C ILE A 652 6.63 -0.85 -14.89
N SER A 653 7.54 0.02 -15.36
CA SER A 653 8.56 -0.42 -16.30
C SER A 653 9.42 -1.51 -15.67
N LEU A 654 9.86 -1.30 -14.42
CA LEU A 654 10.68 -2.29 -13.75
C LEU A 654 9.95 -3.62 -13.62
N ALA A 655 8.68 -3.56 -13.24
CA ALA A 655 7.89 -4.78 -13.10
C ALA A 655 7.81 -5.53 -14.41
N LEU A 656 7.67 -4.81 -15.52
CA LEU A 656 7.58 -5.48 -16.81
C LEU A 656 8.94 -6.05 -17.22
N ARG A 657 10.02 -5.31 -16.93
CA ARG A 657 11.35 -5.79 -17.28
C ARG A 657 11.68 -7.07 -16.54
N SER A 658 11.46 -7.07 -15.23
CA SER A 658 11.75 -8.26 -14.42
C SER A 658 11.08 -9.49 -14.99
N HIS A 659 9.91 -9.32 -15.60
CA HIS A 659 9.19 -10.45 -16.19
C HIS A 659 9.76 -10.81 -17.55
N MET A 660 10.08 -9.81 -18.37
CA MET A 660 10.63 -10.08 -19.69
C MET A 660 11.95 -10.84 -19.62
N SER A 661 12.72 -10.64 -18.55
CA SER A 661 14.00 -11.33 -18.41
C SER A 661 13.85 -12.73 -17.84
N LYS A 662 12.85 -12.98 -17.00
CA LYS A 662 12.67 -14.30 -16.42
C LYS A 662 12.51 -15.33 -17.53
N ALA A 663 12.84 -16.58 -17.21
CA ALA A 663 12.71 -17.64 -18.18
C ALA A 663 11.23 -17.88 -18.51
N PRO A 664 10.93 -18.31 -19.74
CA PRO A 664 9.53 -18.54 -20.08
C PRO A 664 8.94 -19.72 -19.32
N SER A 665 7.66 -19.59 -19.01
CA SER A 665 6.93 -20.62 -18.27
C SER A 665 6.33 -21.69 -19.17
N ASN A 666 5.89 -21.31 -20.38
CA ASN A 666 5.30 -22.25 -21.33
C ASN A 666 3.90 -22.68 -20.87
N THR A 667 3.17 -21.76 -20.26
CA THR A 667 1.83 -22.01 -19.77
C THR A 667 0.75 -21.49 -20.72
N PHE A 668 0.97 -20.31 -21.27
CA PHE A 668 0.04 -19.67 -22.20
C PHE A 668 -0.49 -20.71 -23.19
N HIS A 669 -1.80 -20.88 -23.23
CA HIS A 669 -2.43 -21.85 -24.12
C HIS A 669 -2.94 -21.28 -25.44
N PRO A 670 -3.44 -22.13 -26.33
CA PRO A 670 -3.94 -21.63 -27.62
C PRO A 670 -5.21 -20.81 -27.53
N GLN A 671 -6.20 -21.24 -26.73
CA GLN A 671 -7.43 -20.46 -26.63
C GLN A 671 -7.14 -19.04 -26.16
N ASP A 672 -6.16 -18.89 -25.27
CA ASP A 672 -5.81 -17.57 -24.78
C ASP A 672 -5.30 -16.70 -25.93
N PHE A 673 -4.41 -17.28 -26.74
CA PHE A 673 -3.86 -16.57 -27.88
C PHE A 673 -4.98 -16.17 -28.84
N SER A 674 -5.90 -17.10 -29.07
CA SER A 674 -7.02 -16.83 -29.97
C SER A 674 -7.86 -15.67 -29.48
N ASP A 675 -8.15 -15.63 -28.18
CA ASP A 675 -8.96 -14.54 -27.65
C ASP A 675 -8.22 -13.21 -27.71
N VAL A 676 -6.96 -13.18 -27.27
CA VAL A 676 -6.18 -11.94 -27.28
C VAL A 676 -6.05 -11.41 -28.71
N ILE A 677 -5.85 -12.30 -29.69
CA ILE A 677 -5.72 -11.85 -31.07
C ILE A 677 -7.06 -11.38 -31.61
N SER A 678 -8.10 -12.20 -31.48
CA SER A 678 -9.42 -11.84 -31.96
C SER A 678 -9.83 -10.47 -31.45
N PHE A 679 -9.45 -10.14 -30.21
CA PHE A 679 -9.82 -8.83 -29.70
C PHE A 679 -9.10 -7.71 -30.40
N ILE A 680 -7.95 -7.99 -31.01
CA ILE A 680 -7.18 -6.97 -31.70
C ILE A 680 -7.59 -6.86 -33.17
N LEU A 681 -7.44 -7.96 -33.90
CA LEU A 681 -7.79 -7.97 -35.32
C LEU A 681 -9.26 -7.68 -35.57
N TYR A 682 -10.15 -8.48 -35.00
CA TYR A 682 -11.59 -8.30 -35.18
C TYR A 682 -12.27 -7.44 -34.13
N GLY A 683 -11.88 -7.54 -32.86
CA GLY A 683 -12.49 -6.75 -31.81
C GLY A 683 -13.29 -7.55 -30.80
N ASN A 684 -13.60 -8.81 -31.10
CA ASN A 684 -14.38 -9.65 -30.21
C ASN A 684 -13.45 -10.60 -29.45
N SER A 685 -13.60 -10.63 -28.13
CA SER A 685 -12.80 -11.47 -27.26
C SER A 685 -13.50 -12.77 -26.84
N HIS A 686 -14.83 -12.77 -26.79
CA HIS A 686 -15.59 -13.96 -26.40
C HIS A 686 -15.35 -14.27 -24.93
N ARG A 687 -15.42 -13.24 -24.09
CA ARG A 687 -15.21 -13.40 -22.66
C ARG A 687 -15.93 -12.29 -21.91
N THR A 688 -16.63 -12.67 -20.84
CA THR A 688 -17.36 -11.72 -20.02
C THR A 688 -16.45 -11.10 -18.97
N ASN A 692 -12.84 -7.55 -16.32
CA ASN A 692 -11.97 -8.27 -15.41
C ASN A 692 -11.59 -9.63 -15.96
N TRP A 693 -11.61 -9.77 -17.28
CA TRP A 693 -11.26 -11.04 -17.91
C TRP A 693 -9.77 -11.22 -18.07
N LEU A 694 -8.97 -10.25 -17.63
CA LEU A 694 -7.52 -10.32 -17.74
C LEU A 694 -6.89 -10.90 -16.47
N GLU A 695 -7.28 -10.37 -15.31
CA GLU A 695 -6.73 -10.88 -14.06
C GLU A 695 -6.92 -12.38 -13.96
N ARG A 696 -8.09 -12.87 -14.40
CA ARG A 696 -8.35 -14.30 -14.36
C ARG A 696 -7.34 -15.04 -15.23
N LEU A 697 -7.11 -14.53 -16.44
CA LEU A 697 -6.16 -15.17 -17.34
C LEU A 697 -4.78 -15.22 -16.71
N PHE A 698 -4.35 -14.11 -16.12
CA PHE A 698 -3.05 -14.05 -15.47
C PHE A 698 -2.93 -15.12 -14.41
N TYR A 699 -3.82 -15.08 -13.42
CA TYR A 699 -3.78 -16.08 -12.36
C TYR A 699 -3.90 -17.50 -12.89
N SER A 700 -4.52 -17.67 -14.06
CA SER A 700 -4.67 -18.99 -14.63
C SER A 700 -3.39 -19.47 -15.30
N CYS A 701 -2.53 -18.54 -15.72
CA CYS A 701 -1.28 -18.88 -16.39
C CYS A 701 -0.11 -18.90 -15.43
N GLN A 702 -0.37 -18.99 -14.12
CA GLN A 702 0.65 -19.01 -13.10
C GLN A 702 0.70 -20.40 -12.47
N ARG A 703 1.76 -20.68 -11.69
CA ARG A 703 1.96 -22.00 -11.03
C ARG A 703 2.52 -21.80 -9.61
N LEU A 704 1.83 -22.27 -8.57
CA LEU A 704 2.28 -22.16 -7.14
C LEU A 704 3.53 -23.02 -6.91
N ASP A 705 3.57 -24.21 -7.51
CA ASP A 705 4.67 -25.21 -7.39
C ASP A 705 6.00 -24.59 -7.85
N LYS A 706 5.99 -23.85 -8.96
CA LYS A 706 7.19 -23.20 -9.55
C LYS A 706 7.29 -21.75 -9.07
N THR A 711 5.58 -13.16 -10.98
CA THR A 711 5.76 -12.66 -9.62
C THR A 711 5.76 -11.14 -9.61
N ILE A 712 4.65 -10.56 -10.06
CA ILE A 712 4.47 -9.11 -10.12
C ILE A 712 3.70 -8.68 -8.87
N PRO A 713 3.93 -7.48 -8.35
CA PRO A 713 3.21 -7.05 -7.16
C PRO A 713 1.70 -7.20 -7.33
N ARG A 714 1.03 -7.49 -6.22
CA ARG A 714 -0.41 -7.68 -6.23
C ARG A 714 -1.18 -6.37 -6.38
N ASN A 715 -0.53 -5.23 -6.16
CA ASN A 715 -1.21 -3.95 -6.29
C ASN A 715 -1.30 -3.47 -7.72
N LEU A 716 -0.43 -3.96 -8.61
CA LEU A 716 -0.43 -3.56 -10.00
C LEU A 716 -1.27 -4.47 -10.88
N LEU A 717 -1.89 -5.51 -10.30
CA LEU A 717 -2.71 -6.40 -11.09
C LEU A 717 -4.06 -5.81 -11.42
N LYS A 718 -4.44 -4.72 -10.77
CA LYS A 718 -5.72 -4.08 -11.04
C LYS A 718 -5.60 -3.08 -12.18
N THR A 719 -4.39 -2.86 -12.67
CA THR A 719 -4.11 -1.94 -13.76
C THR A 719 -4.20 -2.70 -15.07
N ASP A 720 -4.84 -2.10 -16.06
CA ASP A 720 -4.98 -2.74 -17.36
C ASP A 720 -3.73 -2.66 -18.22
N ALA A 721 -2.87 -1.67 -17.99
CA ALA A 721 -1.65 -1.53 -18.78
C ALA A 721 -0.72 -2.73 -18.60
N VAL A 722 -0.39 -3.04 -17.34
CA VAL A 722 0.49 -4.16 -17.05
C VAL A 722 -0.07 -5.45 -17.62
N LEU A 723 -1.36 -5.67 -17.45
CA LEU A 723 -1.99 -6.89 -17.95
C LEU A 723 -1.92 -6.97 -19.48
N TRP A 724 -2.20 -5.87 -20.16
CA TRP A 724 -2.16 -5.88 -21.62
C TRP A 724 -0.76 -6.17 -22.13
N GLN A 725 0.24 -5.49 -21.56
CA GLN A 725 1.61 -5.72 -22.00
C GLN A 725 2.02 -7.16 -21.76
N TRP A 726 1.73 -7.68 -20.57
CA TRP A 726 2.06 -9.05 -20.23
C TRP A 726 1.41 -10.02 -21.19
N ALA A 727 0.14 -9.78 -21.54
CA ALA A 727 -0.58 -10.66 -22.45
C ALA A 727 0.05 -10.67 -23.84
N ILE A 728 0.33 -9.51 -24.40
CA ILE A 728 0.93 -9.52 -25.73
C ILE A 728 2.32 -10.13 -25.70
N TRP A 729 3.08 -9.91 -24.63
CA TRP A 729 4.42 -10.49 -24.56
C TRP A 729 4.31 -12.01 -24.56
N GLU A 730 3.39 -12.55 -23.76
CA GLU A 730 3.21 -13.99 -23.70
C GLU A 730 2.74 -14.51 -25.04
N ALA A 731 1.92 -13.74 -25.76
CA ALA A 731 1.44 -14.19 -27.05
C ALA A 731 2.61 -14.31 -28.01
N ALA A 732 3.48 -13.31 -28.01
CA ALA A 732 4.64 -13.34 -28.89
C ALA A 732 5.50 -14.56 -28.57
N GLN A 733 5.69 -14.84 -27.28
CA GLN A 733 6.50 -16.01 -26.90
C GLN A 733 5.85 -17.28 -27.42
N PHE A 734 4.52 -17.37 -27.28
CA PHE A 734 3.83 -18.56 -27.75
C PHE A 734 4.02 -18.74 -29.24
N THR A 735 3.99 -17.63 -29.99
CA THR A 735 4.17 -17.69 -31.43
C THR A 735 5.56 -18.17 -31.78
N VAL A 736 6.58 -17.60 -31.15
CA VAL A 736 7.97 -17.99 -31.43
C VAL A 736 8.21 -19.45 -31.05
N LEU A 737 8.02 -19.77 -29.77
CA LEU A 737 8.24 -21.14 -29.31
C LEU A 737 7.50 -22.17 -30.15
N SER A 738 6.37 -21.81 -30.74
CA SER A 738 5.59 -22.73 -31.55
C SER A 738 6.04 -22.75 -33.00
N LYS A 739 7.25 -22.28 -33.29
CA LYS A 739 7.79 -22.26 -34.65
C LYS A 739 6.85 -21.53 -35.60
N LEU A 740 6.12 -20.55 -35.08
CA LEU A 740 5.16 -19.75 -35.83
C LEU A 740 3.92 -20.52 -36.23
N ARG A 741 3.77 -21.76 -35.74
CA ARG A 741 2.62 -22.58 -36.07
C ARG A 741 1.55 -22.31 -35.02
N THR A 742 0.74 -21.30 -35.28
CA THR A 742 -0.33 -20.89 -34.39
C THR A 742 -1.65 -21.51 -34.83
N PRO A 743 -2.68 -21.46 -33.98
CA PRO A 743 -3.96 -22.04 -34.39
C PRO A 743 -4.57 -21.32 -35.57
N LEU A 744 -4.02 -20.15 -35.92
CA LEU A 744 -4.46 -19.34 -37.03
C LEU A 744 -4.12 -19.96 -38.37
N GLY A 745 -3.31 -21.01 -38.39
CA GLY A 745 -2.92 -21.69 -39.60
C GLY A 745 -1.45 -22.04 -39.55
N ARG A 746 -0.88 -22.25 -40.73
CA ARG A 746 0.53 -22.60 -40.86
C ARG A 746 1.40 -21.39 -40.55
N ALA A 747 2.70 -21.56 -40.74
CA ALA A 747 3.63 -20.46 -40.48
C ALA A 747 3.48 -19.34 -41.49
N GLN A 748 2.89 -19.63 -42.65
CA GLN A 748 2.69 -18.62 -43.68
C GLN A 748 1.37 -17.89 -43.53
N ASP A 749 0.34 -18.57 -43.00
CA ASP A 749 -0.95 -17.93 -42.83
C ASP A 749 -0.84 -16.73 -41.89
N THR A 750 -0.04 -16.85 -40.84
CA THR A 750 0.12 -15.75 -39.90
C THR A 750 0.76 -14.56 -40.59
N PHE A 751 1.89 -14.80 -41.26
CA PHE A 751 2.58 -13.73 -41.97
C PHE A 751 1.64 -13.05 -42.95
N GLN A 752 0.91 -13.83 -43.74
CA GLN A 752 -0.02 -13.26 -44.71
C GLN A 752 -1.10 -12.43 -44.04
N THR A 753 -1.64 -12.91 -42.92
CA THR A 753 -2.68 -12.16 -42.23
C THR A 753 -2.16 -10.79 -41.79
N ILE A 754 -1.05 -10.78 -41.06
CA ILE A 754 -0.49 -9.51 -40.61
C ILE A 754 -0.20 -8.61 -41.80
N GLU A 755 0.37 -9.19 -42.87
CA GLU A 755 0.70 -8.43 -44.06
C GLU A 755 -0.53 -7.76 -44.65
N GLY A 756 -1.60 -8.52 -44.86
CA GLY A 756 -2.81 -7.96 -45.42
C GLY A 756 -3.40 -6.85 -44.58
N ILE A 757 -3.54 -7.08 -43.28
CA ILE A 757 -4.11 -6.07 -42.40
C ILE A 757 -3.25 -4.80 -42.41
N ILE A 758 -1.93 -4.97 -42.35
CA ILE A 758 -1.04 -3.82 -42.35
C ILE A 758 -1.15 -3.05 -43.65
N ARG A 759 -1.17 -3.76 -44.78
CA ARG A 759 -1.28 -3.07 -46.06
C ARG A 759 -2.59 -2.30 -46.17
N SER A 760 -3.68 -2.90 -45.71
CA SER A 760 -4.97 -2.21 -45.79
C SER A 760 -4.93 -0.93 -44.95
N LEU A 761 -4.48 -1.04 -43.71
CA LEU A 761 -4.41 0.13 -42.85
C LEU A 761 -3.44 1.16 -43.39
N ALA A 762 -2.44 0.73 -44.16
CA ALA A 762 -1.48 1.67 -44.71
C ALA A 762 -2.10 2.41 -45.87
N ALA A 763 -2.86 1.70 -46.71
CA ALA A 763 -3.50 2.34 -47.85
C ALA A 763 -4.49 3.38 -47.36
N HIS A 764 -5.32 3.01 -46.37
CA HIS A 764 -6.31 3.95 -45.86
C HIS A 764 -5.66 5.27 -45.43
N THR A 765 -4.37 5.25 -45.09
CA THR A 765 -3.70 6.48 -44.67
C THR A 765 -3.59 7.47 -45.82
N LEU A 766 -3.49 6.97 -47.05
CA LEU A 766 -3.39 7.86 -48.20
C LEU A 766 -4.76 8.38 -48.60
N ASN A 767 -5.71 7.48 -48.81
CA ASN A 767 -7.07 7.83 -49.19
C ASN A 767 -7.97 7.44 -48.02
N PRO A 768 -8.28 8.35 -47.11
CA PRO A 768 -9.14 7.99 -45.96
C PRO A 768 -10.56 7.61 -46.34
N ASP A 769 -10.89 7.54 -47.63
CA ASP A 769 -12.25 7.17 -48.02
C ASP A 769 -12.43 5.67 -48.19
N GLN A 770 -11.37 4.88 -48.04
CA GLN A 770 -11.50 3.43 -48.21
C GLN A 770 -12.51 2.85 -47.22
N ASP A 771 -12.55 3.38 -46.00
CA ASP A 771 -13.48 2.91 -44.98
C ASP A 771 -13.28 1.42 -44.69
N VAL A 772 -12.11 1.10 -44.13
CA VAL A 772 -11.80 -0.29 -43.80
C VAL A 772 -12.84 -0.82 -42.82
N SER A 773 -12.95 -2.15 -42.76
CA SER A 773 -13.90 -2.81 -41.88
C SER A 773 -13.22 -3.25 -40.59
N GLN A 774 -13.91 -3.06 -39.47
CA GLN A 774 -13.49 -3.40 -38.11
C GLN A 774 -12.47 -2.41 -37.56
N TRP A 775 -12.15 -1.35 -38.30
CA TRP A 775 -11.18 -0.36 -37.85
C TRP A 775 -11.67 1.07 -37.97
N THR A 776 -12.71 1.35 -38.75
CA THR A 776 -13.23 2.69 -38.91
C THR A 776 -14.68 2.85 -38.49
N THR A 777 -15.43 1.75 -38.37
CA THR A 777 -16.82 1.78 -37.98
C THR A 777 -16.99 1.30 -36.54
N ALA A 778 -17.99 1.85 -35.87
CA ALA A 778 -18.28 1.50 -34.48
C ALA A 778 -19.77 1.68 -34.24
N ASP A 779 -20.20 1.34 -33.03
CA ASP A 779 -21.60 1.45 -32.64
C ASP A 779 -21.83 2.45 -31.52
N ASN A 780 -20.79 3.11 -31.03
CA ASN A 780 -20.92 4.09 -29.95
C ASN A 780 -19.57 4.76 -29.74
N ASP A 781 -19.54 5.71 -28.82
CA ASP A 781 -18.32 6.45 -28.50
C ASP A 781 -17.32 5.62 -27.72
N GLU A 782 -17.65 4.38 -27.39
CA GLU A 782 -16.77 3.50 -26.63
C GLU A 782 -16.03 2.52 -27.53
N GLY A 783 -16.30 2.55 -28.83
CA GLY A 783 -15.66 1.67 -29.78
C GLY A 783 -14.51 2.39 -30.46
N HIS A 784 -14.68 3.69 -30.65
CA HIS A 784 -13.65 4.50 -31.28
C HIS A 784 -12.39 4.61 -30.43
N GLY A 785 -12.48 4.26 -29.15
CA GLY A 785 -11.34 4.32 -28.27
C GLY A 785 -10.66 2.96 -28.33
N ASN A 786 -11.50 1.93 -28.37
CA ASN A 786 -10.98 0.57 -28.43
C ASN A 786 -10.23 0.37 -29.73
N ASN A 787 -10.65 1.07 -30.80
CA ASN A 787 -9.95 0.92 -32.07
C ASN A 787 -8.52 1.40 -31.93
N GLN A 788 -8.33 2.56 -31.29
CA GLN A 788 -6.99 3.09 -31.10
C GLN A 788 -6.17 2.16 -30.23
N LEU A 789 -6.80 1.64 -29.17
CA LEU A 789 -6.09 0.72 -28.28
C LEU A 789 -5.59 -0.49 -29.06
N ARG A 790 -6.47 -1.09 -29.86
CA ARG A 790 -6.10 -2.25 -30.65
C ARG A 790 -4.97 -1.92 -31.60
N LEU A 791 -5.01 -0.73 -32.19
CA LEU A 791 -3.97 -0.31 -33.12
C LEU A 791 -2.63 -0.17 -32.40
N VAL A 792 -2.68 0.25 -31.13
CA VAL A 792 -1.44 0.41 -30.37
C VAL A 792 -0.87 -0.94 -29.98
N LEU A 793 -1.73 -1.91 -29.69
CA LEU A 793 -1.26 -3.24 -29.30
C LEU A 793 -0.75 -4.03 -30.50
N LEU A 794 -1.33 -3.81 -31.67
CA LEU A 794 -0.89 -4.54 -32.85
C LEU A 794 0.57 -4.27 -33.16
N LEU A 795 1.01 -3.02 -33.01
CA LEU A 795 2.40 -2.69 -33.28
C LEU A 795 3.31 -3.32 -32.25
N GLN A 796 2.90 -3.32 -30.99
CA GLN A 796 3.70 -3.91 -29.92
C GLN A 796 3.92 -5.40 -30.17
N TYR A 797 2.89 -6.07 -30.69
CA TYR A 797 3.01 -7.50 -30.96
C TYR A 797 4.24 -7.76 -31.83
N LEU A 798 4.36 -7.01 -32.94
CA LEU A 798 5.48 -7.18 -33.83
C LEU A 798 6.77 -6.69 -33.18
N GLU A 799 6.69 -5.61 -32.40
CA GLU A 799 7.89 -5.08 -31.74
C GLU A 799 8.56 -6.15 -30.91
N ASN A 800 7.78 -6.93 -30.15
CA ASN A 800 8.42 -7.97 -29.33
C ASN A 800 8.69 -9.22 -30.16
N LEU A 801 7.92 -9.44 -31.23
CA LEU A 801 8.15 -10.61 -32.06
C LEU A 801 9.55 -10.56 -32.65
N GLU A 802 9.92 -9.39 -33.17
CA GLU A 802 11.25 -9.22 -33.76
C GLU A 802 12.34 -9.47 -32.73
N LYS A 803 12.17 -8.93 -31.52
CA LYS A 803 13.15 -9.12 -30.47
C LYS A 803 13.36 -10.60 -30.19
N LEU A 804 12.27 -11.33 -30.00
CA LEU A 804 12.37 -12.75 -29.74
C LEU A 804 13.06 -13.48 -30.89
N MET A 805 12.73 -13.12 -32.12
CA MET A 805 13.36 -13.79 -33.26
C MET A 805 14.87 -13.58 -33.19
N TYR A 806 15.30 -12.34 -33.03
CA TYR A 806 16.72 -12.04 -32.94
C TYR A 806 17.37 -12.86 -31.86
N ASN A 807 16.80 -12.83 -30.65
CA ASN A 807 17.35 -13.61 -29.55
C ASN A 807 17.41 -15.09 -29.90
N ALA A 808 16.58 -15.52 -30.83
CA ALA A 808 16.58 -16.94 -31.20
C ALA A 808 17.73 -17.26 -32.15
N TYR A 809 17.99 -16.42 -33.14
CA TYR A 809 19.09 -16.71 -34.06
C TYR A 809 20.39 -15.99 -33.75
N GLU A 810 20.38 -14.92 -32.95
CA GLU A 810 21.61 -14.22 -32.62
C GLU A 810 21.96 -14.33 -31.15
N GLY A 811 21.08 -13.90 -30.26
CA GLY A 811 21.33 -13.96 -28.84
C GLY A 811 21.48 -12.59 -28.20
N CYS A 812 21.37 -12.57 -26.87
CA CYS A 812 21.49 -11.38 -26.05
C CYS A 812 22.44 -11.68 -24.89
N ALA A 813 22.66 -10.66 -24.05
CA ALA A 813 23.54 -10.80 -22.90
C ALA A 813 22.98 -10.04 -21.71
N ASN A 814 22.45 -10.77 -20.72
CA ASN A 814 21.88 -10.23 -19.50
C ASN A 814 20.47 -9.66 -19.66
N ALA A 815 19.83 -9.83 -20.80
CA ALA A 815 18.49 -9.32 -21.02
C ALA A 815 17.45 -10.42 -21.20
N LEU A 816 17.74 -11.39 -22.08
CA LEU A 816 16.83 -12.49 -22.35
C LEU A 816 17.61 -13.79 -22.21
N THR A 817 16.87 -14.88 -22.01
CA THR A 817 17.46 -16.20 -21.85
C THR A 817 17.47 -16.94 -23.17
N SER A 818 18.51 -17.73 -23.38
CA SER A 818 18.64 -18.51 -24.61
C SER A 818 17.51 -19.52 -24.71
N PRO A 819 16.67 -19.46 -25.73
CA PRO A 819 15.59 -20.43 -25.86
C PRO A 819 16.12 -21.84 -25.99
N PRO A 820 15.25 -22.84 -26.02
CA PRO A 820 15.72 -24.23 -26.15
C PRO A 820 16.63 -24.41 -27.36
N LYS A 821 17.38 -25.52 -27.40
CA LYS A 821 18.27 -25.75 -28.53
C LYS A 821 17.49 -26.07 -29.79
N VAL A 822 16.37 -26.77 -29.66
CA VAL A 822 15.57 -27.11 -30.83
C VAL A 822 14.98 -25.86 -31.47
N ILE A 823 14.88 -24.76 -30.74
CA ILE A 823 14.32 -23.52 -31.27
C ILE A 823 15.38 -22.70 -31.97
N ARG A 824 16.60 -22.65 -31.41
CA ARG A 824 17.67 -21.89 -32.03
C ARG A 824 18.09 -22.51 -33.36
N THR A 825 17.99 -23.82 -33.49
CA THR A 825 18.37 -24.50 -34.72
C THR A 825 17.33 -24.33 -35.82
N PHE A 826 16.22 -23.66 -35.53
CA PHE A 826 15.16 -23.43 -36.49
C PHE A 826 15.19 -22.01 -37.06
N PHE A 827 15.44 -21.02 -36.21
CA PHE A 827 15.50 -19.63 -36.66
C PHE A 827 16.84 -19.28 -37.29
N TYR A 828 17.80 -20.19 -37.29
CA TYR A 828 19.10 -19.93 -37.88
C TYR A 828 19.12 -20.28 -39.35
N THR A 829 18.30 -21.24 -39.75
CA THR A 829 18.19 -21.68 -41.14
C THR A 829 17.08 -20.97 -41.88
N ASN A 830 15.97 -20.70 -41.20
CA ASN A 830 14.81 -20.02 -41.78
C ASN A 830 14.81 -18.54 -41.42
N ARG A 831 16.00 -17.94 -41.29
CA ARG A 831 16.16 -16.53 -40.93
C ARG A 831 16.02 -15.60 -42.13
N GLN A 832 16.57 -15.99 -43.28
CA GLN A 832 16.49 -15.15 -44.46
C GLN A 832 15.05 -14.76 -44.77
N THR A 833 14.11 -15.70 -44.63
CA THR A 833 12.72 -15.38 -44.90
C THR A 833 12.17 -14.42 -43.86
N CYS A 834 12.49 -14.66 -42.58
CA CYS A 834 12.02 -13.79 -41.52
C CYS A 834 12.54 -12.38 -41.70
N GLN A 835 13.67 -12.22 -42.37
CA GLN A 835 14.23 -10.90 -42.60
C GLN A 835 13.64 -10.26 -43.85
N ASP A 836 13.42 -11.05 -44.90
CA ASP A 836 12.86 -10.51 -46.12
C ASP A 836 11.45 -10.00 -45.88
N TRP A 837 10.65 -10.78 -45.16
CA TRP A 837 9.27 -10.39 -44.86
C TRP A 837 9.24 -9.03 -44.15
N LEU A 838 10.08 -8.88 -43.13
CA LEU A 838 10.14 -7.63 -42.39
C LEU A 838 10.61 -6.49 -43.27
N THR A 839 11.65 -6.73 -44.07
CA THR A 839 12.15 -5.67 -44.94
C THR A 839 11.08 -5.25 -45.94
N ARG A 840 10.14 -6.14 -46.21
CA ARG A 840 9.05 -5.86 -47.15
C ARG A 840 7.97 -4.99 -46.52
N ILE A 841 7.48 -5.38 -45.34
CA ILE A 841 6.43 -4.61 -44.68
C ILE A 841 6.94 -3.44 -43.85
N ARG A 842 8.25 -3.22 -43.80
CA ARG A 842 8.80 -2.12 -43.01
C ARG A 842 8.31 -0.76 -43.49
N LEU A 843 8.04 -0.61 -44.78
CA LEU A 843 7.57 0.69 -45.26
C LEU A 843 6.13 0.97 -44.84
N SER A 844 5.33 -0.08 -44.65
CA SER A 844 3.95 0.10 -44.24
C SER A 844 3.82 0.29 -42.74
N ILE A 845 4.68 -0.38 -41.96
CA ILE A 845 4.61 -0.22 -40.52
C ILE A 845 4.78 1.25 -40.16
N MET A 846 5.60 1.96 -40.93
CA MET A 846 5.84 3.37 -40.69
C MET A 846 4.54 4.18 -40.83
N ARG A 847 3.80 3.92 -41.90
CA ARG A 847 2.55 4.64 -42.12
C ARG A 847 1.58 4.33 -41.00
N VAL A 848 1.39 3.06 -40.67
CA VAL A 848 0.48 2.70 -39.59
C VAL A 848 0.89 3.41 -38.31
N GLY A 849 2.20 3.51 -38.07
CA GLY A 849 2.67 4.17 -36.86
C GLY A 849 2.30 5.64 -36.85
N LEU A 850 2.45 6.31 -38.00
CA LEU A 850 2.11 7.72 -38.03
C LEU A 850 0.62 7.92 -37.85
N LEU A 851 -0.19 6.99 -38.37
CA LEU A 851 -1.63 7.10 -38.24
C LEU A 851 -2.05 7.07 -36.76
N ALA A 852 -1.64 6.03 -36.05
CA ALA A 852 -1.92 5.80 -34.65
C ALA A 852 -1.21 6.75 -33.72
N GLY A 853 -0.47 7.76 -34.16
CA GLY A 853 0.20 8.65 -33.25
C GLY A 853 1.27 7.98 -32.41
N GLN A 854 2.16 7.24 -33.08
CA GLN A 854 3.26 6.52 -32.45
C GLN A 854 4.48 6.70 -33.33
N PRO A 855 5.10 7.88 -33.30
CA PRO A 855 6.28 8.13 -34.14
C PRO A 855 7.44 7.18 -33.89
N ALA A 856 7.76 6.91 -32.63
CA ALA A 856 8.85 6.02 -32.29
C ALA A 856 8.90 4.76 -33.14
N VAL A 857 7.74 4.20 -33.47
CA VAL A 857 7.67 3.00 -34.30
C VAL A 857 8.28 3.26 -35.66
N THR A 858 7.79 4.29 -36.35
CA THR A 858 8.32 4.62 -37.66
C THR A 858 9.78 5.04 -37.60
N VAL A 859 10.20 5.72 -36.53
CA VAL A 859 11.59 6.14 -36.43
C VAL A 859 12.50 4.92 -36.33
N ARG A 860 12.12 3.97 -35.48
CA ARG A 860 12.93 2.76 -35.32
C ARG A 860 13.00 1.98 -36.61
N HIS A 861 11.85 1.70 -37.22
CA HIS A 861 11.87 0.95 -38.47
C HIS A 861 12.62 1.71 -39.55
N GLY A 862 12.58 3.04 -39.53
CA GLY A 862 13.29 3.81 -40.53
C GLY A 862 14.79 3.66 -40.35
N PHE A 863 15.24 3.70 -39.08
CA PHE A 863 16.65 3.56 -38.81
C PHE A 863 17.11 2.15 -39.18
N ASP A 864 16.23 1.18 -39.05
CA ASP A 864 16.57 -0.20 -39.38
C ASP A 864 16.54 -0.44 -40.88
N LEU A 865 15.82 0.39 -41.62
CA LEU A 865 15.72 0.26 -43.07
C LEU A 865 16.82 1.02 -43.77
N LEU A 866 17.16 2.21 -43.27
CA LEU A 866 18.22 2.99 -43.90
C LEU A 866 19.56 2.27 -43.82
N THR A 867 19.73 1.41 -42.82
CA THR A 867 20.99 0.68 -42.70
C THR A 867 21.03 -0.45 -43.70
N GLU A 868 19.92 -1.18 -43.86
CA GLU A 868 19.88 -2.28 -44.81
C GLU A 868 20.11 -1.79 -46.23
N MET A 869 19.98 -0.48 -46.46
CA MET A 869 20.18 0.11 -47.77
C MET A 869 21.63 0.54 -47.95
N LYS A 870 22.54 -0.39 -47.68
CA LYS A 870 23.97 -0.13 -47.80
C LYS A 870 24.50 -0.35 -49.21
N THR A 871 23.77 -1.07 -50.05
CA THR A 871 24.20 -1.33 -51.41
C THR A 871 24.09 -0.07 -52.27
N ASN A 878 12.97 3.89 -56.17
CA ASN A 878 13.08 5.21 -55.54
C ASN A 878 12.30 5.25 -54.23
N GLU A 879 12.64 4.33 -53.31
CA GLU A 879 11.99 4.24 -52.01
C GLU A 879 12.84 4.84 -50.90
N LEU A 880 13.59 5.90 -51.19
CA LEU A 880 14.45 6.56 -50.21
C LEU A 880 13.91 7.92 -49.78
N GLU A 881 13.51 8.76 -50.75
CA GLU A 881 13.00 10.07 -50.41
C GLU A 881 11.76 9.96 -49.52
N VAL A 882 10.86 9.03 -49.84
CA VAL A 882 9.66 8.87 -49.03
C VAL A 882 10.03 8.43 -47.63
N THR A 883 11.03 7.55 -47.52
CA THR A 883 11.47 7.09 -46.21
C THR A 883 11.95 8.26 -45.37
N ILE A 884 12.78 9.12 -45.97
CA ILE A 884 13.28 10.27 -45.25
C ILE A 884 12.13 11.20 -44.88
N MET A 885 11.13 11.31 -45.76
CA MET A 885 10.00 12.17 -45.46
C MET A 885 9.30 11.70 -44.20
N MET A 886 9.01 10.40 -44.14
CA MET A 886 8.34 9.85 -42.96
C MET A 886 9.18 10.02 -41.70
N VAL A 887 10.48 9.74 -41.79
CA VAL A 887 11.33 9.87 -40.62
C VAL A 887 11.33 11.32 -40.13
N VAL A 888 11.39 12.26 -41.06
CA VAL A 888 11.39 13.67 -40.68
C VAL A 888 10.07 14.04 -40.04
N GLU A 889 8.96 13.53 -40.58
CA GLU A 889 7.66 13.86 -40.00
C GLU A 889 7.60 13.35 -38.56
N ALA A 890 8.12 12.15 -38.33
CA ALA A 890 8.11 11.59 -36.98
C ALA A 890 8.96 12.45 -36.05
N LEU A 891 10.20 12.75 -36.46
CA LEU A 891 11.06 13.58 -35.62
C LEU A 891 10.44 14.93 -35.37
N CYS A 892 9.57 15.39 -36.27
CA CYS A 892 8.94 16.68 -36.07
C CYS A 892 7.85 16.54 -35.02
N GLU A 893 7.16 15.40 -35.03
CA GLU A 893 6.10 15.16 -34.06
C GLU A 893 6.69 14.90 -32.68
N LEU A 894 7.95 14.51 -32.60
CA LEU A 894 8.61 14.23 -31.33
C LEU A 894 9.36 15.44 -30.77
N HIS A 895 9.44 16.53 -31.52
CA HIS A 895 10.14 17.74 -31.08
C HIS A 895 11.63 17.48 -30.87
N CYS A 896 12.27 17.03 -31.95
CA CYS A 896 13.70 16.72 -31.92
C CYS A 896 14.34 17.24 -33.20
N PRO A 897 14.83 18.47 -33.20
CA PRO A 897 15.46 19.01 -34.40
C PRO A 897 16.92 18.62 -34.49
N GLU A 898 17.52 18.29 -33.35
CA GLU A 898 18.92 17.90 -33.33
C GLU A 898 19.16 16.65 -34.16
N ALA A 899 18.13 15.84 -34.37
CA ALA A 899 18.26 14.63 -35.17
C ALA A 899 18.03 14.93 -36.64
N ILE A 900 17.15 15.89 -36.93
CA ILE A 900 16.89 16.24 -38.32
C ILE A 900 18.13 16.92 -38.90
N GLN A 901 18.77 17.79 -38.12
CA GLN A 901 19.96 18.46 -38.59
C GLN A 901 21.05 17.45 -38.91
N GLY A 902 20.96 16.25 -38.34
CA GLY A 902 21.93 15.21 -38.56
C GLY A 902 21.56 14.41 -39.79
N ILE A 903 20.27 14.12 -39.93
CA ILE A 903 19.82 13.36 -41.10
C ILE A 903 20.17 14.13 -42.36
N ALA A 904 20.04 15.46 -42.30
CA ALA A 904 20.35 16.27 -43.48
C ALA A 904 21.78 16.03 -43.92
N VAL A 905 22.73 16.16 -43.00
CA VAL A 905 24.14 15.95 -43.31
C VAL A 905 24.35 14.53 -43.82
N TRP A 906 23.88 13.55 -43.06
CA TRP A 906 24.03 12.15 -43.45
C TRP A 906 23.50 11.90 -44.86
N SER A 907 22.55 12.72 -45.31
CA SER A 907 21.98 12.57 -46.64
C SER A 907 22.75 13.34 -47.69
N SER A 908 23.47 14.39 -47.29
CA SER A 908 24.25 15.18 -48.24
C SER A 908 25.28 14.32 -48.97
N SER A 909 25.61 13.15 -48.42
CA SER A 909 26.58 12.24 -49.02
C SER A 909 25.93 11.28 -49.99
N ILE A 910 24.77 11.62 -50.53
CA ILE A 910 24.05 10.77 -51.48
C ILE A 910 23.42 11.62 -52.56
N ASN A 914 20.55 17.76 -52.76
CA ASN A 914 19.23 17.56 -53.33
C ASN A 914 18.18 17.41 -52.23
N LEU A 915 18.61 17.45 -50.98
CA LEU A 915 17.74 17.33 -49.81
C LEU A 915 17.98 18.49 -48.85
N LEU A 916 18.03 19.71 -49.39
CA LEU A 916 18.27 20.88 -48.57
C LEU A 916 17.00 21.38 -47.90
N TRP A 917 15.84 20.84 -48.25
CA TRP A 917 14.58 21.25 -47.66
C TRP A 917 14.37 20.68 -46.26
N ILE A 918 15.34 19.96 -45.72
CA ILE A 918 15.21 19.38 -44.39
C ILE A 918 15.57 20.38 -43.31
N ASN A 919 16.63 21.16 -43.51
CA ASN A 919 17.04 22.15 -42.51
C ASN A 919 15.93 23.14 -42.20
N SER A 920 14.87 23.18 -43.01
CA SER A 920 13.77 24.10 -42.79
C SER A 920 12.74 23.45 -41.86
N VAL A 921 12.48 22.16 -42.05
CA VAL A 921 11.52 21.47 -41.20
C VAL A 921 11.95 21.58 -39.75
N ALA A 922 13.26 21.56 -39.51
CA ALA A 922 13.76 21.67 -38.15
C ALA A 922 13.30 22.97 -37.51
N GLN A 923 13.35 24.06 -38.28
CA GLN A 923 12.92 25.34 -37.76
C GLN A 923 11.48 25.29 -37.27
N GLN A 924 10.71 24.33 -37.78
CA GLN A 924 9.32 24.18 -37.38
C GLN A 924 9.22 23.42 -36.07
N ALA A 925 10.09 22.42 -35.89
CA ALA A 925 10.07 21.63 -34.67
C ALA A 925 10.46 22.47 -33.45
N GLU A 926 11.12 23.60 -33.67
CA GLU A 926 11.54 24.48 -32.60
C GLU A 926 10.50 25.54 -32.27
N GLY A 927 9.42 25.60 -33.04
CA GLY A 927 8.37 26.57 -32.82
C GLY A 927 8.46 27.82 -33.65
N ARG A 928 9.32 27.84 -34.68
CA ARG A 928 9.48 29.02 -35.54
C ARG A 928 8.61 28.77 -36.77
N PHE A 929 7.35 29.17 -36.65
CA PHE A 929 6.39 29.01 -37.73
C PHE A 929 6.43 30.12 -38.76
N GLU A 930 6.91 31.31 -38.41
CA GLU A 930 6.95 32.41 -39.37
C GLU A 930 8.11 32.30 -40.36
N LYS A 931 9.11 31.47 -40.08
CA LYS A 931 10.27 31.29 -40.95
C LYS A 931 10.19 30.04 -41.81
N ALA A 932 9.72 28.94 -41.23
CA ALA A 932 9.61 27.70 -42.00
C ALA A 932 8.73 27.88 -43.22
N SER A 933 7.63 28.63 -43.09
CA SER A 933 6.76 28.84 -44.23
C SER A 933 7.48 29.59 -45.34
N VAL A 934 8.20 30.66 -44.96
CA VAL A 934 8.94 31.43 -45.95
C VAL A 934 9.93 30.53 -46.68
N GLU A 935 10.63 29.69 -45.93
CA GLU A 935 11.60 28.79 -46.57
C GLU A 935 10.89 27.81 -47.49
N TYR A 936 9.73 27.30 -47.08
CA TYR A 936 9.01 26.34 -47.91
C TYR A 936 8.65 27.00 -49.24
N GLN A 937 8.19 28.25 -49.17
CA GLN A 937 7.81 28.97 -50.38
C GLN A 937 9.04 29.16 -51.27
N GLU A 938 10.15 29.56 -50.66
CA GLU A 938 11.37 29.76 -51.43
C GLU A 938 11.83 28.47 -52.10
N HIS A 939 11.52 27.33 -51.49
CA HIS A 939 11.93 26.05 -52.07
C HIS A 939 10.99 25.65 -53.19
N LEU A 940 9.70 25.91 -53.03
CA LEU A 940 8.75 25.55 -54.09
C LEU A 940 8.97 26.41 -55.32
N CYS A 941 9.26 27.70 -55.10
CA CYS A 941 9.50 28.61 -56.21
C CYS A 941 10.62 28.13 -57.10
N ALA A 942 11.50 27.29 -56.58
CA ALA A 942 12.63 26.74 -57.32
C ALA A 942 12.34 25.35 -57.86
N MET A 943 11.61 24.54 -57.09
CA MET A 943 11.29 23.19 -57.56
C MET A 943 10.33 23.23 -58.73
N THR A 944 9.53 24.29 -58.82
CA THR A 944 8.55 24.44 -59.89
C THR A 944 8.90 25.55 -60.87
N GLY A 945 9.47 26.65 -60.37
CA GLY A 945 9.85 27.77 -61.21
C GLY A 945 8.83 28.89 -61.20
N VAL A 946 7.71 28.69 -60.51
CA VAL A 946 6.64 29.68 -60.42
C VAL A 946 6.69 30.33 -59.06
N ASP A 947 6.30 31.60 -58.99
CA ASP A 947 6.30 32.33 -57.73
C ASP A 947 5.05 31.96 -56.95
N CYS A 948 5.21 31.11 -55.94
CA CYS A 948 4.12 30.65 -55.09
C CYS A 948 4.23 31.25 -53.70
N CYS A 949 4.64 32.52 -53.64
CA CYS A 949 4.79 33.22 -52.38
C CYS A 949 3.47 33.90 -51.99
N ILE A 950 3.50 34.60 -50.86
CA ILE A 950 2.33 35.29 -50.35
C ILE A 950 2.81 36.38 -49.41
N SER A 951 1.94 37.35 -49.13
CA SER A 951 2.31 38.45 -48.25
C SER A 951 2.84 37.90 -46.92
N SER A 952 3.76 38.65 -46.33
CA SER A 952 4.36 38.25 -45.05
C SER A 952 5.30 39.36 -44.62
N PHE A 953 5.68 39.31 -43.34
CA PHE A 953 6.58 40.30 -42.76
C PHE A 953 7.85 40.40 -43.58
N ASP A 954 8.55 41.53 -43.48
CA ASP A 954 9.79 41.73 -44.22
C ASP A 954 10.73 40.54 -44.06
N LYS A 955 11.03 39.88 -45.19
CA LYS A 955 11.92 38.73 -45.17
C LYS A 955 13.30 39.06 -44.60
N SER A 956 13.64 40.34 -44.51
CA SER A 956 14.94 40.73 -43.97
C SER A 956 14.90 40.87 -42.46
N VAL A 957 13.77 41.36 -41.93
CA VAL A 957 13.64 41.51 -40.49
C VAL A 957 13.32 40.19 -39.81
N LEU A 958 12.78 39.23 -40.57
CA LEU A 958 12.45 37.93 -40.01
C LEU A 958 13.71 37.12 -39.72
N THR A 959 14.65 37.08 -40.67
CA THR A 959 15.87 36.34 -40.47
C THR A 959 16.70 36.93 -39.33
N LEU A 960 16.63 38.26 -39.15
CA LEU A 960 17.39 38.90 -38.09
C LEU A 960 16.95 38.43 -36.71
N ALA A 961 15.77 37.84 -36.60
CA ALA A 961 15.24 37.34 -35.33
C ALA A 961 15.42 35.85 -35.18
N ASN A 962 16.11 35.19 -36.10
CA ASN A 962 16.32 33.76 -36.02
C ASN A 962 17.28 33.26 -37.10
N SER A 989 13.24 17.89 -58.64
CA SER A 989 11.95 18.07 -57.97
C SER A 989 11.09 16.81 -58.12
N SER A 990 10.28 16.53 -57.10
CA SER A 990 9.40 15.38 -57.08
C SER A 990 8.02 15.79 -56.61
N PRO A 991 6.98 15.07 -57.04
CA PRO A 991 5.62 15.44 -56.60
C PRO A 991 5.42 15.32 -55.10
N GLU A 992 5.76 14.16 -54.53
CA GLU A 992 5.60 13.94 -53.09
C GLU A 992 6.19 15.09 -52.27
N VAL A 993 7.37 15.56 -52.64
CA VAL A 993 8.01 16.65 -51.91
C VAL A 993 7.17 17.91 -52.00
N ILE A 994 6.68 18.22 -53.20
CA ILE A 994 5.86 19.41 -53.39
C ILE A 994 4.61 19.36 -52.52
N ASN A 995 3.91 18.23 -52.54
CA ASN A 995 2.70 18.11 -51.73
C ASN A 995 3.03 18.21 -50.25
N TYR A 996 4.09 17.52 -49.83
CA TYR A 996 4.50 17.55 -48.43
C TYR A 996 4.73 18.97 -47.95
N LEU A 997 5.55 19.72 -48.69
CA LEU A 997 5.84 21.10 -48.29
C LEU A 997 4.59 21.98 -48.37
N GLY A 998 3.75 21.76 -49.38
CA GLY A 998 2.55 22.59 -49.50
C GLY A 998 1.63 22.41 -48.30
N ASN A 999 1.43 21.17 -47.87
CA ASN A 999 0.57 20.94 -46.72
C ASN A 999 1.25 21.40 -45.44
N LYS A 1000 2.57 21.28 -45.37
CA LYS A 1000 3.29 21.71 -44.19
C LYS A 1000 3.16 23.20 -43.98
N ALA A 1001 3.20 23.98 -45.06
CA ALA A 1001 3.06 25.42 -44.92
C ALA A 1001 1.70 25.78 -44.32
N CYS A 1002 0.65 25.08 -44.74
CA CYS A 1002 -0.68 25.35 -44.21
C CYS A 1002 -0.74 24.95 -42.75
N GLU A 1003 -0.22 23.77 -42.42
CA GLU A 1003 -0.24 23.33 -41.04
C GLU A 1003 0.53 24.30 -40.16
N CYS A 1004 1.50 25.00 -40.75
CA CYS A 1004 2.30 25.97 -40.02
C CYS A 1004 1.56 27.29 -39.88
N TYR A 1005 0.71 27.63 -40.85
CA TYR A 1005 -0.04 28.88 -40.78
C TYR A 1005 -1.24 28.78 -39.85
N ILE A 1006 -1.78 27.57 -39.70
CA ILE A 1006 -2.94 27.37 -38.83
C ILE A 1006 -2.55 27.57 -37.36
N SER A 1007 -1.47 26.92 -36.93
CA SER A 1007 -1.00 27.01 -35.56
C SER A 1007 -1.06 28.42 -34.97
N ILE A 1008 -0.41 29.38 -35.63
CA ILE A 1008 -0.41 30.75 -35.15
C ILE A 1008 -1.76 31.43 -35.39
N ALA A 1009 -2.72 30.69 -35.94
CA ALA A 1009 -4.05 31.22 -36.22
C ALA A 1009 -4.01 32.40 -37.20
N ASP A 1010 -3.55 32.11 -38.42
CA ASP A 1010 -3.43 33.09 -39.49
C ASP A 1010 -4.41 32.61 -40.56
N TRP A 1011 -5.68 33.01 -40.41
CA TRP A 1011 -6.70 32.60 -41.38
C TRP A 1011 -6.50 33.29 -42.72
N ALA A 1012 -6.29 34.61 -42.70
CA ALA A 1012 -6.10 35.34 -43.95
C ALA A 1012 -5.01 34.67 -44.79
N ALA A 1013 -3.86 34.43 -44.16
CA ALA A 1013 -2.76 33.79 -44.86
C ALA A 1013 -3.16 32.41 -45.36
N VAL A 1014 -4.03 31.73 -44.63
CA VAL A 1014 -4.46 30.39 -45.07
C VAL A 1014 -5.22 30.51 -46.38
N GLN A 1015 -6.14 31.46 -46.46
CA GLN A 1015 -6.91 31.64 -47.68
C GLN A 1015 -5.97 32.02 -48.83
N GLU A 1016 -5.03 32.92 -48.54
CA GLU A 1016 -4.08 33.34 -49.57
C GLU A 1016 -3.31 32.14 -50.10
N TRP A 1017 -2.87 31.27 -49.19
CA TRP A 1017 -2.12 30.09 -49.59
C TRP A 1017 -2.99 29.15 -50.41
N GLN A 1018 -4.27 29.02 -50.04
CA GLN A 1018 -5.16 28.15 -50.79
C GLN A 1018 -5.30 28.64 -52.22
N ASN A 1019 -5.49 29.95 -52.39
CA ASN A 1019 -5.63 30.51 -53.73
C ASN A 1019 -4.32 30.36 -54.51
N SER A 1020 -3.19 30.65 -53.85
CA SER A 1020 -1.90 30.53 -54.52
C SER A 1020 -1.68 29.10 -54.99
N ILE A 1021 -2.11 28.13 -54.19
CA ILE A 1021 -1.93 26.73 -54.58
C ILE A 1021 -2.81 26.42 -55.77
N HIS A 1022 -4.05 26.92 -55.75
CA HIS A 1022 -4.94 26.65 -56.88
C HIS A 1022 -4.31 27.19 -58.16
N ASP A 1023 -3.72 28.38 -58.08
CA ASP A 1023 -3.10 28.98 -59.25
C ASP A 1023 -1.89 28.15 -59.69
N LEU A 1024 -1.01 27.81 -58.75
CA LEU A 1024 0.16 27.01 -59.07
C LEU A 1024 -0.22 25.67 -59.68
N LYS A 1025 -1.40 25.16 -59.34
CA LYS A 1025 -1.82 23.87 -59.89
C LYS A 1025 -2.44 24.05 -61.26
N LYS A 1026 -3.06 25.20 -61.51
CA LYS A 1026 -3.68 25.44 -62.80
C LYS A 1026 -2.67 25.92 -63.83
N SER A 1027 -1.48 26.36 -63.39
CA SER A 1027 -0.43 26.84 -64.27
C SER A 1027 0.69 25.82 -64.46
N THR A 1028 0.59 24.64 -63.86
CA THR A 1028 1.62 23.62 -64.00
C THR A 1028 1.08 22.21 -64.16
N SER A 1029 -0.24 22.03 -64.23
CA SER A 1029 -0.84 20.71 -64.39
C SER A 1029 -0.27 19.73 -63.37
N SER A 1030 -0.42 20.08 -62.09
CA SER A 1030 0.08 19.23 -61.03
C SER A 1030 -0.51 17.83 -61.10
N THR A 1031 -1.83 17.73 -60.95
CA THR A 1031 -2.59 16.48 -60.99
C THR A 1031 -2.32 15.60 -59.78
N SER A 1032 -1.40 16.00 -58.89
CA SER A 1032 -1.08 15.24 -57.70
C SER A 1032 -1.03 16.09 -56.44
N LEU A 1033 -1.12 17.41 -56.57
CA LEU A 1033 -1.08 18.31 -55.43
C LEU A 1033 -2.51 18.59 -54.98
N ASN A 1034 -2.77 18.36 -53.69
CA ASN A 1034 -4.10 18.59 -53.15
C ASN A 1034 -4.00 18.70 -51.64
N LEU A 1035 -4.34 19.87 -51.10
CA LEU A 1035 -4.27 20.06 -49.66
C LEU A 1035 -5.21 19.09 -48.96
N LYS A 1036 -4.86 18.72 -47.73
CA LYS A 1036 -5.63 17.81 -46.91
C LYS A 1036 -6.06 18.54 -45.65
N ALA A 1037 -7.18 19.25 -45.74
CA ALA A 1037 -7.69 20.00 -44.59
C ALA A 1037 -9.11 20.47 -44.82
N ASP A 1038 -10.02 20.20 -43.88
CA ASP A 1038 -11.40 20.63 -44.02
C ASP A 1038 -11.44 22.13 -43.84
N PHE A 1039 -11.63 22.87 -44.94
CA PHE A 1039 -11.68 24.31 -44.86
C PHE A 1039 -12.94 24.81 -44.18
N ASN A 1040 -14.00 24.02 -44.15
CA ASN A 1040 -15.21 24.48 -43.49
C ASN A 1040 -14.92 24.70 -42.01
N TYR A 1041 -14.09 23.81 -41.46
CA TYR A 1041 -13.72 23.90 -40.05
C TYR A 1041 -12.90 25.16 -39.82
N ILE A 1042 -12.06 25.51 -40.80
CA ILE A 1042 -11.24 26.71 -40.70
C ILE A 1042 -12.13 27.95 -40.69
N LYS A 1043 -13.10 27.99 -41.60
CA LYS A 1043 -14.01 29.13 -41.66
C LYS A 1043 -14.78 29.23 -40.36
N SER A 1044 -15.20 28.09 -39.82
CA SER A 1044 -15.94 28.09 -38.57
C SER A 1044 -15.10 28.71 -37.46
N LEU A 1045 -13.84 28.28 -37.37
CA LEU A 1045 -12.96 28.83 -36.35
C LEU A 1045 -12.79 30.32 -36.53
N SER A 1046 -12.60 30.77 -37.77
CA SER A 1046 -12.43 32.19 -38.04
C SER A 1046 -13.64 32.97 -37.54
N SER A 1047 -14.83 32.53 -37.95
CA SER A 1047 -16.05 33.21 -37.53
C SER A 1047 -16.14 33.27 -36.02
N PHE A 1048 -16.07 32.11 -35.36
CA PHE A 1048 -16.14 32.06 -33.91
C PHE A 1048 -15.18 33.07 -33.28
N GLU A 1049 -13.88 32.96 -33.59
CA GLU A 1049 -12.91 33.87 -33.04
C GLU A 1049 -13.23 35.33 -33.37
N SER A 1050 -14.01 35.57 -34.42
CA SER A 1050 -14.36 36.93 -34.80
C SER A 1050 -15.58 37.44 -34.04
N GLY A 1051 -16.54 36.58 -33.74
CA GLY A 1051 -17.74 36.96 -33.01
C GLY A 1051 -19.02 36.77 -33.79
N LYS A 1052 -18.97 36.31 -35.03
CA LYS A 1052 -20.16 36.12 -35.85
C LYS A 1052 -20.63 34.67 -35.69
N PHE A 1053 -21.42 34.46 -34.63
CA PHE A 1053 -21.95 33.13 -34.35
C PHE A 1053 -22.95 32.65 -35.39
N VAL A 1054 -23.60 33.56 -36.10
CA VAL A 1054 -24.56 33.15 -37.13
C VAL A 1054 -23.86 32.44 -38.26
N GLU A 1055 -22.87 33.09 -38.87
CA GLU A 1055 -22.14 32.45 -39.97
C GLU A 1055 -21.54 31.14 -39.48
N CYS A 1056 -21.08 31.12 -38.23
CA CYS A 1056 -20.51 29.92 -37.68
C CYS A 1056 -21.53 28.80 -37.72
N THR A 1057 -22.67 28.99 -37.05
CA THR A 1057 -23.71 27.97 -37.04
C THR A 1057 -24.05 27.53 -38.46
N GLU A 1058 -24.06 28.47 -39.41
CA GLU A 1058 -24.38 28.10 -40.79
C GLU A 1058 -23.28 27.20 -41.36
N GLN A 1059 -22.06 27.35 -40.87
CA GLN A 1059 -20.93 26.55 -41.33
C GLN A 1059 -20.79 25.23 -40.60
N LEU A 1060 -21.42 25.09 -39.42
CA LEU A 1060 -21.32 23.86 -38.66
C LEU A 1060 -22.32 22.81 -39.12
N GLU A 1061 -23.46 23.23 -39.69
CA GLU A 1061 -24.46 22.28 -40.16
C GLU A 1061 -23.92 21.33 -41.22
N LEU A 1062 -22.74 21.62 -41.78
CA LEU A 1062 -22.15 20.78 -42.81
C LEU A 1062 -21.20 19.74 -42.22
N LEU A 1063 -20.45 20.11 -41.19
CA LEU A 1063 -19.53 19.19 -40.57
C LEU A 1063 -20.28 17.97 -40.05
N PRO A 1064 -19.63 16.81 -40.02
CA PRO A 1064 -20.31 15.60 -39.53
C PRO A 1064 -20.45 15.62 -38.01
N GLY A 1065 -21.30 14.72 -37.54
CA GLY A 1065 -21.57 14.57 -36.12
C GLY A 1065 -22.98 15.00 -35.77
N GLU A 1066 -23.34 14.73 -34.51
CA GLU A 1066 -24.65 15.07 -34.00
C GLU A 1066 -24.97 16.53 -34.31
N ASN A 1067 -26.10 16.74 -34.98
CA ASN A 1067 -26.52 18.09 -35.33
C ASN A 1067 -26.44 19.00 -34.11
N ILE A 1068 -26.25 20.29 -34.38
CA ILE A 1068 -26.16 21.30 -33.33
C ILE A 1068 -27.31 21.11 -32.34
N ASN A 1069 -27.04 21.35 -31.07
CA ASN A 1069 -28.06 21.21 -30.04
C ASN A 1069 -29.24 22.13 -30.31
N LEU A 1070 -30.35 21.85 -29.64
CA LEU A 1070 -31.57 22.64 -29.78
C LEU A 1070 -32.13 23.01 -28.41
N ASP A 1080 -28.59 8.46 -27.92
CA ASP A 1080 -28.47 9.80 -28.49
C ASP A 1080 -27.23 10.50 -27.95
N MET A 1081 -26.91 10.24 -26.69
CA MET A 1081 -25.74 10.85 -26.05
C MET A 1081 -24.51 9.97 -26.15
N LYS A 1082 -24.69 8.66 -26.24
CA LYS A 1082 -23.56 7.75 -26.35
C LYS A 1082 -23.00 7.75 -27.76
N LYS A 1083 -23.87 7.85 -28.76
CA LYS A 1083 -23.46 7.85 -30.16
C LYS A 1083 -23.26 9.27 -30.69
N LEU A 1084 -22.41 10.05 -30.03
CA LEU A 1084 -22.17 11.41 -30.47
C LEU A 1084 -21.28 11.43 -31.71
N LEU A 1085 -20.16 10.72 -31.66
CA LEU A 1085 -19.27 10.70 -32.81
C LEU A 1085 -19.93 9.93 -33.96
N PRO A 1086 -19.58 10.26 -35.19
CA PRO A 1086 -20.17 9.58 -36.34
C PRO A 1086 -19.36 8.34 -36.72
N ASN A 1087 -19.94 7.53 -37.57
CA ASN A 1087 -19.28 6.32 -38.02
C ASN A 1087 -18.27 6.71 -39.10
N MET A 1088 -17.68 5.72 -39.76
CA MET A 1088 -16.70 5.96 -40.82
C MET A 1088 -15.53 6.81 -40.36
N LEU A 1089 -15.36 6.97 -39.05
CA LEU A 1089 -14.27 7.77 -38.49
C LEU A 1089 -12.96 7.01 -38.54
N SER A 1090 -11.86 7.78 -38.67
CA SER A 1090 -10.53 7.22 -38.73
C SER A 1090 -9.89 7.18 -37.35
N PRO A 1091 -9.02 6.19 -37.07
CA PRO A 1091 -8.40 6.12 -35.75
C PRO A 1091 -7.26 7.09 -35.53
N ASP A 1092 -7.16 8.10 -36.38
CA ASP A 1092 -6.10 9.09 -36.25
C ASP A 1092 -6.48 10.13 -35.20
N PRO A 1093 -5.67 10.33 -34.15
CA PRO A 1093 -6.02 11.32 -33.12
C PRO A 1093 -6.36 12.69 -33.71
N ARG A 1094 -5.78 12.99 -34.88
CA ARG A 1094 -6.06 14.27 -35.51
C ARG A 1094 -7.53 14.40 -35.86
N GLU A 1095 -8.18 13.27 -36.17
CA GLU A 1095 -9.59 13.29 -36.52
C GLU A 1095 -10.46 13.44 -35.28
N LEU A 1096 -9.94 13.05 -34.11
CA LEU A 1096 -10.68 13.15 -32.86
C LEU A 1096 -10.60 14.56 -32.28
N GLN A 1097 -9.41 15.18 -32.36
CA GLN A 1097 -9.27 16.53 -31.83
C GLN A 1097 -10.22 17.47 -32.55
N LYS A 1098 -10.39 17.29 -33.85
CA LYS A 1098 -11.28 18.12 -34.63
C LYS A 1098 -12.71 17.97 -34.15
N SER A 1099 -13.15 16.73 -33.95
CA SER A 1099 -14.50 16.49 -33.48
C SER A 1099 -14.75 17.13 -32.12
N ILE A 1100 -13.79 17.01 -31.21
CA ILE A 1100 -13.96 17.60 -29.90
C ILE A 1100 -14.05 19.12 -30.01
N GLU A 1101 -13.22 19.71 -30.88
CA GLU A 1101 -13.27 21.16 -31.04
C GLU A 1101 -14.64 21.57 -31.56
N VAL A 1102 -15.18 20.78 -32.49
CA VAL A 1102 -16.49 21.09 -33.06
C VAL A 1102 -17.54 21.06 -31.97
N GLN A 1103 -17.52 20.02 -31.13
CA GLN A 1103 -18.50 19.93 -30.05
C GLN A 1103 -18.42 21.15 -29.14
N LEU A 1104 -17.20 21.55 -28.78
CA LEU A 1104 -17.04 22.71 -27.92
C LEU A 1104 -17.65 23.95 -28.56
N LEU A 1105 -17.40 24.15 -29.86
CA LEU A 1105 -17.95 25.32 -30.53
C LEU A 1105 -19.46 25.27 -30.55
N ARG A 1106 -20.03 24.10 -30.84
CA ARG A 1106 -21.47 23.95 -30.88
C ARG A 1106 -22.10 24.34 -29.55
N SER A 1107 -21.53 23.82 -28.46
CA SER A 1107 -22.05 24.15 -27.13
C SER A 1107 -21.94 25.64 -26.84
N SER A 1108 -20.80 26.24 -27.18
CA SER A 1108 -20.63 27.67 -26.94
C SER A 1108 -21.68 28.50 -27.66
N VAL A 1109 -21.91 28.22 -28.94
CA VAL A 1109 -22.90 28.99 -29.67
C VAL A 1109 -24.30 28.72 -29.13
N CYS A 1110 -24.61 27.46 -28.80
CA CYS A 1110 -25.92 27.16 -28.26
C CYS A 1110 -26.18 27.97 -27.01
N LEU A 1111 -25.18 28.09 -26.14
CA LEU A 1111 -25.37 28.86 -24.91
C LEU A 1111 -25.55 30.33 -25.23
N ALA A 1112 -24.67 30.88 -26.07
CA ALA A 1112 -24.78 32.29 -26.42
C ALA A 1112 -26.19 32.62 -26.91
N THR A 1113 -26.77 31.72 -27.71
CA THR A 1113 -28.12 31.97 -28.21
C THR A 1113 -29.16 31.76 -27.11
N ALA A 1114 -28.93 30.76 -26.24
CA ALA A 1114 -29.87 30.50 -25.16
C ALA A 1114 -30.02 31.70 -24.25
N LEU A 1115 -28.99 32.54 -24.16
CA LEU A 1115 -29.09 33.71 -23.30
C LEU A 1115 -30.10 34.71 -23.85
N ASN A 1116 -29.85 35.22 -25.05
CA ASN A 1116 -30.76 36.18 -25.68
C ASN A 1116 -30.26 36.56 -27.07
N TRP A 1124 -33.16 27.85 -14.33
CA TRP A 1124 -32.02 27.84 -15.22
C TRP A 1124 -31.79 26.44 -15.80
N GLN A 1125 -32.83 25.91 -16.45
CA GLN A 1125 -32.78 24.59 -17.06
C GLN A 1125 -33.34 24.60 -18.47
N SER A 1126 -33.53 25.78 -19.07
CA SER A 1126 -34.06 25.86 -20.43
C SER A 1126 -33.18 25.08 -21.40
N ILE A 1127 -31.93 25.50 -21.55
CA ILE A 1127 -31.00 24.83 -22.45
C ILE A 1127 -29.76 24.44 -21.67
N THR A 1128 -29.92 24.21 -20.36
CA THR A 1128 -28.82 23.82 -19.49
C THR A 1128 -29.13 22.49 -18.83
N GLU A 1129 -29.74 21.59 -19.61
CA GLU A 1129 -30.10 20.26 -19.15
C GLU A 1129 -29.46 19.25 -20.10
N ASN A 1130 -29.40 19.61 -21.38
CA ASN A 1130 -28.82 18.79 -22.42
C ASN A 1130 -27.38 19.18 -22.73
N VAL A 1131 -27.10 20.49 -22.69
CA VAL A 1131 -25.75 20.97 -22.96
C VAL A 1131 -24.77 20.39 -21.95
N VAL A 1132 -25.18 20.32 -20.68
CA VAL A 1132 -24.30 19.78 -19.65
C VAL A 1132 -23.97 18.32 -19.98
N LYS A 1133 -24.97 17.54 -20.38
CA LYS A 1133 -24.70 16.15 -20.71
C LYS A 1133 -23.77 16.07 -21.91
N TYR A 1134 -23.96 16.99 -22.85
CA TYR A 1134 -23.12 17.02 -24.05
C TYR A 1134 -21.67 17.20 -23.64
N LEU A 1135 -21.41 18.21 -22.80
CA LEU A 1135 -20.05 18.47 -22.35
C LEU A 1135 -19.52 17.32 -21.51
N LYS A 1136 -20.37 16.66 -20.73
CA LYS A 1136 -19.91 15.55 -19.92
C LYS A 1136 -19.39 14.44 -20.82
N GLN A 1137 -20.16 14.12 -21.86
CA GLN A 1137 -19.71 13.06 -22.76
C GLN A 1137 -18.43 13.51 -23.45
N THR A 1138 -18.37 14.79 -23.83
CA THR A 1138 -17.18 15.30 -24.49
C THR A 1138 -15.96 15.09 -23.60
N SER A 1139 -16.12 15.34 -22.30
CA SER A 1139 -15.04 15.17 -21.36
C SER A 1139 -14.68 13.69 -21.20
N ARG A 1140 -15.66 12.81 -21.39
CA ARG A 1140 -15.39 11.39 -21.26
C ARG A 1140 -14.61 10.89 -22.47
N ILE A 1141 -14.82 11.52 -23.63
CA ILE A 1141 -14.11 11.10 -24.84
C ILE A 1141 -12.70 11.67 -24.86
N ALA A 1142 -12.53 12.89 -24.37
CA ALA A 1142 -11.24 13.57 -24.32
C ALA A 1142 -10.29 13.01 -23.31
N ILE A 1143 -10.53 11.92 -22.60
CA ILE A 1143 -9.57 11.41 -21.65
C ILE A 1143 -9.01 10.07 -22.09
N GLY A 1144 -9.15 9.75 -23.38
CA GLY A 1144 -8.66 8.50 -23.91
C GLY A 1144 -7.16 8.58 -24.16
N PRO A 1145 -6.73 9.66 -24.82
CA PRO A 1145 -5.29 9.80 -25.09
C PRO A 1145 -4.46 9.75 -23.82
N LEU A 1146 -4.90 10.44 -22.77
CA LEU A 1146 -4.15 10.44 -21.52
C LEU A 1146 -4.05 9.03 -20.97
N ARG A 1147 -5.09 8.24 -21.19
CA ARG A 1147 -5.11 6.86 -20.72
C ARG A 1147 -4.23 5.99 -21.58
N LEU A 1148 -4.00 6.39 -22.83
CA LEU A 1148 -3.15 5.62 -23.73
C LEU A 1148 -1.70 5.92 -23.45
N SER A 1149 -1.42 7.12 -22.95
CA SER A 1149 -0.05 7.49 -22.64
C SER A 1149 0.49 6.67 -21.48
N THR A 1150 -0.39 5.99 -20.76
CA THR A 1150 -0.03 5.14 -19.64
C THR A 1150 0.11 3.70 -20.07
N LEU A 1151 -0.67 3.27 -21.06
CA LEU A 1151 -0.58 1.90 -21.54
C LEU A 1151 0.85 1.62 -21.97
N THR A 1152 1.56 2.69 -22.31
CA THR A 1152 2.94 2.73 -22.75
C THR A 1152 3.68 3.43 -21.62
N VAL A 1153 4.94 3.76 -21.85
CA VAL A 1153 5.77 4.44 -20.85
C VAL A 1153 6.36 5.65 -21.58
N SER A 1154 5.66 6.79 -21.50
CA SER A 1154 6.09 8.01 -22.14
C SER A 1154 6.65 9.07 -21.20
N GLN A 1155 6.30 9.02 -19.92
CA GLN A 1155 6.74 9.97 -18.91
C GLN A 1155 6.20 11.37 -19.16
N SER A 1156 5.35 11.55 -20.17
CA SER A 1156 4.77 12.85 -20.49
C SER A 1156 3.36 12.62 -21.02
N LEU A 1157 2.57 13.68 -21.03
CA LEU A 1157 1.20 13.64 -21.49
C LEU A 1157 1.00 14.55 -22.70
N PRO A 1158 0.02 14.24 -23.55
CA PRO A 1158 -0.21 15.08 -24.72
C PRO A 1158 -0.67 16.46 -24.26
N VAL A 1159 -0.16 17.50 -24.92
CA VAL A 1159 -0.51 18.87 -24.58
C VAL A 1159 -1.89 19.24 -25.10
N LEU A 1160 -2.12 19.04 -26.39
CA LEU A 1160 -3.42 19.37 -26.97
C LEU A 1160 -4.56 18.58 -26.33
N SER A 1161 -4.43 17.26 -26.30
CA SER A 1161 -5.45 16.41 -25.71
C SER A 1161 -5.75 16.76 -24.26
N THR A 1162 -4.85 17.46 -23.58
CA THR A 1162 -5.02 17.86 -22.20
C THR A 1162 -5.79 19.17 -22.12
N LEU A 1163 -5.41 20.14 -22.95
CA LEU A 1163 -6.07 21.42 -22.95
C LEU A 1163 -7.52 21.27 -23.37
N GLN A 1164 -7.79 20.36 -24.32
CA GLN A 1164 -9.17 20.17 -24.74
C GLN A 1164 -10.03 19.76 -23.56
N LEU A 1165 -9.51 18.85 -22.74
CA LEU A 1165 -10.23 18.37 -21.57
C LEU A 1165 -10.44 19.49 -20.56
N TYR A 1166 -9.37 20.25 -20.28
CA TYR A 1166 -9.50 21.36 -19.33
C TYR A 1166 -10.54 22.36 -19.80
N CYS A 1167 -10.56 22.65 -21.11
CA CYS A 1167 -11.52 23.61 -21.64
C CYS A 1167 -12.93 23.05 -21.52
N SER A 1168 -13.10 21.76 -21.82
CA SER A 1168 -14.42 21.17 -21.71
C SER A 1168 -14.96 21.33 -20.30
N SER A 1169 -14.10 21.07 -19.31
CA SER A 1169 -14.52 21.21 -17.93
C SER A 1169 -14.84 22.67 -17.60
N ALA A 1170 -14.02 23.59 -18.09
CA ALA A 1170 -14.27 25.00 -17.82
C ALA A 1170 -15.65 25.41 -18.29
N LEU A 1171 -16.02 24.99 -19.50
CA LEU A 1171 -17.34 25.35 -20.01
C LEU A 1171 -18.43 24.63 -19.21
N GLU A 1172 -18.28 23.32 -19.02
CA GLU A 1172 -19.26 22.56 -18.25
C GLU A 1172 -19.53 23.21 -16.91
N ASN A 1173 -18.54 23.93 -16.38
CA ASN A 1173 -18.71 24.59 -15.09
C ASN A 1173 -19.26 26.00 -15.23
N THR A 1174 -18.92 26.72 -16.31
CA THR A 1174 -19.44 28.06 -16.45
C THR A 1174 -20.94 28.03 -16.71
N VAL A 1175 -21.43 26.96 -17.34
CA VAL A 1175 -22.86 26.85 -17.61
C VAL A 1175 -23.62 26.67 -16.30
N SER A 1176 -23.27 25.63 -15.54
CA SER A 1176 -23.92 25.34 -14.27
C SER A 1176 -23.62 26.38 -13.20
N ASN A 1177 -22.81 27.40 -13.52
CA ASN A 1177 -22.45 28.43 -12.57
C ASN A 1177 -22.63 29.85 -13.11
N ARG A 1178 -22.71 30.04 -14.43
CA ARG A 1178 -22.88 31.35 -15.04
C ARG A 1178 -21.81 32.33 -14.57
N LEU A 1179 -20.56 31.94 -14.77
CA LEU A 1179 -19.39 32.72 -14.41
C LEU A 1179 -19.54 33.33 -13.03
N SER A 1180 -19.69 32.46 -12.03
CA SER A 1180 -19.85 32.87 -10.64
C SER A 1180 -18.82 32.27 -9.71
N THR A 1181 -17.94 31.40 -10.21
CA THR A 1181 -16.91 30.76 -9.40
C THR A 1181 -15.58 30.81 -10.14
N GLU A 1182 -14.51 30.44 -9.42
CA GLU A 1182 -13.18 30.44 -10.00
C GLU A 1182 -12.91 29.20 -10.84
N ASP A 1183 -13.71 28.14 -10.65
CA ASP A 1183 -13.52 26.90 -11.40
C ASP A 1183 -13.97 27.02 -12.85
N CYS A 1184 -14.39 28.21 -13.28
CA CYS A 1184 -14.84 28.44 -14.65
C CYS A 1184 -13.73 28.97 -15.54
N LEU A 1185 -12.55 29.18 -15.00
CA LEU A 1185 -11.40 29.68 -15.74
C LEU A 1185 -10.51 28.51 -16.16
N ILE A 1186 -9.38 28.85 -16.76
CA ILE A 1186 -8.41 27.85 -17.22
C ILE A 1186 -7.19 28.03 -16.33
N PRO A 1187 -6.55 26.95 -15.89
CA PRO A 1187 -5.37 27.09 -15.01
C PRO A 1187 -4.05 27.52 -15.63
N LEU A 1188 -4.03 28.08 -16.84
CA LEU A 1188 -2.75 28.50 -17.41
C LEU A 1188 -2.37 29.84 -16.82
N PHE A 1189 -1.24 29.88 -16.11
CA PHE A 1189 -0.76 31.10 -15.49
C PHE A 1189 0.70 31.35 -15.85
N SER A 1190 1.18 32.52 -15.43
CA SER A 1190 2.57 32.90 -15.69
C SER A 1190 3.56 31.90 -15.15
N GLU A 1191 3.19 31.16 -14.10
CA GLU A 1191 4.11 30.17 -13.53
C GLU A 1191 4.59 29.18 -14.57
N ALA A 1192 3.90 29.05 -15.70
CA ALA A 1192 4.28 28.13 -16.76
C ALA A 1192 5.35 28.69 -17.67
N LEU A 1193 6.00 29.78 -17.29
CA LEU A 1193 7.04 30.38 -18.10
C LEU A 1193 8.42 29.86 -17.72
N ARG A 1194 8.61 29.49 -16.46
CA ARG A 1194 9.86 28.97 -15.96
C ARG A 1194 9.85 27.46 -15.82
N SER A 1195 8.78 26.80 -16.29
CA SER A 1195 8.68 25.35 -16.20
C SER A 1195 8.12 24.72 -17.47
N CYS A 1196 7.86 25.48 -18.53
CA CYS A 1196 7.33 24.92 -19.77
C CYS A 1196 7.96 25.56 -21.00
N LYS A 1197 9.22 26.00 -20.89
CA LYS A 1197 9.90 26.61 -22.02
C LYS A 1197 10.21 25.63 -23.13
N GLN A 1198 9.80 24.37 -23.00
CA GLN A 1198 10.05 23.34 -24.00
C GLN A 1198 8.83 23.06 -24.87
N HIS A 1199 7.78 23.85 -24.74
CA HIS A 1199 6.55 23.67 -25.51
C HIS A 1199 6.36 24.81 -26.49
N ASP A 1200 5.61 24.52 -27.54
CA ASP A 1200 5.32 25.51 -28.58
C ASP A 1200 4.27 26.49 -28.07
N VAL A 1201 3.81 27.38 -28.95
CA VAL A 1201 2.81 28.37 -28.58
C VAL A 1201 1.38 27.91 -28.85
N ARG A 1202 1.21 26.75 -29.47
CA ARG A 1202 -0.13 26.25 -29.76
C ARG A 1202 -1.02 26.18 -28.53
N PRO A 1203 -0.54 25.72 -27.37
CA PRO A 1203 -1.42 25.67 -26.19
C PRO A 1203 -2.10 26.99 -25.89
N TRP A 1204 -1.31 28.05 -25.76
CA TRP A 1204 -1.84 29.38 -25.47
C TRP A 1204 -2.80 29.87 -26.53
N MET A 1205 -2.85 29.21 -27.70
CA MET A 1205 -3.76 29.62 -28.75
C MET A 1205 -5.15 29.05 -28.54
N GLN A 1206 -5.24 27.92 -27.85
CA GLN A 1206 -6.54 27.30 -27.58
C GLN A 1206 -7.24 28.00 -26.44
N ALA A 1207 -6.54 28.17 -25.31
CA ALA A 1207 -7.12 28.82 -24.16
C ALA A 1207 -7.73 30.16 -24.53
N LEU A 1208 -6.94 31.03 -25.16
CA LEU A 1208 -7.44 32.34 -25.56
C LEU A 1208 -8.74 32.20 -26.35
N ARG A 1209 -8.81 31.21 -27.24
CA ARG A 1209 -10.02 31.01 -28.02
C ARG A 1209 -11.24 30.97 -27.13
N TYR A 1210 -11.19 30.14 -26.09
CA TYR A 1210 -12.29 30.00 -25.14
C TYR A 1210 -12.21 30.99 -23.99
N THR A 1211 -11.18 31.83 -23.95
CA THR A 1211 -11.05 32.80 -22.90
C THR A 1211 -11.64 34.13 -23.32
N MET A 1212 -11.52 34.47 -24.60
CA MET A 1212 -12.06 35.73 -25.09
C MET A 1212 -13.58 35.63 -25.14
N TYR A 1213 -14.08 34.50 -25.62
CA TYR A 1213 -15.52 34.26 -25.72
C TYR A 1213 -16.20 34.66 -24.42
N GLN A 1214 -15.77 34.07 -23.31
CA GLN A 1214 -16.35 34.37 -22.01
C GLN A 1214 -16.43 35.88 -21.80
N ASN A 1215 -15.30 36.57 -22.00
CA ASN A 1215 -15.29 38.02 -21.82
C ASN A 1215 -16.44 38.66 -22.58
N GLN A 1216 -16.56 38.35 -23.87
CA GLN A 1216 -17.64 38.92 -24.66
C GLN A 1216 -18.99 38.58 -24.04
N LEU A 1217 -19.16 37.32 -23.66
CA LEU A 1217 -20.39 36.85 -23.05
C LEU A 1217 -20.77 37.66 -21.82
N LEU A 1218 -19.82 38.35 -21.20
CA LEU A 1218 -20.15 39.15 -20.03
C LEU A 1218 -21.18 40.21 -20.33
N GLU A 1219 -21.32 40.59 -21.60
CA GLU A 1219 -22.29 41.60 -21.97
C GLU A 1219 -23.72 41.09 -21.88
N LYS A 1220 -23.93 39.85 -21.43
CA LYS A 1220 -25.26 39.27 -21.32
C LYS A 1220 -25.45 38.59 -19.97
N ILE A 1221 -24.83 39.15 -18.92
CA ILE A 1221 -24.93 38.61 -17.57
C ILE A 1221 -25.02 39.80 -16.63
N LYS A 1222 -26.19 40.01 -16.04
CA LYS A 1222 -26.39 41.13 -15.12
C LYS A 1222 -25.77 40.85 -13.75
N GLU A 1223 -26.06 39.68 -13.18
CA GLU A 1223 -25.54 39.31 -11.87
C GLU A 1223 -24.02 39.44 -11.82
N GLN A 1224 -23.47 39.55 -10.62
CA GLN A 1224 -22.03 39.70 -10.44
C GLN A 1224 -21.32 38.46 -10.99
N THR A 1225 -20.05 38.66 -11.35
CA THR A 1225 -19.23 37.58 -11.89
C THR A 1225 -17.80 37.72 -11.37
N VAL A 1226 -16.90 36.94 -11.94
CA VAL A 1226 -15.48 36.96 -11.56
C VAL A 1226 -14.71 37.83 -12.53
N PRO A 1227 -13.54 38.34 -12.14
CA PRO A 1227 -12.74 39.19 -13.03
C PRO A 1227 -11.96 38.34 -14.02
N ILE A 1228 -12.15 38.61 -15.31
CA ILE A 1228 -11.47 37.89 -16.37
C ILE A 1228 -10.43 38.74 -17.07
N ARG A 1229 -10.71 40.05 -17.23
CA ARG A 1229 -9.80 40.95 -17.89
C ARG A 1229 -8.35 40.72 -17.48
N SER A 1230 -8.10 40.62 -16.17
CA SER A 1230 -6.74 40.39 -15.70
C SER A 1230 -6.20 39.06 -16.24
N HIS A 1231 -7.01 38.00 -16.14
CA HIS A 1231 -6.59 36.70 -16.64
C HIS A 1231 -6.28 36.75 -18.13
N LEU A 1232 -7.10 37.48 -18.88
CA LEU A 1232 -6.88 37.59 -20.31
C LEU A 1232 -5.57 38.30 -20.60
N MET A 1233 -5.29 39.38 -19.87
CA MET A 1233 -4.04 40.10 -20.10
C MET A 1233 -2.86 39.21 -19.76
N GLU A 1234 -3.00 38.39 -18.70
CA GLU A 1234 -1.92 37.51 -18.30
C GLU A 1234 -1.61 36.52 -19.42
N LEU A 1235 -2.65 35.84 -19.91
CA LEU A 1235 -2.45 34.87 -20.98
C LEU A 1235 -1.86 35.54 -22.21
N GLY A 1236 -2.35 36.73 -22.54
CA GLY A 1236 -1.83 37.43 -23.71
C GLY A 1236 -0.36 37.74 -23.59
N LEU A 1237 0.07 38.24 -22.43
CA LEU A 1237 1.47 38.57 -22.25
C LEU A 1237 2.34 37.32 -22.33
N THR A 1238 1.92 36.25 -21.63
CA THR A 1238 2.70 35.02 -21.67
C THR A 1238 2.84 34.51 -23.09
N ALA A 1239 1.74 34.49 -23.84
CA ALA A 1239 1.80 34.00 -25.22
C ALA A 1239 2.71 34.89 -26.05
N ALA A 1240 2.61 36.20 -25.87
CA ALA A 1240 3.45 37.12 -26.64
C ALA A 1240 4.92 36.83 -26.38
N LYS A 1241 5.27 36.55 -25.12
CA LYS A 1241 6.67 36.26 -24.81
C LYS A 1241 7.10 34.96 -25.46
N PHE A 1242 6.27 33.92 -25.33
CA PHE A 1242 6.60 32.64 -25.94
C PHE A 1242 6.75 32.77 -27.45
N ALA A 1243 6.10 33.75 -28.05
CA ALA A 1243 6.19 33.94 -29.49
C ALA A 1243 7.45 34.72 -29.85
N ARG A 1244 7.69 35.83 -29.15
CA ARG A 1244 8.86 36.63 -29.41
C ARG A 1244 10.13 35.81 -29.27
N LYS A 1245 10.15 34.90 -28.31
CA LYS A 1245 11.34 34.08 -28.11
C LYS A 1245 11.60 33.09 -29.25
N ARG A 1246 10.80 33.13 -30.33
CA ARG A 1246 11.00 32.21 -31.44
C ARG A 1246 10.96 32.90 -32.80
N GLY A 1247 10.98 34.23 -32.86
CA GLY A 1247 10.94 34.95 -34.10
C GLY A 1247 9.58 35.35 -34.62
N ASN A 1248 8.50 34.78 -34.09
CA ASN A 1248 7.17 35.14 -34.55
C ASN A 1248 6.82 36.55 -34.10
N VAL A 1249 7.05 37.53 -34.94
CA VAL A 1249 6.76 38.92 -34.60
C VAL A 1249 5.33 39.32 -34.96
N SER A 1250 4.78 38.80 -36.06
CA SER A 1250 3.42 39.17 -36.43
C SER A 1250 2.46 38.79 -35.32
N LEU A 1251 2.50 37.54 -34.88
CA LEU A 1251 1.62 37.07 -33.82
C LEU A 1251 1.87 37.87 -32.53
N ALA A 1252 3.13 38.22 -32.28
CA ALA A 1252 3.45 38.97 -31.08
C ALA A 1252 2.77 40.33 -31.11
N THR A 1253 2.85 41.03 -32.24
CA THR A 1253 2.20 42.34 -32.35
C THR A 1253 0.70 42.18 -32.20
N ARG A 1254 0.16 41.13 -32.81
CA ARG A 1254 -1.27 40.88 -32.73
C ARG A 1254 -1.72 40.77 -31.28
N LEU A 1255 -1.04 39.93 -30.51
CA LEU A 1255 -1.39 39.75 -29.10
C LEU A 1255 -1.18 41.02 -28.29
N LEU A 1256 -0.06 41.71 -28.49
CA LEU A 1256 0.17 42.93 -27.72
C LEU A 1256 -0.94 43.94 -28.01
N ALA A 1257 -1.35 44.06 -29.27
CA ALA A 1257 -2.42 45.00 -29.61
C ALA A 1257 -3.71 44.56 -28.94
N GLN A 1258 -4.03 43.27 -29.04
CA GLN A 1258 -5.23 42.74 -28.43
C GLN A 1258 -5.24 42.96 -26.94
N CYS A 1259 -4.07 43.14 -26.33
CA CYS A 1259 -3.95 43.36 -24.90
C CYS A 1259 -3.99 44.82 -24.53
N SER A 1260 -3.56 45.71 -25.42
CA SER A 1260 -3.56 47.14 -25.16
C SER A 1260 -4.87 47.80 -25.57
N GLU A 1261 -5.86 47.03 -26.01
CA GLU A 1261 -7.15 47.57 -26.44
C GLU A 1261 -6.97 48.64 -27.51
N THR A 1268 3.07 45.75 -40.59
CA THR A 1268 3.69 44.97 -41.66
C THR A 1268 5.13 45.42 -41.91
N THR A 1269 5.47 46.61 -41.43
CA THR A 1269 6.80 47.18 -41.59
C THR A 1269 7.39 47.49 -40.22
N ALA A 1270 8.71 47.50 -40.14
CA ALA A 1270 9.39 47.78 -38.88
C ALA A 1270 8.93 49.13 -38.30
N GLN A 1271 9.00 50.19 -39.12
CA GLN A 1271 8.59 51.50 -38.64
C GLN A 1271 7.15 51.48 -38.15
N ASP A 1272 6.31 50.62 -38.73
CA ASP A 1272 4.91 50.53 -38.31
C ASP A 1272 4.85 50.25 -36.82
N LEU A 1273 5.71 49.36 -36.34
CA LEU A 1273 5.72 49.03 -34.92
C LEU A 1273 6.28 50.18 -34.10
N VAL A 1274 7.31 50.84 -34.62
CA VAL A 1274 7.92 51.97 -33.92
C VAL A 1274 6.87 53.03 -33.63
N GLN A 1275 5.94 53.23 -34.55
CA GLN A 1275 4.88 54.22 -34.37
C GLN A 1275 3.64 53.66 -33.69
N HIS A 1276 3.46 52.34 -33.71
CA HIS A 1276 2.28 51.74 -33.07
C HIS A 1276 2.46 51.50 -31.58
N PHE A 1277 3.66 51.22 -31.11
CA PHE A 1277 3.89 50.96 -29.69
C PHE A 1277 4.48 52.15 -28.93
N LYS A 1278 5.59 52.71 -29.39
CA LYS A 1278 6.21 53.85 -28.70
C LYS A 1278 5.18 54.93 -28.36
N LYS A 1289 -1.46 46.50 -12.59
CA LYS A 1289 -0.68 45.34 -12.18
C LYS A 1289 0.22 44.86 -13.31
N TRP A 1290 -0.32 44.86 -14.52
CA TRP A 1290 0.41 44.42 -15.71
C TRP A 1290 0.84 45.60 -16.58
N GLY A 1291 0.95 46.80 -15.99
CA GLY A 1291 1.37 47.96 -16.73
C GLY A 1291 2.80 47.90 -17.19
N PRO A 1292 3.73 47.85 -16.24
CA PRO A 1292 5.16 47.78 -16.61
C PRO A 1292 5.50 46.64 -17.54
N GLU A 1293 5.12 45.41 -17.18
CA GLU A 1293 5.39 44.23 -17.99
C GLU A 1293 5.11 44.47 -19.46
N LEU A 1294 4.01 45.15 -19.78
CA LEU A 1294 3.66 45.41 -21.16
C LEU A 1294 4.66 46.39 -21.79
N ASP A 1295 4.97 47.47 -21.08
CA ASP A 1295 5.91 48.45 -21.61
C ASP A 1295 7.27 47.81 -21.88
N ILE A 1296 7.67 46.85 -21.05
CA ILE A 1296 8.95 46.19 -21.25
C ILE A 1296 8.87 45.20 -22.41
N GLU A 1297 7.74 44.49 -22.51
CA GLU A 1297 7.59 43.53 -23.60
C GLU A 1297 7.66 44.23 -24.93
N LYS A 1298 7.10 45.44 -25.02
CA LYS A 1298 7.13 46.18 -26.28
C LYS A 1298 8.57 46.47 -26.69
N THR A 1299 9.38 46.94 -25.74
CA THR A 1299 10.77 47.24 -26.03
C THR A 1299 11.51 45.98 -26.46
N LYS A 1300 11.29 44.89 -25.74
CA LYS A 1300 11.95 43.63 -26.09
C LYS A 1300 11.57 43.21 -27.50
N LEU A 1301 10.33 43.47 -27.89
CA LEU A 1301 9.90 43.11 -29.23
C LEU A 1301 10.63 43.96 -30.26
N LEU A 1302 10.70 45.26 -30.01
CA LEU A 1302 11.40 46.15 -30.94
C LEU A 1302 12.84 45.70 -31.13
N TYR A 1303 13.60 45.64 -30.03
CA TYR A 1303 15.00 45.22 -30.11
C TYR A 1303 15.17 43.92 -30.88
N THR A 1304 14.14 43.08 -30.90
CA THR A 1304 14.20 41.81 -31.61
C THR A 1304 13.99 41.96 -33.11
N ALA A 1305 13.79 43.19 -33.59
CA ALA A 1305 13.56 43.44 -35.01
C ALA A 1305 14.63 44.33 -35.63
N GLY A 1306 15.56 44.88 -34.83
CA GLY A 1306 16.62 45.75 -35.32
C GLY A 1306 16.58 47.14 -34.72
N GLN A 1307 15.39 47.62 -34.34
CA GLN A 1307 15.23 48.94 -33.75
C GLN A 1307 15.71 48.89 -32.31
N SER A 1308 17.03 48.94 -32.16
CA SER A 1308 17.64 48.90 -30.84
C SER A 1308 17.67 50.27 -30.17
N THR A 1309 18.00 51.32 -30.94
CA THR A 1309 18.05 52.67 -30.36
C THR A 1309 16.71 53.05 -29.75
N HIS A 1310 15.63 52.88 -30.51
CA HIS A 1310 14.31 53.22 -30.01
C HIS A 1310 14.00 52.42 -28.76
N ALA A 1311 14.36 51.14 -28.74
CA ALA A 1311 14.10 50.31 -27.58
C ALA A 1311 14.84 50.83 -26.36
N MET A 1312 16.08 51.26 -26.54
CA MET A 1312 16.85 51.78 -25.42
C MET A 1312 16.21 53.05 -24.88
N GLU A 1313 15.81 53.95 -25.78
CA GLU A 1313 15.19 55.20 -25.33
C GLU A 1313 13.90 54.91 -24.57
N MET A 1314 13.08 54.00 -25.09
CA MET A 1314 11.83 53.64 -24.44
C MET A 1314 12.09 53.05 -23.07
N LEU A 1315 13.03 52.11 -22.97
CA LEU A 1315 13.32 51.50 -21.68
C LEU A 1315 13.81 52.54 -20.68
N SER A 1316 14.68 53.45 -21.12
CA SER A 1316 15.17 54.48 -20.21
C SER A 1316 14.03 55.34 -19.71
N SER A 1317 13.16 55.78 -20.61
CA SER A 1317 12.03 56.61 -20.21
C SER A 1317 11.12 55.84 -19.27
N CYS A 1318 11.00 54.53 -19.46
CA CYS A 1318 10.14 53.72 -18.61
C CYS A 1318 10.74 53.59 -17.21
N ALA A 1319 12.07 53.43 -17.14
CA ALA A 1319 12.72 53.29 -15.84
C ALA A 1319 12.62 54.58 -15.05
N ILE A 1320 12.85 55.72 -15.72
CA ILE A 1320 12.77 57.00 -15.02
C ILE A 1320 11.44 57.13 -14.29
N SER A 1321 10.39 56.51 -14.83
CA SER A 1321 9.07 56.57 -14.21
C SER A 1321 8.91 55.47 -13.16
N PHE A 1322 9.31 54.24 -13.50
CA PHE A 1322 9.20 53.13 -12.56
C PHE A 1322 9.87 53.48 -11.23
N CYS A 1323 10.93 54.27 -11.27
CA CYS A 1323 11.61 54.64 -10.03
C CYS A 1323 10.79 55.59 -9.18
N LYS A 1324 9.59 55.96 -9.60
CA LYS A 1324 8.70 56.86 -8.88
C LYS A 1324 7.34 56.21 -8.68
N SER A 1325 7.34 54.94 -8.32
CA SER A 1325 6.14 54.15 -8.08
C SER A 1325 6.14 53.68 -6.63
N VAL A 1326 5.10 52.93 -6.27
CA VAL A 1326 4.99 52.43 -4.91
C VAL A 1326 5.81 51.14 -4.76
N LYS A 1327 5.42 50.09 -5.48
CA LYS A 1327 6.17 48.83 -5.40
C LYS A 1327 7.43 48.88 -6.25
N ALA A 1328 7.26 48.93 -7.57
CA ALA A 1328 8.36 48.98 -8.54
C ALA A 1328 9.54 48.14 -8.06
N GLU A 1329 9.26 46.87 -7.80
CA GLU A 1329 10.29 45.94 -7.34
C GLU A 1329 10.86 45.08 -8.46
N TYR A 1330 10.01 44.33 -9.14
CA TYR A 1330 10.46 43.46 -10.23
C TYR A 1330 10.52 44.18 -11.57
N ALA A 1331 10.48 45.52 -11.59
CA ALA A 1331 10.53 46.28 -12.82
C ALA A 1331 11.78 47.13 -12.93
N VAL A 1332 12.13 47.87 -11.88
CA VAL A 1332 13.32 48.72 -11.93
C VAL A 1332 14.53 47.91 -12.34
N ALA A 1333 14.75 46.77 -11.66
CA ALA A 1333 15.88 45.93 -11.99
C ALA A 1333 15.74 45.30 -13.36
N LYS A 1334 14.62 44.65 -13.64
CA LYS A 1334 14.44 44.03 -14.95
C LYS A 1334 14.69 45.01 -16.07
N SER A 1335 14.50 46.31 -15.83
CA SER A 1335 14.73 47.31 -16.87
C SER A 1335 16.18 47.76 -16.92
N ILE A 1336 16.74 48.19 -15.80
CA ILE A 1336 18.13 48.65 -15.77
C ILE A 1336 19.07 47.55 -16.22
N LEU A 1337 18.89 46.34 -15.69
CA LEU A 1337 19.75 45.22 -16.07
C LEU A 1337 19.70 44.96 -17.57
N THR A 1338 18.50 44.88 -18.14
CA THR A 1338 18.41 44.65 -19.58
C THR A 1338 19.07 45.77 -20.37
N LEU A 1339 18.88 47.00 -19.91
CA LEU A 1339 19.48 48.13 -20.61
C LEU A 1339 20.99 47.98 -20.63
N ALA A 1340 21.58 47.66 -19.47
CA ALA A 1340 23.03 47.48 -19.41
C ALA A 1340 23.47 46.30 -20.26
N LYS A 1341 22.68 45.23 -20.27
CA LYS A 1341 23.03 44.06 -21.06
C LYS A 1341 23.05 44.41 -22.53
N TRP A 1342 22.19 45.34 -22.95
CA TRP A 1342 22.14 45.74 -24.34
C TRP A 1342 23.31 46.66 -24.66
N ILE A 1343 23.63 47.55 -23.73
CA ILE A 1343 24.74 48.48 -23.93
C ILE A 1343 26.04 47.71 -24.05
N GLN A 1344 26.21 46.68 -23.21
CA GLN A 1344 27.43 45.88 -23.23
C GLN A 1344 27.65 45.21 -24.58
N ALA A 1345 26.63 45.17 -25.44
CA ALA A 1345 26.75 44.56 -26.76
C ALA A 1345 27.20 45.60 -27.78
N GLU A 1346 26.43 46.67 -27.92
CA GLU A 1346 26.76 47.73 -28.86
C GLU A 1346 27.77 48.67 -28.21
N TRP A 1347 28.88 48.11 -27.73
CA TRP A 1347 29.92 48.90 -27.08
C TRP A 1347 30.73 49.73 -28.07
N LYS A 1348 30.78 49.32 -29.34
CA LYS A 1348 31.54 50.08 -30.33
C LYS A 1348 30.82 51.37 -30.72
N GLU A 1349 29.53 51.27 -31.05
CA GLU A 1349 28.73 52.43 -31.44
C GLU A 1349 28.12 53.16 -30.25
N ILE A 1350 28.51 52.82 -29.03
CA ILE A 1350 27.98 53.48 -27.83
C ILE A 1350 29.07 53.94 -26.89
N SER A 1351 30.34 53.70 -27.20
CA SER A 1351 31.44 54.12 -26.35
C SER A 1351 31.72 55.62 -26.42
N GLY A 1352 30.94 56.39 -27.18
CA GLY A 1352 31.17 57.82 -27.28
C GLY A 1352 30.15 58.60 -26.48
N GLN A 1353 28.89 58.17 -26.55
CA GLN A 1353 27.84 58.87 -25.82
C GLN A 1353 28.10 58.78 -24.33
N LEU A 1354 28.60 57.63 -23.86
CA LEU A 1354 28.88 57.46 -22.45
C LEU A 1354 29.96 58.44 -22.02
N LYS A 1355 30.97 58.64 -22.88
CA LYS A 1355 32.04 59.57 -22.55
C LYS A 1355 31.48 60.99 -22.49
N GLN A 1356 30.60 61.31 -23.44
CA GLN A 1356 30.00 62.64 -23.44
C GLN A 1356 29.22 62.87 -22.17
N VAL A 1357 28.56 61.83 -21.68
CA VAL A 1357 27.78 61.95 -20.45
C VAL A 1357 28.72 62.17 -19.28
N TYR A 1358 29.80 61.39 -19.21
CA TYR A 1358 30.75 61.55 -18.11
C TYR A 1358 31.30 62.96 -18.10
N ARG A 1359 31.56 63.52 -19.28
CA ARG A 1359 32.09 64.87 -19.35
C ARG A 1359 31.04 65.88 -18.91
N ALA A 1360 29.84 65.81 -19.48
CA ALA A 1360 28.77 66.73 -19.09
C ALA A 1360 28.55 66.70 -17.60
N GLN A 1361 28.76 65.53 -16.97
CA GLN A 1361 28.59 65.42 -15.53
C GLN A 1361 29.58 66.28 -14.77
N HIS A 1362 30.65 66.70 -15.43
CA HIS A 1362 31.70 67.54 -14.84
C HIS A 1362 32.05 68.60 -15.87
N GLN A 1363 31.31 69.71 -15.86
CA GLN A 1363 31.52 70.81 -16.78
C GLN A 1363 30.38 71.81 -16.71
N LEU A 1369 23.90 66.39 -26.33
CA LEU A 1369 23.61 65.09 -25.75
C LEU A 1369 22.38 64.47 -26.39
N SER A 1370 22.53 63.25 -26.90
CA SER A 1370 21.43 62.56 -27.54
C SER A 1370 20.34 62.24 -26.52
N THR A 1371 19.23 61.68 -27.01
CA THR A 1371 18.12 61.33 -26.13
C THR A 1371 18.55 60.30 -25.10
N LEU A 1372 19.14 59.19 -25.57
CA LEU A 1372 19.59 58.15 -24.65
C LEU A 1372 20.57 58.70 -23.62
N SER A 1373 21.48 59.57 -24.05
CA SER A 1373 22.46 60.14 -23.14
C SER A 1373 21.79 60.98 -22.06
N LYS A 1374 20.88 61.88 -22.45
CA LYS A 1374 20.22 62.70 -21.45
C LYS A 1374 19.39 61.83 -20.52
N ASN A 1375 18.81 60.75 -21.05
CA ASN A 1375 18.01 59.88 -20.18
C ASN A 1375 18.90 59.22 -19.15
N ILE A 1376 20.07 58.71 -19.58
CA ILE A 1376 20.97 58.07 -18.63
C ILE A 1376 21.37 59.07 -17.57
N LEU A 1377 21.75 60.28 -17.99
CA LEU A 1377 22.15 61.30 -17.03
C LEU A 1377 21.03 61.57 -16.03
N THR A 1378 19.79 61.67 -16.52
CA THR A 1378 18.67 61.91 -15.62
C THR A 1378 18.49 60.75 -14.67
N LEU A 1379 18.90 59.56 -15.10
CA LEU A 1379 18.79 58.37 -14.27
C LEU A 1379 19.89 58.32 -13.22
N ILE A 1380 20.99 59.04 -13.47
CA ILE A 1380 22.09 59.06 -12.52
C ILE A 1380 21.84 60.07 -11.41
N GLU A 1381 21.39 61.27 -11.75
CA GLU A 1381 21.12 62.31 -10.77
C GLU A 1381 20.00 61.95 -9.79
N LEU A 1382 19.37 60.78 -9.92
CA LEU A 1382 18.30 60.41 -9.02
C LEU A 1382 18.83 60.38 -7.58
N PRO A 1383 18.09 60.91 -6.61
CA PRO A 1383 18.57 60.90 -5.22
C PRO A 1383 18.16 59.62 -4.50
N SER A 1384 18.93 59.29 -3.47
CA SER A 1384 18.66 58.10 -2.67
C SER A 1384 17.78 58.42 -1.48
N ILE A 1395 28.22 55.94 -3.74
CA ILE A 1395 29.34 55.38 -2.99
C ILE A 1395 30.56 55.19 -3.89
N GLU A 1396 30.44 55.67 -5.14
CA GLU A 1396 31.51 55.57 -6.12
C GLU A 1396 31.96 56.97 -6.48
N SER A 1397 33.28 57.18 -6.48
CA SER A 1397 33.86 58.47 -6.82
C SER A 1397 34.72 58.37 -8.06
N GLU A 1398 35.18 59.53 -8.54
CA GLU A 1398 36.01 59.57 -9.73
C GLU A 1398 37.46 59.26 -9.41
N SER A 1399 37.97 59.78 -8.29
CA SER A 1399 39.36 59.53 -7.92
C SER A 1399 39.71 58.06 -8.03
N THR A 1400 39.05 57.20 -7.25
CA THR A 1400 39.34 55.77 -7.31
C THR A 1400 39.23 55.15 -8.70
N VAL A 1401 38.36 55.70 -9.54
CA VAL A 1401 38.17 55.21 -10.90
C VAL A 1401 38.86 56.09 -11.92
N HIS A 1402 39.43 57.21 -11.51
CA HIS A 1402 40.11 58.08 -12.46
C HIS A 1402 41.49 57.53 -12.81
N ILE A 1403 41.81 56.33 -12.33
CA ILE A 1403 43.08 55.68 -12.58
C ILE A 1403 42.83 54.27 -13.11
N GLY A 1404 43.30 54.02 -14.32
CA GLY A 1404 43.16 52.74 -14.98
C GLY A 1404 41.77 52.38 -15.46
N VAL A 1405 40.72 53.08 -15.00
CA VAL A 1405 39.36 52.80 -15.42
C VAL A 1405 38.95 53.82 -16.47
N GLY A 1406 38.18 53.36 -17.45
CA GLY A 1406 37.74 54.24 -18.51
C GLY A 1406 36.47 55.00 -18.15
N GLU A 1407 36.16 55.98 -19.00
CA GLU A 1407 34.96 56.79 -18.78
C GLU A 1407 33.68 56.02 -19.05
N PRO A 1408 33.55 55.24 -20.13
CA PRO A 1408 32.30 54.51 -20.37
C PRO A 1408 32.08 53.36 -19.41
N ASP A 1409 33.14 52.74 -18.90
CA ASP A 1409 32.99 51.63 -17.98
C ASP A 1409 32.60 52.09 -16.59
N PHE A 1410 32.75 53.39 -16.31
CA PHE A 1410 32.41 53.97 -15.03
C PHE A 1410 30.92 54.25 -14.90
N ILE A 1411 30.18 54.16 -16.00
CA ILE A 1411 28.74 54.40 -15.98
C ILE A 1411 27.98 53.15 -15.58
N LEU A 1412 28.40 52.00 -16.12
CA LEU A 1412 27.73 50.76 -15.76
C LEU A 1412 27.73 50.58 -14.26
N GLY A 1413 28.80 51.01 -13.60
CA GLY A 1413 28.87 50.88 -12.16
C GLY A 1413 27.78 51.70 -11.48
N GLN A 1414 27.59 52.93 -11.97
CA GLN A 1414 26.57 53.78 -11.39
C GLN A 1414 25.19 53.17 -11.60
N LEU A 1415 24.99 52.56 -12.77
CA LEU A 1415 23.70 51.95 -13.05
C LEU A 1415 23.45 50.78 -12.10
N TYR A 1416 24.47 49.95 -11.89
CA TYR A 1416 24.32 48.82 -10.99
C TYR A 1416 24.04 49.32 -9.58
N HIS A 1417 24.75 50.35 -9.16
CA HIS A 1417 24.54 50.91 -7.83
C HIS A 1417 23.11 51.40 -7.69
N LEU A 1418 22.62 52.06 -8.73
CA LEU A 1418 21.25 52.57 -8.70
C LEU A 1418 20.26 51.42 -8.57
N SER A 1419 20.51 50.34 -9.30
CA SER A 1419 19.60 49.21 -9.21
C SER A 1419 19.66 48.59 -7.83
N SER A 1420 20.82 48.66 -7.18
CA SER A 1420 20.97 48.10 -5.84
C SER A 1420 20.20 48.92 -4.82
N VAL A 1421 20.27 50.24 -4.93
CA VAL A 1421 19.57 51.12 -3.99
C VAL A 1421 18.06 50.93 -4.14
N GLN A 1422 17.54 51.18 -5.34
CA GLN A 1422 16.10 51.05 -5.61
C GLN A 1422 15.58 49.63 -5.52
N ALA A 1423 16.43 48.64 -5.24
CA ALA A 1423 15.93 47.27 -5.16
C ALA A 1423 16.84 46.42 -4.30
N PRO A 1424 16.83 46.59 -2.97
CA PRO A 1424 17.70 45.78 -2.12
C PRO A 1424 17.19 44.37 -1.87
N GLU A 1425 15.95 44.06 -2.27
CA GLU A 1425 15.39 42.73 -2.07
C GLU A 1425 15.72 41.76 -3.20
N VAL A 1426 16.35 42.22 -4.27
CA VAL A 1426 16.71 41.36 -5.39
C VAL A 1426 18.19 41.00 -5.27
N ALA A 1427 18.53 39.80 -5.73
CA ALA A 1427 19.89 39.32 -5.68
C ALA A 1427 20.75 39.81 -6.84
N LYS A 1428 20.32 39.52 -8.08
CA LYS A 1428 21.05 39.92 -9.28
C LYS A 1428 21.67 41.30 -9.15
N SER A 1429 20.88 42.27 -8.68
CA SER A 1429 21.36 43.63 -8.51
C SER A 1429 22.64 43.72 -7.70
N TRP A 1430 22.96 42.69 -6.92
CA TRP A 1430 24.16 42.67 -6.10
C TRP A 1430 25.29 41.92 -6.77
N ALA A 1431 24.98 40.80 -7.42
CA ALA A 1431 25.99 40.01 -8.11
C ALA A 1431 26.61 40.79 -9.25
N ALA A 1432 25.80 41.52 -10.02
CA ALA A 1432 26.35 42.29 -11.13
C ALA A 1432 27.35 43.31 -10.63
N LEU A 1433 26.96 44.08 -9.62
CA LEU A 1433 27.82 45.10 -9.05
C LEU A 1433 29.10 44.48 -8.52
N ALA A 1434 28.97 43.36 -7.82
CA ALA A 1434 30.13 42.67 -7.27
C ALA A 1434 31.11 42.28 -8.35
N SER A 1435 30.62 41.65 -9.42
CA SER A 1435 31.49 41.25 -10.51
C SER A 1435 32.18 42.44 -11.15
N TRP A 1436 31.44 43.51 -11.41
CA TRP A 1436 32.03 44.70 -12.03
C TRP A 1436 33.16 45.24 -11.17
N ALA A 1437 32.88 45.48 -9.88
CA ALA A 1437 33.89 46.01 -8.98
C ALA A 1437 35.08 45.07 -8.86
N TYR A 1438 34.84 43.76 -8.82
CA TYR A 1438 35.94 42.80 -8.71
C TYR A 1438 36.86 42.86 -9.91
N ARG A 1439 36.28 42.81 -11.12
CA ARG A 1439 37.11 42.85 -12.32
C ARG A 1439 37.90 44.15 -12.40
N TRP A 1440 37.25 45.29 -12.18
CA TRP A 1440 38.00 46.54 -12.27
C TRP A 1440 39.03 46.66 -11.15
N GLY A 1441 38.74 46.12 -9.97
CA GLY A 1441 39.71 46.21 -8.89
C GLY A 1441 40.95 45.42 -9.23
N ARG A 1442 40.77 44.20 -9.73
CA ARG A 1442 41.90 43.37 -10.10
C ARG A 1442 42.66 43.98 -11.27
N LYS A 1443 41.97 44.72 -12.14
CA LYS A 1443 42.63 45.33 -13.27
C LYS A 1443 43.42 46.56 -12.87
N VAL A 1444 42.97 47.29 -11.85
CA VAL A 1444 43.70 48.48 -11.43
C VAL A 1444 44.86 48.10 -10.53
N VAL A 1445 44.67 47.14 -9.64
CA VAL A 1445 45.75 46.73 -8.76
C VAL A 1445 46.97 46.31 -9.57
N ASP A 1446 46.80 45.31 -10.44
CA ASP A 1446 47.90 44.84 -11.27
C ASP A 1446 48.58 46.01 -11.99
N ASN A 1447 47.80 47.00 -12.39
CA ASN A 1447 48.35 48.16 -13.10
C ASN A 1447 49.22 49.03 -12.20
N ALA A 1448 49.22 48.77 -10.88
CA ALA A 1448 50.01 49.55 -9.94
C ALA A 1448 51.13 48.73 -9.31
N SER A 1449 51.61 47.70 -10.00
CA SER A 1449 52.68 46.85 -9.49
C SER A 1449 53.89 46.90 -10.42
N UNK A 1450 45.31 65.40 -4.61
CA UNK A 1450 46.40 66.35 -4.44
C UNK A 1450 46.65 66.65 -2.97
N UNK A 1451 45.59 66.51 -2.16
CA UNK A 1451 45.71 66.77 -0.72
C UNK A 1451 46.90 66.03 -0.12
N UNK A 1452 47.23 64.85 -0.66
CA UNK A 1452 48.36 64.10 -0.14
C UNK A 1452 49.63 64.93 -0.18
N UNK A 1453 49.87 65.62 -1.30
CA UNK A 1453 51.06 66.45 -1.42
C UNK A 1453 51.05 67.55 -0.37
N UNK A 1454 49.88 68.13 -0.11
CA UNK A 1454 49.79 69.19 0.88
C UNK A 1454 50.16 68.66 2.26
N UNK A 1455 49.57 67.54 2.66
CA UNK A 1455 49.86 66.97 3.97
C UNK A 1455 51.35 66.60 4.08
N UNK A 1456 51.93 66.11 2.98
CA UNK A 1456 53.34 65.74 3.01
C UNK A 1456 54.22 66.97 3.19
N UNK A 1457 53.97 68.01 2.39
CA UNK A 1457 54.76 69.23 2.50
C UNK A 1457 54.59 69.88 3.86
N UNK A 1458 53.42 69.68 4.49
CA UNK A 1458 53.18 70.27 5.80
C UNK A 1458 53.94 69.52 6.89
N UNK A 1459 53.80 68.20 6.91
CA UNK A 1459 54.49 67.39 7.92
C UNK A 1459 56.00 67.29 7.68
N UNK A 1460 56.47 67.67 6.50
CA UNK A 1460 57.89 67.63 6.16
C UNK A 1460 58.53 69.02 6.18
N UNK A 1461 58.12 69.87 7.11
CA UNK A 1461 58.67 71.21 7.23
C UNK A 1461 60.20 71.19 7.22
N UNK A 1462 63.72 70.70 -4.94
CA UNK A 1462 62.42 70.23 -5.40
C UNK A 1462 62.45 68.74 -5.71
N UNK A 1463 63.63 68.24 -6.06
CA UNK A 1463 63.78 66.82 -6.37
C UNK A 1463 63.43 65.94 -5.18
N UNK A 1464 63.62 66.46 -3.96
CA UNK A 1464 63.30 65.67 -2.77
C UNK A 1464 61.82 65.34 -2.70
N UNK A 1465 60.96 66.31 -3.02
CA UNK A 1465 59.52 66.08 -2.97
C UNK A 1465 59.13 65.00 -3.98
N UNK A 1466 59.58 65.14 -5.23
CA UNK A 1466 59.24 64.15 -6.24
C UNK A 1466 59.76 62.78 -5.86
N UNK A 1467 60.97 62.73 -5.30
CA UNK A 1467 61.55 61.45 -4.90
C UNK A 1467 60.71 60.81 -3.80
N UNK A 1468 60.29 61.59 -2.81
CA UNK A 1468 59.48 61.06 -1.73
C UNK A 1468 58.14 60.54 -2.26
N UNK A 1469 57.52 61.30 -3.17
CA UNK A 1469 56.25 60.87 -3.74
C UNK A 1469 56.39 59.57 -4.50
N UNK A 1470 57.41 59.50 -5.36
CA UNK A 1470 57.64 58.28 -6.15
C UNK A 1470 57.90 57.09 -5.23
N UNK A 1471 58.67 57.30 -4.16
CA UNK A 1471 58.96 56.21 -3.25
C UNK A 1471 57.72 55.79 -2.47
N UNK A 1472 56.85 56.75 -2.16
CA UNK A 1472 55.63 56.43 -1.41
C UNK A 1472 54.61 55.71 -2.26
N UNK A 1473 54.61 55.94 -3.59
CA UNK A 1473 53.65 55.27 -4.46
C UNK A 1473 54.31 54.62 -5.67
N UNK A 1474 55.42 53.90 -5.46
CA UNK A 1474 56.09 53.25 -6.57
C UNK A 1474 55.43 51.92 -6.92
N UNK A 1475 55.38 51.00 -5.94
CA UNK A 1475 54.77 49.70 -6.17
C UNK A 1475 53.87 49.30 -5.00
N UNK A 1476 53.28 50.26 -4.30
CA UNK A 1476 52.40 49.98 -3.18
C UNK A 1476 51.29 49.01 -3.58
N UNK A 1477 55.83 43.09 6.02
CA UNK A 1477 57.17 43.45 5.55
C UNK A 1477 57.10 44.61 4.56
N UNK A 1478 55.99 45.35 4.60
CA UNK A 1478 55.80 46.49 3.70
C UNK A 1478 56.26 47.80 4.33
N UNK A 1479 55.71 48.13 5.50
CA UNK A 1479 56.09 49.37 6.18
C UNK A 1479 57.60 49.46 6.34
N UNK A 1480 58.26 48.35 6.65
CA UNK A 1480 59.69 48.37 6.82
C UNK A 1480 60.39 48.70 5.51
N UNK A 1481 59.96 48.09 4.41
CA UNK A 1481 60.57 48.38 3.11
C UNK A 1481 60.35 49.82 2.72
N UNK A 1482 59.13 50.33 2.92
CA UNK A 1482 58.85 51.71 2.57
C UNK A 1482 59.71 52.67 3.38
N UNK A 1483 59.85 52.40 4.69
CA UNK A 1483 60.67 53.29 5.52
C UNK A 1483 62.13 53.23 5.09
N UNK A 1484 62.64 52.03 4.82
CA UNK A 1484 64.03 51.89 4.40
C UNK A 1484 64.28 52.64 3.10
N UNK A 1485 63.38 52.49 2.12
CA UNK A 1485 63.56 53.18 0.86
C UNK A 1485 63.47 54.69 1.04
N UNK A 1486 62.52 55.15 1.87
CA UNK A 1486 62.38 56.59 2.09
C UNK A 1486 63.62 57.16 2.75
N UNK A 1487 64.22 56.41 3.68
CA UNK A 1487 65.42 56.89 4.35
C UNK A 1487 66.61 56.88 3.41
N UNK A 1488 66.71 55.86 2.55
CA UNK A 1488 67.83 55.79 1.61
C UNK A 1488 67.69 56.76 0.45
N UNK A 1489 66.49 57.29 0.21
CA UNK A 1489 66.25 58.24 -0.88
C UNK A 1489 66.26 59.69 -0.42
N UNK A 1490 65.47 60.02 0.60
CA UNK A 1490 65.42 61.39 1.09
C UNK A 1490 66.75 61.80 1.72
N UNK A 1491 67.16 61.12 2.78
CA UNK A 1491 68.41 61.42 3.46
C UNK A 1491 69.49 60.42 3.08
N GLU A 1492 57.92 60.94 11.80
CA GLU A 1492 57.57 60.39 10.49
C GLU A 1492 56.06 60.32 10.32
N GLY A 1493 55.59 60.79 9.15
CA GLY A 1493 54.18 60.80 8.85
C GLY A 1493 53.85 60.02 7.59
N VAL A 1494 54.87 59.75 6.77
CA VAL A 1494 54.67 59.01 5.53
C VAL A 1494 53.88 57.73 5.79
N ILE A 1495 54.05 57.13 6.97
CA ILE A 1495 53.33 55.90 7.28
C ILE A 1495 51.82 56.15 7.28
N LYS A 1496 51.40 57.39 7.55
CA LYS A 1496 49.98 57.70 7.55
C LYS A 1496 49.46 57.95 6.14
N VAL A 1497 50.24 58.65 5.32
CA VAL A 1497 49.82 58.92 3.95
C VAL A 1497 49.74 57.62 3.17
N TRP A 1498 50.70 56.72 3.39
CA TRP A 1498 50.69 55.44 2.70
C TRP A 1498 49.37 54.73 2.91
N ARG A 1499 48.92 54.67 4.17
CA ARG A 1499 47.66 54.00 4.47
C ARG A 1499 46.48 54.79 3.92
N LYS A 1500 46.52 56.11 4.02
CA LYS A 1500 45.42 56.94 3.51
C LYS A 1500 45.23 56.74 2.02
N VAL A 1501 46.29 56.47 1.28
CA VAL A 1501 46.17 56.27 -0.16
C VAL A 1501 45.85 54.83 -0.50
N VAL A 1502 46.43 53.87 0.22
CA VAL A 1502 46.14 52.47 -0.08
C VAL A 1502 44.69 52.17 0.26
N ASP A 1503 44.12 52.86 1.25
CA ASP A 1503 42.72 52.62 1.59
C ASP A 1503 41.80 53.13 0.49
N ARG A 1504 42.34 53.91 -0.43
CA ARG A 1504 41.63 54.49 -1.56
C ARG A 1504 41.80 53.65 -2.81
N ILE A 1505 43.01 53.11 -3.03
CA ILE A 1505 43.24 52.30 -4.21
C ILE A 1505 42.56 50.93 -4.14
N PHE A 1506 42.13 50.51 -2.96
CA PHE A 1506 41.46 49.21 -2.76
C PHE A 1506 40.00 49.37 -2.36
N SER A 1507 39.29 50.30 -2.99
CA SER A 1507 37.88 50.50 -2.66
C SER A 1507 36.98 49.52 -3.40
N LEU A 1508 37.29 49.27 -4.67
CA LEU A 1508 36.47 48.35 -5.46
C LEU A 1508 36.38 46.99 -4.78
N TYR A 1509 37.48 46.49 -4.24
CA TYR A 1509 37.45 45.20 -3.57
C TYR A 1509 36.53 45.23 -2.37
N LYS A 1510 36.54 46.34 -1.62
CA LYS A 1510 35.67 46.45 -0.46
C LYS A 1510 34.22 46.43 -0.89
N LEU A 1511 33.89 47.19 -1.93
CA LEU A 1511 32.53 47.22 -2.43
C LEU A 1511 32.10 45.82 -2.85
N SER A 1512 33.00 45.10 -3.52
CA SER A 1512 32.69 43.74 -3.96
C SER A 1512 32.44 42.83 -2.77
N CYS A 1513 33.25 42.96 -1.72
CA CYS A 1513 33.07 42.12 -0.54
C CYS A 1513 31.71 42.38 0.09
N SER A 1514 31.35 43.65 0.25
CA SER A 1514 30.07 43.98 0.85
C SER A 1514 28.92 43.45 0.00
N ALA A 1515 28.98 43.69 -1.31
CA ALA A 1515 27.92 43.22 -2.20
C ALA A 1515 27.78 41.71 -2.15
N TYR A 1516 28.91 40.99 -2.17
CA TYR A 1516 28.84 39.53 -2.13
C TYR A 1516 28.27 39.05 -0.80
N PHE A 1517 28.67 39.67 0.31
CA PHE A 1517 28.14 39.25 1.59
C PHE A 1517 26.64 39.46 1.63
N THR A 1518 26.18 40.60 1.12
CA THR A 1518 24.74 40.87 1.10
C THR A 1518 24.03 39.83 0.24
N PHE A 1519 24.59 39.56 -0.95
CA PHE A 1519 24.00 38.58 -1.85
C PHE A 1519 23.86 37.24 -1.16
N LEU A 1520 24.87 36.85 -0.38
CA LEU A 1520 24.81 35.57 0.32
C LEU A 1520 23.77 35.62 1.43
N LYS A 1521 23.64 36.76 2.10
CA LYS A 1521 22.68 36.91 3.17
C LYS A 1521 21.25 36.90 2.67
N LEU A 1522 21.07 36.83 1.36
CA LEU A 1522 19.75 36.81 0.73
C LEU A 1522 19.48 35.51 0.03
N ASN A 1523 20.36 34.51 0.18
CA ASN A 1523 20.20 33.21 -0.45
C ASN A 1523 20.24 32.08 0.58
N ALA A 1524 20.04 32.39 1.84
CA ALA A 1524 20.05 31.39 2.90
C ALA A 1524 18.76 30.58 2.90
N GLN A 1544 16.90 31.23 -4.39
CA GLN A 1544 16.60 32.36 -5.27
C GLN A 1544 17.73 32.60 -6.27
N SER A 1545 18.72 31.71 -6.26
CA SER A 1545 19.85 31.82 -7.16
C SER A 1545 20.44 30.44 -7.40
N THR A 1546 21.17 30.31 -8.50
CA THR A 1546 21.79 29.04 -8.84
C THR A 1546 23.10 28.87 -8.10
N ASP A 1547 23.46 27.62 -7.83
CA ASP A 1547 24.71 27.33 -7.13
C ASP A 1547 25.92 27.81 -7.92
N ASP A 1548 25.86 27.74 -9.25
CA ASP A 1548 27.00 28.19 -10.05
C ASP A 1548 27.27 29.67 -9.83
N MET A 1549 26.27 30.41 -9.36
CA MET A 1549 26.37 31.84 -9.11
C MET A 1549 26.83 32.13 -7.68
N ILE A 1550 26.68 31.17 -6.78
CA ILE A 1550 27.08 31.34 -5.39
C ILE A 1550 28.51 30.88 -5.17
N VAL A 1551 28.86 29.73 -5.73
CA VAL A 1551 30.20 29.19 -5.58
C VAL A 1551 31.23 30.22 -6.02
N MET A 1552 30.95 30.93 -7.11
CA MET A 1552 31.88 31.94 -7.58
C MET A 1552 32.13 32.99 -6.51
N ALA A 1553 31.06 33.46 -5.87
CA ALA A 1553 31.20 34.46 -4.83
C ALA A 1553 32.01 33.94 -3.66
N THR A 1554 31.69 32.74 -3.19
CA THR A 1554 32.43 32.17 -2.07
C THR A 1554 33.91 32.04 -2.40
N LEU A 1555 34.21 31.50 -3.59
CA LEU A 1555 35.60 31.33 -3.98
C LEU A 1555 36.31 32.67 -4.07
N ARG A 1556 35.65 33.69 -4.61
CA ARG A 1556 36.30 35.00 -4.71
C ARG A 1556 36.58 35.56 -3.33
N LEU A 1557 35.62 35.42 -2.41
CA LEU A 1557 35.83 35.93 -1.06
C LEU A 1557 37.02 35.25 -0.41
N LEU A 1558 37.10 33.93 -0.57
CA LEU A 1558 38.21 33.18 0.00
C LEU A 1558 39.53 33.62 -0.62
N ARG A 1559 39.54 33.77 -1.95
CA ARG A 1559 40.74 34.21 -2.64
C ARG A 1559 41.20 35.55 -2.10
N LEU A 1560 40.26 36.42 -1.74
CA LEU A 1560 40.66 37.71 -1.21
C LEU A 1560 41.19 37.56 0.20
N LEU A 1561 40.51 36.77 1.03
CA LEU A 1561 40.95 36.56 2.40
C LEU A 1561 42.34 35.94 2.43
N VAL A 1562 42.76 35.30 1.34
CA VAL A 1562 44.08 34.68 1.26
C VAL A 1562 45.10 35.65 0.69
N LYS A 1563 44.86 36.12 -0.54
CA LYS A 1563 45.79 37.05 -1.18
C LYS A 1563 45.97 38.33 -0.37
N HIS A 1564 44.86 39.02 -0.07
CA HIS A 1564 44.89 40.27 0.70
C HIS A 1564 43.98 40.12 1.91
N ALA A 1565 44.58 39.90 3.07
CA ALA A 1565 43.84 39.74 4.32
C ALA A 1565 43.98 40.90 5.27
N GLY A 1566 45.14 41.54 5.31
CA GLY A 1566 45.35 42.66 6.21
C GLY A 1566 45.00 44.01 5.63
N GLU A 1567 45.16 44.15 4.31
CA GLU A 1567 44.85 45.42 3.67
C GLU A 1567 43.38 45.78 3.80
N LEU A 1568 42.50 44.77 3.87
CA LEU A 1568 41.06 44.98 3.99
C LEU A 1568 40.44 44.02 4.99
N ARG A 1569 41.09 43.84 6.13
CA ARG A 1569 40.57 42.94 7.16
C ARG A 1569 39.42 43.52 7.95
N GLN A 1570 39.01 44.77 7.67
CA GLN A 1570 37.91 45.38 8.41
C GLN A 1570 36.56 44.79 8.01
N TYR A 1571 36.38 44.47 6.72
CA TYR A 1571 35.11 43.92 6.27
C TYR A 1571 35.00 42.42 6.58
N LEU A 1572 35.89 41.63 6.00
CA LEU A 1572 35.86 40.18 6.24
C LEU A 1572 35.79 39.85 7.73
N GLU A 1573 36.32 40.72 8.58
CA GLU A 1573 36.29 40.47 10.01
C GLU A 1573 34.87 40.24 10.51
N HIS A 1574 33.98 41.20 10.29
CA HIS A 1574 32.60 41.04 10.74
C HIS A 1574 31.76 40.24 9.76
N GLY A 1575 32.03 40.33 8.47
CA GLY A 1575 31.27 39.61 7.48
C GLY A 1575 31.12 38.15 7.83
N LEU A 1576 32.24 37.45 7.95
CA LEU A 1576 32.24 36.03 8.29
C LEU A 1576 31.63 35.76 9.66
N GLU A 1577 31.40 36.78 10.48
CA GLU A 1577 30.82 36.60 11.80
C GLU A 1577 29.30 36.59 11.79
N THR A 1578 28.66 36.90 10.66
CA THR A 1578 27.21 36.91 10.56
C THR A 1578 26.66 36.21 9.33
N THR A 1579 27.49 35.93 8.33
CA THR A 1579 27.01 35.27 7.13
C THR A 1579 26.39 33.91 7.48
N PRO A 1580 25.43 33.45 6.68
CA PRO A 1580 24.80 32.15 6.96
C PRO A 1580 25.77 31.01 6.72
N THR A 1581 25.31 29.77 6.87
CA THR A 1581 26.16 28.61 6.67
C THR A 1581 25.76 27.74 5.49
N ALA A 1582 24.51 27.81 5.04
CA ALA A 1582 24.09 27.00 3.91
C ALA A 1582 24.90 27.25 2.64
N PRO A 1583 25.18 28.49 2.22
CA PRO A 1583 25.95 28.71 1.00
C PRO A 1583 27.43 28.37 1.10
N TRP A 1584 27.93 27.97 2.26
CA TRP A 1584 29.33 27.62 2.42
C TRP A 1584 29.55 26.12 2.52
N ARG A 1585 28.60 25.33 2.01
CA ARG A 1585 28.69 23.88 2.03
C ARG A 1585 29.20 23.30 0.72
N GLY A 1586 29.98 24.04 -0.03
CA GLY A 1586 30.50 23.55 -1.29
C GLY A 1586 31.98 23.76 -1.49
N ILE A 1587 32.63 24.45 -0.55
CA ILE A 1587 34.07 24.69 -0.65
C ILE A 1587 34.76 24.33 0.66
N ILE A 1588 34.05 23.60 1.53
CA ILE A 1588 34.57 23.18 2.82
C ILE A 1588 35.99 22.65 2.65
N PRO A 1589 36.22 21.69 1.75
CA PRO A 1589 37.58 21.16 1.58
C PRO A 1589 38.61 22.26 1.41
N GLN A 1590 38.27 23.33 0.69
CA GLN A 1590 39.22 24.42 0.49
C GLN A 1590 39.51 25.10 1.82
N LEU A 1591 38.47 25.31 2.63
CA LEU A 1591 38.66 25.95 3.92
C LEU A 1591 39.63 25.12 4.75
N PHE A 1592 39.37 23.81 4.83
CA PHE A 1592 40.25 22.94 5.59
C PHE A 1592 41.67 23.01 5.08
N SER A 1593 41.85 22.86 3.77
CA SER A 1593 43.17 22.91 3.16
C SER A 1593 43.81 24.29 3.26
N ARG A 1594 43.07 25.27 3.78
CA ARG A 1594 43.57 26.62 3.94
C ARG A 1594 43.57 27.02 5.41
N LEU A 1595 44.07 26.13 6.26
CA LEU A 1595 44.15 26.37 7.70
C LEU A 1595 45.55 26.75 8.16
N ASN A 1596 46.58 26.46 7.36
CA ASN A 1596 47.96 26.77 7.70
C ASN A 1596 48.41 28.08 7.06
N HIS A 1597 47.49 29.03 6.92
CA HIS A 1597 47.80 30.32 6.33
C HIS A 1597 48.61 31.17 7.30
N PRO A 1598 49.66 31.86 6.84
CA PRO A 1598 50.46 32.68 7.75
C PRO A 1598 49.70 33.89 8.27
N GLU A 1599 48.88 33.68 9.27
CA GLU A 1599 48.08 34.75 9.89
C GLU A 1599 47.56 34.20 11.22
N VAL A 1600 46.74 34.99 11.90
CA VAL A 1600 46.17 34.58 13.18
C VAL A 1600 44.67 34.70 13.09
N TYR A 1601 44.18 35.90 12.79
CA TYR A 1601 42.74 36.08 12.68
C TYR A 1601 42.18 35.28 11.52
N VAL A 1602 42.99 34.98 10.51
CA VAL A 1602 42.49 34.20 9.38
C VAL A 1602 42.13 32.81 9.85
N ARG A 1603 43.08 32.14 10.50
CA ARG A 1603 42.84 30.79 11.00
C ARG A 1603 41.72 30.81 12.03
N GLN A 1604 41.65 31.86 12.85
CA GLN A 1604 40.60 31.94 13.86
C GLN A 1604 39.23 32.08 13.20
N SER A 1605 39.12 32.92 12.17
CA SER A 1605 37.85 33.11 11.50
C SER A 1605 37.42 31.84 10.79
N ILE A 1606 38.35 31.16 10.13
CA ILE A 1606 37.98 29.93 9.45
C ILE A 1606 37.54 28.89 10.46
N CYS A 1607 38.24 28.79 11.59
CA CYS A 1607 37.87 27.81 12.60
C CYS A 1607 36.49 28.11 13.17
N ASN A 1608 36.22 29.39 13.45
CA ASN A 1608 34.92 29.77 13.99
C ASN A 1608 33.82 29.49 12.99
N LEU A 1609 34.05 29.83 11.71
CA LEU A 1609 33.06 29.60 10.68
C LEU A 1609 32.76 28.11 10.57
N LEU A 1610 33.80 27.28 10.57
CA LEU A 1610 33.59 25.84 10.47
C LEU A 1610 32.82 25.34 11.69
N CYS A 1611 33.17 25.84 12.87
CA CYS A 1611 32.47 25.41 14.08
C CYS A 1611 30.99 25.75 13.97
N ARG A 1612 30.69 26.93 13.42
CA ARG A 1612 29.31 27.34 13.25
C ARG A 1612 28.62 26.42 12.25
N VAL A 1613 29.35 26.03 11.21
CA VAL A 1613 28.79 25.14 10.20
C VAL A 1613 28.44 23.81 10.82
N ALA A 1614 29.23 23.36 11.79
CA ALA A 1614 28.95 22.08 12.43
C ALA A 1614 27.50 22.02 12.89
N GLN A 1615 27.04 23.05 13.60
CA GLN A 1615 25.67 23.08 14.06
C GLN A 1615 24.76 23.26 12.86
N ASP A 1616 23.77 22.36 12.73
CA ASP A 1616 22.78 22.33 11.65
C ASP A 1616 23.37 21.69 10.40
N SER A 1617 24.65 21.32 10.40
CA SER A 1617 25.31 20.70 9.26
C SER A 1617 26.54 19.96 9.75
N PRO A 1618 26.39 18.96 10.61
CA PRO A 1618 27.55 18.23 11.11
C PRO A 1618 27.99 17.05 10.26
N HIS A 1619 27.08 16.50 9.45
CA HIS A 1619 27.44 15.35 8.61
C HIS A 1619 28.33 15.72 7.43
N LEU A 1620 28.81 16.96 7.36
CA LEU A 1620 29.68 17.41 6.28
C LEU A 1620 31.05 17.86 6.76
N ILE A 1621 31.30 17.84 8.07
CA ILE A 1621 32.59 18.26 8.61
C ILE A 1621 33.09 17.31 9.69
N LEU A 1622 32.39 16.20 9.88
CA LEU A 1622 32.78 15.23 10.91
C LEU A 1622 34.00 14.41 10.49
N TYR A 1623 33.87 13.62 9.43
CA TYR A 1623 34.96 12.78 8.94
C TYR A 1623 36.26 13.52 8.69
N PRO A 1624 36.30 14.63 7.94
CA PRO A 1624 37.58 15.30 7.73
C PRO A 1624 38.27 15.70 9.01
N ALA A 1625 37.50 16.19 9.99
CA ALA A 1625 38.08 16.61 11.26
C ALA A 1625 38.66 15.42 12.03
N ILE A 1626 37.81 14.43 12.34
CA ILE A 1626 38.32 13.28 13.09
C ILE A 1626 39.42 12.55 12.34
N VAL A 1627 39.51 12.68 11.02
CA VAL A 1627 40.56 11.99 10.29
C VAL A 1627 41.84 12.80 10.31
N GLY A 1628 41.74 14.13 10.28
CA GLY A 1628 42.93 14.95 10.31
C GLY A 1628 43.57 14.90 11.68
N THR A 1629 42.74 14.85 12.72
CA THR A 1629 43.27 14.80 14.07
C THR A 1629 44.16 13.59 14.24
N ILE A 1630 43.70 12.44 13.76
CA ILE A 1630 44.46 11.20 13.86
C ILE A 1630 45.57 11.18 12.83
N GLN A 1688 54.05 20.96 12.64
CA GLN A 1688 53.38 22.22 12.87
C GLN A 1688 51.98 22.00 13.43
N ALA A 1689 51.71 22.59 14.59
CA ALA A 1689 50.41 22.46 15.23
C ALA A 1689 49.34 23.31 14.58
N MET A 1690 49.68 24.06 13.53
CA MET A 1690 48.68 24.89 12.86
C MET A 1690 47.48 24.06 12.50
N MET A 1691 47.71 22.87 11.94
CA MET A 1691 46.66 21.95 11.54
C MET A 1691 46.29 20.99 12.66
N GLN A 1692 46.62 21.33 13.91
CA GLN A 1692 46.32 20.50 15.06
C GLN A 1692 45.43 21.22 16.07
N ASP A 1693 45.78 22.45 16.44
CA ASP A 1693 44.96 23.19 17.39
C ASP A 1693 43.57 23.46 16.82
N CYS A 1694 43.50 23.82 15.54
CA CYS A 1694 42.22 24.09 14.92
C CYS A 1694 41.35 22.84 14.94
N TYR A 1695 41.93 21.70 14.56
CA TYR A 1695 41.17 20.46 14.56
C TYR A 1695 40.69 20.14 15.96
N SER A 1696 41.53 20.41 16.98
CA SER A 1696 41.12 20.14 18.35
C SER A 1696 39.93 21.00 18.73
N LYS A 1697 39.97 22.27 18.33
CA LYS A 1697 38.86 23.17 18.65
C LYS A 1697 37.59 22.73 17.94
N ILE A 1698 37.71 22.26 16.70
CA ILE A 1698 36.54 21.81 15.96
C ILE A 1698 35.94 20.57 16.59
N VAL A 1699 36.77 19.57 16.91
CA VAL A 1699 36.24 18.37 17.54
C VAL A 1699 35.58 18.74 18.86
N ASP A 1700 36.16 19.69 19.59
CA ASP A 1700 35.57 20.08 20.87
C ASP A 1700 34.20 20.69 20.65
N LYS A 1701 34.11 21.66 19.74
CA LYS A 1701 32.83 22.31 19.46
C LYS A 1701 31.82 21.37 18.82
N LEU A 1702 32.25 20.23 18.30
CA LEU A 1702 31.35 19.27 17.68
C LEU A 1702 30.98 18.12 18.59
N SER A 1703 31.72 17.92 19.68
CA SER A 1703 31.45 16.84 20.63
C SER A 1703 30.61 17.30 21.81
N SER A 1704 30.36 18.60 21.94
CA SER A 1704 29.57 19.13 23.05
C SER A 1704 28.08 18.89 22.87
N ALA A 1705 27.66 18.21 21.81
CA ALA A 1705 26.24 17.94 21.58
C ALA A 1705 25.92 16.45 21.56
N ASN A 1706 26.70 15.65 20.83
CA ASN A 1706 26.48 14.20 20.75
C ASN A 1706 27.82 13.48 20.85
N PRO A 1707 28.48 13.56 22.02
CA PRO A 1707 29.78 12.88 22.16
C PRO A 1707 29.70 11.39 21.91
N THR A 1708 28.54 10.77 22.12
CA THR A 1708 28.42 9.33 21.89
C THR A 1708 28.73 9.01 20.43
N MET A 1709 28.13 9.76 19.50
CA MET A 1709 28.38 9.51 18.09
C MET A 1709 29.85 9.74 17.77
N VAL A 1710 30.48 10.71 18.43
CA VAL A 1710 31.90 10.98 18.19
C VAL A 1710 32.72 9.77 18.60
N LEU A 1711 32.42 9.21 19.77
CA LEU A 1711 33.17 8.05 20.24
C LEU A 1711 32.97 6.89 19.28
N GLN A 1712 31.73 6.69 18.84
CA GLN A 1712 31.42 5.60 17.92
C GLN A 1712 32.19 5.74 16.61
N VAL A 1713 32.20 6.95 16.04
CA VAL A 1713 32.91 7.16 14.78
C VAL A 1713 34.41 6.99 14.98
N GLN A 1714 34.95 7.43 16.12
CA GLN A 1714 36.38 7.28 16.35
C GLN A 1714 36.74 5.80 16.40
N MET A 1715 35.95 5.02 17.14
CA MET A 1715 36.23 3.59 17.22
C MET A 1715 36.10 2.95 15.85
N LEU A 1716 35.15 3.46 15.05
CA LEU A 1716 34.95 2.92 13.71
C LEU A 1716 36.18 3.16 12.85
N VAL A 1717 36.69 4.40 12.87
CA VAL A 1717 37.87 4.73 12.09
C VAL A 1717 39.04 3.85 12.51
N ALA A 1718 39.22 3.66 13.82
CA ALA A 1718 40.32 2.82 14.29
C ALA A 1718 40.17 1.39 13.78
N GLU A 1719 38.98 0.81 13.94
CA GLU A 1719 38.76 -0.55 13.48
C GLU A 1719 39.03 -0.65 11.99
N LEU A 1720 38.51 0.30 11.22
CA LEU A 1720 38.72 0.30 9.77
C LEU A 1720 40.21 0.29 9.45
N ARG A 1721 40.97 1.21 10.04
CA ARG A 1721 42.39 1.23 9.77
C ARG A 1721 43.05 -0.08 10.17
N ARG A 1722 42.47 -0.78 11.14
CA ARG A 1722 43.00 -2.06 11.60
C ARG A 1722 42.48 -3.24 10.79
N VAL A 1723 41.59 -2.99 9.83
CA VAL A 1723 41.03 -4.05 9.01
C VAL A 1723 41.74 -4.15 7.65
N THR A 1724 42.96 -3.63 7.56
CA THR A 1724 43.73 -3.68 6.32
C THR A 1724 44.98 -4.53 6.49
N TRP A 1727 49.47 -7.64 8.92
CA TRP A 1727 49.79 -8.92 9.53
C TRP A 1727 50.27 -9.91 8.46
N ASP A 1728 49.35 -10.77 8.01
CA ASP A 1728 49.70 -11.76 6.99
C ASP A 1728 50.21 -11.08 5.73
N GLU A 1729 49.40 -10.19 5.15
CA GLU A 1729 49.80 -9.50 3.94
C GLU A 1729 51.08 -8.70 4.18
N LEU A 1730 51.22 -8.12 5.38
CA LEU A 1730 52.42 -7.34 5.68
C LEU A 1730 53.66 -8.21 5.56
N TRP A 1731 53.65 -9.38 6.18
CA TRP A 1731 54.81 -10.27 6.11
C TRP A 1731 55.01 -10.76 4.69
N LEU A 1732 53.92 -11.04 3.97
CA LEU A 1732 54.06 -11.52 2.59
C LEU A 1732 54.77 -10.49 1.74
N GLY A 1733 54.36 -9.23 1.85
CA GLY A 1733 54.98 -8.16 1.08
C GLY A 1733 56.43 -7.96 1.50
N VAL A 1734 56.69 -7.94 2.81
CA VAL A 1734 58.05 -7.75 3.28
C VAL A 1734 58.97 -8.84 2.73
N LEU A 1735 58.51 -10.09 2.77
CA LEU A 1735 59.33 -11.19 2.26
C LEU A 1735 59.51 -11.09 0.75
N LEU A 1736 58.44 -10.77 0.03
CA LEU A 1736 58.53 -10.67 -1.42
C LEU A 1736 59.50 -9.56 -1.82
N GLN A 1737 59.64 -8.53 -0.98
CA GLN A 1737 60.55 -7.44 -1.30
C GLN A 1737 61.97 -7.78 -0.91
N GLN A 1738 62.14 -8.44 0.24
CA GLN A 1738 63.48 -8.81 0.68
C GLN A 1738 64.10 -9.85 -0.25
N HIS A 1739 63.29 -10.77 -0.78
CA HIS A 1739 63.82 -11.79 -1.68
C HIS A 1739 64.52 -11.16 -2.87
N MET A 1740 63.98 -10.04 -3.36
CA MET A 1740 64.55 -9.35 -4.51
C MET A 1740 65.57 -8.29 -4.11
N TYR A 1741 65.53 -7.80 -2.87
CA TYR A 1741 66.48 -6.79 -2.41
C TYR A 1741 67.72 -7.37 -1.74
N VAL A 1742 67.76 -8.69 -1.55
CA VAL A 1742 68.93 -9.30 -0.91
C VAL A 1742 70.12 -9.33 -1.85
N LEU A 1743 69.98 -9.99 -3.00
CA LEU A 1743 71.06 -10.08 -3.97
C LEU A 1743 70.96 -8.94 -4.98
N ARG A 1744 71.38 -8.37 4.48
CA ARG A 1744 72.33 -7.76 5.41
C ARG A 1744 71.62 -7.32 6.69
N ARG A 1745 72.23 -6.37 7.41
CA ARG A 1745 71.61 -5.89 8.65
C ARG A 1745 70.32 -5.14 8.37
N ILE A 1746 70.18 -4.54 7.19
CA ILE A 1746 68.96 -3.81 6.87
C ILE A 1746 67.76 -4.74 6.87
N GLN A 1747 67.85 -5.86 6.18
CA GLN A 1747 66.75 -6.82 6.13
C GLN A 1747 66.37 -7.29 7.52
N GLN A 1748 67.37 -7.61 8.34
CA GLN A 1748 67.09 -8.08 9.69
C GLN A 1748 66.40 -6.99 10.51
N LEU A 1749 66.88 -5.75 10.40
CA LEU A 1749 66.27 -4.65 11.14
C LEU A 1749 64.83 -4.45 10.72
N GLU A 1750 64.55 -4.53 9.42
CA GLU A 1750 63.19 -4.36 8.93
C GLU A 1750 62.30 -5.48 9.45
N ASP A 1751 62.79 -6.72 9.37
CA ASP A 1751 62.00 -7.85 9.85
C ASP A 1751 61.70 -7.70 11.33
N GLU A 1752 62.68 -7.19 12.11
CA GLU A 1752 62.44 -7.01 13.54
C GLU A 1752 61.40 -5.93 13.77
N VAL A 1753 61.51 -4.81 13.04
CA VAL A 1753 60.55 -3.74 13.20
C VAL A 1753 59.15 -4.26 12.93
N LYS A 1754 59.00 -5.06 11.88
CA LYS A 1754 57.69 -5.62 11.56
C LYS A 1754 57.25 -6.59 12.64
N ARG A 1755 58.20 -7.33 13.23
CA ARG A 1755 57.87 -8.28 14.27
C ARG A 1755 57.31 -7.57 15.49
N VAL A 1756 57.82 -6.37 15.78
CA VAL A 1756 57.33 -5.63 16.94
C VAL A 1756 55.86 -5.29 16.76
N GLN A 1757 55.50 -4.69 15.62
CA GLN A 1757 54.11 -4.34 15.38
C GLN A 1757 53.19 -5.55 15.48
N ASN A 1758 53.71 -6.74 15.18
CA ASN A 1758 52.93 -7.97 15.25
C ASN A 1758 52.95 -8.61 16.63
N ASN A 1759 53.66 -8.01 17.59
CA ASN A 1759 53.73 -8.56 18.94
C ASN A 1759 54.23 -10.00 18.93
N PRO A 1800 41.01 -13.18 17.84
CA PRO A 1800 40.12 -13.82 16.87
C PRO A 1800 40.87 -14.23 15.61
N HIS A 1801 41.68 -13.32 15.09
CA HIS A 1801 42.47 -13.55 13.88
C HIS A 1801 43.95 -13.39 14.15
N GLU A 1802 44.35 -12.40 14.96
CA GLU A 1802 45.76 -12.23 15.24
C GLU A 1802 46.27 -13.40 16.07
N LYS A 1803 45.44 -13.88 17.01
CA LYS A 1803 45.84 -15.01 17.84
C LYS A 1803 46.01 -16.25 16.98
N TRP A 1804 45.12 -16.45 16.00
CA TRP A 1804 45.24 -17.61 15.13
C TRP A 1804 46.50 -17.51 14.29
N PHE A 1805 46.75 -16.33 13.71
CA PHE A 1805 47.94 -16.15 12.89
C PHE A 1805 49.17 -16.42 13.73
N GLN A 1806 49.14 -16.04 15.00
CA GLN A 1806 50.28 -16.26 15.88
C GLN A 1806 50.45 -17.76 16.13
N ASP A 1807 49.40 -18.40 16.64
CA ASP A 1807 49.46 -19.83 16.92
C ASP A 1807 49.82 -20.64 15.67
N ASN A 1808 49.73 -20.04 14.49
CA ASN A 1808 50.06 -20.74 13.25
C ASN A 1808 51.46 -20.47 12.73
N TYR A 1809 51.96 -19.23 12.82
CA TYR A 1809 53.30 -18.93 12.32
C TYR A 1809 54.07 -18.02 13.28
N GLY A 1810 54.00 -18.28 14.58
CA GLY A 1810 54.72 -17.45 15.53
C GLY A 1810 56.19 -17.76 15.68
N ASP A 1811 56.63 -18.91 15.18
CA ASP A 1811 58.04 -19.26 15.29
C ASP A 1811 58.89 -18.53 14.27
N ALA A 1812 58.30 -17.56 13.57
CA ALA A 1812 59.05 -16.81 12.56
C ALA A 1812 60.20 -16.05 13.21
N ILE A 1813 59.96 -15.41 14.35
CA ILE A 1813 61.02 -14.67 15.02
C ILE A 1813 62.17 -15.60 15.39
N GLU A 1814 61.84 -16.78 15.92
CA GLU A 1814 62.88 -17.72 16.30
C GLU A 1814 63.66 -18.19 15.07
N ASN A 1815 62.95 -18.48 13.98
CA ASN A 1815 63.62 -18.92 12.76
C ASN A 1815 64.56 -17.83 12.25
N ALA A 1816 64.11 -16.58 12.33
CA ALA A 1816 64.94 -15.47 11.86
C ALA A 1816 66.18 -15.34 12.74
N LEU A 1817 65.99 -15.38 14.05
CA LEU A 1817 67.13 -15.28 14.96
C LEU A 1817 68.13 -16.39 14.69
N GLU A 1818 67.64 -17.61 14.43
CA GLU A 1818 68.53 -18.72 14.15
C GLU A 1818 69.30 -18.50 12.85
N LYS A 1819 68.61 -18.03 11.82
CA LYS A 1819 69.24 -17.79 10.53
C LYS A 1819 70.13 -16.55 10.53
N LEU A 1820 70.06 -15.72 11.58
CA LEU A 1820 70.89 -14.51 11.63
C LEU A 1820 72.37 -14.86 11.61
N LYS A 1821 72.73 -16.05 12.05
CA LYS A 1821 74.12 -16.47 12.07
C LYS A 1821 74.42 -17.45 10.94
N UNK A 1822 69.22 -19.20 5.24
CA UNK A 1822 68.11 -18.26 5.33
C UNK A 1822 66.81 -18.89 4.83
N UNK A 1823 66.70 -20.21 4.99
CA UNK A 1823 65.51 -20.91 4.54
C UNK A 1823 64.27 -20.43 5.29
N UNK A 1824 64.43 -19.91 6.49
CA UNK A 1824 63.30 -19.43 7.27
C UNK A 1824 62.49 -18.38 6.53
N UNK A 1825 63.08 -17.71 5.54
CA UNK A 1825 62.35 -16.70 4.78
C UNK A 1825 61.49 -17.33 3.70
N UNK A 1826 62.12 -18.06 2.78
CA UNK A 1826 61.38 -18.71 1.71
C UNK A 1826 60.28 -19.62 2.25
N UNK A 1827 60.50 -20.21 3.43
CA UNK A 1827 59.49 -21.10 4.01
C UNK A 1827 58.18 -20.35 4.19
N UNK A 1828 58.18 -19.32 5.04
CA UNK A 1828 56.97 -18.56 5.28
C UNK A 1828 56.49 -17.88 4.00
N UNK A 1829 57.41 -17.47 3.13
CA UNK A 1829 57.01 -16.83 1.88
C UNK A 1829 56.10 -17.74 1.09
N UNK A 1830 56.61 -18.91 0.70
CA UNK A 1830 55.80 -19.85 -0.07
C UNK A 1830 54.59 -20.32 0.71
N UNK A 1831 54.71 -20.44 2.04
CA UNK A 1831 53.57 -20.88 2.83
C UNK A 1831 52.40 -19.92 2.67
N UNK A 1832 52.63 -18.65 3.00
CA UNK A 1832 51.56 -17.65 2.87
C UNK A 1832 51.11 -17.52 1.42
N UNK A 1833 52.05 -17.59 0.48
CA UNK A 1833 51.69 -17.47 -0.94
C UNK A 1833 50.66 -18.52 -1.30
N UNK A 1834 50.99 -19.79 -1.09
CA UNK A 1834 50.04 -20.86 -1.41
C UNK A 1834 48.82 -20.81 -0.52
N UNK A 1835 48.90 -20.18 0.65
CA UNK A 1835 47.75 -20.10 1.53
C UNK A 1835 46.71 -19.12 1.00
N UNK A 1836 47.17 -18.05 0.35
CA UNK A 1836 46.27 -17.05 -0.20
C UNK A 1836 45.07 -17.70 -0.89
N UNK A 1837 45.35 -18.52 -1.90
CA UNK A 1837 44.30 -19.20 -2.65
C UNK A 1837 43.75 -20.37 -1.84
N TYR A 1838 39.39 -16.27 0.59
CA TYR A 1838 39.24 -14.84 0.33
C TYR A 1838 38.13 -14.26 1.19
N ILE A 1839 37.10 -15.06 1.45
CA ILE A 1839 35.99 -14.59 2.27
C ILE A 1839 36.42 -14.51 3.73
N LEU A 1840 35.82 -13.58 4.46
CA LEU A 1840 36.12 -13.37 5.87
C LEU A 1840 34.81 -13.24 6.64
N ARG A 1841 34.93 -12.89 7.91
CA ARG A 1841 33.79 -12.73 8.81
C ARG A 1841 34.08 -11.52 9.69
N LEU A 1842 33.04 -10.70 9.93
CA LEU A 1842 33.23 -9.52 10.77
C LEU A 1842 33.68 -9.90 12.18
N GLU A 1843 33.29 -11.08 12.66
CA GLU A 1843 33.68 -11.50 14.00
C GLU A 1843 35.19 -11.55 14.14
N GLU A 1844 35.86 -12.19 13.19
CA GLU A 1844 37.32 -12.32 13.20
C GLU A 1844 38.06 -11.02 12.91
N ILE A 1845 37.40 -9.86 12.81
CA ILE A 1845 38.11 -8.62 12.53
C ILE A 1845 37.48 -7.47 13.32
N ALA A 1850 33.11 -3.78 17.51
CA ALA A 1850 33.24 -4.62 16.33
C ALA A 1850 31.93 -4.63 15.53
N ALA A 1851 30.83 -4.94 16.20
CA ALA A 1851 29.51 -5.00 15.58
C ALA A 1851 28.59 -4.06 16.36
N MET A 1852 28.36 -2.87 15.80
CA MET A 1852 27.50 -1.88 16.44
C MET A 1852 26.04 -2.15 16.11
N THR A 1853 25.16 -1.36 16.72
CA THR A 1853 23.73 -1.49 16.51
C THR A 1853 23.07 -0.17 16.88
N ASN A 1854 21.95 0.13 16.20
CA ASN A 1854 21.20 1.37 16.45
C ASN A 1854 22.12 2.58 16.49
N THR A 1855 23.19 2.54 15.70
CA THR A 1855 24.14 3.64 15.65
C THR A 1855 23.45 4.93 15.21
N GLU A 1856 24.20 6.03 15.33
CA GLU A 1856 23.70 7.35 14.95
C GLU A 1856 24.71 8.11 14.09
N ILE A 1857 25.65 7.40 13.47
CA ILE A 1857 26.67 8.00 12.63
C ILE A 1857 26.17 8.01 11.19
N ALA A 1858 26.55 9.03 10.45
CA ALA A 1858 26.14 9.15 9.06
C ALA A 1858 27.00 8.29 8.16
N LEU A 1859 26.45 7.97 6.98
CA LEU A 1859 27.14 7.16 6.01
C LEU A 1859 28.34 7.90 5.43
N PRO A 1860 29.28 7.17 4.84
CA PRO A 1860 30.46 7.82 4.27
C PRO A 1860 30.16 8.54 2.97
N GLY A 1861 29.68 9.78 3.07
CA GLY A 1861 29.36 10.60 1.92
C GLY A 1861 27.88 10.87 1.76
N GLU A 1862 27.45 12.05 2.22
CA GLU A 1862 26.06 12.49 2.17
C GLU A 1862 26.03 13.97 1.81
N VAL A 1863 26.81 14.36 0.81
CA VAL A 1863 26.92 15.74 0.34
C VAL A 1863 25.55 16.42 0.26
N SER A 1864 24.55 15.73 -0.28
CA SER A 1864 23.20 16.28 -0.41
C SER A 1864 22.22 15.36 0.30
N ALA A 1865 21.89 15.68 1.55
CA ALA A 1865 20.95 14.86 2.32
C ALA A 1865 20.30 15.75 3.38
N ARG A 1866 19.08 16.21 3.09
CA ARG A 1866 18.38 17.07 4.04
C ARG A 1866 18.07 16.28 5.31
N ASP A 1867 17.67 15.02 5.15
CA ASP A 1867 17.35 14.10 6.24
C ASP A 1867 18.39 13.00 6.12
N THR A 1868 19.51 13.19 6.80
CA THR A 1868 20.59 12.22 6.78
C THR A 1868 20.11 10.83 7.17
N VAL A 1869 20.92 9.84 6.84
CA VAL A 1869 20.65 8.43 7.12
C VAL A 1869 21.80 7.94 7.99
N THR A 1870 21.47 7.37 9.15
CA THR A 1870 22.46 6.85 10.07
C THR A 1870 22.70 5.37 9.85
N ILE A 1871 23.91 4.94 10.16
CA ILE A 1871 24.27 3.53 10.00
C ILE A 1871 23.46 2.70 11.00
N HIS A 1872 23.12 1.49 10.59
CA HIS A 1872 22.35 0.58 11.43
C HIS A 1872 23.08 -0.71 11.74
N SER A 1873 23.66 -1.36 10.73
CA SER A 1873 24.38 -2.60 10.92
C SER A 1873 25.61 -2.58 10.01
N VAL A 1874 26.22 -3.74 9.82
CA VAL A 1874 27.39 -3.90 8.99
C VAL A 1874 27.28 -5.23 8.24
N GLY A 1875 27.99 -5.32 7.12
CA GLY A 1875 27.96 -6.53 6.32
C GLY A 1875 28.29 -7.76 7.16
N GLY A 1876 27.42 -8.77 7.08
CA GLY A 1876 27.65 -9.99 7.84
C GLY A 1876 28.92 -10.70 7.41
N THR A 1877 29.26 -10.62 6.13
CA THR A 1877 30.44 -11.23 5.56
C THR A 1877 31.27 -10.18 4.83
N ILE A 1878 32.33 -10.65 4.17
CA ILE A 1878 33.23 -9.78 3.42
C ILE A 1878 33.84 -10.59 2.29
N THR A 1879 34.22 -9.90 1.24
CA THR A 1879 34.83 -10.52 0.07
C THR A 1879 36.11 -9.78 -0.29
N ILE A 1880 36.79 -10.29 -1.31
CA ILE A 1880 38.04 -9.73 -1.79
C ILE A 1880 38.05 -9.81 -3.30
N LEU A 1881 38.55 -8.77 -3.94
CA LEU A 1881 38.61 -8.72 -5.38
C LEU A 1881 40.05 -8.86 -5.85
N PRO A 1882 40.36 -9.77 -6.77
CA PRO A 1882 41.73 -9.94 -7.23
C PRO A 1882 42.08 -8.87 -8.27
N THR A 1883 43.27 -9.02 -8.85
CA THR A 1883 43.79 -8.11 -9.86
C THR A 1883 43.79 -6.66 -9.34
N LYS A 1884 44.45 -6.48 -8.21
CA LYS A 1884 44.57 -5.18 -7.57
C LYS A 1884 45.52 -5.34 -6.39
N THR A 1885 45.83 -4.23 -5.73
CA THR A 1885 46.72 -4.28 -4.58
C THR A 1885 46.12 -5.12 -3.46
N LYS A 1886 45.06 -4.62 -2.83
CA LYS A 1886 44.40 -5.33 -1.74
C LYS A 1886 43.03 -4.73 -1.48
N PRO A 1887 42.05 -4.96 -2.35
CA PRO A 1887 40.72 -4.40 -2.14
C PRO A 1887 39.76 -5.36 -1.44
N LYS A 1888 38.83 -4.76 -0.69
CA LYS A 1888 37.82 -5.51 0.05
C LYS A 1888 36.48 -4.83 -0.16
N LYS A 1889 35.47 -5.60 -0.53
CA LYS A 1889 34.12 -5.09 -0.77
C LYS A 1889 33.21 -5.47 0.39
N LEU A 1890 32.74 -4.48 1.13
CA LEU A 1890 31.85 -4.67 2.26
C LEU A 1890 30.51 -4.00 1.98
N LEU A 1891 29.60 -4.14 2.94
CA LEU A 1891 28.27 -3.57 2.84
C LEU A 1891 27.93 -2.81 4.12
N PHE A 1892 26.79 -2.13 4.11
CA PHE A 1892 26.32 -1.34 5.24
C PHE A 1892 24.79 -1.29 5.22
N LEU A 1893 24.22 -1.20 6.41
CA LEU A 1893 22.78 -1.12 6.60
C LEU A 1893 22.40 0.32 6.88
N GLY A 1894 21.11 0.62 6.74
CA GLY A 1894 20.61 1.96 6.97
C GLY A 1894 19.24 1.94 7.63
N SER A 1895 18.86 3.11 8.12
CA SER A 1895 17.56 3.25 8.78
C SER A 1895 16.43 2.89 7.82
N ASP A 1896 16.52 3.36 6.58
CA ASP A 1896 15.50 3.09 5.58
C ASP A 1896 15.52 1.65 5.08
N GLY A 1897 16.38 0.81 5.64
CA GLY A 1897 16.53 -0.60 5.28
C GLY A 1897 17.22 -0.75 3.93
N LYS A 1898 17.68 0.36 3.34
CA LYS A 1898 18.35 0.27 2.05
C LYS A 1898 19.78 -0.21 2.22
N SER A 1899 20.15 -1.21 1.41
CA SER A 1899 21.48 -1.78 1.46
C SER A 1899 22.45 -0.86 0.72
N TYR A 1900 23.55 -0.49 1.38
CA TYR A 1900 24.54 0.40 0.78
C TYR A 1900 25.92 -0.25 0.76
N PRO A 1901 26.45 -0.63 -0.41
CA PRO A 1901 27.77 -1.24 -0.45
C PRO A 1901 28.88 -0.20 -0.48
N TYR A 1902 30.11 -0.68 -0.33
CA TYR A 1902 31.28 0.19 -0.35
C TYR A 1902 32.49 -0.61 -0.81
N LEU A 1903 33.67 0.01 -0.73
CA LEU A 1903 34.90 -0.64 -1.14
C LEU A 1903 36.08 -0.01 -0.41
N PHE A 1904 37.10 -0.83 -0.17
CA PHE A 1904 38.32 -0.42 0.51
C PHE A 1904 39.48 -0.36 -0.47
N LYS A 1905 40.52 0.36 -0.08
CA LYS A 1905 41.71 0.52 -0.88
C LYS A 1905 42.83 0.98 0.04
N GLY A 1906 43.90 0.21 0.11
CA GLY A 1906 45.04 0.51 0.96
C GLY A 1906 46.21 1.00 0.12
N LEU A 1907 46.89 2.05 0.62
CA LEU A 1907 48.04 2.63 -0.06
C LEU A 1907 47.63 3.11 -1.46
N GLU A 1908 46.66 4.02 -1.49
CA GLU A 1908 46.17 4.57 -2.75
C GLU A 1908 46.23 6.08 -2.73
N ASP A 1909 46.15 6.70 -1.55
CA ASP A 1909 46.19 8.15 -1.42
C ASP A 1909 45.03 8.78 -2.19
N LEU A 1910 43.82 8.39 -1.78
CA LEU A 1910 42.58 8.88 -2.40
C LEU A 1910 42.27 10.31 -1.98
N HIS A 1911 43.20 11.20 -2.33
CA HIS A 1911 43.07 12.62 -2.02
C HIS A 1911 42.72 13.44 -3.25
N LEU A 1912 43.17 13.00 -4.43
CA LEU A 1912 42.88 13.71 -5.66
C LEU A 1912 41.50 13.34 -6.19
N ASP A 1913 41.14 12.05 -6.12
CA ASP A 1913 39.83 11.62 -6.60
C ASP A 1913 38.72 12.41 -5.92
N GLU A 1914 38.87 12.65 -4.62
CA GLU A 1914 37.87 13.41 -3.88
C GLU A 1914 37.73 14.81 -4.44
N ARG A 1915 38.78 15.31 -5.09
CA ARG A 1915 38.74 16.64 -5.67
C ARG A 1915 38.11 16.58 -7.06
N ILE A 1916 38.43 15.52 -7.81
CA ILE A 1916 37.87 15.37 -9.15
C ILE A 1916 36.35 15.30 -9.05
N MET A 1917 35.85 14.56 -8.06
CA MET A 1917 34.42 14.45 -7.89
C MET A 1917 33.82 15.82 -7.59
N GLN A 1918 34.52 16.62 -6.80
CA GLN A 1918 34.03 17.96 -6.49
C GLN A 1918 33.94 18.77 -7.76
N PHE A 1919 34.93 18.60 -8.63
CA PHE A 1919 34.97 19.30 -9.90
C PHE A 1919 33.75 18.93 -10.74
N LEU A 1920 33.47 17.63 -10.83
CA LEU A 1920 32.32 17.18 -11.60
C LEU A 1920 31.03 17.70 -11.00
N SER A 1921 30.98 17.81 -9.68
CA SER A 1921 29.76 18.32 -9.04
C SER A 1921 29.55 19.77 -9.41
N ILE A 1922 30.60 20.58 -9.33
CA ILE A 1922 30.47 21.98 -9.68
C ILE A 1922 30.11 22.11 -11.15
N VAL A 1923 30.57 21.18 -11.98
CA VAL A 1923 30.25 21.25 -13.40
C VAL A 1923 28.78 20.97 -13.60
N ASN A 1924 28.28 19.89 -12.98
CA ASN A 1924 26.87 19.55 -13.11
C ASN A 1924 26.01 20.67 -12.54
N THR A 1925 26.58 21.50 -11.67
CA THR A 1925 25.83 22.60 -11.09
C THR A 1925 25.53 23.69 -12.11
N MET A 1926 26.18 23.66 -13.27
CA MET A 1926 25.96 24.65 -14.31
C MET A 1926 24.83 24.27 -15.24
N PHE A 1927 24.43 23.00 -15.26
CA PHE A 1927 23.36 22.52 -16.11
C PHE A 1927 22.00 22.58 -15.42
N ALA A 1928 21.89 23.30 -14.31
CA ALA A 1928 20.62 23.41 -13.61
C ALA A 1928 19.59 24.15 -14.44
N THR A 1929 19.96 25.33 -14.95
CA THR A 1929 19.04 26.12 -15.75
C THR A 1929 18.66 25.39 -17.03
N ILE A 1930 19.65 25.06 -17.85
CA ILE A 1930 19.41 24.35 -19.12
C ILE A 1930 18.56 23.11 -18.93
N ASN A 1931 18.71 22.43 -17.81
CA ASN A 1931 17.93 21.22 -17.57
C ASN A 1931 16.48 21.47 -17.29
N ARG A 1932 16.00 22.71 -17.37
CA ARG A 1932 14.60 23.01 -17.12
C ARG A 1932 13.79 23.08 -18.40
N GLN A 1933 14.46 23.07 -19.56
CA GLN A 1933 13.81 23.14 -20.86
C GLN A 1933 14.45 22.17 -21.82
N GLU A 1934 14.75 20.96 -21.36
CA GLU A 1934 15.37 19.95 -22.20
C GLU A 1934 14.99 18.58 -21.68
N THR A 1935 14.45 17.72 -22.57
CA THR A 1935 14.05 16.39 -22.15
C THR A 1935 15.26 15.59 -21.69
N PRO A 1936 16.23 15.26 -22.56
CA PRO A 1936 17.39 14.50 -22.10
C PRO A 1936 18.29 15.41 -21.28
N ARG A 1937 18.34 15.15 -19.98
CA ARG A 1937 19.13 15.91 -19.03
C ARG A 1937 20.63 15.86 -19.32
N PHE A 1938 21.32 16.91 -18.88
CA PHE A 1938 22.76 17.07 -19.02
C PHE A 1938 23.33 16.69 -17.67
N HIS A 1939 24.00 15.54 -17.59
CA HIS A 1939 24.54 15.14 -16.30
C HIS A 1939 25.78 14.26 -16.45
N ALA A 1940 26.67 14.40 -15.48
CA ALA A 1940 27.93 13.66 -15.41
C ALA A 1940 27.90 12.84 -14.13
N ARG A 1941 27.61 11.54 -14.25
CA ARG A 1941 27.55 10.68 -13.08
C ARG A 1941 28.89 10.64 -12.35
N HIS A 1942 28.82 10.59 -11.03
CA HIS A 1942 30.00 10.56 -10.18
C HIS A 1942 29.67 9.86 -8.88
N TYR A 1943 30.70 9.31 -8.23
CA TYR A 1943 30.54 8.60 -6.96
C TYR A 1943 31.35 9.32 -5.89
N SER A 1944 31.15 8.89 -4.65
CA SER A 1944 31.84 9.46 -3.50
C SER A 1944 33.06 8.66 -3.09
N VAL A 1945 34.00 9.36 -2.45
CA VAL A 1945 35.26 8.78 -1.99
C VAL A 1945 35.68 9.53 -0.73
N THR A 1946 35.86 8.81 0.37
CA THR A 1946 36.25 9.43 1.64
C THR A 1946 37.52 8.78 2.16
N PRO A 1947 38.65 9.49 2.21
CA PRO A 1947 39.88 8.88 2.71
C PRO A 1947 39.87 8.77 4.23
N LEU A 1948 40.54 7.73 4.73
CA LEU A 1948 40.67 7.46 6.15
C LEU A 1948 42.10 7.61 6.61
N GLY A 1949 42.78 8.64 6.12
CA GLY A 1949 44.15 8.91 6.49
C GLY A 1949 44.95 9.42 5.32
N THR A 1950 46.20 8.96 5.21
CA THR A 1950 47.07 9.38 4.13
C THR A 1950 47.24 8.35 3.02
N ARG A 1951 46.92 7.10 3.28
CA ARG A 1951 47.05 6.06 2.25
C ARG A 1951 45.79 5.25 2.03
N SER A 1952 45.02 4.99 3.08
CA SER A 1952 43.80 4.21 2.94
C SER A 1952 42.64 5.12 2.52
N GLY A 1953 41.47 4.53 2.34
CA GLY A 1953 40.31 5.30 1.96
C GLY A 1953 39.11 4.40 1.73
N LEU A 1954 37.95 5.06 1.65
CA LEU A 1954 36.67 4.41 1.45
C LEU A 1954 36.07 4.93 0.14
N ILE A 1955 35.67 4.00 -0.73
CA ILE A 1955 35.08 4.36 -2.02
C ILE A 1955 33.68 3.76 -2.12
N GLN A 1956 32.86 4.41 -2.93
CA GLN A 1956 31.49 4.00 -3.15
C GLN A 1956 31.39 3.04 -4.33
N TRP A 1957 30.34 2.22 -4.28
CA TRP A 1957 30.05 1.22 -5.31
C TRP A 1957 28.76 1.60 -6.00
N VAL A 1958 28.76 1.50 -7.33
CA VAL A 1958 27.59 1.82 -8.14
C VAL A 1958 26.91 0.52 -8.54
N ASP A 1959 25.62 0.43 -8.22
CA ASP A 1959 24.82 -0.75 -8.52
C ASP A 1959 23.89 -0.45 -9.68
N GLY A 1960 23.78 -1.42 -10.60
CA GLY A 1960 22.94 -1.30 -11.78
C GLY A 1960 23.73 -1.12 -13.06
N ALA A 1961 24.88 -0.47 -12.98
CA ALA A 1961 25.72 -0.23 -14.13
C ALA A 1961 26.41 -1.52 -14.54
N THR A 1962 26.39 -1.82 -15.83
CA THR A 1962 27.00 -3.01 -16.37
C THR A 1962 28.18 -2.66 -17.28
N PRO A 1963 29.30 -3.37 -17.17
CA PRO A 1963 30.44 -3.07 -18.04
C PRO A 1963 30.19 -3.57 -19.45
N LEU A 1964 30.95 -3.00 -20.39
CA LEU A 1964 30.80 -3.39 -21.79
C LEU A 1964 31.59 -4.63 -22.16
N PHE A 1965 32.71 -4.90 -21.48
CA PHE A 1965 33.49 -6.08 -21.81
C PHE A 1965 32.65 -7.36 -21.74
N GLY A 1966 31.64 -7.37 -20.88
CA GLY A 1966 30.81 -8.56 -20.78
C GLY A 1966 30.10 -8.90 -22.07
N LEU A 1967 29.63 -7.88 -22.79
CA LEU A 1967 28.94 -8.12 -24.04
C LEU A 1967 29.87 -8.79 -25.05
N TYR A 1968 31.10 -8.29 -25.14
CA TYR A 1968 32.06 -8.87 -26.07
C TYR A 1968 32.40 -10.30 -25.67
N LYS A 1969 32.61 -10.55 -24.39
CA LYS A 1969 32.93 -11.89 -23.94
C LYS A 1969 31.79 -12.85 -24.27
N ARG A 1970 30.55 -12.42 -24.05
CA ARG A 1970 29.42 -13.28 -24.36
C ARG A 1970 29.34 -13.55 -25.85
N TRP A 1971 29.62 -12.54 -26.67
CA TRP A 1971 29.57 -12.76 -28.11
C TRP A 1971 30.59 -13.81 -28.49
N GLN A 1972 31.79 -13.72 -27.91
CA GLN A 1972 32.83 -14.69 -28.21
C GLN A 1972 32.37 -16.09 -27.83
N GLN A 1973 31.80 -16.21 -26.63
CA GLN A 1973 31.31 -17.50 -26.16
C GLN A 1973 30.27 -18.07 -27.11
N ARG A 1974 29.38 -17.22 -27.61
CA ARG A 1974 28.34 -17.68 -28.53
C ARG A 1974 28.97 -18.14 -29.84
N GLU A 1975 29.87 -17.32 -30.40
CA GLU A 1975 30.52 -17.70 -31.65
C GLU A 1975 31.22 -19.04 -31.50
N ALA A 1976 31.82 -19.28 -30.34
CA ALA A 1976 32.51 -20.55 -30.12
C ALA A 1976 31.52 -21.70 -30.08
N ALA A 1977 30.48 -21.57 -29.25
CA ALA A 1977 29.47 -22.61 -29.14
C ALA A 1977 28.83 -22.90 -30.49
N LEU A 1978 28.82 -21.91 -31.39
CA LEU A 1978 28.23 -22.12 -32.71
C LEU A 1978 29.21 -22.83 -33.62
N GLN A 1979 30.45 -22.34 -33.67
CA GLN A 1979 31.45 -22.97 -34.52
C GLN A 1979 31.65 -24.43 -34.13
N ALA A 1980 31.39 -24.76 -32.86
CA ALA A 1980 31.55 -26.14 -32.41
C ALA A 1980 30.68 -27.09 -33.23
N GLN A 1981 29.36 -26.90 -33.16
CA GLN A 1981 28.44 -27.75 -33.91
C GLN A 1981 28.88 -27.87 -35.37
N LYS A 1982 28.92 -26.74 -36.07
CA LYS A 1982 29.33 -26.73 -37.47
C LYS A 1982 30.32 -25.59 -37.72
N ILE A 1995 37.44 -22.42 -23.39
CA ILE A 1995 37.89 -21.06 -23.11
C ILE A 1995 37.92 -20.24 -24.40
N VAL A 1996 37.93 -18.92 -24.25
CA VAL A 1996 37.95 -18.01 -25.39
C VAL A 1996 39.27 -17.25 -25.36
N PRO A 1997 39.80 -16.83 -26.51
CA PRO A 1997 41.07 -16.10 -26.52
C PRO A 1997 40.97 -14.81 -25.72
N ARG A 1998 42.12 -14.17 -25.55
CA ARG A 1998 42.21 -12.91 -24.82
C ARG A 1998 42.74 -11.82 -25.74
N PRO A 1999 42.69 -10.57 -25.32
CA PRO A 1999 43.20 -9.50 -26.20
C PRO A 1999 44.57 -9.78 -26.78
N SER A 2000 45.50 -10.26 -25.95
CA SER A 2000 46.85 -10.55 -26.45
C SER A 2000 46.83 -11.77 -27.36
N GLU A 2001 46.24 -12.87 -26.90
CA GLU A 2001 46.16 -14.09 -27.69
C GLU A 2001 45.43 -13.89 -29.01
N LEU A 2002 44.72 -12.77 -29.18
CA LEU A 2002 43.99 -12.49 -30.41
C LEU A 2002 44.68 -11.45 -31.27
N TYR A 2003 45.41 -10.53 -30.66
CA TYR A 2003 46.11 -9.49 -31.40
C TYR A 2003 47.44 -10.01 -31.95
N TYR A 2004 48.15 -10.82 -31.17
CA TYR A 2004 49.42 -11.35 -31.65
C TYR A 2004 49.21 -12.37 -32.75
N SER A 2005 48.13 -13.14 -32.68
CA SER A 2005 47.87 -14.15 -33.71
C SER A 2005 47.77 -13.52 -35.08
N LYS A 2006 47.55 -12.20 -35.15
CA LYS A 2006 47.46 -11.48 -36.41
C LYS A 2006 48.63 -10.56 -36.64
N ILE A 2007 49.32 -10.12 -35.58
CA ILE A 2007 50.45 -9.24 -35.75
C ILE A 2007 51.70 -10.02 -36.14
N GLY A 2008 51.82 -11.27 -35.66
CA GLY A 2008 52.96 -12.09 -35.98
C GLY A 2008 53.04 -12.40 -37.45
N PRO A 2009 52.06 -13.15 -37.95
CA PRO A 2009 52.05 -13.50 -39.38
C PRO A 2009 52.28 -12.31 -40.29
N ALA A 2010 51.69 -11.16 -39.96
CA ALA A 2010 51.88 -9.98 -40.80
C ALA A 2010 53.32 -9.50 -40.76
N LEU A 2011 53.90 -9.40 -39.55
CA LEU A 2011 55.28 -8.95 -39.44
C LEU A 2011 56.21 -9.90 -40.17
N LYS A 2012 55.87 -11.19 -40.22
CA LYS A 2012 56.72 -12.16 -40.90
C LYS A 2012 56.61 -12.00 -42.41
N THR A 2013 55.38 -11.97 -42.92
CA THR A 2013 55.16 -11.83 -44.37
C THR A 2013 55.79 -10.55 -44.91
N VAL A 2014 56.18 -9.63 -44.02
CA VAL A 2014 56.79 -8.37 -44.47
C VAL A 2014 58.30 -8.35 -44.25
N GLY A 2015 58.88 -9.43 -43.73
CA GLY A 2015 60.30 -9.50 -43.49
C GLY A 2015 60.75 -9.28 -42.07
N LEU A 2016 59.98 -8.54 -41.26
CA LEU A 2016 60.37 -8.31 -39.88
C LEU A 2016 60.03 -9.52 -39.01
N SER A 2017 60.39 -9.43 -37.74
CA SER A 2017 60.14 -10.49 -36.78
C SER A 2017 59.51 -9.90 -35.53
N LEU A 2018 58.82 -10.76 -34.78
CA LEU A 2018 58.17 -10.31 -33.55
C LEU A 2018 59.18 -9.75 -32.56
N ASP A 2019 60.47 -10.08 -32.73
CA ASP A 2019 61.48 -9.58 -31.82
C ASP A 2019 61.71 -8.08 -32.00
N VAL A 2020 61.31 -7.52 -33.15
CA VAL A 2020 61.50 -6.10 -33.39
C VAL A 2020 60.77 -5.30 -32.32
N SER A 2021 61.31 -4.12 -32.02
CA SER A 2021 60.70 -3.27 -31.01
C SER A 2021 59.33 -2.78 -31.48
N ARG A 2022 58.40 -2.67 -30.54
CA ARG A 2022 57.06 -2.22 -30.88
C ARG A 2022 57.09 -0.84 -31.52
N ARG A 2023 58.02 0.02 -31.10
CA ARG A 2023 58.10 1.36 -31.67
C ARG A 2023 58.42 1.32 -33.16
N ASP A 2024 59.23 0.34 -33.58
CA ASP A 2024 59.60 0.21 -34.99
C ASP A 2024 58.72 -0.85 -35.67
N TRP A 2025 57.48 -0.46 -35.94
CA TRP A 2025 56.51 -1.33 -36.58
C TRP A 2025 55.87 -0.60 -37.76
N PRO A 2026 55.66 -1.27 -38.90
CA PRO A 2026 55.05 -0.60 -40.04
C PRO A 2026 53.60 -0.23 -39.78
N LEU A 2027 53.26 1.03 -40.06
CA LEU A 2027 51.90 1.51 -39.85
C LEU A 2027 50.88 0.65 -40.60
N HIS A 2028 51.02 0.53 -41.92
CA HIS A 2028 50.08 -0.27 -42.70
C HIS A 2028 49.93 -1.67 -42.12
N VAL A 2029 51.00 -2.22 -41.54
CA VAL A 2029 50.93 -3.56 -40.98
C VAL A 2029 49.93 -3.59 -39.83
N MET A 2030 49.84 -2.50 -39.08
CA MET A 2030 48.90 -2.45 -37.96
C MET A 2030 47.50 -2.10 -38.44
N LYS A 2031 47.40 -1.20 -39.42
CA LYS A 2031 46.09 -0.82 -39.93
C LYS A 2031 45.41 -2.02 -40.55
N ALA A 2032 46.17 -2.90 -41.19
CA ALA A 2032 45.57 -4.08 -41.80
C ALA A 2032 45.01 -5.00 -40.72
N VAL A 2033 45.73 -5.15 -39.61
CA VAL A 2033 45.25 -6.00 -38.53
C VAL A 2033 43.98 -5.42 -37.95
N LEU A 2034 43.94 -4.09 -37.81
CA LEU A 2034 42.74 -3.45 -37.27
C LEU A 2034 41.55 -3.66 -38.20
N GLU A 2035 41.76 -3.49 -39.49
CA GLU A 2035 40.68 -3.68 -40.46
C GLU A 2035 40.22 -5.12 -40.50
N GLU A 2036 41.13 -6.07 -40.27
CA GLU A 2036 40.75 -7.47 -40.29
C GLU A 2036 39.99 -7.85 -39.02
N LEU A 2037 40.32 -7.21 -37.90
CA LEU A 2037 39.65 -7.51 -36.65
C LEU A 2037 38.28 -6.86 -36.58
N MET A 2038 38.10 -5.69 -37.18
CA MET A 2038 36.80 -5.04 -37.13
C MET A 2038 35.79 -5.76 -38.00
N GLU A 2039 36.24 -6.31 -39.13
CA GLU A 2039 35.35 -7.02 -40.05
C GLU A 2039 34.85 -8.33 -39.47
N ALA A 2040 35.33 -8.74 -38.29
CA ALA A 2040 34.91 -9.98 -37.67
C ALA A 2040 33.89 -9.77 -36.57
N THR A 2041 34.02 -8.70 -35.80
CA THR A 2041 33.08 -8.42 -34.73
C THR A 2041 31.99 -7.48 -35.22
N PRO A 2042 30.73 -7.76 -34.93
CA PRO A 2042 29.67 -6.87 -35.39
C PRO A 2042 29.53 -5.66 -34.48
N PRO A 2043 28.93 -4.57 -34.97
CA PRO A 2043 28.76 -3.38 -34.15
C PRO A 2043 27.43 -3.24 -33.42
N ASN A 2044 26.50 -4.19 -33.56
CA ASN A 2044 25.22 -4.11 -32.88
C ASN A 2044 25.23 -4.72 -31.49
N LEU A 2045 26.40 -4.82 -30.85
CA LEU A 2045 26.42 -5.42 -29.51
C LEU A 2045 25.79 -4.50 -28.47
N LEU A 2046 26.07 -3.21 -28.53
CA LEU A 2046 25.49 -2.27 -27.56
C LEU A 2046 24.15 -1.72 -28.02
N ALA A 2047 24.01 -1.43 -29.32
CA ALA A 2047 22.76 -0.89 -29.82
C ALA A 2047 21.64 -1.91 -29.72
N LYS A 2048 21.94 -3.16 -29.98
CA LYS A 2048 20.95 -4.23 -29.92
C LYS A 2048 20.69 -4.71 -28.50
N GLU A 2049 21.43 -4.21 -27.51
CA GLU A 2049 21.24 -4.63 -26.14
C GLU A 2049 20.25 -3.71 -25.45
N LEU A 2050 20.37 -2.41 -25.69
CA LEU A 2050 19.46 -1.45 -25.08
C LEU A 2050 18.05 -1.70 -25.57
N TRP A 2051 17.92 -2.05 -26.86
CA TRP A 2051 16.63 -2.32 -27.47
C TRP A 2051 15.93 -3.50 -26.79
N SER A 2052 16.58 -4.66 -26.79
CA SER A 2052 16.01 -5.85 -26.17
C SER A 2052 15.64 -5.66 -24.71
N SER A 2053 16.21 -4.65 -24.05
CA SER A 2053 15.89 -4.41 -22.65
C SER A 2053 14.64 -3.55 -22.50
N CYS A 2054 14.52 -2.51 -23.32
CA CYS A 2054 13.37 -1.63 -23.26
C CYS A 2054 12.07 -2.41 -23.41
N THR A 2055 11.00 -1.83 -22.87
CA THR A 2055 9.67 -2.43 -22.92
C THR A 2055 8.88 -2.02 -24.15
N THR A 2056 8.79 -0.72 -24.40
CA THR A 2056 8.07 -0.19 -25.54
C THR A 2056 8.90 0.82 -26.31
N PRO A 2057 8.61 1.03 -27.60
CA PRO A 2057 9.39 2.01 -28.38
C PRO A 2057 9.53 3.37 -27.74
N ASP A 2058 8.53 3.83 -26.99
CA ASP A 2058 8.67 5.14 -26.37
C ASP A 2058 9.79 5.13 -25.34
N GLU A 2059 10.15 3.97 -24.83
CA GLU A 2059 11.22 3.83 -23.85
C GLU A 2059 12.57 3.78 -24.56
N TRP A 2060 12.58 3.13 -25.72
CA TRP A 2060 13.79 2.99 -26.52
C TRP A 2060 14.31 4.36 -26.94
N TRP A 2061 13.41 5.21 -27.44
CA TRP A 2061 13.81 6.55 -27.87
C TRP A 2061 14.38 7.35 -26.71
N ARG A 2062 13.75 7.25 -25.54
CA ARG A 2062 14.21 7.97 -24.36
C ARG A 2062 15.59 7.53 -23.94
N VAL A 2063 15.79 6.22 -23.75
CA VAL A 2063 17.10 5.72 -23.34
C VAL A 2063 18.16 6.04 -24.38
N THR A 2064 17.81 5.94 -25.67
CA THR A 2064 18.76 6.23 -26.73
C THR A 2064 19.23 7.69 -26.66
N GLN A 2065 18.27 8.61 -26.53
CA GLN A 2065 18.65 10.02 -26.45
C GLN A 2065 19.48 10.29 -25.21
N SER A 2066 19.14 9.64 -24.09
CA SER A 2066 19.89 9.86 -22.87
C SER A 2066 21.33 9.40 -23.04
N TYR A 2067 21.52 8.24 -23.68
CA TYR A 2067 22.87 7.73 -23.88
C TYR A 2067 23.66 8.65 -24.80
N ALA A 2068 23.03 9.09 -25.89
CA ALA A 2068 23.69 9.97 -26.84
C ALA A 2068 24.08 11.29 -26.20
N ARG A 2069 23.29 11.78 -25.25
CA ARG A 2069 23.62 13.03 -24.59
C ARG A 2069 24.59 12.86 -23.44
N SER A 2070 24.67 11.67 -22.86
CA SER A 2070 25.58 11.42 -21.76
C SER A 2070 27.00 11.23 -22.26
N THR A 2071 27.15 10.46 -23.35
CA THR A 2071 28.49 10.23 -23.88
C THR A 2071 29.15 11.54 -24.27
N ALA A 2072 28.36 12.50 -24.75
CA ALA A 2072 28.90 13.79 -25.15
C ALA A 2072 29.47 14.55 -23.96
N VAL A 2073 28.71 14.63 -22.87
CA VAL A 2073 29.18 15.34 -21.69
C VAL A 2073 30.44 14.69 -21.15
N MET A 2074 30.41 13.37 -20.98
CA MET A 2074 31.60 12.69 -20.48
C MET A 2074 32.79 12.86 -21.39
N SER A 2075 32.59 12.77 -22.70
CA SER A 2075 33.69 12.91 -23.64
C SER A 2075 34.32 14.30 -23.57
N MET A 2076 33.49 15.34 -23.54
CA MET A 2076 34.04 16.70 -23.46
C MET A 2076 34.77 16.92 -22.15
N VAL A 2077 34.14 16.54 -21.03
CA VAL A 2077 34.80 16.73 -19.74
C VAL A 2077 36.12 15.97 -19.73
N GLY A 2078 36.16 14.79 -20.32
CA GLY A 2078 37.40 14.03 -20.35
C GLY A 2078 38.46 14.77 -21.13
N TYR A 2079 38.11 15.21 -22.34
CA TYR A 2079 39.06 15.93 -23.16
C TYR A 2079 39.63 17.12 -22.39
N ILE A 2080 38.81 17.74 -21.55
CA ILE A 2080 39.28 18.88 -20.77
C ILE A 2080 40.25 18.42 -19.68
N ILE A 2081 39.84 17.41 -18.90
CA ILE A 2081 40.69 16.90 -17.82
C ILE A 2081 41.94 16.25 -18.41
N GLY A 2082 41.75 15.23 -19.23
CA GLY A 2082 42.84 14.52 -19.86
C GLY A 2082 42.74 13.05 -19.49
N LEU A 2083 41.52 12.64 -19.18
CA LEU A 2083 41.23 11.26 -18.79
C LEU A 2083 41.84 10.27 -19.77
N GLY A 2084 42.16 9.09 -19.26
CA GLY A 2084 42.74 8.02 -20.05
C GLY A 2084 42.41 6.67 -19.47
N ASP A 2085 42.94 5.60 -20.07
CA ASP A 2085 42.67 4.26 -19.57
C ASP A 2085 41.19 3.94 -19.71
N ARG A 2086 40.59 4.44 -20.79
CA ARG A 2086 39.16 4.23 -21.05
C ARG A 2086 38.89 2.86 -21.68
N HIS A 2087 39.29 1.81 -20.98
CA HIS A 2087 39.05 0.48 -21.51
C HIS A 2087 37.62 0.05 -21.18
N LEU A 2088 37.20 -1.08 -21.74
CA LEU A 2088 35.84 -1.56 -21.50
C LEU A 2088 35.58 -1.94 -20.05
N ASP A 2089 36.61 -1.95 -19.20
CA ASP A 2089 36.37 -2.31 -17.79
C ASP A 2089 36.13 -1.08 -16.94
N ASN A 2090 36.31 0.11 -17.52
CA ASN A 2090 36.12 1.37 -16.81
C ASN A 2090 34.93 2.17 -17.32
N VAL A 2091 34.22 1.67 -18.33
CA VAL A 2091 33.06 2.35 -18.90
C VAL A 2091 31.86 1.44 -18.73
N LEU A 2092 30.94 1.83 -17.85
CA LEU A 2092 29.74 1.05 -17.60
C LEU A 2092 28.53 1.82 -18.13
N ILE A 2093 27.44 1.10 -18.35
CA ILE A 2093 26.21 1.67 -18.85
C ILE A 2093 25.04 1.17 -18.01
N ASP A 2094 24.06 2.06 -17.80
CA ASP A 2094 22.86 1.76 -17.04
C ASP A 2094 21.74 1.50 -18.04
N MET A 2095 21.35 0.23 -18.17
CA MET A 2095 20.29 -0.16 -19.09
C MET A 2095 18.92 0.36 -18.69
N THR A 2096 18.79 1.00 -17.53
CA THR A 2096 17.51 1.52 -17.07
C THR A 2096 17.28 2.96 -17.50
N THR A 2097 18.36 3.70 -17.75
CA THR A 2097 18.27 5.10 -18.16
C THR A 2097 19.11 5.42 -19.38
N GLY A 2098 20.09 4.59 -19.73
CA GLY A 2098 20.94 4.81 -20.87
C GLY A 2098 22.18 5.61 -20.56
N GLU A 2099 22.29 6.13 -19.35
CA GLU A 2099 23.44 6.90 -18.94
C GLU A 2099 24.71 6.07 -18.97
N VAL A 2100 25.85 6.76 -18.90
CA VAL A 2100 27.17 6.15 -18.91
C VAL A 2100 27.91 6.60 -17.66
N VAL A 2101 28.79 5.74 -17.16
CA VAL A 2101 29.57 6.03 -15.97
C VAL A 2101 31.00 5.57 -16.16
N HIS A 2102 31.93 6.34 -15.62
CA HIS A 2102 33.36 6.08 -15.69
C HIS A 2102 33.83 5.70 -14.28
N ILE A 2103 34.92 4.94 -14.20
CA ILE A 2103 35.41 4.51 -12.89
C ILE A 2103 36.86 4.79 -12.51
N ASP A 2104 37.77 4.90 -13.47
CA ASP A 2104 39.17 5.16 -13.16
C ASP A 2104 39.60 6.57 -13.51
N TYR A 2105 40.29 7.21 -12.56
CA TYR A 2105 40.79 8.57 -12.71
C TYR A 2105 42.26 8.67 -12.32
N ASN A 2106 42.97 7.54 -12.35
CA ASN A 2106 44.38 7.49 -12.00
C ASN A 2106 45.29 7.82 -13.17
N VAL A 2107 44.75 8.08 -14.35
CA VAL A 2107 45.53 8.41 -15.53
C VAL A 2107 45.03 9.72 -16.10
N CYS A 2108 44.54 10.60 -15.24
CA CYS A 2108 44.02 11.88 -15.66
C CYS A 2108 45.13 12.92 -15.73
N PHE A 2109 44.79 14.09 -16.28
CA PHE A 2109 45.69 15.22 -16.43
C PHE A 2109 46.78 14.97 -17.48
N GLU A 2110 46.39 14.37 -18.61
CA GLU A 2110 47.30 14.06 -19.71
C GLU A 2110 48.46 13.16 -19.29
N LYS A 2111 48.12 11.95 -18.88
CA LYS A 2111 49.12 10.98 -18.46
C LYS A 2111 49.29 9.84 -19.46
N GLY A 2112 48.29 9.57 -20.28
CA GLY A 2112 48.40 8.50 -21.25
C GLY A 2112 49.42 8.77 -22.33
N LYS A 2113 49.82 10.03 -22.49
CA LYS A 2113 50.81 10.40 -23.50
C LYS A 2113 52.22 10.02 -23.11
N SER A 2114 52.40 9.37 -21.95
CA SER A 2114 53.72 8.95 -21.47
C SER A 2114 53.56 7.54 -20.88
N LEU A 2115 53.75 6.54 -21.72
CA LEU A 2115 53.64 5.14 -21.34
C LEU A 2115 54.42 4.31 -22.35
N ARG A 2116 54.50 3.00 -22.08
CA ARG A 2116 55.23 2.12 -22.99
C ARG A 2116 54.72 2.31 -24.41
N VAL A 2117 53.42 2.59 -24.55
CA VAL A 2117 52.74 2.80 -25.82
C VAL A 2117 51.69 3.86 -25.51
N PRO A 2118 51.90 5.12 -25.91
CA PRO A 2118 50.91 6.16 -25.62
C PRO A 2118 49.59 6.04 -26.36
N GLU A 2119 48.69 6.96 -26.02
CA GLU A 2119 47.35 7.04 -26.61
C GLU A 2119 47.10 8.50 -26.91
N LYS A 2120 46.83 8.80 -28.18
CA LYS A 2120 46.57 10.18 -28.60
C LYS A 2120 45.10 10.53 -28.70
N VAL A 2121 44.20 9.56 -28.71
CA VAL A 2121 42.78 9.88 -28.81
C VAL A 2121 42.32 10.58 -27.52
N PRO A 2122 41.44 11.58 -27.60
CA PRO A 2122 40.99 12.25 -26.38
C PRO A 2122 39.92 11.47 -25.63
N PHE A 2123 39.16 10.65 -26.35
CA PHE A 2123 38.12 9.84 -25.74
C PHE A 2123 37.80 8.67 -26.65
N ARG A 2124 37.00 7.76 -26.14
CA ARG A 2124 36.60 6.58 -26.88
C ARG A 2124 35.41 6.84 -27.78
N MET A 2125 35.59 6.65 -29.08
CA MET A 2125 34.58 6.85 -30.11
C MET A 2125 34.73 5.73 -31.14
N THR A 2126 34.84 4.50 -30.65
CA THR A 2126 34.99 3.34 -31.52
C THR A 2126 33.68 2.88 -32.13
N GLN A 2127 33.79 1.77 -32.87
CA GLN A 2127 32.70 1.10 -33.58
C GLN A 2127 31.39 0.95 -32.81
N ASN A 2128 31.41 0.21 -31.70
CA ASN A 2128 30.19 0.01 -30.92
C ASN A 2128 29.73 1.25 -30.18
N ILE A 2129 30.59 2.26 -30.03
CA ILE A 2129 30.19 3.48 -29.33
C ILE A 2129 29.60 4.50 -30.30
N GLU A 2130 29.60 4.21 -31.60
CA GLU A 2130 29.07 5.11 -32.62
C GLU A 2130 27.77 4.62 -33.24
N THR A 2131 27.61 3.32 -33.47
CA THR A 2131 26.37 2.83 -34.07
C THR A 2131 25.20 2.83 -33.09
N ALA A 2132 25.44 3.08 -31.81
CA ALA A 2132 24.38 3.10 -30.82
C ALA A 2132 23.73 4.47 -30.73
N LEU A 2133 24.29 5.46 -31.41
CA LEU A 2133 23.79 6.81 -31.43
C LEU A 2133 22.80 7.04 -32.56
N GLY A 2134 22.73 6.12 -33.50
CA GLY A 2134 21.84 6.20 -34.65
C GLY A 2134 22.60 6.15 -35.95
N VAL A 2135 21.83 5.99 -37.02
CA VAL A 2135 22.42 5.93 -38.36
C VAL A 2135 23.28 7.15 -38.61
N THR A 2136 22.82 8.32 -38.15
CA THR A 2136 23.59 9.54 -38.34
C THR A 2136 24.92 9.49 -37.63
N GLY A 2137 25.05 8.65 -36.62
CA GLY A 2137 26.29 8.52 -35.87
C GLY A 2137 26.62 9.67 -34.96
N VAL A 2138 27.62 10.45 -35.34
CA VAL A 2138 28.09 11.60 -34.59
C VAL A 2138 27.82 12.88 -35.37
N GLU A 2139 26.73 12.91 -36.11
CA GLU A 2139 26.36 14.08 -36.91
C GLU A 2139 25.20 14.89 -36.34
N GLY A 2140 24.47 14.38 -35.35
CA GLY A 2140 23.35 15.13 -34.80
C GLY A 2140 23.38 15.60 -33.35
N VAL A 2141 22.63 14.88 -32.51
CA VAL A 2141 22.53 15.20 -31.09
C VAL A 2141 23.90 15.26 -30.43
N PHE A 2142 24.73 14.25 -30.68
CA PHE A 2142 26.06 14.19 -30.09
C PHE A 2142 26.86 15.48 -30.29
N ARG A 2143 27.08 15.87 -31.54
CA ARG A 2143 27.83 17.08 -31.85
C ARG A 2143 27.24 18.33 -31.22
N LEU A 2144 25.95 18.58 -31.43
CA LEU A 2144 25.32 19.77 -30.86
C LEU A 2144 25.44 19.79 -29.35
N SER A 2145 25.28 18.63 -28.71
CA SER A 2145 25.38 18.59 -27.25
C SER A 2145 26.79 18.94 -26.83
N CYS A 2146 27.78 18.44 -27.55
CA CYS A 2146 29.17 18.75 -27.20
C CYS A 2146 29.41 20.24 -27.33
N GLU A 2147 28.86 20.87 -28.37
CA GLU A 2147 29.02 22.30 -28.55
C GLU A 2147 28.41 23.07 -27.40
N GLN A 2148 27.20 22.68 -26.99
CA GLN A 2148 26.53 23.36 -25.88
C GLN A 2148 27.35 23.22 -24.61
N VAL A 2149 27.87 22.02 -24.35
CA VAL A 2149 28.67 21.79 -23.16
C VAL A 2149 29.89 22.71 -23.15
N LEU A 2150 30.59 22.78 -24.28
CA LEU A 2150 31.76 23.65 -24.36
C LEU A 2150 31.38 25.10 -24.13
N HIS A 2151 30.22 25.51 -24.65
CA HIS A 2151 29.80 26.90 -24.45
C HIS A 2151 29.61 27.17 -22.97
N ILE A 2152 28.89 26.28 -22.29
CA ILE A 2152 28.65 26.43 -20.86
C ILE A 2152 29.97 26.53 -20.12
N MET A 2153 30.91 25.65 -20.46
CA MET A 2153 32.22 25.67 -19.79
C MET A 2153 32.93 26.99 -20.02
N ARG A 2154 33.21 27.33 -21.27
CA ARG A 2154 33.91 28.57 -21.58
C ARG A 2154 33.25 29.77 -20.91
N ARG A 2155 31.94 29.73 -20.69
CA ARG A 2155 31.28 30.85 -20.06
C ARG A 2155 31.66 30.98 -18.59
N GLY A 2156 32.02 29.87 -17.94
CA GLY A 2156 32.40 29.89 -16.54
C GLY A 2156 33.76 29.29 -16.27
N ARG A 2157 34.75 29.60 -17.11
CA ARG A 2157 36.09 29.06 -16.91
C ARG A 2157 36.77 29.62 -15.67
N GLU A 2158 36.45 30.86 -15.29
CA GLU A 2158 37.08 31.45 -14.11
C GLU A 2158 36.76 30.64 -12.86
N THR A 2159 35.49 30.22 -12.72
CA THR A 2159 35.07 29.44 -11.57
C THR A 2159 35.75 28.08 -11.50
N LEU A 2160 36.21 27.55 -12.63
CA LEU A 2160 36.87 26.26 -12.62
C LEU A 2160 38.35 26.40 -12.36
N LEU A 2161 38.96 27.43 -12.94
CA LEU A 2161 40.38 27.64 -12.72
C LEU A 2161 40.64 28.04 -11.28
N THR A 2162 39.69 28.76 -10.66
CA THR A 2162 39.89 29.17 -9.27
C THR A 2162 39.89 27.95 -8.37
N LEU A 2163 39.21 26.88 -8.78
CA LEU A 2163 39.15 25.65 -8.01
C LEU A 2163 40.39 24.82 -8.25
N LEU A 2164 40.82 24.76 -9.51
CA LEU A 2164 42.02 23.99 -9.83
C LEU A 2164 43.23 24.59 -9.13
N GLU A 2165 43.31 25.92 -9.09
CA GLU A 2165 44.43 26.56 -8.42
C GLU A 2165 44.49 26.09 -6.98
N ALA A 2166 43.33 25.99 -6.33
CA ALA A 2166 43.29 25.53 -4.95
C ALA A 2166 43.78 24.10 -4.88
N PHE A 2167 43.32 23.26 -5.80
CA PHE A 2167 43.76 21.87 -5.79
C PHE A 2167 45.28 21.80 -5.88
N VAL A 2168 45.89 22.76 -6.56
CA VAL A 2168 47.34 22.78 -6.70
C VAL A 2168 47.98 23.16 -5.38
N TYR A 2169 47.66 24.36 -4.87
CA TYR A 2169 48.22 24.84 -3.62
C TYR A 2169 47.47 24.17 -2.46
N ASP A 2170 47.68 22.86 -2.33
CA ASP A 2170 47.06 22.07 -1.29
C ASP A 2170 48.10 21.07 -0.80
N PRO A 2171 48.27 20.92 0.52
CA PRO A 2171 49.26 19.96 1.01
C PRO A 2171 48.78 18.51 1.04
N LEU A 2172 47.47 18.27 1.05
CA LEU A 2172 46.93 16.91 1.08
C LEU A 2172 46.70 16.37 -0.33
N VAL A 2173 47.72 16.43 -1.17
CA VAL A 2173 47.63 15.93 -2.54
C VAL A 2173 49.01 15.51 -3.01
N ASP A 2174 49.15 14.27 -3.46
CA ASP A 2174 50.42 13.73 -3.95
C ASP A 2174 50.37 13.73 -5.46
N TRP A 2175 50.93 14.78 -6.07
CA TRP A 2175 50.93 14.86 -7.53
C TRP A 2175 51.95 13.90 -8.12
N THR A 2176 53.14 13.82 -7.54
CA THR A 2176 54.18 12.93 -8.02
C THR A 2176 54.16 11.60 -7.28
N SER A 3357 57.31 21.27 -10.71
CA SER A 3357 56.33 22.22 -11.23
C SER A 3357 55.47 21.55 -12.30
N TYR A 3358 54.83 20.45 -11.90
CA TYR A 3358 53.96 19.68 -12.78
C TYR A 3358 52.53 20.20 -12.71
N ALA A 3359 52.04 20.47 -11.51
CA ALA A 3359 50.68 20.97 -11.34
C ALA A 3359 50.47 22.23 -12.16
N VAL A 3360 51.47 23.11 -12.21
CA VAL A 3360 51.32 24.33 -12.99
C VAL A 3360 51.16 23.99 -14.46
N SER A 3361 51.90 22.97 -14.93
CA SER A 3361 51.79 22.59 -16.33
C SER A 3361 50.38 22.10 -16.61
N VAL A 3362 49.83 21.32 -15.68
CA VAL A 3362 48.47 20.80 -15.84
C VAL A 3362 47.47 21.95 -15.91
N TRP A 3363 47.59 22.88 -14.97
CA TRP A 3363 46.69 24.04 -14.94
C TRP A 3363 46.76 24.81 -16.25
N LYS A 3364 47.97 25.09 -16.73
CA LYS A 3364 48.11 25.84 -17.97
C LYS A 3364 47.49 25.08 -19.14
N ARG A 3365 47.66 23.75 -19.16
CA ARG A 3365 47.10 22.96 -20.24
C ARG A 3365 45.57 23.07 -20.24
N VAL A 3366 44.95 22.92 -19.07
CA VAL A 3366 43.50 23.01 -18.99
C VAL A 3366 43.04 24.40 -19.39
N LYS A 3367 43.78 25.43 -18.97
CA LYS A 3367 43.42 26.79 -19.32
C LYS A 3367 43.48 27.00 -20.82
N ALA A 3368 44.48 26.40 -21.47
CA ALA A 3368 44.60 26.54 -22.90
C ALA A 3368 43.45 25.84 -23.61
N LYS A 3369 43.05 24.67 -23.09
CA LYS A 3369 41.95 23.96 -23.72
C LYS A 3369 40.65 24.73 -23.58
N LEU A 3370 40.46 25.42 -22.45
CA LEU A 3370 39.23 26.19 -22.27
C LEU A 3370 39.24 27.46 -23.11
N GLU A 3371 40.35 28.20 -23.09
CA GLU A 3371 40.42 29.43 -23.86
C GLU A 3371 40.33 29.18 -25.37
N GLY A 3372 40.44 27.93 -25.80
CA GLY A 3372 40.36 27.58 -27.21
C GLY A 3372 41.70 27.42 -27.88
N ARG A 3373 42.79 27.77 -27.22
CA ARG A 3373 44.13 27.65 -27.79
C ARG A 3373 44.75 26.30 -27.47
N ASP A 3374 44.03 25.22 -27.76
CA ASP A 3374 44.55 23.88 -27.49
C ASP A 3374 45.77 23.63 -28.36
N VAL A 3375 45.60 23.70 -29.68
CA VAL A 3375 46.70 23.47 -30.62
C VAL A 3375 46.74 24.65 -31.57
N ASP A 3376 47.42 25.72 -31.17
CA ASP A 3376 47.53 26.91 -32.00
C ASP A 3376 48.43 27.93 -31.31
N PRO A 3377 49.23 28.70 -32.04
CA PRO A 3377 50.08 29.68 -31.38
C PRO A 3377 49.22 30.78 -30.75
N ASN A 3378 48.36 31.38 -31.56
CA ASN A 3378 47.46 32.45 -31.12
C ASN A 3378 46.06 32.32 -31.66
N ARG A 3379 45.82 31.47 -32.66
CA ARG A 3379 44.49 31.29 -33.24
C ARG A 3379 43.51 30.76 -32.20
N ARG A 3380 42.54 31.59 -31.82
CA ARG A 3380 41.54 31.22 -30.83
C ARG A 3380 40.41 30.52 -31.59
N MET A 3381 40.47 29.19 -31.64
CA MET A 3381 39.48 28.40 -32.33
C MET A 3381 38.09 28.62 -31.73
N SER A 3382 37.09 28.13 -32.45
CA SER A 3382 35.70 28.24 -32.04
C SER A 3382 35.22 26.88 -31.54
N VAL A 3383 34.05 26.88 -30.91
CA VAL A 3383 33.49 25.65 -30.39
C VAL A 3383 33.31 24.62 -31.49
N ALA A 3384 32.76 25.05 -32.63
CA ALA A 3384 32.54 24.14 -33.75
C ALA A 3384 33.85 23.54 -34.25
N GLU A 3385 34.85 24.40 -34.48
CA GLU A 3385 36.14 23.91 -34.96
C GLU A 3385 36.78 22.97 -33.94
N GLN A 3386 36.68 23.32 -32.66
CA GLN A 3386 37.25 22.48 -31.61
C GLN A 3386 36.62 21.10 -31.62
N VAL A 3387 35.29 21.04 -31.69
CA VAL A 3387 34.60 19.76 -31.70
C VAL A 3387 34.96 18.97 -32.93
N ASP A 3388 35.03 19.62 -34.10
CA ASP A 3388 35.38 18.92 -35.32
C ASP A 3388 36.76 18.29 -35.20
N TYR A 3389 37.74 19.08 -34.74
CA TYR A 3389 39.09 18.58 -34.59
C TYR A 3389 39.15 17.40 -33.63
N VAL A 3390 38.49 17.54 -32.48
CA VAL A 3390 38.49 16.48 -31.47
C VAL A 3390 37.89 15.19 -32.04
N ILE A 3391 36.72 15.29 -32.66
CA ILE A 3391 36.08 14.10 -33.21
C ILE A 3391 36.95 13.47 -34.28
N LYS A 3392 37.54 14.28 -35.16
CA LYS A 3392 38.39 13.73 -36.20
C LYS A 3392 39.57 12.98 -35.60
N GLU A 3393 40.21 13.58 -34.59
CA GLU A 3393 41.35 12.93 -33.96
C GLU A 3393 40.93 11.65 -33.25
N ALA A 3394 39.71 11.58 -32.74
CA ALA A 3394 39.23 10.39 -32.05
C ALA A 3394 38.56 9.36 -32.93
N THR A 3395 38.40 9.62 -34.24
CA THR A 3395 37.76 8.65 -35.11
C THR A 3395 38.61 8.19 -36.29
N ASN A 3396 39.89 8.55 -36.33
CA ASN A 3396 40.74 8.13 -37.43
C ASN A 3396 41.42 6.81 -37.11
N LEU A 3397 41.63 6.00 -38.15
CA LEU A 3397 42.27 4.70 -38.00
C LEU A 3397 43.78 4.79 -37.89
N ASP A 3398 44.38 5.86 -38.36
CA ASP A 3398 45.83 6.00 -38.27
C ASP A 3398 46.29 6.36 -36.88
N ASN A 3399 45.32 6.44 -35.96
CA ASN A 3399 45.54 6.76 -34.56
C ASN A 3399 45.03 5.69 -33.63
N LEU A 3400 44.12 4.83 -34.09
CA LEU A 3400 43.54 3.75 -33.29
C LEU A 3400 44.33 2.45 -33.41
N ALA A 3401 45.05 2.28 -34.52
CA ALA A 3401 45.82 1.06 -34.71
C ALA A 3401 47.02 1.00 -33.77
N GLN A 3402 47.63 2.14 -33.47
CA GLN A 3402 48.79 2.17 -32.59
C GLN A 3402 48.36 2.50 -31.15
N LEU A 3403 47.64 1.54 -30.57
CA LEU A 3403 47.14 1.63 -29.21
C LEU A 3403 47.31 0.27 -28.55
N TYR A 3404 47.37 0.28 -27.23
CA TYR A 3404 47.54 -0.96 -26.49
C TYR A 3404 46.45 -1.96 -26.86
N GLU A 3405 46.78 -3.25 -26.73
CA GLU A 3405 45.83 -4.31 -27.06
C GLU A 3405 44.66 -4.38 -26.08
N GLY A 3406 44.83 -3.91 -24.85
CA GLY A 3406 43.74 -3.95 -23.89
C GLY A 3406 42.67 -2.93 -24.17
N TRP A 3407 43.01 -1.87 -24.89
CA TRP A 3407 42.04 -0.84 -25.22
C TRP A 3407 40.94 -1.36 -26.12
N THR A 3408 41.17 -2.49 -26.79
CA THR A 3408 40.19 -3.12 -27.69
C THR A 3408 39.57 -2.08 -28.62
N ALA A 3409 40.43 -1.51 -29.46
CA ALA A 3409 40.00 -0.50 -30.42
C ALA A 3409 39.10 -1.06 -31.51
N TRP A 3410 38.93 -2.37 -31.61
CA TRP A 3410 38.08 -2.97 -32.63
C TRP A 3410 36.69 -3.31 -32.09
N VAL A 3411 36.33 -2.74 -30.96
CA VAL A 3411 35.03 -2.97 -30.33
C VAL A 3411 34.76 -1.79 -29.42
N PRO B 4 -18.38 -28.19 42.27
CA PRO B 4 -17.33 -28.06 41.27
C PRO B 4 -16.02 -28.71 41.70
N VAL B 5 -16.00 -30.04 41.72
CA VAL B 5 -14.83 -30.80 42.11
C VAL B 5 -14.84 -32.12 41.37
N SER B 6 -13.66 -32.68 41.17
CA SER B 6 -13.54 -33.94 40.46
C SER B 6 -14.40 -35.01 41.14
N LEU B 7 -14.68 -36.07 40.39
CA LEU B 7 -15.50 -37.16 40.94
C LEU B 7 -14.73 -37.97 41.97
N ARG B 8 -13.49 -38.36 41.63
CA ARG B 8 -12.69 -39.15 42.55
C ARG B 8 -12.47 -38.40 43.86
N ASP B 9 -12.35 -37.07 43.79
CA ASP B 9 -12.14 -36.25 44.97
C ASP B 9 -13.42 -35.95 45.75
N LEU B 10 -14.54 -36.57 45.36
CA LEU B 10 -15.82 -36.37 46.02
C LEU B 10 -16.32 -37.63 46.70
N LEU B 11 -16.34 -38.75 45.96
CA LEU B 11 -16.81 -40.01 46.52
C LEU B 11 -16.09 -40.34 47.83
N MET B 12 -14.79 -40.03 47.91
CA MET B 12 -14.03 -40.31 49.11
C MET B 12 -14.73 -39.74 50.33
N GLY B 13 -14.95 -38.43 50.34
CA GLY B 13 -15.61 -37.78 51.44
C GLY B 13 -17.10 -38.08 51.49
N GLU B 39 -21.65 -33.56 53.60
CA GLU B 39 -22.57 -34.68 53.38
C GLU B 39 -23.68 -34.69 54.43
N PRO B 40 -23.32 -34.66 55.70
CA PRO B 40 -24.33 -34.67 56.77
C PRO B 40 -25.43 -33.64 56.52
N PRO B 41 -25.09 -32.42 56.05
CA PRO B 41 -26.15 -31.43 55.82
C PRO B 41 -27.19 -31.87 54.80
N TRP B 42 -26.81 -32.73 53.86
CA TRP B 42 -27.71 -33.22 52.84
C TRP B 42 -27.51 -34.71 52.59
N ARG B 43 -27.09 -35.44 53.63
CA ARG B 43 -26.87 -36.87 53.51
C ARG B 43 -28.14 -37.61 53.12
N GLU B 44 -29.31 -36.97 53.27
CA GLU B 44 -30.60 -37.58 52.94
C GLU B 44 -31.44 -36.55 52.19
N ASP B 45 -31.54 -36.71 50.88
CA ASP B 45 -32.30 -35.82 50.01
C ASP B 45 -32.57 -36.50 48.68
N GLU B 46 -33.83 -36.60 48.29
CA GLU B 46 -34.18 -37.22 47.02
C GLU B 46 -33.62 -36.32 45.92
N ILE B 47 -32.82 -36.89 45.03
CA ILE B 47 -32.22 -36.13 43.96
C ILE B 47 -32.38 -36.81 42.61
N CYS B 48 -31.97 -36.08 41.58
CA CYS B 48 -32.00 -36.50 40.19
C CYS B 48 -30.65 -36.11 39.61
N VAL B 49 -30.00 -37.05 38.95
CA VAL B 49 -28.70 -36.82 38.35
C VAL B 49 -28.91 -36.47 36.89
N VAL B 50 -27.99 -35.69 36.34
CA VAL B 50 -28.05 -35.26 34.95
C VAL B 50 -26.66 -35.39 34.33
N GLY B 51 -26.54 -36.29 33.34
CA GLY B 51 -25.27 -36.50 32.68
C GLY B 51 -25.18 -35.59 31.46
N ILE B 52 -23.99 -35.07 31.21
CA ILE B 52 -23.77 -34.18 30.08
C ILE B 52 -22.55 -34.64 29.29
N PHE B 53 -22.73 -34.75 27.97
CA PHE B 53 -21.65 -35.18 27.09
C PHE B 53 -21.88 -34.61 25.70
N GLY B 54 -20.99 -35.00 24.78
CA GLY B 54 -21.03 -34.58 23.40
C GLY B 54 -19.73 -33.92 22.99
N LYS B 55 -19.73 -33.34 21.80
CA LYS B 55 -18.58 -32.65 21.25
C LYS B 55 -18.66 -31.16 21.50
N THR B 56 -17.51 -30.50 21.31
CA THR B 56 -17.39 -29.07 21.50
C THR B 56 -16.41 -28.54 20.46
N ALA B 57 -16.28 -27.22 20.43
CA ALA B 57 -15.39 -26.55 19.50
C ALA B 57 -14.29 -25.84 20.27
N LEU B 58 -13.23 -25.49 19.55
CA LEU B 58 -12.10 -24.80 20.13
C LEU B 58 -12.47 -23.36 20.44
N ARG B 59 -13.06 -23.14 21.61
CA ARG B 59 -13.46 -21.81 22.05
C ARG B 59 -13.08 -21.64 23.51
N LEU B 60 -13.37 -20.46 24.05
CA LEU B 60 -13.07 -20.17 25.44
C LEU B 60 -14.22 -20.49 26.38
N ASN B 61 -15.45 -20.49 25.87
CA ASN B 61 -16.64 -20.78 26.67
C ASN B 61 -17.22 -22.10 26.15
N SER B 62 -16.99 -23.18 26.89
CA SER B 62 -17.49 -24.48 26.49
C SER B 62 -19.03 -24.49 26.51
N GLU B 63 -19.60 -25.28 25.59
CA GLU B 63 -21.04 -25.39 25.49
C GLU B 63 -21.65 -26.19 26.63
N LYS B 64 -20.85 -26.63 27.59
CA LYS B 64 -21.30 -27.41 28.73
C LYS B 64 -21.36 -26.58 30.00
N PHE B 65 -20.26 -25.91 30.34
CA PHE B 65 -20.21 -25.07 31.53
C PHE B 65 -21.32 -24.02 31.49
N SER B 66 -21.39 -23.26 30.40
CA SER B 66 -22.41 -22.24 30.26
C SER B 66 -23.79 -22.79 30.51
N LEU B 67 -24.03 -24.06 30.13
CA LEU B 67 -25.33 -24.66 30.35
C LEU B 67 -25.67 -24.68 31.84
N VAL B 68 -24.76 -25.22 32.65
CA VAL B 68 -25.00 -25.29 34.08
C VAL B 68 -25.16 -23.88 34.65
N ASN B 69 -24.22 -22.99 34.32
CA ASN B 69 -24.30 -21.63 34.81
C ASN B 69 -25.58 -20.93 34.38
N THR B 70 -26.24 -21.44 33.33
CA THR B 70 -27.48 -20.84 32.85
C THR B 70 -28.69 -21.40 33.57
N VAL B 71 -28.66 -22.69 33.90
CA VAL B 71 -29.78 -23.30 34.59
C VAL B 71 -29.81 -22.87 36.06
N CYS B 72 -28.75 -23.18 36.79
CA CYS B 72 -28.67 -22.82 38.20
C CYS B 72 -28.88 -21.33 38.45
N ASP B 73 -28.65 -20.48 37.45
CA ASP B 73 -28.80 -19.03 37.51
C ASP B 73 -27.60 -18.38 38.19
N ARG B 74 -26.58 -19.15 38.59
CA ARG B 74 -25.40 -18.62 39.25
C ARG B 74 -24.17 -19.05 38.46
N GLN B 75 -23.09 -18.29 38.66
CA GLN B 75 -21.82 -18.57 37.98
C GLN B 75 -21.06 -19.67 38.70
N VAL B 76 -21.49 -20.90 38.46
CA VAL B 76 -20.84 -22.05 39.08
C VAL B 76 -19.43 -22.19 38.55
N PHE B 77 -19.31 -22.39 37.24
CA PHE B 77 -18.01 -22.53 36.60
C PHE B 77 -17.60 -21.11 36.21
N PRO B 78 -16.64 -20.50 36.90
CA PRO B 78 -16.25 -19.14 36.54
C PRO B 78 -15.51 -19.05 35.22
N LEU B 79 -15.42 -17.83 34.74
CA LEU B 79 -14.77 -17.49 33.50
C LEU B 79 -13.29 -17.27 33.78
N PHE B 80 -12.46 -17.50 32.77
CA PHE B 80 -11.01 -17.34 32.91
C PHE B 80 -10.48 -18.31 33.96
N ARG B 81 -10.71 -19.59 33.71
CA ARG B 81 -10.26 -20.64 34.62
C ARG B 81 -9.25 -21.56 33.94
N GLN B 133 -0.86 -38.02 30.93
CA GLN B 133 -1.07 -39.41 30.55
C GLN B 133 -2.44 -39.60 29.91
N ASP B 134 -3.48 -39.52 30.73
CA ASP B 134 -4.85 -39.68 30.25
C ASP B 134 -5.41 -38.34 29.81
N TYR B 135 -6.38 -38.38 28.90
CA TYR B 135 -7.02 -37.18 28.37
C TYR B 135 -8.53 -37.31 28.45
N SER B 136 -9.00 -37.74 29.62
CA SER B 136 -10.42 -37.93 29.89
C SER B 136 -10.66 -37.36 31.29
N LEU B 137 -11.92 -37.08 31.60
CA LEU B 137 -12.20 -36.53 32.92
C LEU B 137 -13.69 -36.44 33.15
N LEU B 138 -14.05 -36.35 34.43
CA LEU B 138 -15.42 -36.25 34.89
C LEU B 138 -15.48 -35.18 35.96
N GLN B 139 -16.63 -34.52 36.05
CA GLN B 139 -16.82 -33.47 37.04
C GLN B 139 -18.23 -33.58 37.58
N ALA B 140 -18.45 -33.00 38.77
CA ALA B 140 -19.75 -33.06 39.39
C ALA B 140 -20.04 -31.78 40.15
N TYR B 141 -21.34 -31.56 40.39
CA TYR B 141 -21.81 -30.38 41.11
C TYR B 141 -23.23 -30.64 41.59
N TYR B 142 -23.46 -30.49 42.89
CA TYR B 142 -24.78 -30.71 43.47
C TYR B 142 -25.42 -29.38 43.80
N SER B 143 -26.70 -29.22 43.45
CA SER B 143 -27.46 -28.00 43.69
C SER B 143 -28.58 -28.33 44.66
N GLN B 144 -28.55 -27.68 45.83
CA GLN B 144 -29.56 -27.89 46.86
C GLN B 144 -30.84 -27.13 46.55
N GLU B 145 -30.71 -25.89 46.07
CA GLU B 145 -31.89 -25.09 45.75
C GLU B 145 -32.81 -25.81 44.78
N SER B 146 -32.31 -26.82 44.07
CA SER B 146 -33.09 -27.58 43.12
C SER B 146 -33.04 -29.07 43.38
N LYS B 147 -32.16 -29.54 44.27
CA LYS B 147 -32.05 -30.96 44.59
C LYS B 147 -31.68 -31.75 43.34
N VAL B 148 -30.65 -31.31 42.64
CA VAL B 148 -30.22 -31.99 41.43
C VAL B 148 -28.71 -32.05 41.36
N LEU B 149 -28.19 -33.17 40.89
CA LEU B 149 -26.76 -33.39 40.75
C LEU B 149 -26.42 -33.37 39.27
N TYR B 150 -25.32 -32.73 38.93
CA TYR B 150 -24.87 -32.62 37.55
C TYR B 150 -23.51 -33.29 37.38
N LEU B 151 -23.39 -34.08 36.32
CA LEU B 151 -22.16 -34.81 35.99
C LEU B 151 -21.79 -34.40 34.59
N LEU B 152 -20.52 -34.03 34.40
CA LEU B 152 -20.01 -33.61 33.10
C LEU B 152 -18.88 -34.51 32.66
N LEU B 153 -18.87 -34.87 31.38
CA LEU B 153 -17.84 -35.72 30.81
C LEU B 153 -16.95 -34.90 29.89
N THR B 154 -15.70 -35.32 29.76
CA THR B 154 -14.75 -34.62 28.90
C THR B 154 -13.80 -35.67 28.34
N SER B 155 -13.62 -35.67 27.03
CA SER B 155 -12.74 -36.63 26.37
C SER B 155 -12.12 -35.98 25.14
N ILE B 156 -11.52 -36.82 24.28
CA ILE B 156 -10.90 -36.33 23.06
C ILE B 156 -11.92 -35.66 22.15
N CYS B 157 -13.16 -36.15 22.16
CA CYS B 157 -14.18 -35.55 21.30
C CYS B 157 -14.16 -34.02 21.42
N ASP B 158 -13.79 -33.50 22.57
CA ASP B 158 -13.72 -32.07 22.78
C ASP B 158 -12.43 -31.56 22.15
N ASN B 159 -12.09 -30.30 22.39
CA ASN B 159 -10.88 -29.73 21.83
C ASN B 159 -9.87 -29.31 22.88
N SER B 160 -10.33 -28.92 24.07
CA SER B 160 -9.39 -28.52 25.11
C SER B 160 -8.44 -29.65 25.46
N GLN B 161 -8.88 -30.89 25.24
CA GLN B 161 -8.10 -32.08 25.52
C GLN B 161 -7.32 -32.53 24.29
N LEU B 162 -7.97 -32.51 23.12
CA LEU B 162 -7.29 -32.91 21.91
C LEU B 162 -6.08 -32.03 21.67
N LEU B 163 -6.18 -30.75 22.04
CA LEU B 163 -5.06 -29.85 21.85
C LEU B 163 -3.89 -30.29 22.72
N ARG B 164 -4.17 -30.70 23.96
CA ARG B 164 -3.10 -31.14 24.85
C ARG B 164 -2.47 -32.41 24.28
N ALA B 165 -3.31 -33.31 23.79
CA ALA B 165 -2.82 -34.56 23.22
C ALA B 165 -1.86 -34.29 22.08
N CYS B 166 -2.27 -33.46 21.13
CA CYS B 166 -1.41 -33.15 19.99
C CYS B 166 -0.17 -32.40 20.43
N ARG B 167 -0.32 -31.44 21.35
CA ARG B 167 0.82 -30.67 21.83
C ARG B 167 1.89 -31.60 22.41
N ALA B 168 1.46 -32.57 23.21
CA ALA B 168 2.41 -33.50 23.79
C ALA B 168 3.02 -34.39 22.71
N LEU B 169 2.14 -35.02 21.92
CA LEU B 169 2.58 -35.89 20.84
C LEU B 169 3.62 -35.20 19.96
N GLN B 170 3.60 -33.87 19.93
CA GLN B 170 4.54 -33.12 19.12
C GLN B 170 5.93 -33.11 19.74
N SER B 171 6.02 -33.16 21.07
CA SER B 171 7.31 -33.15 21.76
C SER B 171 7.60 -34.49 22.44
N GLY B 172 6.71 -34.97 23.29
CA GLY B 172 6.91 -36.23 23.99
C GLY B 172 5.80 -36.56 24.96
N PRO B 181 6.06 -42.51 14.57
CA PRO B 181 5.78 -43.88 14.11
C PRO B 181 4.30 -44.08 13.75
N HIS B 182 4.05 -44.74 12.63
CA HIS B 182 2.70 -45.02 12.16
C HIS B 182 2.14 -46.32 12.72
N ALA B 183 2.67 -46.77 13.86
CA ALA B 183 2.19 -48.00 14.48
C ALA B 183 1.81 -47.74 15.94
N GLU B 184 2.47 -46.79 16.57
CA GLU B 184 2.19 -46.44 17.96
C GLU B 184 1.07 -45.43 18.08
N ALA B 185 1.06 -44.40 17.23
CA ALA B 185 0.01 -43.39 17.29
C ALA B 185 -1.36 -44.03 17.13
N HIS B 186 -1.47 -45.03 16.24
CA HIS B 186 -2.75 -45.68 16.04
C HIS B 186 -3.23 -46.27 17.36
N GLU B 187 -2.33 -46.94 18.08
CA GLU B 187 -2.70 -47.53 19.36
C GLU B 187 -3.06 -46.44 20.35
N PHE B 188 -2.38 -45.30 20.28
CA PHE B 188 -2.64 -44.18 21.18
C PHE B 188 -4.08 -43.72 21.03
N TRP B 189 -4.48 -43.40 19.80
CA TRP B 189 -5.84 -42.95 19.55
C TRP B 189 -6.85 -44.03 19.91
N LYS B 190 -6.53 -45.29 19.57
CA LYS B 190 -7.44 -46.39 19.88
C LYS B 190 -7.68 -46.49 21.38
N HIS B 191 -6.60 -46.39 22.16
CA HIS B 191 -6.70 -46.47 23.60
C HIS B 191 -7.58 -45.34 24.13
N GLN B 192 -7.37 -44.13 23.62
CA GLN B 192 -8.19 -43.01 24.08
C GLN B 192 -9.66 -43.26 23.77
N GLU B 193 -9.94 -43.82 22.59
CA GLU B 193 -11.33 -44.10 22.23
C GLU B 193 -11.95 -45.09 23.21
N LYS B 194 -11.21 -46.16 23.52
CA LYS B 194 -11.71 -47.17 24.45
C LYS B 194 -11.98 -46.54 25.81
N LEU B 195 -11.05 -45.71 26.27
CA LEU B 195 -11.19 -45.04 27.55
C LEU B 195 -12.49 -44.24 27.61
N GLN B 196 -12.71 -43.38 26.61
CA GLN B 196 -13.92 -42.59 26.62
C GLN B 196 -15.16 -43.48 26.51
N CYS B 197 -15.06 -44.60 25.78
CA CYS B 197 -16.21 -45.48 25.65
C CYS B 197 -16.64 -46.02 27.02
N LEU B 198 -15.68 -46.53 27.80
CA LEU B 198 -16.06 -47.05 29.12
C LEU B 198 -16.53 -45.90 30.00
N SER B 199 -15.91 -44.72 29.88
CA SER B 199 -16.32 -43.59 30.69
C SER B 199 -17.75 -43.20 30.36
N LEU B 200 -18.21 -43.55 29.15
CA LEU B 200 -19.57 -43.24 28.74
C LEU B 200 -20.51 -44.30 29.29
N LEU B 201 -20.07 -45.55 29.26
CA LEU B 201 -20.89 -46.62 29.79
C LEU B 201 -21.21 -46.32 31.24
N TYR B 202 -20.24 -45.75 31.96
CA TYR B 202 -20.47 -45.42 33.36
C TYR B 202 -21.71 -44.54 33.49
N LEU B 203 -21.73 -43.42 32.78
CA LEU B 203 -22.87 -42.50 32.84
C LEU B 203 -24.16 -43.22 32.45
N PHE B 204 -24.12 -44.05 31.41
CA PHE B 204 -25.33 -44.74 31.00
C PHE B 204 -25.84 -45.74 32.04
N SER B 205 -25.19 -45.85 33.20
CA SER B 205 -25.61 -46.78 34.23
C SER B 205 -26.03 -46.13 35.54
N VAL B 206 -25.55 -44.93 35.85
CA VAL B 206 -25.91 -44.26 37.10
C VAL B 206 -26.56 -42.91 36.83
N CYS B 207 -27.35 -42.80 35.76
CA CYS B 207 -27.99 -41.53 35.47
C CYS B 207 -29.45 -41.72 35.07
N HIS B 208 -30.27 -40.75 35.46
CA HIS B 208 -31.69 -40.72 35.18
C HIS B 208 -31.94 -40.03 33.85
N ILE B 209 -31.33 -38.86 33.67
CA ILE B 209 -31.44 -38.06 32.47
C ILE B 209 -30.04 -37.72 32.00
N LEU B 210 -29.87 -37.61 30.69
CA LEU B 210 -28.57 -37.26 30.15
C LEU B 210 -28.79 -36.62 28.79
N LEU B 211 -27.95 -35.65 28.47
CA LEU B 211 -28.04 -34.95 27.21
C LEU B 211 -26.70 -34.79 26.50
N LEU B 212 -26.79 -34.75 25.18
CA LEU B 212 -25.65 -34.61 24.30
C LEU B 212 -25.78 -33.26 23.59
N VAL B 213 -24.65 -32.56 23.49
CA VAL B 213 -24.59 -31.25 22.86
C VAL B 213 -23.88 -31.34 21.52
N HIS B 214 -24.21 -30.40 20.63
CA HIS B 214 -23.60 -30.36 19.31
C HIS B 214 -23.50 -28.92 18.83
N PRO B 215 -22.42 -28.56 18.13
CA PRO B 215 -22.28 -27.17 17.65
C PRO B 215 -23.11 -26.82 16.42
N THR B 216 -23.74 -27.79 15.77
CA THR B 216 -24.54 -27.51 14.58
C THR B 216 -25.82 -28.32 14.63
N CYS B 217 -26.81 -27.85 13.88
CA CYS B 217 -28.10 -28.53 13.83
C CYS B 217 -27.93 -29.97 13.37
N SER B 218 -27.37 -30.17 12.18
CA SER B 218 -27.17 -31.51 11.67
C SER B 218 -26.41 -32.34 12.71
N PHE B 219 -26.94 -33.52 13.01
CA PHE B 219 -26.32 -34.42 13.98
C PHE B 219 -25.52 -35.51 13.29
N ASP B 220 -24.38 -35.82 13.88
CA ASP B 220 -23.48 -36.84 13.34
C ASP B 220 -24.17 -38.20 13.34
N ILE B 221 -24.45 -38.72 12.14
CA ILE B 221 -25.11 -40.01 11.99
C ILE B 221 -24.25 -41.16 12.54
N THR B 222 -22.92 -40.98 12.62
CA THR B 222 -22.07 -42.04 13.11
C THR B 222 -22.49 -42.53 14.50
N TYR B 223 -23.23 -41.72 15.25
CA TYR B 223 -23.66 -42.15 16.57
C TYR B 223 -24.43 -43.45 16.49
N ASP B 224 -25.21 -43.64 15.42
CA ASP B 224 -26.00 -44.84 15.22
C ASP B 224 -25.16 -46.11 15.39
N ARG B 225 -23.84 -45.97 15.32
CA ARG B 225 -22.94 -47.10 15.46
C ARG B 225 -22.37 -47.19 16.87
N VAL B 226 -21.92 -46.06 17.42
CA VAL B 226 -21.36 -46.04 18.76
C VAL B 226 -22.28 -46.75 19.73
N PHE B 227 -23.51 -46.25 19.84
CA PHE B 227 -24.48 -46.85 20.74
C PHE B 227 -24.65 -48.33 20.44
N ARG B 228 -24.70 -48.69 19.15
CA ARG B 228 -24.86 -50.09 18.78
C ARG B 228 -23.73 -50.93 19.33
N ALA B 229 -22.53 -50.38 19.36
CA ALA B 229 -21.35 -51.09 19.87
C ALA B 229 -21.17 -50.91 21.36
N LEU B 230 -22.10 -50.25 22.03
CA LEU B 230 -22.01 -50.02 23.46
C LEU B 230 -22.87 -50.99 24.25
N ASP B 231 -24.13 -51.18 23.85
CA ASP B 231 -24.99 -52.10 24.56
C ASP B 231 -24.38 -53.50 24.58
N GLY B 232 -24.00 -53.99 23.41
CA GLY B 232 -23.39 -55.31 23.29
C GLY B 232 -22.24 -55.50 24.25
N LEU B 233 -21.69 -54.39 24.76
CA LEU B 233 -20.59 -54.46 25.70
C LEU B 233 -21.08 -54.55 27.13
N ARG B 234 -21.97 -53.63 27.53
CA ARG B 234 -22.48 -53.65 28.91
C ARG B 234 -23.00 -55.04 29.25
N GLN B 235 -23.78 -55.64 28.36
CA GLN B 235 -24.32 -56.98 28.62
C GLN B 235 -23.18 -57.93 28.94
N LYS B 236 -22.18 -57.98 28.07
CA LYS B 236 -21.04 -58.87 28.26
C LYS B 236 -20.39 -58.64 29.62
N VAL B 237 -20.44 -57.42 30.14
CA VAL B 237 -19.85 -57.09 31.43
C VAL B 237 -20.91 -56.73 32.46
N LEU B 238 -22.18 -57.01 32.19
CA LEU B 238 -23.20 -56.66 33.18
C LEU B 238 -23.01 -57.41 34.49
N PRO B 239 -22.74 -58.71 34.50
CA PRO B 239 -22.56 -59.41 35.79
C PRO B 239 -21.50 -58.78 36.67
N LEU B 240 -20.32 -58.51 36.11
CA LEU B 240 -19.24 -57.90 36.89
C LEU B 240 -19.66 -56.64 37.63
N LEU B 241 -20.74 -56.00 37.19
CA LEU B 241 -21.21 -54.79 37.85
C LEU B 241 -22.17 -55.13 38.98
N LYS B 242 -23.26 -55.84 38.66
CA LYS B 242 -24.22 -56.21 39.69
C LYS B 242 -23.56 -57.00 40.82
N THR B 243 -22.45 -57.66 40.56
CA THR B 243 -21.75 -58.43 41.57
C THR B 243 -20.99 -57.55 42.55
N ALA B 244 -21.08 -56.23 42.41
CA ALA B 244 -20.40 -55.28 43.28
C ALA B 244 -21.39 -54.52 44.14
N ILE B 245 -22.39 -53.89 43.54
CA ILE B 245 -23.40 -53.13 44.26
C ILE B 245 -24.29 -54.10 45.03
N LYS B 246 -24.10 -55.40 44.78
CA LYS B 246 -24.88 -56.43 45.44
C LYS B 246 -25.07 -56.14 46.92
N ASP B 247 -23.97 -55.87 47.61
CA ASP B 247 -24.01 -55.57 49.05
C ASP B 247 -24.20 -54.06 49.26
N CYS B 248 -25.28 -53.55 48.70
CA CYS B 248 -25.60 -52.12 48.80
C CYS B 248 -27.10 -51.93 48.94
N PRO B 249 -27.55 -50.72 49.29
CA PRO B 249 -28.99 -50.47 49.43
C PRO B 249 -29.67 -50.06 48.13
N VAL B 250 -29.02 -50.33 46.99
CA VAL B 250 -29.55 -49.99 45.68
C VAL B 250 -31.03 -50.32 45.57
N GLY B 251 -31.39 -51.58 45.80
CA GLY B 251 -32.79 -51.99 45.72
C GLY B 251 -32.99 -53.31 45.02
N LYS B 252 -34.17 -53.51 44.42
CA LYS B 252 -34.47 -54.75 43.72
C LYS B 252 -34.17 -54.66 42.22
N ASP B 253 -34.84 -53.76 41.52
CA ASP B 253 -34.61 -53.60 40.09
C ASP B 253 -33.22 -53.04 39.81
N TRP B 254 -32.77 -52.12 40.67
CA TRP B 254 -31.45 -51.52 40.49
C TRP B 254 -30.37 -52.59 40.52
N LYS B 255 -30.40 -53.47 41.53
CA LYS B 255 -29.41 -54.53 41.64
C LYS B 255 -29.50 -55.50 40.48
N LEU B 256 -30.61 -55.53 39.75
CA LEU B 256 -30.79 -56.42 38.62
C LEU B 256 -30.23 -55.84 37.33
N ASN B 257 -30.58 -54.59 37.03
CA ASN B 257 -30.11 -53.93 35.83
C ASN B 257 -28.97 -52.95 36.06
N CYS B 258 -28.43 -52.89 37.28
CA CYS B 258 -27.33 -51.98 37.59
C CYS B 258 -27.64 -50.55 37.16
N ARG B 259 -28.92 -50.20 37.09
CA ARG B 259 -29.34 -48.87 36.69
C ARG B 259 -30.59 -48.50 37.49
N PRO B 260 -30.75 -47.22 37.83
CA PRO B 260 -31.94 -46.84 38.60
C PRO B 260 -33.20 -46.91 37.77
N CYS B 261 -33.09 -46.66 36.47
CA CYS B 261 -34.21 -46.68 35.53
C CYS B 261 -33.67 -46.42 34.15
N PRO B 262 -34.38 -46.81 33.08
CA PRO B 262 -33.87 -46.56 31.74
C PRO B 262 -33.69 -45.06 31.55
N PRO B 263 -32.45 -44.59 31.43
CA PRO B 263 -32.23 -43.15 31.25
C PRO B 263 -32.94 -42.57 30.06
N ARG B 264 -33.10 -41.25 30.09
CA ARG B 264 -33.75 -40.49 29.05
C ARG B 264 -32.66 -39.66 28.38
N LEU B 265 -32.71 -39.58 27.06
CA LEU B 265 -31.72 -38.84 26.29
C LEU B 265 -32.30 -37.55 25.72
N LEU B 266 -31.52 -36.49 25.82
CA LEU B 266 -31.90 -35.17 25.32
C LEU B 266 -30.83 -34.68 24.34
N PHE B 267 -31.27 -33.86 23.39
CA PHE B 267 -30.38 -33.31 22.37
C PHE B 267 -30.37 -31.79 22.37
N LEU B 268 -29.17 -31.23 22.26
CA LEU B 268 -28.96 -29.78 22.23
C LEU B 268 -28.15 -29.48 20.98
N PHE B 269 -28.66 -28.57 20.16
CA PHE B 269 -27.98 -28.18 18.93
C PHE B 269 -27.80 -26.68 18.86
N GLN B 270 -26.63 -26.26 18.38
CA GLN B 270 -26.34 -24.85 18.25
C GLN B 270 -26.69 -24.41 16.84
N LEU B 271 -27.42 -23.30 16.73
CA LEU B 271 -27.83 -22.78 15.43
C LEU B 271 -26.63 -22.56 14.50
N ASN B 272 -25.69 -21.71 14.93
CA ASN B 272 -24.50 -21.41 14.15
C ASN B 272 -24.80 -20.56 12.92
N GLY B 273 -25.67 -19.56 13.09
CA GLY B 273 -26.04 -18.68 12.00
C GLY B 273 -27.14 -19.15 11.06
N ALA B 274 -27.51 -20.43 11.09
CA ALA B 274 -28.55 -20.88 10.19
C ALA B 274 -29.84 -20.09 10.45
N LEU B 275 -30.77 -20.20 9.51
CA LEU B 275 -32.06 -19.50 9.63
C LEU B 275 -31.85 -18.02 9.91
N SER B 295 -42.72 -20.31 14.90
CA SER B 295 -41.50 -19.94 14.19
C SER B 295 -40.91 -21.15 13.48
N PRO B 296 -39.95 -20.92 12.57
CA PRO B 296 -39.36 -22.04 11.84
C PRO B 296 -38.59 -22.98 12.76
N LYS B 297 -38.09 -22.47 13.89
CA LYS B 297 -37.36 -23.31 14.81
C LYS B 297 -38.15 -24.54 15.20
N ARG B 298 -39.45 -24.38 15.44
CA ARG B 298 -40.28 -25.52 15.81
C ARG B 298 -40.32 -26.54 14.69
N ARG B 299 -40.45 -26.07 13.44
CA ARG B 299 -40.49 -26.99 12.32
C ARG B 299 -39.20 -27.78 12.26
N LEU B 300 -38.06 -27.10 12.43
CA LEU B 300 -36.77 -27.76 12.39
C LEU B 300 -36.67 -28.79 13.51
N GLN B 301 -37.13 -28.43 14.70
CA GLN B 301 -37.09 -29.33 15.84
C GLN B 301 -37.86 -30.61 15.54
N HIS B 302 -39.12 -30.47 15.11
CA HIS B 302 -39.92 -31.65 14.80
C HIS B 302 -39.28 -32.48 13.69
N ALA B 303 -38.66 -31.82 12.71
CA ALA B 303 -38.03 -32.56 11.63
C ALA B 303 -36.88 -33.41 12.17
N LEU B 304 -36.02 -32.80 12.99
CA LEU B 304 -34.90 -33.53 13.55
C LEU B 304 -35.40 -34.68 14.42
N GLU B 305 -36.49 -34.45 15.15
CA GLU B 305 -37.03 -35.50 16.00
C GLU B 305 -37.45 -36.69 15.15
N ASP B 306 -38.21 -36.43 14.08
CA ASP B 306 -38.65 -37.52 13.21
C ASP B 306 -37.44 -38.25 12.65
N GLN B 307 -36.43 -37.50 12.22
CA GLN B 307 -35.23 -38.12 11.65
C GLN B 307 -34.62 -39.08 12.66
N ILE B 308 -34.18 -38.54 13.79
CA ILE B 308 -33.56 -39.34 14.85
C ILE B 308 -34.39 -40.57 15.17
N TYR B 309 -35.70 -40.40 15.29
CA TYR B 309 -36.56 -41.54 15.61
C TYR B 309 -36.44 -42.63 14.56
N ARG B 310 -36.64 -42.29 13.28
CA ARG B 310 -36.54 -43.30 12.23
C ARG B 310 -35.16 -43.94 12.18
N ILE B 311 -34.11 -43.13 12.34
CA ILE B 311 -32.75 -43.67 12.29
C ILE B 311 -32.55 -44.71 13.39
N PHE B 312 -32.68 -44.27 14.64
CA PHE B 312 -32.51 -45.19 15.76
C PHE B 312 -33.49 -46.34 15.74
N ARG B 313 -34.61 -46.21 15.03
CA ARG B 313 -35.57 -47.29 14.99
C ARG B 313 -35.14 -48.35 13.98
N LYS B 314 -34.78 -47.93 12.76
CA LYS B 314 -34.36 -48.91 11.78
C LYS B 314 -33.07 -49.59 12.24
N SER B 315 -32.21 -48.86 12.96
CA SER B 315 -30.98 -49.46 13.43
C SER B 315 -31.23 -50.33 14.65
N ARG B 316 -32.47 -50.31 15.15
CA ARG B 316 -32.93 -51.07 16.31
C ARG B 316 -32.32 -50.59 17.61
N VAL B 317 -31.84 -49.33 17.64
CA VAL B 317 -31.27 -48.80 18.86
C VAL B 317 -32.38 -48.49 19.84
N LEU B 318 -33.61 -48.42 19.34
CA LEU B 318 -34.81 -48.13 20.10
C LEU B 318 -35.82 -49.23 19.80
N THR B 319 -36.56 -49.66 20.83
CA THR B 319 -37.55 -50.70 20.66
C THR B 319 -38.79 -50.36 21.47
N ASN B 320 -39.77 -51.26 21.45
CA ASN B 320 -41.00 -51.06 22.19
C ASN B 320 -40.79 -51.28 23.68
N GLN B 321 -39.92 -52.22 24.03
CA GLN B 321 -39.64 -52.51 25.44
C GLN B 321 -38.59 -51.52 25.97
N SER B 322 -38.91 -50.88 27.09
CA SER B 322 -38.02 -49.92 27.72
C SER B 322 -37.07 -50.55 28.73
N ILE B 323 -36.72 -51.82 28.54
CA ILE B 323 -35.82 -52.52 29.45
C ILE B 323 -34.58 -52.94 28.69
N ASN B 324 -34.78 -53.66 27.58
CA ASN B 324 -33.65 -54.11 26.77
C ASN B 324 -32.84 -52.93 26.23
N CYS B 325 -33.49 -51.81 25.98
CA CYS B 325 -32.82 -50.64 25.45
C CYS B 325 -31.97 -49.97 26.53
N LEU B 326 -30.88 -49.35 26.10
CA LEU B 326 -29.97 -48.67 27.02
C LEU B 326 -30.42 -47.25 27.29
N PHE B 327 -31.38 -46.74 26.53
CA PHE B 327 -31.90 -45.39 26.69
C PHE B 327 -33.19 -45.32 25.91
N THR B 328 -34.01 -44.31 26.23
CA THR B 328 -35.28 -44.13 25.56
C THR B 328 -35.56 -42.65 25.38
N VAL B 329 -36.50 -42.36 24.49
CA VAL B 329 -36.90 -40.99 24.17
C VAL B 329 -38.38 -40.87 24.47
N PRO B 330 -38.91 -39.65 24.55
CA PRO B 330 -40.34 -39.48 24.82
C PRO B 330 -41.22 -39.90 23.66
N ALA B 331 -42.53 -39.73 23.85
CA ALA B 331 -43.51 -40.07 22.83
C ALA B 331 -44.55 -38.98 22.65
N ASN B 332 -44.64 -38.03 23.56
CA ASN B 332 -45.59 -36.91 23.53
C ASN B 332 -44.92 -35.58 23.84
N GLN B 333 -43.80 -35.60 24.57
CA GLN B 333 -43.08 -34.39 24.92
C GLN B 333 -41.95 -34.11 23.94
N ALA B 334 -41.33 -32.95 24.10
CA ALA B 334 -40.23 -32.54 23.24
C ALA B 334 -38.89 -32.98 23.82
N PHE B 335 -37.98 -33.39 22.93
CA PHE B 335 -36.66 -33.85 23.34
C PHE B 335 -35.57 -33.30 22.44
N VAL B 336 -35.75 -32.09 21.94
CA VAL B 336 -34.77 -31.46 21.06
C VAL B 336 -34.79 -29.95 21.27
N TYR B 337 -33.67 -29.39 21.70
CA TYR B 337 -33.58 -27.96 21.94
C TYR B 337 -32.51 -27.37 21.03
N ILE B 338 -32.77 -26.16 20.54
CA ILE B 338 -31.87 -25.44 19.67
C ILE B 338 -31.51 -24.12 20.32
N VAL B 339 -30.23 -23.95 20.63
CA VAL B 339 -29.75 -22.73 21.27
C VAL B 339 -29.51 -21.71 20.16
N PRO B 340 -30.21 -20.59 20.14
CA PRO B 340 -30.00 -19.59 19.10
C PRO B 340 -28.76 -18.78 19.38
N GLY B 341 -28.51 -17.79 18.52
CA GLY B 341 -27.35 -16.94 18.69
C GLY B 341 -27.37 -16.25 20.03
N SER B 342 -26.24 -15.62 20.35
CA SER B 342 -26.13 -14.92 21.62
C SER B 342 -24.86 -14.06 21.62
N GLN B 343 -24.98 -12.85 22.16
CA GLN B 343 -23.85 -11.93 22.22
C GLN B 343 -22.89 -12.29 23.35
N GLU B 344 -23.28 -13.18 24.26
CA GLU B 344 -22.41 -13.55 25.36
C GLU B 344 -21.05 -14.02 24.84
N GLU B 345 -21.06 -14.95 23.89
CA GLU B 345 -19.81 -15.45 23.33
C GLU B 345 -18.97 -14.28 22.86
N ASP B 346 -17.66 -14.50 22.78
CA ASP B 346 -16.73 -13.48 22.34
C ASP B 346 -16.98 -12.24 23.22
N PRO B 347 -16.79 -12.37 24.53
CA PRO B 347 -17.03 -11.21 25.42
C PRO B 347 -16.40 -9.93 24.94
N VAL B 348 -15.14 -9.96 24.49
CA VAL B 348 -14.50 -8.74 24.02
C VAL B 348 -15.42 -8.01 23.06
N GLY B 349 -15.94 -8.73 22.06
CA GLY B 349 -16.84 -8.10 21.10
C GLY B 349 -17.93 -7.33 21.80
N MET B 350 -18.63 -7.98 22.73
CA MET B 350 -19.70 -7.33 23.47
C MET B 350 -19.23 -5.99 24.01
N LEU B 351 -18.08 -5.98 24.68
CA LEU B 351 -17.56 -4.74 25.24
C LEU B 351 -17.47 -3.67 24.15
N LEU B 352 -16.84 -4.00 23.03
CA LEU B 352 -16.72 -3.04 21.95
C LEU B 352 -18.09 -2.48 21.60
N ASP B 353 -19.09 -3.36 21.48
CA ASP B 353 -20.43 -2.89 21.16
C ASP B 353 -20.85 -1.84 22.18
N GLN B 354 -20.75 -2.20 23.46
CA GLN B 354 -21.13 -1.26 24.52
C GLN B 354 -20.35 0.04 24.37
N LEU B 355 -19.08 -0.05 24.00
CA LEU B 355 -18.26 1.14 23.84
C LEU B 355 -18.89 2.07 22.81
N ARG B 356 -19.30 1.51 21.68
CA ARG B 356 -19.93 2.31 20.63
C ARG B 356 -21.16 3.05 21.11
N SER B 357 -21.70 2.66 22.27
CA SER B 357 -22.87 3.29 22.84
C SER B 357 -22.54 4.39 23.83
N HIS B 358 -21.39 4.32 24.49
CA HIS B 358 -21.00 5.34 25.46
C HIS B 358 -20.23 6.48 24.81
N CYS B 359 -20.37 6.65 23.50
CA CYS B 359 -19.70 7.72 22.78
C CYS B 359 -20.60 8.43 21.79
N THR B 360 -21.81 7.90 21.55
CA THR B 360 -22.74 8.50 20.61
C THR B 360 -23.81 9.28 21.35
N PHE B 408 -39.78 -22.76 23.93
CA PHE B 408 -40.01 -22.60 25.36
C PHE B 408 -38.83 -21.88 26.01
N THR B 409 -37.93 -22.67 26.61
CA THR B 409 -36.75 -22.17 27.27
C THR B 409 -35.94 -23.38 27.73
N LEU B 410 -34.66 -23.16 28.01
CA LEU B 410 -33.80 -24.26 28.45
C LEU B 410 -34.29 -24.82 29.78
N ARG B 411 -34.32 -23.98 30.82
CA ARG B 411 -34.78 -24.45 32.12
C ARG B 411 -36.18 -25.02 32.01
N GLU B 412 -37.05 -24.38 31.24
CA GLU B 412 -38.41 -24.87 31.08
C GLU B 412 -38.43 -26.14 30.27
N PHE B 413 -37.41 -26.37 29.45
CA PHE B 413 -37.32 -27.56 28.62
C PHE B 413 -36.78 -28.75 29.41
N LEU B 414 -36.10 -28.48 30.52
CA LEU B 414 -35.53 -29.52 31.36
C LEU B 414 -36.39 -29.82 32.58
N TRP B 415 -37.15 -28.84 33.07
CA TRP B 415 -37.98 -29.09 34.23
C TRP B 415 -39.13 -30.03 33.89
N GLN B 416 -39.64 -29.97 32.66
CA GLN B 416 -40.74 -30.85 32.29
C GLN B 416 -40.32 -32.32 32.37
N HIS B 417 -39.02 -32.57 32.48
CA HIS B 417 -38.48 -33.92 32.57
C HIS B 417 -37.97 -34.22 33.97
N VAL B 418 -37.54 -33.18 34.69
CA VAL B 418 -37.05 -33.39 36.04
C VAL B 418 -38.21 -33.55 37.02
N GLU B 419 -39.35 -32.94 36.72
CA GLU B 419 -40.51 -33.05 37.60
C GLU B 419 -41.00 -34.49 37.68
N LEU B 420 -41.04 -35.17 36.53
CA LEU B 420 -41.50 -36.56 36.52
C LEU B 420 -40.67 -37.47 37.40
N VAL B 421 -39.42 -37.11 37.68
CA VAL B 421 -38.54 -37.92 38.52
C VAL B 421 -38.61 -37.47 39.97
N LEU B 422 -38.62 -36.16 40.22
CA LEU B 422 -38.67 -35.69 41.61
C LEU B 422 -39.98 -36.09 42.25
N SER B 423 -41.05 -36.22 41.46
CA SER B 423 -42.36 -36.60 41.97
C SER B 423 -42.55 -38.11 42.09
N LYS B 424 -41.51 -38.90 41.81
CA LYS B 424 -41.51 -40.36 41.87
C LYS B 424 -42.31 -41.01 40.76
N LYS B 425 -42.96 -40.24 39.88
CA LYS B 425 -43.74 -40.85 38.81
C LYS B 425 -42.85 -41.68 37.90
N GLY B 426 -41.83 -41.05 37.32
CA GLY B 426 -40.91 -41.74 36.43
C GLY B 426 -41.22 -41.52 34.97
N PHE B 427 -40.72 -42.44 34.14
CA PHE B 427 -40.91 -42.40 32.71
C PHE B 427 -41.50 -43.72 32.24
N ASP B 428 -42.50 -43.64 31.37
CA ASP B 428 -43.18 -44.83 30.82
C ASP B 428 -43.20 -44.68 29.30
N ASP B 429 -42.25 -45.33 28.63
CA ASP B 429 -42.13 -45.29 27.17
C ASP B 429 -42.23 -46.73 26.65
N SER B 430 -43.39 -47.07 26.10
CA SER B 430 -43.63 -48.41 25.55
C SER B 430 -44.85 -48.33 24.64
N VAL B 431 -44.64 -48.59 23.34
CA VAL B 431 -45.73 -48.54 22.37
C VAL B 431 -45.80 -49.82 21.56
N GLY B 432 -45.39 -50.95 22.15
CA GLY B 432 -45.42 -52.21 21.43
C GLY B 432 -46.79 -52.86 21.31
N ARG B 433 -47.85 -52.08 21.49
CA ARG B 433 -49.22 -52.59 21.39
C ARG B 433 -49.58 -53.45 22.60
N ASN B 434 -48.60 -53.68 23.47
CA ASN B 434 -48.73 -54.48 24.68
C ASN B 434 -47.57 -54.03 25.57
N PRO B 435 -47.51 -52.75 25.94
CA PRO B 435 -46.42 -52.27 26.78
C PRO B 435 -46.24 -53.03 28.09
N GLN B 436 -45.04 -52.90 28.65
CA GLN B 436 -44.66 -53.53 29.90
C GLN B 436 -44.26 -52.43 30.88
N PRO B 437 -44.12 -52.73 32.16
CA PRO B 437 -43.74 -51.69 33.12
C PRO B 437 -42.24 -51.59 33.30
N SER B 438 -41.77 -50.36 33.42
CA SER B 438 -40.36 -50.06 33.60
C SER B 438 -40.09 -49.73 35.07
N HIS B 439 -39.03 -50.30 35.63
CA HIS B 439 -38.70 -50.05 37.01
C HIS B 439 -38.31 -48.58 37.21
N PHE B 440 -38.14 -48.20 38.46
CA PHE B 440 -37.77 -46.83 38.81
C PHE B 440 -37.40 -46.79 40.29
N GLU B 441 -36.56 -45.81 40.64
CA GLU B 441 -36.13 -45.67 42.03
C GLU B 441 -35.53 -44.28 42.23
N LEU B 442 -35.99 -43.56 43.24
CA LEU B 442 -35.51 -42.24 43.56
C LEU B 442 -34.63 -42.35 44.79
N PRO B 443 -33.33 -42.55 44.63
CA PRO B 443 -32.44 -42.67 45.80
C PRO B 443 -32.05 -41.36 46.44
N THR B 444 -31.18 -41.47 47.44
CA THR B 444 -30.66 -40.35 48.21
C THR B 444 -29.19 -40.14 47.87
N TYR B 445 -28.61 -39.13 48.49
CA TYR B 445 -27.20 -38.82 48.27
C TYR B 445 -26.30 -39.97 48.67
N GLN B 446 -26.29 -40.33 49.95
CA GLN B 446 -25.44 -41.42 50.41
C GLN B 446 -25.82 -42.73 49.73
N LYS B 447 -27.12 -42.98 49.57
CA LYS B 447 -27.56 -44.22 48.93
C LYS B 447 -27.08 -44.29 47.48
N TRP B 448 -26.77 -43.15 46.88
CA TRP B 448 -26.30 -43.10 45.50
C TRP B 448 -24.79 -43.27 45.44
N ILE B 449 -24.07 -42.56 46.31
CA ILE B 449 -22.61 -42.68 46.29
C ILE B 449 -22.20 -44.09 46.68
N SER B 450 -22.98 -44.75 47.53
CA SER B 450 -22.65 -46.11 47.95
C SER B 450 -22.37 -47.00 46.74
N ALA B 451 -23.15 -46.82 45.67
CA ALA B 451 -22.99 -47.62 44.46
C ALA B 451 -22.06 -46.94 43.47
N ALA B 452 -22.13 -45.61 43.38
CA ALA B 452 -21.28 -44.89 42.44
C ALA B 452 -19.80 -45.15 42.74
N SER B 453 -19.43 -45.21 44.01
CA SER B 453 -18.04 -45.45 44.37
C SER B 453 -17.61 -46.87 43.99
N LYS B 454 -18.47 -47.85 44.27
CA LYS B 454 -18.12 -49.23 43.94
C LYS B 454 -17.99 -49.40 42.44
N LEU B 455 -18.77 -48.65 41.66
CA LEU B 455 -18.68 -48.77 40.21
C LEU B 455 -17.45 -48.03 39.68
N TYR B 456 -17.16 -46.86 40.24
CA TYR B 456 -16.01 -46.09 39.80
C TYR B 456 -14.71 -46.82 40.12
N GLU B 457 -14.67 -47.57 41.22
CA GLU B 457 -13.47 -48.30 41.59
C GLU B 457 -13.17 -49.46 40.64
N VAL B 458 -14.02 -49.70 39.66
CA VAL B 458 -13.84 -50.78 38.70
C VAL B 458 -13.35 -50.22 37.37
N SER B 476 -12.77 -56.55 37.23
CA SER B 476 -11.36 -56.61 36.83
C SER B 476 -11.22 -57.02 35.37
N LYS B 477 -12.16 -57.86 34.91
CA LYS B 477 -12.14 -58.34 33.53
C LYS B 477 -12.53 -57.27 32.52
N ILE B 478 -12.77 -56.03 32.95
CA ILE B 478 -13.14 -54.97 32.01
C ILE B 478 -12.06 -54.82 30.96
N LEU B 479 -10.80 -55.08 31.32
CA LEU B 479 -9.71 -54.95 30.37
C LEU B 479 -9.90 -55.92 29.20
N SER B 480 -10.13 -57.20 29.51
CA SER B 480 -10.33 -58.18 28.46
C SER B 480 -11.65 -57.96 27.72
N SER B 481 -12.65 -57.43 28.42
CA SER B 481 -13.94 -57.19 27.77
C SER B 481 -13.86 -56.03 26.79
N ILE B 482 -13.03 -55.03 27.07
CA ILE B 482 -12.88 -53.88 26.20
C ILE B 482 -11.80 -54.08 25.14
N LYS B 483 -10.89 -55.02 25.34
CA LYS B 483 -9.85 -55.26 24.35
C LYS B 483 -10.34 -55.98 23.10
N VAL B 484 -11.65 -56.19 22.95
CA VAL B 484 -12.21 -56.88 21.81
C VAL B 484 -13.06 -55.94 20.95
N LEU B 485 -13.78 -55.02 21.58
CA LEU B 485 -14.63 -54.07 20.85
C LEU B 485 -13.84 -53.33 19.78
N PHE B 488 -14.54 -46.76 14.43
CA PHE B 488 -13.82 -47.80 15.17
C PHE B 488 -12.53 -48.19 14.43
N LEU B 489 -11.40 -47.97 15.09
CA LEU B 489 -10.11 -48.31 14.49
C LEU B 489 -9.92 -49.81 14.34
N ASP B 490 -10.76 -50.63 14.98
CA ASP B 490 -10.60 -52.07 14.86
C ASP B 490 -10.74 -52.52 13.41
N ILE B 491 -11.74 -51.98 12.70
CA ILE B 491 -11.94 -52.36 11.31
C ILE B 491 -10.76 -51.89 10.47
N ASP B 492 -10.18 -50.74 10.80
CA ASP B 492 -9.03 -50.24 10.04
C ASP B 492 -7.85 -51.18 10.22
N THR B 493 -7.56 -51.56 11.47
CA THR B 493 -6.44 -52.45 11.71
C THR B 493 -6.68 -53.78 11.03
N LYS B 494 -7.93 -54.26 11.04
CA LYS B 494 -8.26 -55.52 10.39
C LYS B 494 -8.01 -55.45 8.90
N PHE B 495 -8.45 -54.36 8.26
CA PHE B 495 -8.26 -54.20 6.83
C PHE B 495 -6.77 -54.12 6.49
N SER B 496 -6.02 -53.34 7.27
CA SER B 496 -4.59 -53.21 7.01
C SER B 496 -3.89 -54.55 7.13
N GLU B 497 -4.19 -55.30 8.18
CA GLU B 497 -3.57 -56.61 8.36
C GLU B 497 -3.92 -57.56 7.23
N ASN B 498 -5.21 -57.64 6.89
CA ASN B 498 -5.63 -58.53 5.81
C ASN B 498 -4.97 -58.14 4.51
N ARG B 499 -4.83 -56.84 4.24
CA ARG B 499 -4.20 -56.40 3.01
C ARG B 499 -2.73 -56.82 2.97
N CYS B 500 -1.98 -56.45 4.00
CA CYS B 500 -0.57 -56.83 4.05
C CYS B 500 -0.39 -58.33 3.90
N GLN B 501 -1.25 -59.10 4.56
CA GLN B 501 -1.15 -60.56 4.49
C GLN B 501 -1.40 -61.04 3.06
N LYS B 502 -2.57 -60.71 2.50
CA LYS B 502 -2.88 -61.13 1.14
C LYS B 502 -1.80 -60.70 0.16
N ALA B 503 -1.10 -59.60 0.45
CA ALA B 503 -0.06 -59.13 -0.44
C ALA B 503 1.25 -59.90 -0.25
N LEU B 504 1.49 -60.42 0.95
CA LEU B 504 2.70 -61.18 1.23
C LEU B 504 2.89 -62.26 0.17
N PRO B 505 1.78 -62.82 -0.34
CA PRO B 505 1.93 -63.87 -1.37
C PRO B 505 2.71 -63.38 -2.57
N MET B 506 2.28 -62.27 -3.18
CA MET B 506 2.98 -61.74 -4.34
C MET B 506 4.40 -61.31 -3.99
N ALA B 507 4.67 -61.04 -2.71
CA ALA B 507 6.02 -60.64 -2.31
C ALA B 507 6.95 -61.84 -2.28
N HIS B 508 6.44 -62.98 -1.80
CA HIS B 508 7.23 -64.19 -1.72
C HIS B 508 7.18 -65.00 -3.02
N SER B 509 6.15 -64.80 -3.84
CA SER B 509 6.00 -65.51 -5.11
C SER B 509 6.62 -64.76 -6.29
N ALA B 510 7.58 -63.88 -6.02
CA ALA B 510 8.25 -63.11 -7.07
C ALA B 510 9.74 -63.40 -7.15
N TYR B 511 10.43 -63.43 -6.01
CA TYR B 511 11.86 -63.70 -6.00
C TYR B 511 12.15 -65.11 -6.50
N VAL B 523 23.62 -57.96 -5.78
CA VAL B 523 23.14 -59.26 -6.25
C VAL B 523 21.66 -59.43 -5.88
N HIS B 524 21.40 -60.05 -4.73
CA HIS B 524 20.03 -60.25 -4.28
C HIS B 524 19.29 -58.94 -4.10
N LYS B 525 20.02 -57.82 -3.91
CA LYS B 525 19.38 -56.53 -3.73
C LYS B 525 18.40 -56.22 -4.85
N ASN B 526 18.70 -56.68 -6.08
CA ASN B 526 17.80 -56.42 -7.20
C ASN B 526 16.43 -57.02 -6.95
N GLN B 527 16.37 -58.34 -6.75
CA GLN B 527 15.10 -59.00 -6.50
C GLN B 527 14.45 -58.46 -5.23
N LEU B 528 15.25 -58.14 -4.22
CA LEU B 528 14.71 -57.61 -2.97
C LEU B 528 13.94 -56.32 -3.23
N ALA B 529 14.60 -55.33 -3.81
CA ALA B 529 13.95 -54.05 -4.10
C ALA B 529 12.77 -54.24 -5.05
N GLN B 530 12.88 -55.18 -6.00
CA GLN B 530 11.77 -55.40 -6.93
C GLN B 530 10.54 -55.88 -6.18
N ALA B 531 10.69 -56.91 -5.35
CA ALA B 531 9.56 -57.42 -4.60
C ALA B 531 9.04 -56.37 -3.63
N LEU B 532 9.94 -55.57 -3.06
CA LEU B 532 9.51 -54.53 -2.13
C LEU B 532 8.63 -53.51 -2.84
N ARG B 533 9.02 -53.11 -4.04
CA ARG B 533 8.23 -52.14 -4.79
C ARG B 533 6.89 -52.74 -5.19
N VAL B 534 6.90 -54.00 -5.64
CA VAL B 534 5.66 -54.65 -6.04
C VAL B 534 4.72 -54.76 -4.85
N TYR B 535 5.29 -54.94 -3.65
CA TYR B 535 4.49 -55.06 -2.44
C TYR B 535 3.92 -53.71 -2.04
N SER B 536 4.76 -52.67 -2.06
CA SER B 536 4.29 -51.34 -1.70
C SER B 536 3.22 -50.84 -2.67
N GLN B 537 3.28 -51.29 -3.92
CA GLN B 537 2.30 -50.87 -4.92
C GLN B 537 1.07 -51.78 -4.97
N HIS B 538 1.17 -53.01 -4.47
CA HIS B 538 0.01 -53.90 -4.51
C HIS B 538 -0.97 -53.57 -3.39
N ALA B 539 -0.48 -53.20 -2.21
CA ALA B 539 -1.36 -52.86 -1.10
C ALA B 539 -0.52 -52.28 0.03
N ARG B 540 -1.19 -51.53 0.91
CA ARG B 540 -0.55 -50.90 2.05
C ARG B 540 -1.64 -50.46 3.02
N GLY B 541 -1.22 -50.10 4.23
CA GLY B 541 -2.15 -49.66 5.24
C GLY B 541 -1.46 -49.12 6.49
N PRO B 542 -2.01 -49.46 7.65
CA PRO B 542 -1.43 -49.00 8.93
C PRO B 542 -0.46 -49.96 9.59
N ALA B 543 -0.25 -51.15 9.02
CA ALA B 543 0.65 -52.15 9.57
C ALA B 543 1.57 -52.68 8.48
N PHE B 544 2.11 -51.76 7.69
CA PHE B 544 3.02 -52.15 6.61
C PHE B 544 4.43 -52.43 7.11
N HIS B 545 4.82 -51.84 8.24
CA HIS B 545 6.17 -52.07 8.77
C HIS B 545 6.39 -53.53 9.13
N LYS B 546 5.44 -54.13 9.85
CA LYS B 546 5.56 -55.53 10.23
C LYS B 546 5.65 -56.44 9.01
N TYR B 547 4.61 -56.40 8.18
CA TYR B 547 4.58 -57.22 6.97
C TYR B 547 5.76 -56.93 6.05
N ALA B 548 6.42 -55.78 6.19
CA ALA B 548 7.55 -55.46 5.35
C ALA B 548 8.82 -56.09 5.92
N MET B 549 9.02 -55.93 7.23
CA MET B 549 10.20 -56.51 7.85
C MET B 549 10.16 -58.02 7.72
N GLN B 550 8.95 -58.60 7.75
CA GLN B 550 8.82 -60.04 7.61
C GLN B 550 9.32 -60.50 6.25
N LEU B 551 8.84 -59.85 5.18
CA LEU B 551 9.27 -60.23 3.84
C LEU B 551 10.76 -60.00 3.68
N HIS B 552 11.27 -58.89 4.24
CA HIS B 552 12.70 -58.60 4.12
C HIS B 552 13.52 -59.72 4.77
N GLU B 553 13.14 -60.11 5.99
CA GLU B 553 13.87 -61.16 6.68
C GLU B 553 13.78 -62.47 5.90
N ASP B 554 12.60 -62.80 5.38
CA ASP B 554 12.45 -64.03 4.62
C ASP B 554 13.38 -64.03 3.41
N CYS B 555 13.41 -62.91 2.69
CA CYS B 555 14.27 -62.83 1.51
C CYS B 555 15.73 -62.99 1.90
N TYR B 556 16.16 -62.28 2.95
CA TYR B 556 17.55 -62.38 3.39
C TYR B 556 17.90 -63.78 3.88
N LYS B 557 16.90 -64.54 4.36
CA LYS B 557 17.15 -65.89 4.84
C LYS B 557 17.09 -66.93 3.74
N PHE B 558 16.46 -66.61 2.60
CA PHE B 558 16.35 -67.54 1.48
C PHE B 558 17.55 -67.46 0.54
N TRP B 559 18.69 -66.98 1.03
CA TRP B 559 19.89 -66.87 0.21
C TRP B 559 21.12 -66.62 1.09
N LYS C 170 -12.46 -16.21 -38.06
CA LYS C 170 -13.18 -17.47 -38.06
C LYS C 170 -12.56 -18.46 -37.07
N LEU C 171 -12.24 -17.95 -35.88
CA LEU C 171 -11.63 -18.72 -34.80
C LEU C 171 -12.44 -18.56 -33.52
N LEU C 172 -13.76 -18.55 -33.65
CA LEU C 172 -14.65 -18.41 -32.51
C LEU C 172 -14.51 -19.58 -31.54
N PRO C 173 -15.00 -19.42 -30.32
CA PRO C 173 -14.91 -20.51 -29.34
C PRO C 173 -16.01 -21.53 -29.54
N PRO C 174 -15.93 -22.67 -28.87
CA PRO C 174 -16.98 -23.70 -29.03
C PRO C 174 -18.36 -23.30 -28.53
N GLU C 175 -18.48 -23.01 -27.24
CA GLU C 175 -19.75 -22.63 -26.67
C GLU C 175 -19.61 -22.28 -25.18
N ARG C 176 -20.44 -21.37 -24.69
CA ARG C 176 -20.41 -20.95 -23.30
C ARG C 176 -21.55 -21.60 -22.54
N MET C 177 -21.26 -22.06 -21.33
CA MET C 177 -22.24 -22.69 -20.47
C MET C 177 -22.85 -21.69 -19.52
N LYS C 178 -24.15 -21.83 -19.26
CA LYS C 178 -24.87 -20.93 -18.37
C LYS C 178 -25.24 -21.58 -17.06
N HIS C 179 -25.24 -22.90 -16.99
CA HIS C 179 -25.58 -23.63 -15.78
C HIS C 179 -24.82 -24.95 -15.79
N SER C 180 -24.61 -25.49 -14.60
CA SER C 180 -23.90 -26.75 -14.49
C SER C 180 -24.78 -27.89 -14.96
N ILE C 181 -24.14 -29.02 -15.25
CA ILE C 181 -24.80 -30.22 -15.71
C ILE C 181 -24.47 -31.34 -14.74
N LYS C 182 -24.94 -32.53 -15.05
CA LYS C 182 -24.71 -33.69 -14.21
C LYS C 182 -23.66 -34.63 -14.80
N LEU C 183 -23.02 -35.39 -13.92
CA LEU C 183 -22.00 -36.34 -14.30
C LEU C 183 -22.23 -37.72 -13.71
N VAL C 184 -23.00 -37.83 -12.64
CA VAL C 184 -23.31 -39.09 -11.99
C VAL C 184 -24.74 -38.98 -11.46
N ASP C 185 -25.63 -39.83 -11.96
CA ASP C 185 -27.02 -39.81 -11.52
C ASP C 185 -27.13 -39.98 -10.02
N ASP C 186 -28.29 -39.61 -9.49
CA ASP C 186 -28.53 -39.74 -8.05
C ASP C 186 -28.44 -41.17 -7.58
N GLN C 187 -28.59 -42.13 -8.51
CA GLN C 187 -28.52 -43.55 -8.19
C GLN C 187 -27.16 -44.13 -8.55
N MET C 188 -26.14 -43.28 -8.65
CA MET C 188 -24.77 -43.68 -8.98
C MET C 188 -24.70 -44.34 -10.36
N ASN C 189 -24.99 -43.53 -11.38
CA ASN C 189 -24.97 -43.99 -12.77
C ASN C 189 -24.33 -42.91 -13.63
N TRP C 190 -23.35 -43.32 -14.43
CA TRP C 190 -22.65 -42.41 -15.33
C TRP C 190 -23.59 -41.76 -16.33
N CYS C 191 -23.34 -40.47 -16.59
CA CYS C 191 -24.14 -39.67 -17.54
C CYS C 191 -23.19 -39.05 -18.55
N ASP C 192 -23.28 -39.50 -19.81
CA ASP C 192 -22.43 -38.99 -20.88
C ASP C 192 -23.15 -37.88 -21.62
N SER C 193 -23.08 -36.67 -21.06
CA SER C 193 -23.71 -35.49 -21.64
C SER C 193 -22.82 -34.27 -21.48
N ALA C 194 -21.51 -34.46 -21.44
CA ALA C 194 -20.56 -33.37 -21.29
C ALA C 194 -19.55 -33.23 -22.42
N ILE C 195 -19.35 -34.27 -23.24
CA ILE C 195 -18.38 -34.15 -24.33
C ILE C 195 -18.70 -32.97 -25.23
N GLU C 196 -19.97 -32.56 -25.30
CA GLU C 196 -20.37 -31.44 -26.13
C GLU C 196 -19.66 -30.14 -25.75
N TYR C 197 -18.95 -30.10 -24.62
CA TYR C 197 -18.23 -28.91 -24.19
C TYR C 197 -16.74 -29.12 -24.02
N LEU C 198 -16.23 -30.31 -24.33
CA LEU C 198 -14.81 -30.60 -24.20
C LEU C 198 -14.10 -30.57 -25.54
N LEU C 199 -12.85 -30.13 -25.51
CA LEU C 199 -11.99 -30.02 -26.67
C LEU C 199 -10.84 -31.03 -26.62
N ASP C 200 -9.95 -30.93 -27.59
CA ASP C 200 -8.78 -31.80 -27.70
C ASP C 200 -7.53 -31.13 -27.15
N GLN C 201 -7.71 -30.15 -26.27
CA GLN C 201 -6.62 -29.40 -25.66
C GLN C 201 -6.13 -30.13 -24.41
N THR C 202 -4.89 -29.87 -24.03
CA THR C 202 -4.26 -30.47 -22.87
C THR C 202 -3.88 -29.41 -21.83
N ASP C 203 -3.29 -29.88 -20.73
CA ASP C 203 -2.87 -29.01 -19.63
C ASP C 203 -4.07 -28.47 -18.87
N VAL C 204 -5.06 -29.32 -18.64
CA VAL C 204 -6.28 -28.95 -17.93
C VAL C 204 -6.10 -29.08 -16.42
N LEU C 205 -7.02 -28.47 -15.67
CA LEU C 205 -7.01 -28.49 -14.21
C LEU C 205 -8.40 -28.89 -13.73
N VAL C 206 -8.44 -29.75 -12.72
CA VAL C 206 -9.69 -30.24 -12.15
C VAL C 206 -9.72 -29.90 -10.67
N VAL C 207 -10.93 -29.72 -10.13
CA VAL C 207 -11.15 -29.39 -8.73
C VAL C 207 -12.34 -30.17 -8.20
N GLY C 208 -12.26 -30.57 -6.93
CA GLY C 208 -13.33 -31.31 -6.28
C GLY C 208 -13.60 -30.76 -4.89
N VAL C 209 -14.65 -31.27 -4.26
CA VAL C 209 -15.04 -30.84 -2.93
C VAL C 209 -15.58 -32.00 -2.09
N LEU C 210 -15.46 -31.86 -0.78
CA LEU C 210 -15.92 -32.83 0.20
C LEU C 210 -16.43 -32.09 1.42
N GLY C 211 -17.53 -32.55 1.97
CA GLY C 211 -18.09 -31.89 3.14
C GLY C 211 -19.37 -32.55 3.59
N LEU C 212 -19.98 -31.94 4.60
CA LEU C 212 -21.22 -32.42 5.17
C LEU C 212 -22.41 -31.71 4.52
N GLN C 213 -23.59 -31.85 5.12
CA GLN C 213 -24.83 -31.26 4.63
C GLN C 213 -24.86 -29.76 4.35
N GLY C 214 -24.68 -28.92 5.36
CA GLY C 214 -24.72 -27.48 5.14
C GLY C 214 -23.45 -26.71 5.37
N THR C 215 -22.33 -27.24 4.90
CA THR C 215 -21.06 -26.55 5.08
C THR C 215 -20.93 -25.34 4.16
N GLY C 216 -21.40 -25.44 2.92
CA GLY C 216 -21.31 -24.34 1.99
C GLY C 216 -20.51 -24.67 0.75
N LYS C 217 -20.55 -25.93 0.33
CA LYS C 217 -19.83 -26.37 -0.85
C LYS C 217 -20.33 -25.71 -2.12
N SER C 218 -21.62 -25.90 -2.42
CA SER C 218 -22.20 -25.31 -3.62
C SER C 218 -22.02 -23.80 -3.67
N MET C 219 -22.18 -23.12 -2.54
CA MET C 219 -22.02 -21.66 -2.52
C MET C 219 -20.57 -21.22 -2.70
N VAL C 220 -19.62 -22.13 -2.59
CA VAL C 220 -18.21 -21.82 -2.73
C VAL C 220 -17.75 -22.02 -4.17
N MET C 221 -18.04 -23.18 -4.74
CA MET C 221 -17.63 -23.45 -6.11
C MET C 221 -18.21 -22.42 -7.06
N SER C 222 -19.45 -22.01 -6.84
CA SER C 222 -20.06 -21.01 -7.70
C SER C 222 -19.23 -19.73 -7.69
N LEU C 223 -18.91 -19.22 -6.51
CA LEU C 223 -18.12 -18.01 -6.37
C LEU C 223 -16.69 -18.18 -6.86
N LEU C 224 -16.22 -19.42 -6.96
CA LEU C 224 -14.86 -19.64 -7.43
C LEU C 224 -14.77 -19.81 -8.94
N SER C 225 -15.83 -20.30 -9.58
CA SER C 225 -15.82 -20.49 -11.03
C SER C 225 -16.46 -19.37 -11.85
N ALA C 226 -17.77 -19.16 -11.72
CA ALA C 226 -18.43 -18.11 -12.50
C ALA C 226 -19.46 -17.31 -11.71
N ASN C 227 -19.11 -16.83 -10.53
CA ASN C 227 -20.09 -16.07 -9.76
C ASN C 227 -19.38 -15.08 -8.87
N THR C 228 -20.14 -14.07 -8.44
CA THR C 228 -19.68 -13.01 -7.58
C THR C 228 -20.63 -12.86 -6.40
N PRO C 229 -20.18 -12.27 -5.30
CA PRO C 229 -21.07 -12.11 -4.14
C PRO C 229 -22.22 -11.13 -4.37
N GLU C 230 -22.09 -10.21 -5.31
CA GLU C 230 -23.18 -9.26 -5.56
C GLU C 230 -24.38 -9.90 -6.25
N GLU C 231 -24.19 -11.06 -6.87
CA GLU C 231 -25.29 -11.72 -7.55
C GLU C 231 -26.25 -12.34 -6.53
N ASP C 232 -27.28 -13.02 -7.05
CA ASP C 232 -28.29 -13.66 -6.25
C ASP C 232 -28.14 -15.17 -6.32
N GLN C 233 -28.48 -15.85 -5.22
CA GLN C 233 -28.38 -17.30 -5.16
C GLN C 233 -29.19 -18.02 -6.23
N ARG C 234 -30.02 -17.31 -6.99
CA ARG C 234 -30.83 -17.93 -8.03
C ARG C 234 -30.06 -18.05 -9.35
N THR C 235 -28.92 -17.38 -9.47
CA THR C 235 -28.11 -17.40 -10.68
C THR C 235 -26.85 -18.24 -10.52
N TYR C 236 -26.67 -18.91 -9.38
CA TYR C 236 -25.50 -19.73 -9.15
C TYR C 236 -25.53 -20.96 -10.04
N VAL C 237 -24.38 -21.28 -10.64
CA VAL C 237 -24.29 -22.44 -11.51
C VAL C 237 -24.43 -23.73 -10.71
N PHE C 238 -24.27 -23.65 -9.40
CA PHE C 238 -24.39 -24.78 -8.49
C PHE C 238 -25.48 -24.34 -7.52
N ARG C 239 -26.70 -24.84 -7.74
CA ARG C 239 -27.81 -24.47 -6.89
C ARG C 239 -27.51 -24.71 -5.41
N ALA C 240 -27.93 -23.77 -4.59
CA ALA C 240 -27.73 -23.81 -3.15
C ALA C 240 -29.03 -24.21 -2.45
N GLN C 241 -29.00 -24.20 -1.13
CA GLN C 241 -30.15 -24.57 -0.34
C GLN C 241 -31.14 -23.42 -0.25
N SER C 242 -32.41 -23.77 -0.11
CA SER C 242 -33.51 -22.83 0.00
C SER C 242 -34.09 -22.86 1.40
N ALA C 243 -34.75 -21.77 1.79
CA ALA C 243 -35.36 -21.69 3.11
C ALA C 243 -36.27 -22.87 3.37
N GLU C 244 -37.09 -23.24 2.40
CA GLU C 244 -38.00 -24.37 2.55
C GLU C 244 -37.26 -25.69 2.73
N MET C 245 -35.95 -25.71 2.53
CA MET C 245 -35.16 -26.92 2.68
C MET C 245 -34.45 -26.99 4.02
N LYS C 246 -34.23 -25.86 4.68
CA LYS C 246 -33.56 -25.84 5.97
C LYS C 246 -34.52 -26.21 7.09
N GLU C 247 -35.70 -25.57 7.10
CA GLU C 247 -36.70 -25.85 8.11
C GLU C 247 -37.16 -27.30 8.12
N ARG C 248 -36.76 -28.09 7.11
CA ARG C 248 -37.13 -29.48 7.01
C ARG C 248 -35.95 -30.42 7.15
N GLY C 249 -34.74 -29.89 7.36
CA GLY C 249 -33.56 -30.71 7.51
C GLY C 249 -33.31 -31.61 6.32
N GLY C 250 -33.15 -31.00 5.14
CA GLY C 250 -32.91 -31.75 3.93
C GLY C 250 -31.72 -31.19 3.15
N ASN C 251 -31.40 -31.89 2.06
CA ASN C 251 -30.30 -31.55 1.19
C ASN C 251 -30.86 -31.07 -0.16
N GLN C 252 -29.95 -30.54 -0.98
CA GLN C 252 -30.32 -30.03 -2.29
C GLN C 252 -29.38 -30.49 -3.39
N THR C 253 -28.22 -31.05 -3.06
CA THR C 253 -27.26 -31.51 -4.04
C THR C 253 -27.22 -33.03 -4.02
N SER C 254 -27.49 -33.65 -5.17
CA SER C 254 -27.50 -35.08 -5.32
C SER C 254 -26.57 -35.49 -6.46
N GLY C 255 -25.77 -36.51 -6.22
CA GLY C 255 -24.84 -36.97 -7.24
C GLY C 255 -23.64 -36.06 -7.37
N ILE C 256 -23.13 -35.96 -8.60
CA ILE C 256 -21.98 -35.12 -8.92
C ILE C 256 -22.32 -34.23 -10.10
N ASP C 257 -21.91 -32.97 -10.00
CA ASP C 257 -22.16 -31.99 -11.04
C ASP C 257 -20.89 -31.78 -11.87
N PHE C 258 -21.05 -31.02 -12.95
CA PHE C 258 -19.95 -30.72 -13.85
C PHE C 258 -20.11 -29.31 -14.40
N PHE C 259 -18.98 -28.63 -14.55
CA PHE C 259 -18.93 -27.27 -15.06
C PHE C 259 -17.51 -26.99 -15.53
N ILE C 260 -17.40 -26.12 -16.53
CA ILE C 260 -16.12 -25.72 -17.10
C ILE C 260 -16.23 -24.26 -17.50
N THR C 261 -15.24 -23.46 -17.08
CA THR C 261 -15.21 -22.05 -17.37
C THR C 261 -14.42 -21.74 -18.64
N GLN C 262 -14.39 -20.45 -18.98
CA GLN C 262 -13.67 -20.02 -20.18
C GLN C 262 -12.18 -20.29 -20.03
N GLU C 263 -11.65 -20.20 -18.82
CA GLU C 263 -10.24 -20.45 -18.58
C GLU C 263 -9.89 -21.92 -18.73
N ARG C 264 -10.87 -22.76 -19.04
CA ARG C 264 -10.69 -24.20 -19.23
C ARG C 264 -10.27 -24.88 -17.92
N ILE C 265 -11.08 -24.67 -16.89
CA ILE C 265 -10.87 -25.23 -15.56
C ILE C 265 -12.13 -26.00 -15.20
N VAL C 266 -11.99 -27.26 -14.86
CA VAL C 266 -13.12 -28.10 -14.50
C VAL C 266 -13.38 -28.01 -13.01
N PHE C 267 -14.67 -27.97 -12.67
CA PHE C 267 -15.14 -27.89 -11.29
C PHE C 267 -16.13 -29.02 -11.07
N LEU C 268 -16.03 -29.70 -9.93
CA LEU C 268 -16.91 -30.80 -9.60
C LEU C 268 -17.51 -30.65 -8.22
N ASP C 269 -18.84 -30.61 -8.16
CA ASP C 269 -19.58 -30.48 -6.91
C ASP C 269 -20.09 -31.86 -6.55
N THR C 270 -20.22 -32.12 -5.26
CA THR C 270 -20.69 -33.42 -4.80
C THR C 270 -21.74 -33.26 -3.71
N GLN C 271 -22.32 -34.38 -3.35
CA GLN C 271 -23.34 -34.48 -2.33
C GLN C 271 -22.71 -34.75 -0.98
N PRO C 272 -23.33 -34.29 0.10
CA PRO C 272 -22.75 -34.51 1.43
C PRO C 272 -22.44 -35.96 1.73
N ILE C 273 -21.49 -36.19 2.63
CA ILE C 273 -21.07 -37.52 3.04
C ILE C 273 -21.73 -37.82 4.38
N LEU C 274 -22.33 -39.00 4.49
CA LEU C 274 -22.99 -39.39 5.73
C LEU C 274 -24.09 -38.38 6.06
N SER C 275 -24.96 -38.15 5.08
CA SER C 275 -26.05 -37.21 5.24
C SER C 275 -27.26 -37.90 5.85
N PRO C 276 -27.89 -37.34 6.89
CA PRO C 276 -29.05 -38.01 7.46
C PRO C 276 -30.26 -37.99 6.55
N SER C 277 -30.42 -36.91 5.77
CA SER C 277 -31.57 -36.82 4.87
C SER C 277 -31.57 -37.96 3.86
N ILE C 278 -30.40 -38.29 3.32
CA ILE C 278 -30.31 -39.37 2.34
C ILE C 278 -30.77 -40.68 2.97
N LEU C 279 -30.31 -40.95 4.19
CA LEU C 279 -30.72 -42.18 4.85
C LEU C 279 -32.22 -42.17 5.09
N ASP C 280 -32.73 -41.05 5.62
CA ASP C 280 -34.16 -40.95 5.88
C ASP C 280 -34.94 -41.31 4.63
N HIS C 281 -34.52 -40.77 3.49
CA HIS C 281 -35.21 -41.06 2.23
C HIS C 281 -35.11 -42.54 1.93
N LEU C 282 -33.92 -43.12 2.12
CA LEU C 282 -33.74 -44.54 1.85
C LEU C 282 -34.68 -45.39 2.68
N ILE C 283 -35.02 -44.93 3.89
CA ILE C 283 -35.93 -45.70 4.74
C ILE C 283 -37.17 -46.08 3.96
N ASN C 284 -37.79 -45.09 3.31
CA ASN C 284 -39.00 -45.31 2.52
C ASN C 284 -38.60 -45.73 1.11
N ASN C 285 -38.06 -46.94 1.02
CA ASN C 285 -37.62 -47.50 -0.26
C ASN C 285 -37.15 -48.94 -0.09
N TYR C 293 -26.16 -54.47 1.51
CA TYR C 293 -27.42 -55.19 1.36
C TYR C 293 -28.03 -55.52 2.72
N ASN C 294 -27.22 -55.42 3.77
CA ASN C 294 -27.70 -55.71 5.12
C ASN C 294 -28.44 -54.53 5.73
N LEU C 295 -27.75 -53.41 5.91
CA LEU C 295 -28.35 -52.22 6.49
C LEU C 295 -28.06 -51.00 5.62
N PRO C 296 -29.01 -50.09 5.48
CA PRO C 296 -28.76 -48.90 4.67
C PRO C 296 -27.68 -48.00 5.23
N HIS C 297 -27.42 -48.10 6.53
CA HIS C 297 -26.37 -47.27 7.14
C HIS C 297 -25.02 -47.57 6.51
N THR C 298 -24.68 -48.86 6.38
CA THR C 298 -23.40 -49.22 5.79
C THR C 298 -23.35 -48.78 4.33
N TYR C 299 -24.48 -48.87 3.64
CA TYR C 299 -24.54 -48.47 2.24
C TYR C 299 -24.24 -46.98 2.08
N VAL C 300 -24.83 -46.17 2.95
CA VAL C 300 -24.59 -44.73 2.90
C VAL C 300 -23.17 -44.42 3.31
N GLU C 301 -22.61 -45.19 4.24
CA GLU C 301 -21.24 -44.94 4.66
C GLU C 301 -20.27 -45.34 3.56
N MET C 302 -20.70 -46.25 2.68
CA MET C 302 -19.85 -46.69 1.58
C MET C 302 -19.84 -45.66 0.47
N GLN C 303 -21.03 -45.22 0.03
CA GLN C 303 -21.11 -44.22 -1.04
C GLN C 303 -20.07 -43.12 -0.86
N SER C 304 -19.95 -42.62 0.37
CA SER C 304 -18.99 -41.56 0.65
C SER C 304 -17.58 -41.94 0.22
N LEU C 305 -17.16 -43.17 0.56
CA LEU C 305 -15.82 -43.61 0.17
C LEU C 305 -15.75 -43.80 -1.33
N GLN C 306 -16.81 -44.40 -1.89
CA GLN C 306 -16.88 -44.65 -3.32
C GLN C 306 -16.67 -43.37 -4.12
N ILE C 307 -17.05 -42.24 -3.53
CA ILE C 307 -16.90 -40.95 -4.19
C ILE C 307 -15.56 -40.30 -3.86
N ALA C 308 -15.17 -40.34 -2.59
CA ALA C 308 -13.90 -39.74 -2.18
C ALA C 308 -12.73 -40.34 -2.94
N ALA C 309 -12.71 -41.66 -3.11
CA ALA C 309 -11.61 -42.29 -3.83
C ALA C 309 -11.58 -41.79 -5.27
N PHE C 310 -12.72 -41.83 -5.95
CA PHE C 310 -12.79 -41.38 -7.33
C PHE C 310 -12.26 -39.96 -7.45
N LEU C 311 -12.59 -39.10 -6.48
CA LEU C 311 -12.11 -37.73 -6.53
C LEU C 311 -10.61 -37.66 -6.33
N PHE C 312 -10.10 -38.41 -5.35
CA PHE C 312 -8.66 -38.40 -5.09
C PHE C 312 -7.89 -38.96 -6.28
N THR C 313 -8.58 -39.64 -7.18
CA THR C 313 -7.93 -40.22 -8.35
C THR C 313 -8.01 -39.36 -9.60
N VAL C 314 -9.15 -38.75 -9.89
CA VAL C 314 -9.29 -37.92 -11.09
C VAL C 314 -9.24 -36.41 -10.80
N CYS C 315 -8.61 -35.99 -9.71
CA CYS C 315 -8.55 -34.57 -9.41
C CYS C 315 -7.17 -34.17 -8.93
N HIS C 316 -6.83 -32.90 -9.17
CA HIS C 316 -5.56 -32.31 -8.80
C HIS C 316 -5.62 -31.69 -7.41
N VAL C 317 -6.76 -31.08 -7.09
CA VAL C 317 -6.97 -30.44 -5.80
C VAL C 317 -8.32 -30.88 -5.27
N VAL C 318 -8.39 -31.10 -3.96
CA VAL C 318 -9.60 -31.51 -3.28
C VAL C 318 -9.77 -30.60 -2.09
N ILE C 319 -10.87 -29.86 -2.07
CA ILE C 319 -11.19 -28.92 -1.01
C ILE C 319 -12.12 -29.59 0.00
N VAL C 320 -11.90 -29.30 1.27
CA VAL C 320 -12.69 -29.83 2.37
C VAL C 320 -13.30 -28.64 3.10
N VAL C 321 -14.62 -28.61 3.16
CA VAL C 321 -15.35 -27.52 3.82
C VAL C 321 -15.86 -28.01 5.16
N GLN C 322 -15.87 -27.12 6.14
CA GLN C 322 -16.33 -27.43 7.48
C GLN C 322 -17.03 -26.22 8.09
N ASP C 323 -18.00 -26.50 8.97
CA ASP C 323 -18.76 -25.46 9.65
C ASP C 323 -18.06 -25.02 10.93
N TRP C 324 -17.57 -25.99 11.69
CA TRP C 324 -16.86 -25.73 12.94
C TRP C 324 -15.50 -26.39 12.84
N PHE C 325 -14.67 -26.13 13.84
CA PHE C 325 -13.32 -26.67 13.87
C PHE C 325 -13.13 -27.95 14.70
N THR C 326 -12.25 -28.81 14.19
CA THR C 326 -11.85 -30.09 14.79
C THR C 326 -13.01 -31.07 15.00
N ASP C 327 -13.56 -31.58 13.89
CA ASP C 327 -14.65 -32.53 14.01
C ASP C 327 -14.11 -33.86 14.54
N LEU C 328 -12.87 -34.20 14.18
CA LEU C 328 -12.12 -35.40 14.55
C LEU C 328 -12.57 -36.68 13.85
N SER C 329 -13.68 -36.64 13.11
CA SER C 329 -14.16 -37.82 12.40
C SER C 329 -13.78 -37.76 10.93
N LEU C 330 -13.65 -36.53 10.43
CA LEU C 330 -13.28 -36.30 9.04
C LEU C 330 -11.86 -36.78 8.78
N TYR C 331 -10.96 -36.53 9.74
CA TYR C 331 -9.57 -36.95 9.57
C TYR C 331 -9.45 -38.46 9.50
N ARG C 332 -10.38 -39.19 10.11
CA ARG C 332 -10.33 -40.64 10.06
C ARG C 332 -10.95 -41.12 8.76
N PHE C 333 -12.03 -40.47 8.35
CA PHE C 333 -12.70 -40.85 7.11
C PHE C 333 -11.77 -40.66 5.92
N LEU C 334 -11.05 -39.53 5.89
CA LEU C 334 -10.13 -39.27 4.79
C LEU C 334 -9.08 -40.36 4.70
N GLN C 335 -8.36 -40.61 5.79
CA GLN C 335 -7.34 -41.64 5.79
C GLN C 335 -7.91 -42.98 5.34
N THR C 336 -9.15 -43.27 5.74
CA THR C 336 -9.75 -44.53 5.32
C THR C 336 -10.15 -44.52 3.86
N ALA C 337 -10.23 -43.34 3.26
CA ALA C 337 -10.60 -43.23 1.85
C ALA C 337 -9.42 -43.49 0.92
N GLU C 338 -8.23 -43.08 1.32
CA GLU C 338 -7.03 -43.27 0.52
C GLU C 338 -6.49 -44.69 0.58
N MET C 339 -7.20 -45.62 1.22
CA MET C 339 -6.78 -46.99 1.33
C MET C 339 -7.66 -47.94 0.52
N VAL C 340 -8.64 -47.42 -0.21
CA VAL C 340 -9.53 -48.24 -1.01
C VAL C 340 -9.66 -47.68 -2.42
N LYS C 341 -8.74 -46.79 -2.79
CA LYS C 341 -8.81 -46.21 -4.13
C LYS C 341 -8.29 -47.21 -5.16
N PRO C 342 -8.64 -47.02 -6.43
CA PRO C 342 -8.19 -47.93 -7.49
C PRO C 342 -6.72 -48.35 -7.39
N SER C 343 -5.80 -47.39 -7.40
CA SER C 343 -4.37 -47.69 -7.32
C SER C 343 -3.55 -46.45 -7.63
N THR C 361 5.81 -44.22 -6.96
CA THR C 361 5.33 -43.74 -8.26
C THR C 361 3.81 -43.67 -8.29
N GLU C 362 3.20 -43.52 -7.12
CA GLU C 362 1.75 -43.44 -6.98
C GLU C 362 1.33 -41.97 -6.96
N TYR C 363 0.06 -41.73 -7.26
CA TYR C 363 -0.48 -40.38 -7.29
C TYR C 363 -1.30 -40.08 -6.04
N TYR C 364 -1.08 -38.88 -5.50
CA TYR C 364 -1.74 -38.35 -4.31
C TYR C 364 -1.99 -36.89 -4.62
N PRO C 365 -3.24 -36.44 -4.63
CA PRO C 365 -3.52 -35.03 -4.93
C PRO C 365 -3.28 -34.13 -3.74
N HIS C 366 -3.43 -32.83 -4.00
CA HIS C 366 -3.25 -31.84 -2.98
C HIS C 366 -4.50 -31.76 -2.13
N LEU C 367 -4.39 -31.08 -1.00
CA LEU C 367 -5.51 -30.94 -0.10
C LEU C 367 -5.55 -29.54 0.47
N VAL C 368 -6.75 -29.01 0.63
CA VAL C 368 -6.97 -27.68 1.16
C VAL C 368 -8.02 -27.79 2.26
N PHE C 369 -7.73 -27.16 3.40
CA PHE C 369 -8.62 -27.17 4.55
C PHE C 369 -9.29 -25.81 4.60
N LEU C 370 -10.56 -25.77 4.23
CA LEU C 370 -11.34 -24.55 4.22
C LEU C 370 -12.24 -24.50 5.44
N GLN C 371 -12.22 -23.35 6.12
CA GLN C 371 -13.03 -23.13 7.31
C GLN C 371 -14.06 -22.07 6.97
N ASN C 372 -15.29 -22.49 6.78
CA ASN C 372 -16.38 -21.59 6.45
C ASN C 372 -17.16 -21.19 7.69
N LYS C 373 -17.71 -19.98 7.65
CA LYS C 373 -18.48 -19.42 8.75
C LYS C 373 -17.61 -19.14 9.96
N ALA C 374 -16.41 -18.62 9.72
CA ALA C 374 -15.48 -18.30 10.77
C ALA C 374 -15.84 -16.98 11.43
N ARG C 375 -15.25 -16.72 12.58
CA ARG C 375 -15.51 -15.50 13.32
C ARG C 375 -14.20 -14.87 13.81
N ARG C 376 -14.36 -13.73 14.48
CA ARG C 376 -13.23 -12.98 15.01
C ARG C 376 -12.29 -13.86 15.82
N GLU C 377 -12.83 -14.67 16.72
CA GLU C 377 -11.99 -15.55 17.53
C GLU C 377 -11.11 -16.46 16.69
N ASP C 378 -11.49 -16.74 15.44
CA ASP C 378 -10.71 -17.61 14.57
C ASP C 378 -9.67 -16.86 13.75
N PHE C 379 -9.64 -15.53 13.83
CA PHE C 379 -8.68 -14.72 13.09
C PHE C 379 -7.61 -14.17 14.03
N CYS C 380 -7.18 -15.01 14.97
CA CYS C 380 -6.17 -14.65 15.94
C CYS C 380 -4.95 -15.54 15.77
N PRO C 381 -3.74 -14.98 15.80
CA PRO C 381 -2.54 -15.83 15.65
C PRO C 381 -2.44 -16.95 16.66
N ARG C 382 -2.79 -16.67 17.91
CA ARG C 382 -2.74 -17.68 18.96
C ARG C 382 -3.53 -18.92 18.58
N LYS C 383 -4.72 -18.72 18.02
CA LYS C 383 -5.53 -19.86 17.60
C LYS C 383 -5.05 -20.41 16.27
N LEU C 384 -4.49 -19.55 15.43
CA LEU C 384 -3.98 -19.96 14.13
C LEU C 384 -2.92 -21.03 14.28
N ARG C 385 -1.93 -20.78 15.15
CA ARG C 385 -0.89 -21.76 15.35
C ARG C 385 -1.46 -23.05 15.91
N GLN C 386 -2.49 -22.95 16.76
CA GLN C 386 -3.10 -24.15 17.32
C GLN C 386 -3.71 -24.98 16.20
N MET C 387 -4.43 -24.32 15.31
CA MET C 387 -5.06 -25.01 14.18
C MET C 387 -4.01 -25.76 13.37
N HIS C 388 -2.98 -25.03 12.95
CA HIS C 388 -1.92 -25.66 12.15
C HIS C 388 -1.28 -26.83 12.89
N LEU C 389 -1.01 -26.66 14.18
CA LEU C 389 -0.40 -27.71 14.98
C LEU C 389 -1.27 -28.97 15.01
N MET C 390 -2.55 -28.79 15.29
CA MET C 390 -3.47 -29.91 15.34
C MET C 390 -3.57 -30.62 13.99
N ILE C 391 -3.70 -29.85 12.91
CA ILE C 391 -3.80 -30.46 11.60
C ILE C 391 -2.54 -31.25 11.26
N ASP C 392 -1.37 -30.71 11.62
CA ASP C 392 -0.13 -31.41 11.34
C ASP C 392 -0.02 -32.71 12.12
N GLN C 393 -0.33 -32.66 13.42
CA GLN C 393 -0.24 -33.88 14.21
C GLN C 393 -1.36 -34.87 13.93
N LEU C 394 -2.41 -34.45 13.22
CA LEU C 394 -3.52 -35.34 12.91
C LEU C 394 -3.40 -36.00 11.56
N MET C 395 -2.60 -35.45 10.65
CA MET C 395 -2.40 -35.98 9.30
C MET C 395 -0.92 -36.13 9.00
N ALA C 396 -0.16 -36.69 9.95
CA ALA C 396 1.27 -36.87 9.75
C ALA C 396 1.59 -38.07 8.87
N HIS C 397 0.74 -39.08 8.85
CA HIS C 397 0.94 -40.28 8.04
C HIS C 397 -0.21 -40.48 7.06
N SER C 398 -0.60 -39.40 6.37
CA SER C 398 -1.69 -39.46 5.41
C SER C 398 -1.23 -39.61 3.97
N HIS C 399 0.02 -39.29 3.66
CA HIS C 399 0.57 -39.40 2.30
C HIS C 399 -0.01 -38.35 1.37
N LEU C 400 -0.98 -37.58 1.83
CA LEU C 400 -1.58 -36.56 0.99
C LEU C 400 -0.78 -35.28 1.11
N ARG C 401 -0.85 -34.47 0.06
CA ARG C 401 -0.14 -33.20 0.01
C ARG C 401 -1.01 -32.15 0.68
N TYR C 402 -0.78 -31.93 1.98
CA TYR C 402 -1.53 -30.97 2.77
C TYR C 402 -0.64 -29.86 3.34
N LYS C 403 0.58 -29.72 2.83
CA LYS C 403 1.48 -28.69 3.33
C LYS C 403 2.40 -28.25 2.22
N GLY C 404 2.99 -27.07 2.40
CA GLY C 404 3.90 -26.50 1.43
C GLY C 404 3.23 -25.82 0.27
N THR C 405 2.04 -25.27 0.48
CA THR C 405 1.31 -24.59 -0.59
C THR C 405 0.12 -23.87 0.02
N LEU C 406 -0.33 -22.84 -0.70
CA LEU C 406 -1.47 -22.04 -0.27
C LEU C 406 -1.25 -21.47 1.13
N SER C 407 -0.27 -20.58 1.23
CA SER C 407 0.09 -19.95 2.49
C SER C 407 -0.65 -18.62 2.59
N MET C 408 -1.69 -18.56 3.41
CA MET C 408 -2.45 -17.34 3.57
C MET C 408 -1.63 -16.27 4.28
N LEU C 409 -0.48 -16.66 4.84
CA LEU C 409 0.36 -15.72 5.55
C LEU C 409 1.04 -14.76 4.58
N GLN C 410 1.34 -15.23 3.38
CA GLN C 410 1.98 -14.41 2.35
C GLN C 410 0.98 -13.77 1.40
N CYS C 411 -0.30 -13.72 1.77
CA CYS C 411 -1.35 -13.13 0.95
C CYS C 411 -1.90 -11.86 1.56
N ASN C 412 -1.25 -11.31 2.59
CA ASN C 412 -1.61 -10.10 3.30
C ASN C 412 -2.79 -10.26 4.25
N VAL C 413 -3.04 -11.46 4.78
CA VAL C 413 -4.17 -11.64 5.68
C VAL C 413 -3.74 -11.23 7.09
N PHE C 414 -2.47 -11.42 7.39
CA PHE C 414 -1.85 -11.08 8.68
C PHE C 414 -0.65 -10.24 8.27
N PRO C 415 -0.85 -8.96 8.02
CA PRO C 415 0.24 -8.07 7.61
C PRO C 415 1.56 -8.13 8.36
N GLY C 416 1.56 -7.89 9.67
CA GLY C 416 2.80 -7.94 10.42
C GLY C 416 3.18 -9.22 11.12
N LEU C 417 2.85 -10.36 10.53
CA LEU C 417 3.18 -11.64 11.14
C LEU C 417 4.24 -12.36 10.34
N PRO C 418 5.32 -12.82 10.96
CA PRO C 418 6.37 -13.52 10.21
C PRO C 418 6.11 -15.02 10.20
N PRO C 419 6.64 -15.73 9.21
CA PRO C 419 6.41 -17.19 9.15
C PRO C 419 7.05 -17.95 10.30
N ASP C 420 7.99 -17.34 11.02
CA ASP C 420 8.63 -18.03 12.13
C ASP C 420 7.65 -18.31 13.25
N PHE C 421 6.55 -17.56 13.31
CA PHE C 421 5.56 -17.76 14.36
C PHE C 421 4.96 -19.16 14.30
N LEU C 422 4.91 -19.75 13.11
CA LEU C 422 4.36 -21.09 12.91
C LEU C 422 5.46 -22.10 12.66
N ASP C 423 5.29 -23.29 13.25
CA ASP C 423 6.28 -24.35 13.09
C ASP C 423 6.16 -25.01 11.73
N SER C 424 4.93 -25.12 11.20
CA SER C 424 4.67 -25.73 9.91
C SER C 424 3.32 -25.21 9.45
N GLU C 425 3.31 -24.41 8.39
CA GLU C 425 2.09 -23.83 7.85
C GLU C 425 1.45 -24.78 6.84
N VAL C 426 0.34 -25.40 7.24
CA VAL C 426 -0.37 -26.33 6.37
C VAL C 426 -1.23 -25.46 5.45
N ASN C 427 -1.81 -26.07 4.42
CA ASN C 427 -2.63 -25.32 3.48
C ASN C 427 -4.04 -25.22 4.07
N LEU C 428 -4.26 -24.12 4.78
CA LEU C 428 -5.54 -23.83 5.43
C LEU C 428 -5.99 -22.43 5.04
N PHE C 429 -7.30 -22.27 4.91
CA PHE C 429 -7.90 -20.99 4.54
C PHE C 429 -9.17 -20.79 5.37
N LEU C 430 -9.50 -19.54 5.63
CA LEU C 430 -10.69 -19.19 6.40
C LEU C 430 -11.63 -18.30 5.60
N VAL C 431 -12.92 -18.62 5.66
CA VAL C 431 -13.97 -17.89 4.96
C VAL C 431 -15.00 -17.49 6.02
N PRO C 432 -15.27 -16.21 6.21
CA PRO C 432 -16.25 -15.79 7.23
C PRO C 432 -17.70 -15.68 6.76
N PHE C 433 -18.54 -15.22 7.68
CA PHE C 433 -19.96 -15.04 7.42
C PHE C 433 -20.19 -13.93 6.42
N MET C 434 -21.20 -14.09 5.58
CA MET C 434 -21.53 -13.09 4.58
C MET C 434 -22.33 -11.96 5.21
N ASP C 435 -22.04 -10.74 4.79
CA ASP C 435 -22.72 -9.56 5.30
C ASP C 435 -24.23 -9.68 5.12
N PRO C 452 -20.27 14.20 12.68
CA PRO C 452 -20.80 13.97 11.33
C PRO C 452 -20.34 12.62 10.75
N LEU C 453 -19.05 12.36 10.80
CA LEU C 453 -18.48 11.12 10.28
C LEU C 453 -18.18 10.10 11.38
N PHE C 454 -17.88 10.56 12.59
CA PHE C 454 -17.59 9.64 13.68
C PHE C 454 -18.80 8.80 14.06
N SER C 455 -20.00 9.34 13.87
CA SER C 455 -21.22 8.61 14.21
C SER C 455 -21.57 7.54 13.19
N LEU C 456 -21.11 7.67 11.95
CA LEU C 456 -21.38 6.69 10.92
C LEU C 456 -20.34 5.59 10.82
N LEU C 457 -19.29 5.66 11.61
CA LEU C 457 -18.27 4.63 11.57
C LEU C 457 -18.90 3.27 11.80
N PRO C 458 -18.55 2.25 11.02
CA PRO C 458 -19.14 0.94 11.22
C PRO C 458 -18.58 0.27 12.46
N GLY C 459 -19.01 -0.95 12.73
CA GLY C 459 -18.52 -1.67 13.88
C GLY C 459 -17.23 -2.40 13.61
N TYR C 460 -16.64 -2.91 14.68
CA TYR C 460 -15.38 -3.66 14.60
C TYR C 460 -15.71 -5.14 14.47
N ARG C 461 -15.45 -5.71 13.30
CA ARG C 461 -15.72 -7.12 13.07
C ARG C 461 -14.50 -7.99 13.40
N GLY C 462 -13.30 -7.47 13.15
CA GLY C 462 -12.09 -8.20 13.44
C GLY C 462 -11.59 -9.14 12.36
N HIS C 463 -11.96 -8.92 11.11
CA HIS C 463 -11.52 -9.79 10.03
C HIS C 463 -11.81 -9.10 8.70
N PRO C 464 -11.17 -9.54 7.63
CA PRO C 464 -11.41 -8.91 6.32
C PRO C 464 -12.77 -9.28 5.76
N SER C 465 -13.18 -8.51 4.77
CA SER C 465 -14.47 -8.73 4.12
C SER C 465 -14.50 -10.09 3.42
N PHE C 466 -15.73 -10.51 3.12
CA PHE C 466 -15.98 -11.77 2.45
C PHE C 466 -15.46 -11.74 1.01
N GLN C 467 -15.67 -10.62 0.34
CA GLN C 467 -15.23 -10.44 -1.05
C GLN C 467 -13.73 -10.60 -1.19
N SER C 468 -12.96 -9.92 -0.34
CA SER C 468 -11.50 -10.00 -0.41
C SER C 468 -10.99 -11.43 -0.26
N LEU C 469 -11.43 -12.12 0.79
CA LEU C 469 -10.99 -13.50 0.99
C LEU C 469 -11.42 -14.40 -0.16
N VAL C 470 -12.63 -14.22 -0.67
CA VAL C 470 -13.08 -15.06 -1.78
C VAL C 470 -12.18 -14.84 -2.98
N SER C 471 -11.85 -13.58 -3.27
CA SER C 471 -10.99 -13.27 -4.40
C SER C 471 -9.62 -13.89 -4.24
N LYS C 472 -9.03 -13.74 -3.05
CA LYS C 472 -7.70 -14.32 -2.82
C LYS C 472 -7.73 -15.82 -2.97
N LEU C 473 -8.76 -16.48 -2.43
CA LEU C 473 -8.84 -17.93 -2.55
C LEU C 473 -8.98 -18.34 -4.01
N ARG C 474 -9.76 -17.59 -4.78
CA ARG C 474 -9.92 -17.92 -6.19
C ARG C 474 -8.60 -17.79 -6.92
N SER C 475 -7.89 -16.69 -6.68
CA SER C 475 -6.61 -16.46 -7.32
C SER C 475 -5.61 -17.55 -6.99
N GLN C 476 -5.60 -18.01 -5.73
CA GLN C 476 -4.67 -19.06 -5.34
C GLN C 476 -5.08 -20.42 -5.87
N VAL C 477 -6.39 -20.65 -6.06
CA VAL C 477 -6.82 -21.95 -6.56
C VAL C 477 -6.54 -22.06 -8.05
N MET C 478 -6.72 -20.97 -8.80
CA MET C 478 -6.45 -21.05 -10.23
C MET C 478 -4.97 -21.21 -10.54
N SER C 479 -4.09 -21.06 -9.56
CA SER C 479 -2.66 -21.19 -9.74
C SER C 479 -2.09 -22.50 -9.20
N MET C 480 -2.94 -23.48 -8.90
CA MET C 480 -2.45 -24.74 -8.39
C MET C 480 -1.77 -25.55 -9.50
N ALA C 481 -0.86 -26.42 -9.07
CA ALA C 481 -0.12 -27.27 -9.99
C ALA C 481 -1.08 -28.11 -10.83
N ARG C 482 -0.56 -28.63 -11.94
CA ARG C 482 -1.33 -29.45 -12.87
C ARG C 482 -0.47 -30.62 -13.35
N PRO C 483 -0.06 -31.49 -12.44
CA PRO C 483 0.76 -32.64 -12.83
C PRO C 483 -0.06 -33.73 -13.52
N GLN C 484 0.66 -34.67 -14.10
CA GLN C 484 0.03 -35.77 -14.80
C GLN C 484 -0.60 -36.75 -13.81
N LEU C 485 -1.72 -37.33 -14.22
CA LEU C 485 -2.46 -38.29 -13.42
C LEU C 485 -2.02 -39.72 -13.74
N SER C 486 -2.13 -40.12 -14.99
CA SER C 486 -1.76 -41.44 -15.45
C SER C 486 -0.42 -41.35 -16.16
N HIS C 487 0.00 -42.46 -16.79
CA HIS C 487 1.27 -42.51 -17.51
C HIS C 487 1.05 -42.10 -18.97
N THR C 488 0.56 -40.88 -19.14
CA THR C 488 0.30 -40.34 -20.47
C THR C 488 -0.23 -38.92 -20.31
N ILE C 489 -0.08 -38.13 -21.36
CA ILE C 489 -0.55 -36.74 -21.37
C ILE C 489 -1.97 -36.79 -21.89
N LEU C 490 -2.91 -36.34 -21.05
CA LEU C 490 -4.31 -36.33 -21.40
C LEU C 490 -4.81 -34.95 -21.82
N THR C 491 -5.97 -34.96 -22.45
CA THR C 491 -6.66 -33.79 -22.95
C THR C 491 -7.98 -33.68 -22.20
N GLU C 492 -8.83 -32.77 -22.63
CA GLU C 492 -10.12 -32.59 -21.98
C GLU C 492 -11.13 -33.68 -22.36
N LYS C 493 -10.72 -34.68 -23.13
CA LYS C 493 -11.57 -35.78 -23.55
C LYS C 493 -11.06 -37.10 -23.02
N ASN C 494 -9.75 -37.36 -23.16
CA ASN C 494 -9.20 -38.60 -22.66
C ASN C 494 -9.41 -38.66 -21.16
N TRP C 495 -9.42 -37.49 -20.51
CA TRP C 495 -9.63 -37.45 -19.07
C TRP C 495 -11.04 -37.92 -18.76
N PHE C 496 -11.99 -37.49 -19.57
CA PHE C 496 -13.38 -37.87 -19.38
C PHE C 496 -13.51 -39.39 -19.46
N HIS C 497 -12.89 -39.97 -20.50
CA HIS C 497 -12.96 -41.42 -20.66
C HIS C 497 -12.27 -42.13 -19.48
N TYR C 498 -11.12 -41.62 -19.08
CA TYR C 498 -10.37 -42.21 -17.98
C TYR C 498 -11.21 -42.20 -16.71
N ALA C 499 -11.88 -41.08 -16.44
CA ALA C 499 -12.72 -40.97 -15.27
C ALA C 499 -13.89 -41.96 -15.35
N ALA C 500 -14.47 -42.11 -16.53
CA ALA C 500 -15.58 -43.04 -16.67
C ALA C 500 -15.12 -44.45 -16.33
N ARG C 501 -13.96 -44.84 -16.84
CA ARG C 501 -13.43 -46.16 -16.56
C ARG C 501 -13.14 -46.31 -15.07
N ILE C 502 -12.60 -45.26 -14.46
CA ILE C 502 -12.29 -45.29 -13.04
C ILE C 502 -13.56 -45.54 -12.23
N TRP C 503 -14.65 -44.87 -12.61
CA TRP C 503 -15.90 -45.05 -11.89
C TRP C 503 -16.40 -46.48 -12.06
N ASP C 504 -16.44 -46.95 -13.31
CA ASP C 504 -16.91 -48.31 -13.57
C ASP C 504 -16.07 -49.32 -12.80
N GLY C 505 -14.83 -48.99 -12.49
CA GLY C 505 -13.96 -49.89 -11.75
C GLY C 505 -14.24 -49.80 -10.27
N VAL C 506 -14.37 -48.58 -9.77
CA VAL C 506 -14.63 -48.36 -8.35
C VAL C 506 -15.89 -49.10 -7.94
N ARG C 507 -16.92 -49.10 -8.79
CA ARG C 507 -18.14 -49.80 -8.43
C ARG C 507 -17.87 -51.29 -8.24
N LYS C 508 -17.37 -51.95 -9.28
CA LYS C 508 -17.09 -53.38 -9.20
C LYS C 508 -15.69 -53.61 -8.62
N SER C 509 -15.41 -53.03 -7.46
CA SER C 509 -14.12 -53.17 -6.82
C SER C 509 -14.13 -54.35 -5.85
N SER C 510 -13.00 -54.51 -5.15
CA SER C 510 -12.82 -55.59 -4.16
C SER C 510 -12.55 -55.05 -2.77
N ALA C 511 -11.65 -54.07 -2.63
CA ALA C 511 -11.34 -53.52 -1.33
C ALA C 511 -12.59 -52.96 -0.65
N LEU C 512 -13.44 -52.29 -1.43
CA LEU C 512 -14.66 -51.73 -0.84
C LEU C 512 -15.54 -52.85 -0.30
N ALA C 513 -15.67 -53.94 -1.05
CA ALA C 513 -16.50 -55.05 -0.58
C ALA C 513 -15.86 -55.66 0.66
N GLU C 514 -14.53 -55.74 0.67
CA GLU C 514 -13.81 -56.31 1.81
C GLU C 514 -14.08 -55.48 3.05
N TYR C 515 -14.24 -54.18 2.89
CA TYR C 515 -14.50 -53.30 4.02
C TYR C 515 -15.98 -53.33 4.40
N SER C 516 -16.84 -53.57 3.42
CA SER C 516 -18.27 -53.63 3.68
C SER C 516 -18.63 -54.87 4.48
N ARG C 517 -17.98 -55.99 4.17
CA ARG C 517 -18.29 -57.23 4.89
C ARG C 517 -17.89 -57.12 6.37
N LEU C 518 -16.90 -56.29 6.68
CA LEU C 518 -16.47 -56.14 8.07
C LEU C 518 -17.47 -55.35 8.90
N LEU C 519 -18.55 -54.86 8.29
CA LEU C 519 -19.56 -54.09 9.01
C LEU C 519 -20.93 -54.77 8.93
N PRO D 2 41.89 -9.86 -18.15
CA PRO D 2 41.80 -9.28 -16.79
C PRO D 2 42.67 -8.03 -16.65
N GLU D 3 43.86 -8.06 -17.25
CA GLU D 3 44.79 -6.93 -17.18
C GLU D 3 44.66 -6.09 -18.46
N LEU D 4 43.57 -5.33 -18.51
CA LEU D 4 43.33 -4.48 -19.68
C LEU D 4 44.17 -3.22 -19.62
N SER D 5 44.58 -2.80 -18.43
CA SER D 5 45.39 -1.60 -18.29
C SER D 5 46.87 -1.93 -18.44
N GLN D 6 47.65 -0.92 -18.80
CA GLN D 6 49.08 -1.12 -18.99
C GLN D 6 49.76 -1.32 -17.64
N ASP D 7 50.79 -2.15 -17.63
CA ASP D 7 51.53 -2.41 -16.40
C ASP D 7 52.30 -1.18 -15.95
N SER D 8 52.20 -0.87 -14.66
CA SER D 8 52.88 0.28 -14.10
C SER D 8 54.38 0.04 -14.01
PG ANP E . 44.55 0.11 -11.29
O1G ANP E . 43.98 -0.88 -12.27
O2G ANP E . 44.00 1.48 -11.61
O3G ANP E . 46.05 0.15 -11.46
PB ANP E . 42.88 -1.18 -9.29
O1B ANP E . 43.25 -2.14 -8.19
O2B ANP E . 41.64 -0.35 -9.13
N3B ANP E . 44.17 -0.30 -9.76
PA ANP E . 41.34 -3.12 -10.81
O1A ANP E . 41.32 -3.48 -12.26
O2A ANP E . 41.41 -4.23 -9.80
O3A ANP E . 42.57 -2.12 -10.55
O5' ANP E . 40.11 -2.17 -10.47
C5' ANP E . 39.06 -2.67 -9.59
C4' ANP E . 37.90 -3.14 -10.42
O4' ANP E . 36.70 -3.16 -9.61
C3' ANP E . 37.56 -2.27 -11.64
O3' ANP E . 38.23 -2.72 -12.81
C2' ANP E . 36.04 -2.49 -11.76
O2' ANP E . 35.71 -3.69 -12.42
C1' ANP E . 35.63 -2.53 -10.29
N9 ANP E . 35.41 -1.23 -9.69
C8 ANP E . 36.35 -0.33 -9.27
N7 ANP E . 35.81 0.76 -8.75
C5 ANP E . 34.44 0.55 -8.85
C6 ANP E . 33.33 1.33 -8.48
N6 ANP E . 33.42 2.53 -7.91
N1 ANP E . 32.10 0.82 -8.72
C2 ANP E . 32.01 -0.39 -9.29
N3 ANP E . 32.99 -1.21 -9.68
C4 ANP E . 34.19 -0.68 -9.42
HNB1 ANP E . 44.55 0.14 -9.16
H5'1 ANP E . 38.77 -1.95 -8.98
H5'2 ANP E . 39.41 -3.42 -9.04
H4' ANP E . 38.09 -4.06 -10.73
H3' ANP E . 37.75 -1.32 -11.46
HO3' ANP E . 38.18 -2.11 -13.40
H2' ANP E . 35.61 -1.72 -12.21
HO2' ANP E . 34.91 -3.65 -12.69
H1' ANP E . 34.82 -3.08 -10.20
H8 ANP E . 37.28 -0.46 -9.32
HN61 ANP E . 34.05 3.09 -8.18
HN62 ANP E . 32.86 2.75 -7.29
H2 ANP E . 31.13 -0.71 -9.44
C1 IHP F . 15.48 36.48 -20.97
C2 IHP F . 14.49 36.80 -19.82
C3 IHP F . 14.86 36.17 -18.47
C4 IHP F . 16.33 35.77 -18.20
C5 IHP F . 17.07 35.15 -19.42
C6 IHP F . 16.37 35.23 -20.79
O11 IHP F . 14.72 36.31 -22.13
P1 IHP F . 15.39 36.77 -23.56
O21 IHP F . 15.47 38.28 -23.60
O31 IHP F . 16.77 36.19 -23.70
O41 IHP F . 14.52 36.28 -24.71
O12 IHP F . 13.20 36.34 -20.19
P2 IHP F . 11.90 37.26 -19.77
O22 IHP F . 11.70 38.35 -20.79
O32 IHP F . 10.68 36.38 -19.70
O42 IHP F . 12.14 37.88 -18.41
O13 IHP F . 13.93 36.22 -17.40
P3 IHP F . 14.32 36.95 -15.98
O23 IHP F . 14.97 38.28 -16.24
O33 IHP F . 13.06 37.16 -15.17
O43 IHP F . 15.26 36.05 -15.20
O14 IHP F . 17.04 36.23 -17.08
P4 IHP F . 18.30 35.34 -16.50
O24 IHP F . 19.59 35.91 -17.03
O34 IHP F . 18.31 35.40 -14.99
O44 IHP F . 18.15 33.91 -16.93
O15 IHP F . 18.43 34.77 -19.32
P5 IHP F . 19.56 35.39 -20.35
O25 IHP F . 19.46 36.90 -20.37
O35 IHP F . 20.93 34.99 -19.87
O45 IHP F . 19.34 34.85 -21.74
O16 IHP F . 15.57 34.08 -20.95
P6 IHP F . 16.35 32.65 -21.18
O26 IHP F . 16.97 32.20 -19.89
O36 IHP F . 15.36 31.62 -21.67
O46 IHP F . 17.43 32.84 -22.22
H1 IHP F . 16.05 37.26 -21.09
H2 IHP F . 14.44 37.76 -19.71
H3 IHP F . 15.10 37.07 -18.20
H4 IHP F . 16.56 36.63 -18.57
H5 IHP F . 17.41 36.03 -19.63
H6 IHP F . 17.03 35.24 -21.49
PG ATP G . -25.64 -29.74 0.38
O1G ATP G . -26.24 -30.16 -0.93
O2G ATP G . -26.66 -29.19 1.33
O3G ATP G . -24.80 -30.83 1.00
PB ATP G . -24.22 -27.29 0.96
O1B ATP G . -25.25 -27.17 2.00
O2B ATP G . -22.79 -27.44 1.34
O3B ATP G . -24.65 -28.53 0.04
PA ATP G . -25.17 -24.67 0.11
O1A ATP G . -26.45 -24.79 -0.64
O2A ATP G . -24.25 -23.55 -0.21
O3A ATP G . -24.37 -26.05 -0.03
O5' ATP G . -25.49 -24.65 1.68
C5' ATP G . -25.00 -23.52 2.43
C4' ATP G . -26.18 -22.77 3.02
O4' ATP G . -25.72 -21.88 4.06
C3' ATP G . -26.93 -21.84 2.05
O3' ATP G . -28.26 -21.59 2.50
C2' ATP G . -26.08 -20.57 2.12
O2' ATP G . -26.85 -19.41 1.88
C1' ATP G . -25.57 -20.57 3.56
N9 ATP G . -24.17 -20.19 3.69
C8 ATP G . -23.09 -20.90 3.27
N7 ATP G . -21.95 -20.29 3.53
C5 ATP G . -22.32 -19.10 4.15
C6 ATP G . -21.59 -18.03 4.65
N6 ATP G . -20.26 -17.95 4.62
N1 ATP G . -22.28 -17.00 5.20
C2 ATP G . -23.61 -17.08 5.23
N3 ATP G . -24.42 -18.05 4.78
C4 ATP G . -23.69 -19.04 4.24
H5'1 ATP G . -24.49 -22.91 1.85
H5'2 ATP G . -24.42 -23.83 3.17
H4' ATP G . -26.81 -23.41 3.39
H3' ATP G . -26.93 -22.21 1.13
HO3' ATP G . -28.71 -21.26 1.86
H2' ATP G . -25.32 -20.62 1.49
HO2' ATP G . -27.34 -19.26 2.55
H1' ATP G . -26.12 -19.96 4.10
H8 ATP G . -23.12 -21.75 2.85
HN61 ATP G . -19.84 -17.36 5.13
HN62 ATP G . -19.81 -18.49 4.10
H2 ATP G . -24.06 -16.34 5.63
MG MG H . -24.80 -28.36 -2.35
#